data_8QQT
#
_entry.id   8QQT
#
_cell.length_a   1.00
_cell.length_b   1.00
_cell.length_c   1.00
_cell.angle_alpha   90.00
_cell.angle_beta   90.00
_cell.angle_gamma   90.00
#
_symmetry.space_group_name_H-M   'P 1'
#
loop_
_entity.id
_entity.type
_entity.pdbx_description
1 polymer "Inosine-5'-monophosphate dehydrogenase"
2 non-polymer "ADENOSINE-5'-TRIPHOSPHATE"
3 non-polymer "GUANOSINE-5',3'-TETRAPHOSPHATE"
4 non-polymer 'MAGNESIUM ION'
#
_entity_poly.entity_id   1
_entity_poly.type   'polypeptide(L)'
_entity_poly.pdbx_seq_one_letter_code
;MSIAESSVPIAVPVPTGGDDPTKVAMLGLTFDDVLLLPAASDVVPATADTSSQLTKRIRLRVPLVSSAMDTVTESRMAIA
MARAGGMGVLHRNLPVAEQAGQVETVKRSEAGMVTDPVTCSPDNTLAEVDAMCARFRISGLPVVDDTGELVGIITNRDMR
FEVDQSKPVSEVMTKAPLITAKEGVSAEAALGLLRRHKIEKLPIVDGHGKLTGLITVKDFVKTEQFPLSTKDSDGRLLVG
AAVGVGDDAWTRAMTLVDAGVDVLIVDTAHAHNRGVLDMVSRLKQAVGERVDVVGGNVATRAAAAALVEAGADAVKVGVG
PGSICTTRVVAGVGAPQITAILEAVAACKPYGVPVIADGGLQYSGDIAKALAAGASTAMLGSLLAGTAESPGELIFVNGK
QFKSYRGMGSLGAMQGRGAAKSYSKDRYFQDDVLSEDKLVPEGIEGRVPFRGPLGTVIHQLTGGLRAAMGYTGSATIEQL
QQAQFVQITAAGLKESHPHDITMTVEAPNYYTR
;
_entity_poly.pdbx_strand_id   A,B,C,D,E,F,G,H
#
# COMPACT_ATOMS: atom_id res chain seq x y z
N VAL A 12 -41.13 11.09 30.17
CA VAL A 12 -41.96 11.86 29.24
C VAL A 12 -41.25 12.12 27.89
N PRO A 13 -40.00 12.60 27.89
CA PRO A 13 -39.31 12.80 26.62
C PRO A 13 -39.01 11.47 25.93
N VAL A 14 -38.97 11.52 24.61
CA VAL A 14 -38.50 10.38 23.81
C VAL A 14 -37.03 10.16 24.08
N PRO A 15 -36.56 8.92 24.21
CA PRO A 15 -35.14 8.69 24.50
C PRO A 15 -34.19 9.26 23.44
N THR A 16 -34.62 9.33 22.19
CA THR A 16 -33.78 9.86 21.13
C THR A 16 -33.96 11.35 20.90
N GLY A 17 -34.77 12.03 21.71
CA GLY A 17 -34.88 13.47 21.64
C GLY A 17 -36.27 13.96 21.30
N GLY A 18 -36.67 15.08 21.91
CA GLY A 18 -37.94 15.70 21.61
C GLY A 18 -39.09 15.09 22.39
N ASP A 19 -40.29 15.57 22.06
CA ASP A 19 -41.51 15.08 22.68
C ASP A 19 -42.40 14.27 21.73
N ASP A 20 -42.06 14.21 20.45
CA ASP A 20 -42.89 13.53 19.47
C ASP A 20 -42.40 12.11 19.31
N PRO A 21 -43.18 11.08 19.67
CA PRO A 21 -42.72 9.70 19.52
C PRO A 21 -42.83 9.18 18.09
N THR A 22 -43.46 9.92 17.19
CA THR A 22 -43.55 9.53 15.79
C THR A 22 -42.56 10.28 14.90
N LYS A 23 -41.69 11.09 15.49
CA LYS A 23 -40.68 11.80 14.71
C LYS A 23 -39.74 10.82 14.02
N VAL A 24 -39.24 9.83 14.77
CA VAL A 24 -38.48 8.72 14.23
C VAL A 24 -39.47 7.57 14.10
N ALA A 25 -39.96 7.33 12.89
CA ALA A 25 -41.12 6.47 12.69
C ALA A 25 -40.81 5.02 13.01
N MET A 26 -39.66 4.52 12.56
CA MET A 26 -39.36 3.10 12.71
C MET A 26 -37.85 2.88 12.61
N LEU A 27 -37.44 1.64 12.82
CA LEU A 27 -36.08 1.20 12.61
C LEU A 27 -36.04 0.39 11.32
N GLY A 28 -35.19 0.80 10.38
CA GLY A 28 -35.16 0.19 9.06
C GLY A 28 -34.13 -0.93 8.97
N LEU A 29 -34.58 -2.08 8.51
CA LEU A 29 -33.72 -3.25 8.32
C LEU A 29 -33.34 -3.37 6.86
N THR A 30 -32.06 -3.58 6.60
CA THR A 30 -31.59 -3.85 5.25
C THR A 30 -31.35 -5.35 5.09
N PHE A 31 -30.81 -5.75 3.94
CA PHE A 31 -30.56 -7.16 3.68
C PHE A 31 -29.51 -7.72 4.61
N ASP A 32 -28.47 -6.95 4.91
CA ASP A 32 -27.39 -7.44 5.75
C ASP A 32 -27.78 -7.58 7.21
N ASP A 33 -28.95 -7.11 7.61
CA ASP A 33 -29.38 -7.20 9.00
C ASP A 33 -30.06 -8.50 9.35
N VAL A 34 -30.48 -9.30 8.36
CA VAL A 34 -31.31 -10.46 8.61
C VAL A 34 -30.68 -11.68 7.96
N LEU A 35 -31.06 -12.85 8.48
CA LEU A 35 -30.77 -14.13 7.87
C LEU A 35 -32.02 -14.99 7.90
N LEU A 36 -32.13 -15.92 6.96
CA LEU A 36 -33.24 -16.85 6.94
C LEU A 36 -32.99 -17.99 7.91
N LEU A 37 -33.95 -18.24 8.78
CA LEU A 37 -33.86 -19.36 9.72
C LEU A 37 -34.19 -20.67 9.01
N PRO A 38 -33.43 -21.73 9.25
CA PRO A 38 -33.83 -23.06 8.76
C PRO A 38 -35.11 -23.52 9.43
N ALA A 39 -35.91 -24.28 8.68
CA ALA A 39 -37.15 -24.84 9.18
C ALA A 39 -37.26 -26.28 8.72
N ALA A 40 -38.30 -26.97 9.18
CA ALA A 40 -38.53 -28.35 8.75
C ALA A 40 -38.70 -28.42 7.25
N SER A 41 -37.99 -29.33 6.62
CA SER A 41 -37.89 -29.35 5.17
C SER A 41 -38.00 -30.78 4.64
N ASP A 42 -38.81 -30.93 3.58
CA ASP A 42 -38.82 -32.13 2.76
C ASP A 42 -38.63 -31.75 1.29
N VAL A 43 -37.90 -30.66 1.06
CA VAL A 43 -37.75 -30.05 -0.26
C VAL A 43 -36.35 -30.33 -0.76
N VAL A 44 -36.24 -30.85 -1.97
CA VAL A 44 -34.97 -31.02 -2.65
C VAL A 44 -34.74 -29.78 -3.51
N PRO A 45 -33.57 -29.15 -3.44
CA PRO A 45 -33.34 -27.93 -4.22
C PRO A 45 -33.56 -28.11 -5.72
N ALA A 46 -33.30 -29.29 -6.26
CA ALA A 46 -33.47 -29.50 -7.70
C ALA A 46 -34.95 -29.52 -8.09
N THR A 47 -35.84 -29.97 -7.21
CA THR A 47 -37.25 -30.06 -7.51
C THR A 47 -38.07 -28.88 -7.01
N ALA A 48 -37.45 -27.89 -6.40
CA ALA A 48 -38.19 -26.74 -5.89
C ALA A 48 -38.74 -25.90 -7.04
N ASP A 49 -39.97 -25.42 -6.87
CA ASP A 49 -40.68 -24.68 -7.90
C ASP A 49 -40.47 -23.19 -7.68
N THR A 50 -39.78 -22.54 -8.63
CA THR A 50 -39.43 -21.13 -8.50
C THR A 50 -40.40 -20.20 -9.20
N SER A 51 -41.51 -20.71 -9.72
CA SER A 51 -42.45 -19.87 -10.44
C SER A 51 -43.15 -18.90 -9.50
N SER A 52 -43.41 -17.70 -10.00
CA SER A 52 -44.00 -16.64 -9.19
C SER A 52 -44.79 -15.69 -10.08
N GLN A 53 -45.68 -14.93 -9.46
CA GLN A 53 -46.49 -13.95 -10.17
C GLN A 53 -45.73 -12.65 -10.35
N LEU A 54 -45.66 -12.16 -11.58
CA LEU A 54 -45.14 -10.82 -11.84
C LEU A 54 -46.24 -9.78 -11.69
N THR A 55 -47.39 -10.02 -12.32
CA THR A 55 -48.57 -9.20 -12.12
C THR A 55 -49.72 -10.12 -11.72
N LYS A 56 -50.94 -9.58 -11.66
CA LYS A 56 -52.09 -10.41 -11.34
C LYS A 56 -52.37 -11.46 -12.41
N ARG A 57 -51.93 -11.24 -13.65
CA ARG A 57 -52.23 -12.13 -14.75
C ARG A 57 -51.02 -12.77 -15.42
N ILE A 58 -49.81 -12.36 -15.05
CA ILE A 58 -48.60 -12.89 -15.67
C ILE A 58 -47.80 -13.65 -14.61
N ARG A 59 -47.41 -14.87 -14.94
CA ARG A 59 -46.63 -15.71 -14.06
C ARG A 59 -45.35 -16.13 -14.76
N LEU A 60 -44.21 -15.89 -14.11
CA LEU A 60 -42.90 -16.24 -14.65
C LEU A 60 -42.42 -17.55 -14.04
N ARG A 61 -41.61 -18.28 -14.81
CA ARG A 61 -40.97 -19.48 -14.28
C ARG A 61 -39.79 -19.15 -13.39
N VAL A 62 -39.16 -18.00 -13.62
CA VAL A 62 -38.04 -17.54 -12.81
C VAL A 62 -38.39 -16.12 -12.33
N PRO A 63 -38.42 -15.86 -11.03
CA PRO A 63 -38.93 -14.59 -10.51
C PRO A 63 -37.94 -13.42 -10.62
N LEU A 64 -37.36 -13.25 -11.80
CA LEU A 64 -36.36 -12.23 -12.04
C LEU A 64 -36.74 -11.38 -13.24
N VAL A 65 -36.46 -10.09 -13.17
CA VAL A 65 -36.84 -9.13 -14.20
C VAL A 65 -35.68 -8.15 -14.39
N SER A 66 -35.47 -7.72 -15.64
CA SER A 66 -34.46 -6.71 -15.95
C SER A 66 -34.96 -5.31 -15.57
N SER A 67 -34.02 -4.37 -15.49
CA SER A 67 -34.20 -3.17 -14.69
C SER A 67 -34.69 -1.94 -15.45
N ALA A 68 -34.75 -1.99 -16.78
CA ALA A 68 -35.15 -0.82 -17.58
C ALA A 68 -34.17 0.34 -17.43
N MET A 69 -32.89 0.03 -17.41
CA MET A 69 -31.84 1.03 -17.48
C MET A 69 -31.18 0.97 -18.86
N ASP A 70 -30.67 2.11 -19.32
CA ASP A 70 -30.09 2.16 -20.66
C ASP A 70 -28.78 1.39 -20.76
N THR A 71 -28.21 0.96 -19.65
CA THR A 71 -27.03 0.10 -19.65
C THR A 71 -27.38 -1.36 -19.37
N VAL A 72 -28.66 -1.70 -19.27
CA VAL A 72 -29.07 -3.04 -18.90
C VAL A 72 -29.93 -3.70 -19.97
N THR A 73 -31.07 -3.09 -20.29
CA THR A 73 -32.11 -3.77 -21.06
C THR A 73 -32.40 -3.07 -22.37
N GLU A 74 -32.02 -3.72 -23.47
CA GLU A 74 -32.52 -3.45 -24.80
C GLU A 74 -33.11 -4.76 -25.34
N SER A 75 -33.42 -4.79 -26.64
CA SER A 75 -34.15 -5.91 -27.21
C SER A 75 -33.41 -7.23 -27.01
N ARG A 76 -32.08 -7.21 -27.11
CA ARG A 76 -31.32 -8.45 -26.93
C ARG A 76 -31.44 -8.98 -25.51
N MET A 77 -31.31 -8.09 -24.52
CA MET A 77 -31.47 -8.50 -23.13
C MET A 77 -32.89 -8.94 -22.83
N ALA A 78 -33.89 -8.27 -23.43
CA ALA A 78 -35.27 -8.67 -23.22
C ALA A 78 -35.52 -10.07 -23.77
N ILE A 79 -35.00 -10.37 -24.96
CA ILE A 79 -35.13 -11.71 -25.53
C ILE A 79 -34.44 -12.74 -24.66
N ALA A 80 -33.23 -12.44 -24.21
CA ALA A 80 -32.49 -13.39 -23.37
C ALA A 80 -33.20 -13.64 -22.05
N MET A 81 -33.71 -12.58 -21.42
CA MET A 81 -34.41 -12.74 -20.15
C MET A 81 -35.71 -13.53 -20.32
N ALA A 82 -36.44 -13.30 -21.41
CA ALA A 82 -37.65 -14.07 -21.65
C ALA A 82 -37.32 -15.54 -21.89
N ARG A 83 -36.23 -15.83 -22.60
CA ARG A 83 -35.85 -17.21 -22.84
C ARG A 83 -35.41 -17.91 -21.57
N ALA A 84 -34.91 -17.16 -20.58
CA ALA A 84 -34.43 -17.75 -19.34
C ALA A 84 -35.55 -18.02 -18.34
N GLY A 85 -36.76 -17.58 -18.61
CA GLY A 85 -37.88 -17.77 -17.71
C GLY A 85 -38.37 -16.51 -17.04
N GLY A 86 -37.68 -15.39 -17.20
CA GLY A 86 -38.06 -14.12 -16.62
C GLY A 86 -38.69 -13.19 -17.62
N MET A 87 -38.39 -11.89 -17.48
CA MET A 87 -38.86 -10.89 -18.42
C MET A 87 -37.90 -9.72 -18.40
N GLY A 88 -37.88 -8.97 -19.49
CA GLY A 88 -37.11 -7.75 -19.59
C GLY A 88 -38.03 -6.55 -19.73
N VAL A 89 -37.57 -5.40 -19.24
CA VAL A 89 -38.29 -4.14 -19.34
C VAL A 89 -37.42 -3.17 -20.12
N LEU A 90 -37.91 -2.74 -21.27
CA LEU A 90 -37.14 -1.86 -22.15
C LEU A 90 -37.12 -0.44 -21.60
N HIS A 91 -35.94 0.17 -21.58
CA HIS A 91 -35.80 1.51 -21.05
C HIS A 91 -36.43 2.54 -21.97
N ARG A 92 -36.68 3.74 -21.44
CA ARG A 92 -37.34 4.81 -22.16
C ARG A 92 -36.41 6.00 -22.43
N ASN A 93 -35.10 5.78 -22.40
CA ASN A 93 -34.14 6.86 -22.68
C ASN A 93 -33.80 6.91 -24.17
N LEU A 94 -34.83 7.05 -24.98
CA LEU A 94 -34.67 7.00 -26.43
C LEU A 94 -35.96 7.46 -27.10
N PRO A 95 -35.95 7.75 -28.40
CA PRO A 95 -37.18 8.17 -29.08
C PRO A 95 -38.24 7.08 -29.06
N VAL A 96 -39.50 7.51 -29.15
CA VAL A 96 -40.62 6.58 -29.09
C VAL A 96 -40.52 5.54 -30.19
N ALA A 97 -40.11 5.96 -31.38
CA ALA A 97 -40.02 5.03 -32.51
C ALA A 97 -39.01 3.93 -32.25
N GLU A 98 -37.86 4.28 -31.65
CA GLU A 98 -36.86 3.26 -31.35
C GLU A 98 -37.36 2.26 -30.32
N GLN A 99 -38.05 2.73 -29.28
CA GLN A 99 -38.57 1.83 -28.26
C GLN A 99 -39.63 0.90 -28.83
N ALA A 100 -40.53 1.44 -29.65
CA ALA A 100 -41.53 0.58 -30.28
C ALA A 100 -40.90 -0.39 -31.26
N GLY A 101 -39.82 0.02 -31.93
CA GLY A 101 -39.11 -0.90 -32.80
C GLY A 101 -38.46 -2.03 -32.03
N GLN A 102 -37.95 -1.74 -30.83
CA GLN A 102 -37.40 -2.80 -30.01
C GLN A 102 -38.49 -3.73 -29.48
N VAL A 103 -39.67 -3.18 -29.17
CA VAL A 103 -40.80 -4.04 -28.82
C VAL A 103 -41.13 -4.97 -29.97
N GLU A 104 -41.15 -4.45 -31.20
CA GLU A 104 -41.41 -5.28 -32.37
C GLU A 104 -40.32 -6.34 -32.54
N THR A 105 -39.05 -5.96 -32.33
CA THR A 105 -37.96 -6.91 -32.47
C THR A 105 -38.11 -8.07 -31.48
N VAL A 106 -38.46 -7.76 -30.24
CA VAL A 106 -38.64 -8.83 -29.25
C VAL A 106 -39.85 -9.68 -29.60
N LYS A 107 -40.94 -9.05 -30.04
CA LYS A 107 -42.18 -9.78 -30.29
C LYS A 107 -42.09 -10.68 -31.51
N ARG A 108 -41.35 -10.26 -32.55
CA ARG A 108 -41.21 -11.02 -33.77
C ARG A 108 -39.96 -11.90 -33.79
N SER A 109 -39.54 -12.38 -32.62
CA SER A 109 -38.26 -13.07 -32.49
C SER A 109 -38.39 -14.59 -32.54
N GLU A 110 -39.42 -15.15 -31.92
CA GLU A 110 -39.48 -16.59 -31.68
C GLU A 110 -40.94 -17.01 -31.80
N ALA A 111 -41.26 -17.74 -32.88
CA ALA A 111 -42.64 -18.07 -33.24
C ALA A 111 -43.49 -16.81 -33.38
N GLY A 112 -42.89 -15.75 -33.92
CA GLY A 112 -43.56 -14.48 -34.04
C GLY A 112 -44.13 -14.19 -35.41
N MET A 113 -43.83 -15.06 -36.38
CA MET A 113 -44.35 -14.93 -37.73
C MET A 113 -45.52 -15.87 -38.01
N VAL A 114 -45.93 -16.67 -37.02
CA VAL A 114 -46.92 -17.72 -37.28
C VAL A 114 -48.27 -17.15 -37.67
N THR A 115 -48.60 -15.95 -37.25
CA THR A 115 -49.92 -15.38 -37.53
C THR A 115 -49.89 -14.12 -38.38
N ASP A 116 -48.81 -13.34 -38.34
CA ASP A 116 -48.65 -12.20 -39.24
C ASP A 116 -47.17 -12.01 -39.47
N PRO A 117 -46.63 -12.60 -40.54
CA PRO A 117 -45.19 -12.54 -40.78
C PRO A 117 -44.78 -11.26 -41.49
N VAL A 118 -43.48 -11.00 -41.46
CA VAL A 118 -42.89 -9.93 -42.25
C VAL A 118 -42.51 -10.50 -43.60
N THR A 119 -42.87 -9.79 -44.65
CA THR A 119 -42.63 -10.23 -46.02
C THR A 119 -41.82 -9.17 -46.76
N CYS A 120 -41.61 -9.40 -48.05
CA CYS A 120 -40.93 -8.46 -48.91
C CYS A 120 -41.60 -8.45 -50.28
N SER A 121 -41.58 -7.30 -50.92
CA SER A 121 -42.09 -7.22 -52.27
C SER A 121 -41.00 -7.63 -53.26
N PRO A 122 -41.38 -8.14 -54.43
CA PRO A 122 -40.37 -8.53 -55.43
C PRO A 122 -39.51 -7.39 -55.92
N ASP A 123 -39.95 -6.14 -55.72
CA ASP A 123 -39.16 -4.98 -56.11
C ASP A 123 -38.09 -4.61 -55.09
N ASN A 124 -38.08 -5.25 -53.93
CA ASN A 124 -37.08 -4.96 -52.91
C ASN A 124 -35.69 -5.35 -53.40
N THR A 125 -34.69 -4.59 -52.96
CA THR A 125 -33.31 -4.97 -53.21
C THR A 125 -32.86 -5.99 -52.17
N LEU A 126 -31.74 -6.65 -52.46
CA LEU A 126 -31.21 -7.63 -51.53
C LEU A 126 -30.73 -6.99 -50.23
N ALA A 127 -30.33 -5.72 -50.29
CA ALA A 127 -29.88 -5.03 -49.09
C ALA A 127 -31.00 -4.88 -48.07
N GLU A 128 -32.20 -4.55 -48.54
CA GLU A 128 -33.33 -4.39 -47.62
C GLU A 128 -33.72 -5.72 -46.97
N VAL A 129 -33.75 -6.79 -47.75
CA VAL A 129 -34.06 -8.11 -47.20
C VAL A 129 -32.98 -8.53 -46.20
N ASP A 130 -31.72 -8.26 -46.51
CA ASP A 130 -30.65 -8.61 -45.59
C ASP A 130 -30.75 -7.80 -44.30
N ALA A 131 -31.12 -6.53 -44.40
CA ALA A 131 -31.29 -5.70 -43.21
C ALA A 131 -32.43 -6.23 -42.34
N MET A 132 -33.55 -6.61 -42.96
CA MET A 132 -34.65 -7.17 -42.19
C MET A 132 -34.25 -8.48 -41.53
N CYS A 133 -33.51 -9.34 -42.25
CA CYS A 133 -33.06 -10.60 -41.68
C CYS A 133 -32.10 -10.37 -40.51
N ALA A 134 -31.22 -9.39 -40.64
CA ALA A 134 -30.31 -9.08 -39.54
C ALA A 134 -31.06 -8.53 -38.33
N ARG A 135 -32.08 -7.70 -38.56
CA ARG A 135 -32.84 -7.15 -37.45
C ARG A 135 -33.63 -8.23 -36.72
N PHE A 136 -34.34 -9.08 -37.46
CA PHE A 136 -35.21 -10.07 -36.84
C PHE A 136 -34.52 -11.41 -36.60
N ARG A 137 -33.24 -11.52 -36.90
N ARG A 137 -33.24 -11.53 -36.94
CA ARG A 137 -32.47 -12.75 -36.71
CA ARG A 137 -32.47 -12.75 -36.71
C ARG A 137 -33.16 -13.94 -37.40
C ARG A 137 -33.10 -13.94 -37.42
N ILE A 138 -33.61 -13.71 -38.62
CA ILE A 138 -34.18 -14.76 -39.45
C ILE A 138 -33.31 -14.92 -40.67
N SER A 139 -33.48 -16.05 -41.36
CA SER A 139 -32.67 -16.34 -42.54
C SER A 139 -33.54 -16.48 -43.79
N GLY A 140 -34.63 -15.71 -43.86
CA GLY A 140 -35.47 -15.74 -45.04
C GLY A 140 -36.79 -15.01 -44.88
N LEU A 141 -37.43 -14.70 -46.01
CA LEU A 141 -38.69 -14.01 -46.04
C LEU A 141 -39.55 -14.55 -47.18
N PRO A 142 -40.85 -14.76 -46.94
CA PRO A 142 -41.77 -14.97 -48.05
C PRO A 142 -41.86 -13.72 -48.90
N VAL A 143 -42.04 -13.91 -50.21
CA VAL A 143 -42.09 -12.83 -51.17
C VAL A 143 -43.51 -12.77 -51.72
N VAL A 144 -44.15 -11.63 -51.53
CA VAL A 144 -45.55 -11.40 -51.89
C VAL A 144 -45.62 -10.19 -52.81
N ASP A 145 -46.36 -10.32 -53.90
CA ASP A 145 -46.41 -9.26 -54.91
C ASP A 145 -47.37 -8.16 -54.49
N ASP A 146 -47.54 -7.17 -55.37
CA ASP A 146 -48.43 -6.05 -55.09
C ASP A 146 -49.90 -6.46 -55.06
N THR A 147 -50.25 -7.58 -55.69
CA THR A 147 -51.62 -8.06 -55.68
C THR A 147 -51.97 -8.82 -54.41
N GLY A 148 -50.98 -9.15 -53.58
CA GLY A 148 -51.23 -9.90 -52.37
C GLY A 148 -51.04 -11.40 -52.49
N GLU A 149 -50.45 -11.87 -53.58
CA GLU A 149 -50.25 -13.29 -53.79
C GLU A 149 -48.88 -13.73 -53.31
N LEU A 150 -48.82 -14.90 -52.68
CA LEU A 150 -47.56 -15.50 -52.26
C LEU A 150 -46.82 -16.00 -53.51
N VAL A 151 -45.86 -15.21 -53.98
CA VAL A 151 -45.18 -15.53 -55.22
C VAL A 151 -43.86 -16.26 -55.02
N GLY A 152 -43.31 -16.26 -53.81
CA GLY A 152 -42.11 -17.07 -53.59
C GLY A 152 -41.58 -16.96 -52.18
N ILE A 153 -40.32 -17.35 -52.03
CA ILE A 153 -39.61 -17.23 -50.76
C ILE A 153 -38.13 -17.07 -51.06
N ILE A 154 -37.44 -16.21 -50.30
CA ILE A 154 -36.02 -15.95 -50.50
C ILE A 154 -35.30 -16.14 -49.17
N THR A 155 -34.22 -16.93 -49.20
CA THR A 155 -33.53 -17.31 -47.97
C THR A 155 -32.05 -16.94 -48.03
N ASN A 156 -31.27 -17.43 -47.06
CA ASN A 156 -29.85 -17.10 -47.01
C ASN A 156 -29.08 -17.79 -48.12
N ARG A 157 -29.43 -19.04 -48.45
CA ARG A 157 -28.71 -19.76 -49.50
C ARG A 157 -28.86 -19.10 -50.86
N ASP A 158 -29.97 -18.39 -51.08
CA ASP A 158 -30.17 -17.72 -52.35
C ASP A 158 -29.27 -16.50 -52.47
N MET A 159 -29.08 -15.76 -51.37
CA MET A 159 -28.36 -14.49 -51.40
C MET A 159 -26.89 -14.60 -51.01
N ARG A 160 -26.42 -15.77 -50.58
CA ARG A 160 -25.12 -15.83 -49.94
C ARG A 160 -23.97 -15.59 -50.92
N PHE A 161 -24.20 -15.75 -52.21
CA PHE A 161 -23.13 -15.57 -53.20
C PHE A 161 -23.42 -14.46 -54.20
N GLU A 162 -24.45 -13.65 -53.97
CA GLU A 162 -24.72 -12.51 -54.83
C GLU A 162 -23.74 -11.39 -54.53
N VAL A 163 -23.16 -10.82 -55.58
CA VAL A 163 -22.18 -9.76 -55.41
C VAL A 163 -22.83 -8.38 -55.41
N ASP A 164 -23.83 -8.17 -56.27
CA ASP A 164 -24.54 -6.90 -56.32
C ASP A 164 -25.74 -6.98 -55.38
N GLN A 165 -25.71 -6.18 -54.31
CA GLN A 165 -26.80 -6.16 -53.35
C GLN A 165 -28.03 -5.40 -53.86
N SER A 166 -27.93 -4.74 -55.01
CA SER A 166 -29.04 -3.98 -55.56
C SER A 166 -29.94 -4.82 -56.46
N LYS A 167 -29.62 -6.10 -56.65
CA LYS A 167 -30.48 -6.96 -57.44
C LYS A 167 -31.86 -7.06 -56.79
N PRO A 168 -32.93 -7.03 -57.57
CA PRO A 168 -34.26 -7.20 -56.98
C PRO A 168 -34.45 -8.62 -56.45
N VAL A 169 -35.44 -8.76 -55.57
CA VAL A 169 -35.76 -10.07 -55.01
C VAL A 169 -36.21 -11.02 -56.11
N SER A 170 -36.81 -10.48 -57.17
CA SER A 170 -37.35 -11.32 -58.24
C SER A 170 -36.28 -12.17 -58.91
N GLU A 171 -35.05 -11.66 -59.01
CA GLU A 171 -34.01 -12.39 -59.72
C GLU A 171 -33.41 -13.52 -58.90
N VAL A 172 -33.69 -13.57 -57.61
CA VAL A 172 -33.04 -14.53 -56.72
C VAL A 172 -34.03 -15.45 -56.01
N MET A 173 -35.27 -15.02 -55.83
CA MET A 173 -36.24 -15.78 -55.05
C MET A 173 -36.55 -17.12 -55.68
N THR A 174 -36.90 -18.09 -54.84
CA THR A 174 -37.41 -19.38 -55.29
C THR A 174 -38.91 -19.24 -55.51
N LYS A 175 -39.34 -19.37 -56.77
CA LYS A 175 -40.70 -19.04 -57.14
C LYS A 175 -41.66 -20.18 -56.83
N ALA A 176 -42.94 -19.83 -56.78
CA ALA A 176 -43.98 -20.81 -56.51
C ALA A 176 -44.07 -21.84 -57.63
N PRO A 177 -44.53 -23.07 -57.34
CA PRO A 177 -45.09 -23.56 -56.08
C PRO A 177 -44.03 -23.81 -54.99
N LEU A 178 -44.45 -23.71 -53.74
CA LEU A 178 -43.59 -23.95 -52.59
C LEU A 178 -44.23 -25.01 -51.70
N ILE A 179 -43.42 -25.60 -50.82
CA ILE A 179 -43.94 -26.52 -49.83
C ILE A 179 -44.61 -25.70 -48.73
N THR A 180 -45.92 -25.88 -48.59
CA THR A 180 -46.71 -25.10 -47.65
C THR A 180 -47.54 -26.04 -46.79
N ALA A 181 -48.17 -25.46 -45.77
CA ALA A 181 -49.10 -26.16 -44.89
C ALA A 181 -50.32 -25.28 -44.68
N LYS A 182 -51.43 -25.91 -44.33
CA LYS A 182 -52.66 -25.18 -44.11
C LYS A 182 -52.69 -24.59 -42.70
N GLU A 183 -53.70 -23.77 -42.44
CA GLU A 183 -53.86 -23.16 -41.13
C GLU A 183 -54.08 -24.23 -40.06
N GLY A 184 -53.66 -23.92 -38.84
CA GLY A 184 -53.84 -24.85 -37.75
C GLY A 184 -52.97 -26.08 -37.81
N VAL A 185 -51.84 -26.02 -38.52
CA VAL A 185 -50.95 -27.15 -38.61
C VAL A 185 -50.26 -27.37 -37.27
N SER A 186 -50.18 -28.63 -36.85
CA SER A 186 -49.51 -28.96 -35.60
C SER A 186 -48.00 -28.84 -35.75
N ALA A 187 -47.31 -28.85 -34.62
CA ALA A 187 -45.85 -28.85 -34.63
C ALA A 187 -45.31 -30.13 -35.26
N GLU A 188 -45.96 -31.27 -34.96
CA GLU A 188 -45.50 -32.54 -35.50
C GLU A 188 -45.60 -32.57 -37.03
N ALA A 189 -46.71 -32.07 -37.57
CA ALA A 189 -46.88 -32.07 -39.02
C ALA A 189 -45.85 -31.18 -39.70
N ALA A 190 -45.63 -29.99 -39.15
CA ALA A 190 -44.64 -29.08 -39.74
C ALA A 190 -43.24 -29.68 -39.67
N LEU A 191 -42.90 -30.28 -38.54
CA LEU A 191 -41.58 -30.89 -38.41
C LEU A 191 -41.42 -32.06 -39.39
N GLY A 192 -42.48 -32.86 -39.55
CA GLY A 192 -42.42 -33.94 -40.52
C GLY A 192 -42.23 -33.44 -41.94
N LEU A 193 -42.93 -32.38 -42.31
CA LEU A 193 -42.74 -31.81 -43.64
C LEU A 193 -41.33 -31.29 -43.84
N LEU A 194 -40.80 -30.60 -42.83
CA LEU A 194 -39.43 -30.07 -42.93
C LEU A 194 -38.42 -31.19 -43.06
N ARG A 195 -38.57 -32.26 -42.27
CA ARG A 195 -37.65 -33.37 -42.37
C ARG A 195 -37.77 -34.09 -43.70
N ARG A 196 -38.99 -34.20 -44.22
CA ARG A 196 -39.20 -34.92 -45.48
C ARG A 196 -38.61 -34.17 -46.66
N HIS A 197 -38.86 -32.86 -46.75
CA HIS A 197 -38.44 -32.09 -47.90
C HIS A 197 -37.07 -31.45 -47.74
N LYS A 198 -36.41 -31.67 -46.60
CA LYS A 198 -35.06 -31.15 -46.34
C LYS A 198 -35.00 -29.63 -46.55
N ILE A 199 -35.96 -28.93 -45.96
CA ILE A 199 -35.98 -27.47 -45.95
C ILE A 199 -36.05 -26.99 -44.50
N GLU A 200 -35.88 -25.69 -44.32
CA GLU A 200 -35.93 -25.09 -43.01
C GLU A 200 -37.08 -24.13 -42.81
N LYS A 201 -37.86 -23.84 -43.85
CA LYS A 201 -38.96 -22.89 -43.77
C LYS A 201 -40.22 -23.50 -44.36
N LEU A 202 -41.36 -23.02 -43.86
CA LEU A 202 -42.66 -23.58 -44.23
C LEU A 202 -43.69 -22.46 -44.15
N PRO A 203 -44.09 -21.90 -45.28
CA PRO A 203 -45.21 -20.95 -45.26
C PRO A 203 -46.51 -21.63 -44.88
N ILE A 204 -47.40 -20.86 -44.26
CA ILE A 204 -48.72 -21.33 -43.84
C ILE A 204 -49.74 -20.47 -44.56
N VAL A 205 -50.66 -21.14 -45.28
CA VAL A 205 -51.63 -20.49 -46.13
C VAL A 205 -53.04 -20.94 -45.74
N ASP A 206 -54.03 -20.18 -46.19
CA ASP A 206 -55.42 -20.47 -45.89
C ASP A 206 -56.02 -21.33 -47.01
N GLY A 207 -57.34 -21.49 -47.00
CA GLY A 207 -58.02 -22.26 -48.01
C GLY A 207 -57.99 -21.64 -49.39
N HIS A 208 -57.76 -20.33 -49.48
CA HIS A 208 -57.63 -19.63 -50.75
C HIS A 208 -56.19 -19.53 -51.23
N GLY A 209 -55.24 -20.06 -50.47
CA GLY A 209 -53.85 -20.05 -50.89
C GLY A 209 -53.11 -18.74 -50.64
N LYS A 210 -53.67 -17.84 -49.85
CA LYS A 210 -52.99 -16.59 -49.52
C LYS A 210 -52.16 -16.77 -48.25
N LEU A 211 -51.10 -15.98 -48.15
CA LEU A 211 -50.15 -16.13 -47.05
C LEU A 211 -50.76 -15.72 -45.73
N THR A 212 -50.58 -16.57 -44.70
CA THR A 212 -51.04 -16.26 -43.36
C THR A 212 -49.96 -16.38 -42.29
N GLY A 213 -48.90 -17.16 -42.52
CA GLY A 213 -47.87 -17.27 -41.50
C GLY A 213 -46.62 -17.92 -42.04
N LEU A 214 -45.62 -18.04 -41.18
CA LEU A 214 -44.35 -18.67 -41.52
C LEU A 214 -43.86 -19.50 -40.34
N ILE A 215 -43.29 -20.66 -40.64
CA ILE A 215 -42.68 -21.52 -39.64
C ILE A 215 -41.24 -21.79 -40.05
N THR A 216 -40.34 -21.84 -39.07
CA THR A 216 -38.93 -22.08 -39.32
C THR A 216 -38.42 -23.14 -38.36
N VAL A 217 -37.26 -23.71 -38.70
CA VAL A 217 -36.57 -24.64 -37.81
C VAL A 217 -36.10 -23.93 -36.55
N LYS A 218 -35.97 -22.60 -36.60
CA LYS A 218 -35.59 -21.83 -35.42
C LYS A 218 -36.58 -22.03 -34.28
N ASP A 219 -37.87 -22.20 -34.60
CA ASP A 219 -38.87 -22.41 -33.56
C ASP A 219 -38.57 -23.68 -32.76
N PHE A 220 -38.31 -24.78 -33.45
CA PHE A 220 -38.02 -26.04 -32.76
C PHE A 220 -36.68 -25.98 -32.04
N VAL A 221 -35.69 -25.32 -32.65
CA VAL A 221 -34.38 -25.20 -32.01
C VAL A 221 -34.51 -24.45 -30.69
N LYS A 222 -35.22 -23.32 -30.70
CA LYS A 222 -35.35 -22.51 -29.49
C LYS A 222 -36.27 -23.17 -28.47
N THR A 223 -37.27 -23.92 -28.92
CA THR A 223 -38.09 -24.68 -27.97
C THR A 223 -37.25 -25.75 -27.27
N GLU A 224 -36.36 -26.41 -28.00
CA GLU A 224 -35.48 -27.41 -27.38
C GLU A 224 -34.49 -26.75 -26.42
N GLN A 225 -33.91 -25.61 -26.81
CA GLN A 225 -32.89 -25.00 -25.98
C GLN A 225 -33.47 -24.36 -24.72
N PHE A 226 -34.63 -23.70 -24.84
CA PHE A 226 -35.18 -22.86 -23.78
C PHE A 226 -36.57 -23.34 -23.42
N PRO A 227 -36.67 -24.34 -22.53
CA PRO A 227 -38.00 -24.85 -22.14
C PRO A 227 -38.75 -23.97 -21.16
N LEU A 228 -38.10 -22.96 -20.59
CA LEU A 228 -38.72 -22.09 -19.60
C LEU A 228 -39.17 -20.75 -20.17
N SER A 229 -39.18 -20.61 -21.50
CA SER A 229 -39.45 -19.32 -22.13
C SER A 229 -40.80 -18.76 -21.71
N THR A 230 -40.83 -17.46 -21.46
CA THR A 230 -42.04 -16.76 -21.04
C THR A 230 -42.77 -16.26 -22.28
N LYS A 231 -44.00 -16.72 -22.47
CA LYS A 231 -44.75 -16.47 -23.69
C LYS A 231 -46.17 -16.04 -23.35
N ASP A 232 -46.80 -15.37 -24.30
CA ASP A 232 -48.20 -15.00 -24.18
C ASP A 232 -49.08 -16.10 -24.79
N SER A 233 -50.35 -15.79 -24.99
CA SER A 233 -51.29 -16.77 -25.52
C SER A 233 -50.97 -17.14 -26.97
N ASP A 234 -50.32 -16.24 -27.71
CA ASP A 234 -49.97 -16.49 -29.10
C ASP A 234 -48.62 -17.16 -29.27
N GLY A 235 -47.93 -17.47 -28.18
CA GLY A 235 -46.62 -18.08 -28.27
C GLY A 235 -45.47 -17.13 -28.53
N ARG A 236 -45.69 -15.83 -28.39
CA ARG A 236 -44.63 -14.85 -28.55
C ARG A 236 -44.02 -14.50 -27.19
N LEU A 237 -42.76 -14.09 -27.22
CA LEU A 237 -42.05 -13.75 -25.99
C LEU A 237 -42.64 -12.51 -25.33
N LEU A 238 -42.79 -12.56 -24.02
CA LEU A 238 -43.28 -11.42 -23.26
C LEU A 238 -42.22 -10.35 -23.14
N VAL A 239 -42.65 -9.09 -23.12
CA VAL A 239 -41.74 -7.96 -22.95
C VAL A 239 -42.50 -6.84 -22.26
N GLY A 240 -41.77 -6.05 -21.48
CA GLY A 240 -42.34 -4.88 -20.84
C GLY A 240 -41.60 -3.63 -21.27
N ALA A 241 -42.19 -2.47 -21.03
CA ALA A 241 -41.56 -1.20 -21.39
C ALA A 241 -41.92 -0.15 -20.35
N ALA A 242 -41.01 0.81 -20.18
CA ALA A 242 -41.18 1.87 -19.19
C ALA A 242 -41.67 3.15 -19.86
N VAL A 243 -42.58 3.84 -19.18
CA VAL A 243 -43.06 5.15 -19.60
C VAL A 243 -43.01 6.09 -18.39
N GLY A 244 -43.00 7.37 -18.67
CA GLY A 244 -42.99 8.41 -17.66
C GLY A 244 -44.36 8.98 -17.40
N VAL A 245 -44.42 10.27 -17.07
CA VAL A 245 -45.66 10.98 -16.84
C VAL A 245 -45.68 12.24 -17.69
N GLY A 246 -46.83 12.50 -18.32
CA GLY A 246 -46.99 13.65 -19.19
C GLY A 246 -47.79 13.27 -20.42
N ASP A 247 -47.74 14.15 -21.42
CA ASP A 247 -48.40 13.89 -22.69
C ASP A 247 -47.52 13.12 -23.66
N ASP A 248 -46.22 13.42 -23.68
CA ASP A 248 -45.28 12.57 -24.39
C ASP A 248 -45.31 11.15 -23.86
N ALA A 249 -45.50 11.01 -22.54
CA ALA A 249 -45.61 9.70 -21.93
C ALA A 249 -46.85 8.96 -22.44
N TRP A 250 -47.97 9.66 -22.57
CA TRP A 250 -49.18 9.02 -23.07
C TRP A 250 -49.04 8.60 -24.53
N THR A 251 -48.43 9.46 -25.35
CA THR A 251 -48.18 9.09 -26.74
C THR A 251 -47.27 7.87 -26.82
N ARG A 252 -46.21 7.85 -26.00
CA ARG A 252 -45.31 6.70 -25.96
C ARG A 252 -46.04 5.45 -25.53
N ALA A 253 -46.89 5.54 -24.52
CA ALA A 253 -47.61 4.37 -24.03
C ALA A 253 -48.54 3.81 -25.10
N MET A 254 -49.25 4.69 -25.82
CA MET A 254 -50.15 4.23 -26.88
C MET A 254 -49.37 3.58 -28.02
N THR A 255 -48.23 4.18 -28.40
CA THR A 255 -47.40 3.57 -29.43
C THR A 255 -46.89 2.20 -29.01
N LEU A 256 -46.44 2.07 -27.75
CA LEU A 256 -45.95 0.80 -27.26
C LEU A 256 -47.05 -0.26 -27.23
N VAL A 257 -48.26 0.14 -26.83
CA VAL A 257 -49.38 -0.80 -26.84
C VAL A 257 -49.69 -1.25 -28.25
N ASP A 258 -49.58 -0.33 -29.22
CA ASP A 258 -49.75 -0.71 -30.62
C ASP A 258 -48.69 -1.70 -31.06
N ALA A 259 -47.45 -1.50 -30.63
CA ALA A 259 -46.36 -2.40 -31.01
C ALA A 259 -46.55 -3.81 -30.46
N GLY A 260 -47.35 -3.98 -29.43
CA GLY A 260 -47.62 -5.28 -28.85
C GLY A 260 -47.06 -5.53 -27.47
N VAL A 261 -46.83 -4.48 -26.68
CA VAL A 261 -46.23 -4.64 -25.36
C VAL A 261 -47.20 -5.39 -24.44
N ASP A 262 -46.65 -6.07 -23.44
CA ASP A 262 -47.43 -6.86 -22.50
C ASP A 262 -47.56 -6.22 -21.12
N VAL A 263 -46.52 -5.52 -20.66
CA VAL A 263 -46.52 -4.85 -19.37
C VAL A 263 -46.08 -3.41 -19.58
N LEU A 264 -46.81 -2.47 -19.01
CA LEU A 264 -46.40 -1.07 -18.96
C LEU A 264 -46.00 -0.72 -17.53
N ILE A 265 -44.82 -0.15 -17.38
CA ILE A 265 -44.30 0.25 -16.08
C ILE A 265 -44.19 1.76 -16.06
N VAL A 266 -44.97 2.42 -15.21
CA VAL A 266 -44.85 3.86 -15.01
C VAL A 266 -43.61 4.08 -14.16
N ASP A 267 -42.54 4.57 -14.79
CA ASP A 267 -41.20 4.53 -14.24
C ASP A 267 -40.85 5.89 -13.65
N THR A 268 -40.95 6.02 -12.34
CA THR A 268 -40.66 7.26 -11.65
C THR A 268 -39.86 6.98 -10.38
N ALA A 269 -39.11 7.98 -9.93
CA ALA A 269 -38.31 7.85 -8.72
C ALA A 269 -39.17 7.93 -7.46
N HIS A 270 -40.29 8.64 -7.51
CA HIS A 270 -41.15 8.84 -6.35
C HIS A 270 -42.60 8.79 -6.85
N ALA A 271 -43.25 7.65 -6.62
CA ALA A 271 -44.59 7.42 -7.16
C ALA A 271 -45.71 7.86 -6.24
N HIS A 272 -45.41 8.33 -5.03
CA HIS A 272 -46.44 8.87 -4.14
C HIS A 272 -46.77 10.30 -4.54
N ASN A 273 -47.19 10.45 -5.79
CA ASN A 273 -47.43 11.73 -6.42
C ASN A 273 -48.74 11.63 -7.19
N ARG A 274 -49.49 12.74 -7.23
CA ARG A 274 -50.81 12.70 -7.83
C ARG A 274 -50.74 12.49 -9.33
N GLY A 275 -49.72 13.04 -9.98
CA GLY A 275 -49.56 12.84 -11.42
C GLY A 275 -49.34 11.39 -11.78
N VAL A 276 -48.50 10.69 -11.02
CA VAL A 276 -48.25 9.28 -11.28
C VAL A 276 -49.52 8.45 -11.08
N LEU A 277 -50.26 8.73 -10.02
CA LEU A 277 -51.48 7.99 -9.76
C LEU A 277 -52.52 8.24 -10.86
N ASP A 278 -52.63 9.48 -11.32
CA ASP A 278 -53.53 9.79 -12.43
C ASP A 278 -53.10 9.06 -13.70
N MET A 279 -51.80 9.03 -13.98
CA MET A 279 -51.31 8.31 -15.15
C MET A 279 -51.64 6.83 -15.07
N VAL A 280 -51.45 6.23 -13.89
CA VAL A 280 -51.78 4.82 -13.73
C VAL A 280 -53.26 4.57 -13.95
N SER A 281 -54.11 5.44 -13.39
CA SER A 281 -55.55 5.28 -13.59
C SER A 281 -55.94 5.42 -15.06
N ARG A 282 -55.36 6.40 -15.74
CA ARG A 282 -55.66 6.60 -17.17
C ARG A 282 -55.24 5.39 -17.98
N LEU A 283 -54.04 4.87 -17.75
CA LEU A 283 -53.58 3.71 -18.50
C LEU A 283 -54.45 2.49 -18.21
N LYS A 284 -54.82 2.29 -16.94
CA LYS A 284 -55.66 1.15 -16.59
C LYS A 284 -57.04 1.27 -17.23
N GLN A 285 -57.56 2.49 -17.38
CA GLN A 285 -58.85 2.67 -18.03
C GLN A 285 -58.77 2.51 -19.54
N ALA A 286 -57.67 2.93 -20.16
CA ALA A 286 -57.57 2.89 -21.62
C ALA A 286 -57.17 1.51 -22.11
N VAL A 287 -56.03 1.00 -21.67
CA VAL A 287 -55.49 -0.24 -22.21
C VAL A 287 -55.40 -1.30 -21.14
N GLY A 288 -56.27 -1.21 -20.14
CA GLY A 288 -56.20 -2.15 -19.03
C GLY A 288 -56.73 -3.53 -19.34
N GLU A 289 -57.44 -3.70 -20.46
CA GLU A 289 -57.97 -5.01 -20.80
C GLU A 289 -56.95 -5.89 -21.51
N ARG A 290 -55.87 -5.32 -22.02
CA ARG A 290 -54.86 -6.05 -22.75
C ARG A 290 -53.49 -6.00 -22.10
N VAL A 291 -53.12 -4.87 -21.51
CA VAL A 291 -51.78 -4.64 -20.97
C VAL A 291 -51.88 -4.50 -19.46
N ASP A 292 -50.82 -4.91 -18.77
CA ASP A 292 -50.72 -4.77 -17.33
C ASP A 292 -49.93 -3.51 -16.99
N VAL A 293 -50.40 -2.77 -15.98
CA VAL A 293 -49.80 -1.51 -15.59
C VAL A 293 -49.17 -1.67 -14.21
N VAL A 294 -47.89 -1.35 -14.10
CA VAL A 294 -47.12 -1.49 -12.89
C VAL A 294 -46.78 -0.09 -12.37
N GLY A 295 -47.00 0.14 -11.08
CA GLY A 295 -46.76 1.43 -10.50
C GLY A 295 -45.32 1.63 -10.05
N GLY A 296 -44.88 2.88 -10.12
CA GLY A 296 -43.50 3.26 -9.85
C GLY A 296 -43.04 3.00 -8.44
N ASN A 297 -41.85 3.50 -8.11
CA ASN A 297 -41.18 3.08 -6.88
C ASN A 297 -41.82 3.73 -5.65
N VAL A 298 -42.10 2.90 -4.64
CA VAL A 298 -42.63 3.35 -3.36
C VAL A 298 -41.75 2.77 -2.27
N ALA A 299 -41.90 3.30 -1.06
CA ALA A 299 -41.15 2.80 0.08
C ALA A 299 -41.96 2.73 1.37
N THR A 300 -43.24 3.04 1.36
CA THR A 300 -44.05 3.05 2.56
C THR A 300 -45.36 2.32 2.31
N ARG A 301 -46.11 2.09 3.39
CA ARG A 301 -47.40 1.42 3.29
C ARG A 301 -48.43 2.33 2.64
N ALA A 302 -48.41 3.62 2.95
CA ALA A 302 -49.39 4.55 2.40
C ALA A 302 -49.22 4.71 0.88
N ALA A 303 -47.99 4.78 0.41
CA ALA A 303 -47.75 4.92 -1.02
C ALA A 303 -48.20 3.67 -1.78
N ALA A 304 -47.91 2.49 -1.24
CA ALA A 304 -48.36 1.25 -1.87
C ALA A 304 -49.88 1.15 -1.86
N ALA A 305 -50.51 1.57 -0.76
CA ALA A 305 -51.96 1.58 -0.71
C ALA A 305 -52.56 2.51 -1.74
N ALA A 306 -51.94 3.68 -1.94
CA ALA A 306 -52.41 4.61 -2.96
C ALA A 306 -52.26 4.01 -4.36
N LEU A 307 -51.14 3.34 -4.62
CA LEU A 307 -50.95 2.70 -5.93
C LEU A 307 -51.97 1.59 -6.16
N VAL A 308 -52.26 0.79 -5.14
CA VAL A 308 -53.27 -0.25 -5.25
C VAL A 308 -54.64 0.36 -5.52
N GLU A 309 -54.95 1.46 -4.83
CA GLU A 309 -56.22 2.15 -5.06
C GLU A 309 -56.32 2.69 -6.47
N ALA A 310 -55.21 3.18 -7.02
CA ALA A 310 -55.22 3.72 -8.38
C ALA A 310 -55.42 2.65 -9.44
N GLY A 311 -55.31 1.38 -9.10
CA GLY A 311 -55.54 0.30 -10.04
C GLY A 311 -54.32 -0.43 -10.54
N ALA A 312 -53.16 -0.25 -9.91
CA ALA A 312 -51.94 -0.89 -10.38
C ALA A 312 -52.01 -2.40 -10.23
N ASP A 313 -51.45 -3.11 -11.22
CA ASP A 313 -51.41 -4.57 -11.18
C ASP A 313 -50.24 -5.11 -10.39
N ALA A 314 -49.17 -4.33 -10.26
CA ALA A 314 -48.05 -4.68 -9.41
C ALA A 314 -47.45 -3.39 -8.88
N VAL A 315 -46.73 -3.49 -7.76
CA VAL A 315 -46.13 -2.35 -7.09
C VAL A 315 -44.63 -2.58 -7.02
N LYS A 316 -43.86 -1.65 -7.58
CA LYS A 316 -42.41 -1.70 -7.51
C LYS A 316 -41.92 -0.90 -6.32
N VAL A 317 -40.98 -1.48 -5.57
CA VAL A 317 -40.59 -0.98 -4.26
C VAL A 317 -39.12 -0.62 -4.27
N GLY A 318 -38.81 0.55 -3.70
CA GLY A 318 -37.44 0.95 -3.44
C GLY A 318 -37.18 2.42 -3.70
N VAL A 319 -36.72 3.12 -2.68
CA VAL A 319 -36.36 4.53 -2.76
C VAL A 319 -35.07 4.72 -2.00
N GLY A 320 -33.96 4.82 -2.71
CA GLY A 320 -32.65 4.84 -2.11
C GLY A 320 -32.40 3.65 -1.22
N PRO A 321 -32.39 2.43 -1.80
CA PRO A 321 -32.20 1.24 -0.97
C PRO A 321 -30.74 0.87 -0.74
N GLY A 322 -29.83 1.45 -1.55
CA GLY A 322 -28.42 1.20 -1.34
C GLY A 322 -27.85 1.98 -0.18
N SER A 323 -26.71 1.49 0.34
CA SER A 323 -26.14 2.10 1.53
C SER A 323 -25.50 3.46 1.24
N ILE A 324 -24.79 3.57 0.11
CA ILE A 324 -24.13 4.81 -0.26
C ILE A 324 -24.83 5.39 -1.47
N CYS A 325 -26.13 5.15 -1.56
CA CYS A 325 -26.93 5.66 -2.67
C CYS A 325 -26.80 7.18 -2.77
N THR A 326 -26.82 7.68 -4.01
CA THR A 326 -26.73 9.13 -4.22
C THR A 326 -27.95 9.84 -3.66
N THR A 327 -29.12 9.20 -3.68
CA THR A 327 -30.30 9.79 -3.06
C THR A 327 -30.09 9.98 -1.55
N ARG A 328 -29.40 9.05 -0.91
CA ARG A 328 -29.14 9.15 0.52
C ARG A 328 -28.12 10.23 0.85
N VAL A 329 -27.13 10.44 -0.01
CA VAL A 329 -26.05 11.37 0.30
C VAL A 329 -26.42 12.80 -0.10
N VAL A 330 -27.09 12.97 -1.24
CA VAL A 330 -27.38 14.30 -1.75
C VAL A 330 -28.66 14.86 -1.17
N ALA A 331 -29.72 14.05 -1.11
CA ALA A 331 -30.99 14.51 -0.60
C ALA A 331 -31.27 14.07 0.82
N GLY A 332 -30.51 13.10 1.34
CA GLY A 332 -30.77 12.58 2.67
C GLY A 332 -32.01 11.75 2.79
N VAL A 333 -32.50 11.19 1.69
CA VAL A 333 -33.75 10.43 1.64
C VAL A 333 -33.41 8.97 1.39
N GLY A 334 -34.21 8.08 1.95
CA GLY A 334 -34.02 6.67 1.68
C GLY A 334 -34.92 5.84 2.56
N ALA A 335 -34.88 4.54 2.30
CA ALA A 335 -35.61 3.55 3.07
C ALA A 335 -34.92 2.20 2.97
N PRO A 336 -34.51 1.61 4.09
CA PRO A 336 -33.95 0.25 4.04
C PRO A 336 -34.95 -0.74 3.44
N GLN A 337 -34.42 -1.66 2.64
CA GLN A 337 -35.26 -2.37 1.67
C GLN A 337 -36.11 -3.47 2.31
N ILE A 338 -35.61 -4.17 3.34
CA ILE A 338 -36.41 -5.22 3.97
C ILE A 338 -37.65 -4.63 4.62
N THR A 339 -37.48 -3.53 5.36
CA THR A 339 -38.61 -2.89 6.01
C THR A 339 -39.56 -2.28 4.99
N ALA A 340 -39.02 -1.71 3.91
CA ALA A 340 -39.86 -1.16 2.86
C ALA A 340 -40.72 -2.25 2.20
N ILE A 341 -40.12 -3.41 1.94
CA ILE A 341 -40.87 -4.52 1.35
C ILE A 341 -41.94 -5.01 2.32
N LEU A 342 -41.60 -5.13 3.60
CA LEU A 342 -42.59 -5.57 4.58
C LEU A 342 -43.77 -4.61 4.64
N GLU A 343 -43.49 -3.30 4.68
CA GLU A 343 -44.56 -2.30 4.74
C GLU A 343 -45.40 -2.31 3.48
N ALA A 344 -44.77 -2.44 2.31
CA ALA A 344 -45.53 -2.45 1.06
C ALA A 344 -46.38 -3.71 0.92
N VAL A 345 -45.86 -4.86 1.37
CA VAL A 345 -46.63 -6.09 1.31
C VAL A 345 -47.83 -6.00 2.26
N ALA A 346 -47.65 -5.36 3.41
CA ALA A 346 -48.76 -5.21 4.35
C ALA A 346 -49.95 -4.50 3.73
N ALA A 347 -49.72 -3.67 2.71
CA ALA A 347 -50.78 -2.97 2.01
C ALA A 347 -51.23 -3.65 0.73
N CYS A 348 -50.32 -4.37 0.06
CA CYS A 348 -50.65 -4.96 -1.24
C CYS A 348 -51.24 -6.36 -1.13
N LYS A 349 -50.78 -7.17 -0.19
CA LYS A 349 -51.18 -8.58 -0.15
C LYS A 349 -52.68 -8.81 0.03
N PRO A 350 -53.41 -8.07 0.87
CA PRO A 350 -54.86 -8.32 1.00
C PRO A 350 -55.63 -8.17 -0.30
N TYR A 351 -55.11 -7.40 -1.26
CA TYR A 351 -55.77 -7.21 -2.54
C TYR A 351 -55.16 -8.07 -3.65
N GLY A 352 -54.19 -8.91 -3.33
CA GLY A 352 -53.61 -9.79 -4.33
C GLY A 352 -52.71 -9.12 -5.34
N VAL A 353 -52.08 -8.00 -4.97
CA VAL A 353 -51.19 -7.26 -5.87
C VAL A 353 -49.76 -7.68 -5.56
N PRO A 354 -49.01 -8.18 -6.54
CA PRO A 354 -47.61 -8.56 -6.29
C PRO A 354 -46.73 -7.35 -6.02
N VAL A 355 -45.59 -7.62 -5.40
CA VAL A 355 -44.59 -6.61 -5.07
C VAL A 355 -43.30 -6.97 -5.78
N ILE A 356 -42.70 -5.99 -6.46
CA ILE A 356 -41.43 -6.15 -7.14
C ILE A 356 -40.37 -5.43 -6.32
N ALA A 357 -39.34 -6.17 -5.90
CA ALA A 357 -38.23 -5.60 -5.16
C ALA A 357 -37.21 -5.05 -6.15
N ASP A 358 -36.87 -3.78 -6.03
CA ASP A 358 -36.05 -3.08 -7.02
C ASP A 358 -34.92 -2.33 -6.31
N GLY A 359 -33.71 -2.85 -6.41
CA GLY A 359 -32.55 -2.16 -5.92
C GLY A 359 -32.01 -2.78 -4.64
N GLY A 360 -30.69 -2.67 -4.46
CA GLY A 360 -30.01 -3.14 -3.27
C GLY A 360 -29.58 -4.58 -3.29
N LEU A 361 -29.79 -5.31 -4.38
CA LEU A 361 -29.48 -6.73 -4.44
C LEU A 361 -28.06 -6.93 -4.95
N GLN A 362 -27.23 -7.60 -4.16
CA GLN A 362 -25.85 -7.88 -4.53
C GLN A 362 -25.54 -9.36 -4.67
N TYR A 363 -26.25 -10.23 -3.97
CA TYR A 363 -26.03 -11.67 -4.04
C TYR A 363 -27.37 -12.37 -4.15
N SER A 364 -27.32 -13.68 -4.40
CA SER A 364 -28.55 -14.46 -4.48
C SER A 364 -29.20 -14.64 -3.11
N GLY A 365 -28.43 -14.55 -2.04
CA GLY A 365 -29.02 -14.54 -0.71
C GLY A 365 -29.92 -13.34 -0.51
N ASP A 366 -29.54 -12.20 -1.09
CA ASP A 366 -30.40 -11.02 -1.05
C ASP A 366 -31.71 -11.27 -1.78
N ILE A 367 -31.66 -11.99 -2.90
CA ILE A 367 -32.88 -12.33 -3.63
C ILE A 367 -33.78 -13.22 -2.79
N ALA A 368 -33.18 -14.22 -2.14
CA ALA A 368 -33.96 -15.08 -1.25
C ALA A 368 -34.58 -14.30 -0.11
N LYS A 369 -33.83 -13.38 0.49
CA LYS A 369 -34.36 -12.57 1.58
C LYS A 369 -35.49 -11.66 1.10
N ALA A 370 -35.33 -11.06 -0.08
CA ALA A 370 -36.37 -10.19 -0.62
C ALA A 370 -37.64 -10.96 -0.90
N LEU A 371 -37.52 -12.18 -1.44
CA LEU A 371 -38.71 -12.98 -1.69
C LEU A 371 -39.35 -13.48 -0.39
N ALA A 372 -38.54 -13.75 0.63
CA ALA A 372 -39.09 -14.19 1.90
C ALA A 372 -39.75 -13.04 2.67
N ALA A 373 -39.38 -11.80 2.39
CA ALA A 373 -40.02 -10.65 3.01
C ALA A 373 -41.40 -10.37 2.44
N GLY A 374 -41.76 -10.97 1.32
CA GLY A 374 -43.10 -10.82 0.78
C GLY A 374 -43.14 -10.42 -0.68
N ALA A 375 -42.00 -10.11 -1.26
CA ALA A 375 -41.95 -9.77 -2.67
C ALA A 375 -42.20 -11.01 -3.52
N SER A 376 -42.70 -10.80 -4.73
CA SER A 376 -42.94 -11.90 -5.66
C SER A 376 -41.88 -12.02 -6.74
N THR A 377 -41.31 -10.90 -7.18
CA THR A 377 -40.25 -10.89 -8.17
C THR A 377 -39.20 -9.88 -7.73
N ALA A 378 -38.00 -10.05 -8.29
CA ALA A 378 -36.90 -9.13 -8.05
C ALA A 378 -36.42 -8.52 -9.36
N MET A 379 -36.13 -7.24 -9.34
CA MET A 379 -35.60 -6.53 -10.49
C MET A 379 -34.10 -6.34 -10.27
N LEU A 380 -33.29 -6.83 -11.22
CA LEU A 380 -31.88 -7.09 -10.94
C LEU A 380 -30.97 -5.88 -11.16
N GLY A 381 -30.89 -5.39 -12.39
CA GLY A 381 -30.14 -4.17 -12.60
C GLY A 381 -28.64 -4.33 -12.78
N SER A 382 -27.87 -3.89 -11.78
CA SER A 382 -26.43 -3.82 -11.92
C SER A 382 -25.77 -5.18 -11.99
N LEU A 383 -26.45 -6.24 -11.56
CA LEU A 383 -25.92 -7.58 -11.72
C LEU A 383 -25.89 -8.01 -13.18
N LEU A 384 -26.66 -7.36 -14.04
CA LEU A 384 -26.75 -7.71 -15.44
C LEU A 384 -26.14 -6.66 -16.36
N ALA A 385 -25.51 -5.63 -15.79
CA ALA A 385 -25.01 -4.52 -16.62
C ALA A 385 -23.80 -4.92 -17.44
N GLY A 386 -23.02 -5.90 -16.98
CA GLY A 386 -21.83 -6.30 -17.68
C GLY A 386 -21.94 -7.55 -18.54
N THR A 387 -23.11 -8.17 -18.59
CA THR A 387 -23.25 -9.41 -19.34
C THR A 387 -23.18 -9.15 -20.83
N ALA A 388 -23.10 -10.24 -21.60
CA ALA A 388 -22.96 -10.14 -23.04
C ALA A 388 -24.20 -9.56 -23.70
N GLU A 389 -25.38 -9.84 -23.16
CA GLU A 389 -26.62 -9.38 -23.76
C GLU A 389 -26.96 -7.93 -23.43
N SER A 390 -26.29 -7.34 -22.44
CA SER A 390 -26.54 -5.95 -22.14
C SER A 390 -26.03 -5.06 -23.26
N PRO A 391 -26.63 -3.88 -23.46
CA PRO A 391 -26.17 -2.99 -24.52
C PRO A 391 -24.74 -2.53 -24.28
N GLY A 392 -24.04 -2.26 -25.37
CA GLY A 392 -22.65 -1.87 -25.33
C GLY A 392 -21.77 -2.80 -26.15
N GLU A 393 -20.55 -2.33 -26.39
CA GLU A 393 -19.57 -3.05 -27.19
C GLU A 393 -18.44 -3.52 -26.30
N LEU A 394 -17.97 -4.75 -26.54
CA LEU A 394 -16.96 -5.38 -25.69
C LEU A 394 -15.57 -5.03 -26.21
N ILE A 395 -14.73 -4.48 -25.32
CA ILE A 395 -13.39 -4.02 -25.68
C ILE A 395 -12.40 -4.45 -24.61
N PHE A 396 -11.11 -4.27 -24.90
CA PHE A 396 -10.03 -4.55 -23.98
C PHE A 396 -9.35 -3.25 -23.58
N VAL A 397 -9.23 -3.02 -22.27
CA VAL A 397 -8.48 -1.90 -21.72
C VAL A 397 -7.55 -2.45 -20.64
N ASN A 398 -6.25 -2.23 -20.80
CA ASN A 398 -5.24 -2.65 -19.83
C ASN A 398 -5.33 -4.15 -19.53
N GLY A 399 -5.68 -4.94 -20.55
CA GLY A 399 -5.76 -6.37 -20.39
C GLY A 399 -7.04 -6.88 -19.75
N LYS A 400 -8.01 -6.01 -19.48
CA LYS A 400 -9.28 -6.41 -18.90
C LYS A 400 -10.40 -6.09 -19.88
N GLN A 401 -11.44 -6.92 -19.85
CA GLN A 401 -12.58 -6.72 -20.74
C GLN A 401 -13.58 -5.76 -20.11
N PHE A 402 -14.01 -4.77 -20.90
CA PHE A 402 -15.00 -3.80 -20.46
C PHE A 402 -16.06 -3.63 -21.53
N LYS A 403 -17.28 -3.36 -21.09
CA LYS A 403 -18.39 -3.03 -21.97
C LYS A 403 -18.48 -1.51 -22.05
N SER A 404 -18.08 -0.95 -23.19
CA SER A 404 -18.03 0.48 -23.39
C SER A 404 -19.12 0.93 -24.36
N TYR A 405 -19.38 2.24 -24.35
CA TYR A 405 -20.50 2.79 -25.11
C TYR A 405 -20.05 3.96 -25.99
N TYR A 428 -32.69 14.63 -22.93
CA TYR A 428 -34.02 15.04 -23.38
C TYR A 428 -35.09 14.08 -22.89
N PHE A 429 -34.74 12.81 -22.79
CA PHE A 429 -35.72 11.77 -22.45
C PHE A 429 -35.72 11.44 -20.96
N GLN A 430 -34.81 12.02 -20.18
CA GLN A 430 -34.78 11.85 -18.73
C GLN A 430 -35.42 13.08 -18.11
N ASP A 431 -36.75 13.08 -18.10
CA ASP A 431 -37.53 14.20 -17.60
C ASP A 431 -38.00 14.00 -16.17
N ASP A 432 -37.53 12.95 -15.50
CA ASP A 432 -37.86 12.74 -14.10
C ASP A 432 -37.20 13.81 -13.24
N VAL A 433 -37.99 14.47 -12.39
CA VAL A 433 -37.46 15.59 -11.62
C VAL A 433 -36.64 15.13 -10.43
N LEU A 434 -36.91 13.92 -9.91
CA LEU A 434 -36.22 13.42 -8.72
C LEU A 434 -35.23 12.31 -9.03
N SER A 435 -34.98 12.03 -10.31
CA SER A 435 -34.05 10.97 -10.67
C SER A 435 -32.62 11.32 -10.25
N GLU A 436 -31.84 10.29 -9.94
CA GLU A 436 -30.50 10.51 -9.43
C GLU A 436 -29.58 11.18 -10.43
N ASP A 437 -29.90 11.12 -11.73
CA ASP A 437 -29.07 11.78 -12.72
C ASP A 437 -29.11 13.29 -12.58
N LYS A 438 -30.25 13.84 -12.13
CA LYS A 438 -30.31 15.27 -11.84
C LYS A 438 -29.57 15.62 -10.56
N LEU A 439 -29.45 14.67 -9.63
CA LEU A 439 -28.73 14.93 -8.39
C LEU A 439 -27.23 15.00 -8.61
N VAL A 440 -26.68 14.11 -9.44
CA VAL A 440 -25.25 14.06 -9.68
C VAL A 440 -24.84 15.19 -10.64
N PRO A 441 -23.63 15.73 -10.52
CA PRO A 441 -23.16 16.76 -11.45
C PRO A 441 -22.64 16.17 -12.77
N GLU A 442 -23.53 15.49 -13.49
CA GLU A 442 -23.17 14.84 -14.74
C GLU A 442 -23.14 15.84 -15.89
N ARG A 447 -18.10 3.22 -18.36
CA ARG A 447 -17.52 1.97 -18.81
C ARG A 447 -17.74 0.85 -17.79
N VAL A 448 -18.45 -0.20 -18.22
CA VAL A 448 -18.86 -1.27 -17.33
C VAL A 448 -17.98 -2.49 -17.56
N PRO A 449 -17.53 -3.17 -16.51
CA PRO A 449 -16.75 -4.40 -16.70
C PRO A 449 -17.59 -5.51 -17.34
N PHE A 450 -16.91 -6.55 -17.78
CA PHE A 450 -17.55 -7.68 -18.44
C PHE A 450 -17.84 -8.78 -17.43
N ARG A 451 -19.02 -9.38 -17.53
CA ARG A 451 -19.47 -10.37 -16.57
C ARG A 451 -19.80 -11.73 -17.17
N GLY A 452 -19.71 -11.87 -18.50
CA GLY A 452 -19.94 -13.14 -19.13
C GLY A 452 -21.35 -13.27 -19.69
N PRO A 453 -21.74 -14.47 -20.09
CA PRO A 453 -23.11 -14.67 -20.59
C PRO A 453 -24.14 -14.53 -19.49
N LEU A 454 -25.34 -14.12 -19.89
CA LEU A 454 -26.44 -13.92 -18.94
C LEU A 454 -26.92 -15.25 -18.34
N GLY A 455 -26.91 -16.32 -19.14
CA GLY A 455 -27.46 -17.58 -18.68
C GLY A 455 -26.77 -18.11 -17.44
N THR A 456 -25.44 -17.99 -17.38
CA THR A 456 -24.71 -18.47 -16.22
C THR A 456 -25.06 -17.66 -14.97
N VAL A 457 -25.22 -16.35 -15.12
CA VAL A 457 -25.60 -15.50 -13.99
C VAL A 457 -26.98 -15.89 -13.47
N ILE A 458 -27.93 -16.07 -14.39
CA ILE A 458 -29.28 -16.45 -13.99
C ILE A 458 -29.27 -17.81 -13.31
N HIS A 459 -28.45 -18.74 -13.82
CA HIS A 459 -28.37 -20.07 -13.22
C HIS A 459 -27.79 -20.01 -11.81
N GLN A 460 -26.77 -19.18 -11.60
CA GLN A 460 -26.20 -19.04 -10.25
C GLN A 460 -27.22 -18.46 -9.29
N LEU A 461 -27.94 -17.42 -9.72
CA LEU A 461 -28.94 -16.81 -8.85
C LEU A 461 -30.05 -17.80 -8.51
N THR A 462 -30.51 -18.56 -9.51
CA THR A 462 -31.57 -19.53 -9.27
C THR A 462 -31.09 -20.68 -8.39
N GLY A 463 -29.82 -21.08 -8.51
CA GLY A 463 -29.29 -22.09 -7.62
C GLY A 463 -29.26 -21.62 -6.17
N GLY A 464 -28.86 -20.37 -5.95
CA GLY A 464 -28.93 -19.81 -4.61
C GLY A 464 -30.34 -19.77 -4.06
N LEU A 465 -31.30 -19.37 -4.90
CA LEU A 465 -32.70 -19.34 -4.46
C LEU A 465 -33.21 -20.73 -4.12
N ARG A 466 -32.85 -21.74 -4.93
CA ARG A 466 -33.27 -23.10 -4.67
C ARG A 466 -32.64 -23.65 -3.39
N ALA A 467 -31.39 -23.29 -3.13
CA ALA A 467 -30.77 -23.68 -1.86
C ALA A 467 -31.51 -23.05 -0.68
N ALA A 468 -31.89 -21.78 -0.79
CA ALA A 468 -32.65 -21.15 0.29
C ALA A 468 -33.99 -21.83 0.50
N MET A 469 -34.67 -22.19 -0.59
CA MET A 469 -35.96 -22.87 -0.47
C MET A 469 -35.81 -24.26 0.14
N GLY A 470 -34.72 -24.96 -0.18
CA GLY A 470 -34.45 -26.23 0.45
C GLY A 470 -34.16 -26.10 1.94
N TYR A 471 -33.48 -25.01 2.32
CA TYR A 471 -33.16 -24.81 3.74
C TYR A 471 -34.39 -24.43 4.55
N THR A 472 -35.27 -23.61 3.99
CA THR A 472 -36.44 -23.16 4.75
C THR A 472 -37.63 -24.10 4.65
N GLY A 473 -37.55 -25.13 3.82
CA GLY A 473 -38.66 -26.05 3.67
C GLY A 473 -39.76 -25.56 2.76
N SER A 474 -39.44 -24.69 1.81
CA SER A 474 -40.43 -24.02 0.98
C SER A 474 -40.49 -24.72 -0.37
N ALA A 475 -41.63 -25.36 -0.66
CA ALA A 475 -41.82 -26.01 -1.94
C ALA A 475 -42.11 -25.01 -3.05
N THR A 476 -42.75 -23.89 -2.71
CA THR A 476 -43.10 -22.85 -3.68
C THR A 476 -42.62 -21.50 -3.16
N ILE A 477 -42.73 -20.49 -4.02
CA ILE A 477 -42.40 -19.13 -3.62
C ILE A 477 -43.42 -18.60 -2.62
N GLU A 478 -44.69 -18.99 -2.79
CA GLU A 478 -45.73 -18.57 -1.86
C GLU A 478 -45.48 -19.11 -0.46
N GLN A 479 -44.75 -20.22 -0.34
CA GLN A 479 -44.34 -20.73 0.97
C GLN A 479 -43.06 -20.07 1.45
N LEU A 480 -42.17 -19.69 0.54
CA LEU A 480 -40.98 -18.94 0.93
C LEU A 480 -41.35 -17.58 1.50
N GLN A 481 -42.46 -17.02 1.05
CA GLN A 481 -42.92 -15.74 1.58
C GLN A 481 -43.39 -15.82 3.02
N GLN A 482 -43.52 -17.02 3.58
CA GLN A 482 -43.93 -17.22 4.96
C GLN A 482 -42.76 -17.57 5.88
N ALA A 483 -41.53 -17.47 5.40
CA ALA A 483 -40.36 -17.81 6.19
C ALA A 483 -40.04 -16.72 7.21
N GLN A 484 -39.37 -17.12 8.28
CA GLN A 484 -39.00 -16.23 9.36
C GLN A 484 -37.55 -15.77 9.23
N PHE A 485 -37.25 -14.64 9.86
CA PHE A 485 -35.91 -14.06 9.89
C PHE A 485 -35.32 -14.12 11.28
N VAL A 486 -33.99 -14.04 11.33
CA VAL A 486 -33.25 -13.74 12.55
C VAL A 486 -32.43 -12.49 12.30
N GLN A 487 -32.54 -11.52 13.20
CA GLN A 487 -31.79 -10.27 13.09
C GLN A 487 -30.41 -10.46 13.72
N ILE A 488 -29.38 -9.99 13.03
CA ILE A 488 -28.02 -10.16 13.47
C ILE A 488 -27.45 -8.80 13.88
N THR A 489 -26.43 -8.84 14.72
CA THR A 489 -25.77 -7.64 15.22
C THR A 489 -24.63 -7.25 14.28
N ALA A 490 -23.95 -6.16 14.62
CA ALA A 490 -22.83 -5.71 13.81
C ALA A 490 -21.68 -6.71 13.83
N ALA A 491 -21.48 -7.41 14.96
CA ALA A 491 -20.41 -8.38 15.06
C ALA A 491 -20.57 -9.51 14.05
N GLY A 492 -21.81 -9.78 13.63
CA GLY A 492 -22.04 -10.79 12.62
C GLY A 492 -21.69 -10.38 11.21
N LEU A 493 -21.38 -9.10 11.00
CA LEU A 493 -20.95 -8.61 9.69
C LEU A 493 -19.45 -8.47 9.56
N LYS A 494 -18.71 -8.76 10.63
CA LYS A 494 -17.27 -8.52 10.65
C LYS A 494 -16.50 -9.72 10.15
N VAL B 12 -34.17 -4.39 39.44
CA VAL B 12 -33.90 -3.09 40.04
C VAL B 12 -32.70 -2.36 39.39
N PRO B 13 -31.55 -3.04 39.23
CA PRO B 13 -30.41 -2.37 38.60
C PRO B 13 -30.69 -2.03 37.14
N VAL B 14 -30.09 -0.92 36.71
CA VAL B 14 -30.14 -0.51 35.30
C VAL B 14 -29.40 -1.53 34.45
N PRO B 15 -29.91 -1.91 33.28
CA PRO B 15 -29.21 -2.92 32.46
C PRO B 15 -27.83 -2.51 32.00
N THR B 16 -27.51 -1.22 31.99
CA THR B 16 -26.17 -0.76 31.64
C THR B 16 -25.30 -0.47 32.85
N GLY B 17 -25.80 -0.69 34.06
CA GLY B 17 -24.97 -0.55 35.25
C GLY B 17 -25.49 0.45 36.25
N GLY B 18 -25.32 0.14 37.54
CA GLY B 18 -25.72 1.04 38.60
C GLY B 18 -27.20 0.96 38.92
N ASP B 19 -27.63 1.82 39.84
CA ASP B 19 -29.00 1.88 40.28
C ASP B 19 -29.74 3.12 39.80
N ASP B 20 -29.03 4.07 39.18
CA ASP B 20 -29.63 5.33 38.76
C ASP B 20 -30.08 5.22 37.30
N PRO B 21 -31.37 5.32 37.00
CA PRO B 21 -31.81 5.21 35.60
C PRO B 21 -31.57 6.45 34.77
N THR B 22 -31.22 7.58 35.38
CA THR B 22 -30.94 8.81 34.65
C THR B 22 -29.46 9.07 34.42
N LYS B 23 -28.58 8.13 34.83
CA LYS B 23 -27.15 8.34 34.66
C LYS B 23 -26.78 8.41 33.19
N VAL B 24 -27.33 7.51 32.37
CA VAL B 24 -27.23 7.59 30.92
C VAL B 24 -28.54 8.21 30.45
N ALA B 25 -28.52 9.51 30.18
CA ALA B 25 -29.76 10.26 30.01
C ALA B 25 -30.49 9.89 28.73
N MET B 26 -29.78 9.86 27.61
CA MET B 26 -30.42 9.65 26.32
C MET B 26 -29.57 8.73 25.45
N LEU B 27 -30.13 8.35 24.31
CA LEU B 27 -29.40 7.75 23.21
C LEU B 27 -29.29 8.79 22.11
N GLY B 28 -28.06 9.17 21.77
CA GLY B 28 -27.83 10.27 20.86
C GLY B 28 -27.74 9.82 19.41
N LEU B 29 -28.52 10.47 18.56
CA LEU B 29 -28.54 10.19 17.12
C LEU B 29 -27.77 11.27 16.38
N THR B 30 -26.91 10.86 15.47
CA THR B 30 -26.22 11.78 14.58
C THR B 30 -26.88 11.76 13.21
N PHE B 31 -26.28 12.49 12.26
CA PHE B 31 -26.86 12.61 10.93
C PHE B 31 -26.88 11.27 10.19
N ASP B 32 -25.91 10.40 10.47
CA ASP B 32 -25.82 9.11 9.78
C ASP B 32 -26.76 8.06 10.34
N ASP B 33 -27.45 8.33 11.44
CA ASP B 33 -28.35 7.35 12.01
C ASP B 33 -29.75 7.41 11.44
N VAL B 34 -30.08 8.45 10.67
CA VAL B 34 -31.44 8.69 10.22
C VAL B 34 -31.46 8.94 8.73
N LEU B 35 -32.63 8.70 8.13
CA LEU B 35 -32.92 9.06 6.76
C LEU B 35 -34.31 9.67 6.71
N LEU B 36 -34.55 10.49 5.69
CA LEU B 36 -35.86 11.08 5.48
C LEU B 36 -36.78 10.10 4.75
N LEU B 37 -37.97 9.91 5.28
CA LEU B 37 -38.95 9.03 4.65
C LEU B 37 -39.70 9.77 3.57
N PRO B 38 -39.89 9.19 2.38
CA PRO B 38 -40.74 9.80 1.37
C PRO B 38 -42.18 9.87 1.83
N ALA B 39 -42.87 10.94 1.44
CA ALA B 39 -44.27 11.15 1.78
C ALA B 39 -45.00 11.62 0.54
N ALA B 40 -46.32 11.76 0.66
CA ALA B 40 -47.13 12.24 -0.45
C ALA B 40 -46.68 13.62 -0.88
N SER B 41 -46.46 13.79 -2.18
CA SER B 41 -45.81 14.98 -2.70
C SER B 41 -46.51 15.48 -3.95
N ASP B 42 -46.84 16.76 -3.98
CA ASP B 42 -47.20 17.46 -5.20
C ASP B 42 -46.18 18.54 -5.53
N VAL B 43 -44.96 18.40 -5.02
CA VAL B 43 -43.95 19.46 -5.04
C VAL B 43 -42.94 19.14 -6.13
N VAL B 44 -42.72 20.10 -7.01
CA VAL B 44 -41.64 20.05 -8.01
C VAL B 44 -40.43 20.71 -7.38
N PRO B 45 -39.25 20.08 -7.40
CA PRO B 45 -38.10 20.65 -6.69
C PRO B 45 -37.75 22.07 -7.11
N ALA B 46 -37.96 22.42 -8.38
CA ALA B 46 -37.59 23.76 -8.83
C ALA B 46 -38.52 24.83 -8.26
N THR B 47 -39.76 24.48 -7.93
CA THR B 47 -40.72 25.42 -7.39
C THR B 47 -40.81 25.37 -5.87
N ALA B 48 -39.94 24.61 -5.21
CA ALA B 48 -39.93 24.57 -3.76
C ALA B 48 -39.38 25.87 -3.19
N ASP B 49 -39.98 26.33 -2.09
CA ASP B 49 -39.63 27.59 -1.45
C ASP B 49 -38.66 27.31 -0.30
N THR B 50 -37.38 27.64 -0.48
CA THR B 50 -36.35 27.34 0.50
C THR B 50 -36.07 28.52 1.44
N SER B 51 -37.03 29.42 1.62
CA SER B 51 -36.82 30.56 2.50
C SER B 51 -37.20 30.21 3.93
N SER B 52 -36.42 30.73 4.88
CA SER B 52 -36.64 30.41 6.28
C SER B 52 -36.18 31.58 7.14
N GLN B 53 -36.67 31.60 8.39
CA GLN B 53 -36.29 32.63 9.33
C GLN B 53 -34.89 32.40 9.87
N LEU B 54 -34.08 33.46 9.89
CA LEU B 54 -32.81 33.42 10.59
C LEU B 54 -32.98 33.80 12.05
N THR B 55 -33.68 34.91 12.31
CA THR B 55 -34.08 35.29 13.65
C THR B 55 -35.58 35.59 13.63
N LYS B 56 -36.11 36.14 14.72
CA LYS B 56 -37.52 36.48 14.76
C LYS B 56 -37.91 37.52 13.73
N ARG B 57 -36.96 38.33 13.25
CA ARG B 57 -37.26 39.44 12.35
C ARG B 57 -36.48 39.40 11.04
N ILE B 58 -35.66 38.39 10.79
CA ILE B 58 -34.87 38.31 9.57
C ILE B 58 -35.19 37.00 8.86
N ARG B 59 -35.46 37.09 7.56
CA ARG B 59 -35.78 35.92 6.75
C ARG B 59 -34.83 35.88 5.56
N LEU B 60 -34.23 34.71 5.32
CA LEU B 60 -33.30 34.51 4.23
C LEU B 60 -33.97 33.75 3.10
N ARG B 61 -33.51 34.00 1.88
CA ARG B 61 -33.97 33.22 0.74
C ARG B 61 -33.33 31.84 0.70
N VAL B 62 -32.13 31.71 1.27
CA VAL B 62 -31.41 30.45 1.34
C VAL B 62 -31.00 30.25 2.80
N PRO B 63 -31.39 29.15 3.44
CA PRO B 63 -31.17 29.00 4.89
C PRO B 63 -29.76 28.56 5.25
N LEU B 64 -28.76 29.33 4.82
CA LEU B 64 -27.37 29.01 5.05
C LEU B 64 -26.62 30.24 5.52
N VAL B 65 -25.71 30.05 6.49
CA VAL B 65 -24.94 31.13 7.08
C VAL B 65 -23.48 30.69 7.17
N SER B 66 -22.57 31.65 7.06
CA SER B 66 -21.16 31.42 7.28
C SER B 66 -20.85 31.34 8.78
N SER B 67 -19.72 30.72 9.11
CA SER B 67 -19.51 30.12 10.42
C SER B 67 -18.75 31.01 11.41
N ALA B 68 -18.31 32.21 11.01
CA ALA B 68 -17.57 33.11 11.89
C ALA B 68 -16.26 32.48 12.35
N MET B 69 -15.50 31.97 11.39
CA MET B 69 -14.17 31.44 11.63
C MET B 69 -13.17 32.22 10.79
N ASP B 70 -11.95 32.37 11.31
CA ASP B 70 -10.98 33.20 10.61
C ASP B 70 -10.49 32.59 9.30
N THR B 71 -10.82 31.32 9.03
CA THR B 71 -10.56 30.70 7.75
C THR B 71 -11.78 30.69 6.84
N VAL B 72 -12.91 31.24 7.27
CA VAL B 72 -14.14 31.14 6.49
C VAL B 72 -14.67 32.50 6.09
N THR B 73 -15.01 33.34 7.07
CA THR B 73 -15.80 34.54 6.81
C THR B 73 -14.98 35.81 7.04
N GLU B 74 -14.91 36.65 6.02
CA GLU B 74 -14.47 38.03 6.14
C GLU B 74 -15.38 38.84 5.22
N SER B 75 -14.99 40.07 4.90
CA SER B 75 -15.89 40.95 4.16
C SER B 75 -16.26 40.35 2.80
N ARG B 76 -15.29 39.76 2.10
CA ARG B 76 -15.57 39.17 0.80
C ARG B 76 -16.55 38.01 0.91
N MET B 77 -16.32 37.12 1.88
CA MET B 77 -17.23 35.99 2.08
C MET B 77 -18.62 36.47 2.52
N ALA B 78 -18.67 37.49 3.38
CA ALA B 78 -19.96 38.01 3.82
C ALA B 78 -20.76 38.59 2.66
N ILE B 79 -20.08 39.36 1.79
CA ILE B 79 -20.76 39.92 0.62
C ILE B 79 -21.24 38.82 -0.31
N ALA B 80 -20.39 37.82 -0.57
CA ALA B 80 -20.77 36.72 -1.46
C ALA B 80 -21.95 35.94 -0.89
N MET B 81 -21.94 35.68 0.42
CA MET B 81 -23.03 34.93 1.04
C MET B 81 -24.33 35.72 1.01
N ALA B 82 -24.27 37.03 1.25
CA ALA B 82 -25.49 37.84 1.17
C ALA B 82 -26.02 37.88 -0.26
N ARG B 83 -25.14 37.94 -1.25
CA ARG B 83 -25.58 37.92 -2.64
C ARG B 83 -26.20 36.56 -3.01
N ALA B 84 -25.65 35.47 -2.48
CA ALA B 84 -26.17 34.15 -2.79
C ALA B 84 -27.55 33.91 -2.20
N GLY B 85 -27.96 34.67 -1.19
CA GLY B 85 -29.26 34.52 -0.58
C GLY B 85 -29.23 34.25 0.92
N GLY B 86 -28.07 33.97 1.50
CA GLY B 86 -27.98 33.74 2.93
C GLY B 86 -27.35 34.90 3.67
N MET B 87 -26.40 34.62 4.55
CA MET B 87 -25.74 35.66 5.30
C MET B 87 -24.38 35.14 5.75
N GLY B 88 -23.52 36.07 6.15
CA GLY B 88 -22.24 35.72 6.72
C GLY B 88 -22.04 36.40 8.05
N VAL B 89 -21.30 35.72 8.93
CA VAL B 89 -20.98 36.23 10.26
C VAL B 89 -19.49 36.45 10.33
N LEU B 90 -19.08 37.70 10.54
CA LEU B 90 -17.65 38.03 10.60
C LEU B 90 -17.04 37.53 11.89
N HIS B 91 -15.85 36.94 11.80
CA HIS B 91 -15.19 36.42 12.97
C HIS B 91 -14.64 37.56 13.83
N ARG B 92 -14.26 37.21 15.06
CA ARG B 92 -13.79 38.19 16.04
C ARG B 92 -12.34 37.96 16.45
N ASN B 93 -11.57 37.25 15.64
CA ASN B 93 -10.16 37.00 15.92
C ASN B 93 -9.28 38.10 15.33
N LEU B 94 -9.61 39.35 15.65
CA LEU B 94 -8.95 40.52 15.09
C LEU B 94 -9.35 41.73 15.92
N PRO B 95 -8.62 42.85 15.80
CA PRO B 95 -8.96 44.03 16.59
C PRO B 95 -10.35 44.56 16.28
N VAL B 96 -10.89 45.32 17.24
CA VAL B 96 -12.23 45.87 17.10
C VAL B 96 -12.31 46.80 15.89
N ALA B 97 -11.26 47.58 15.65
CA ALA B 97 -11.26 48.51 14.52
C ALA B 97 -11.35 47.76 13.19
N GLU B 98 -10.62 46.66 13.05
CA GLU B 98 -10.64 45.91 11.80
C GLU B 98 -12.00 45.26 11.56
N GLN B 99 -12.60 44.70 12.60
CA GLN B 99 -13.92 44.10 12.45
C GLN B 99 -14.97 45.14 12.10
N ALA B 100 -14.91 46.31 12.73
CA ALA B 100 -15.83 47.39 12.39
C ALA B 100 -15.60 47.87 10.95
N GLY B 101 -14.35 47.91 10.52
CA GLY B 101 -14.06 48.27 9.14
C GLY B 101 -14.60 47.27 8.15
N GLN B 102 -14.57 45.98 8.50
CA GLN B 102 -15.15 44.97 7.62
C GLN B 102 -16.67 45.08 7.59
N VAL B 103 -17.30 45.40 8.73
CA VAL B 103 -18.73 45.64 8.73
C VAL B 103 -19.07 46.80 7.81
N GLU B 104 -18.29 47.89 7.89
CA GLU B 104 -18.53 49.04 7.02
C GLU B 104 -18.30 48.70 5.56
N THR B 105 -17.29 47.88 5.26
CA THR B 105 -17.05 47.46 3.89
C THR B 105 -18.22 46.67 3.33
N VAL B 106 -18.77 45.74 4.13
CA VAL B 106 -19.92 44.98 3.66
C VAL B 106 -21.13 45.89 3.49
N LYS B 107 -21.34 46.82 4.42
CA LYS B 107 -22.53 47.66 4.39
C LYS B 107 -22.50 48.69 3.27
N ARG B 108 -21.31 49.04 2.77
CA ARG B 108 -21.15 50.03 1.71
C ARG B 108 -20.75 49.38 0.39
N SER B 109 -21.32 48.22 0.09
CA SER B 109 -20.92 47.46 -1.10
C SER B 109 -21.78 47.82 -2.31
N GLU B 110 -23.08 47.60 -2.22
CA GLU B 110 -23.98 47.89 -3.33
C GLU B 110 -25.25 48.52 -2.77
N ALA B 111 -25.72 49.57 -3.45
CA ALA B 111 -26.84 50.39 -2.99
C ALA B 111 -26.60 50.95 -1.60
N GLY B 112 -25.34 51.05 -1.20
CA GLY B 112 -24.95 51.57 0.11
C GLY B 112 -24.45 52.99 0.12
N MET B 113 -24.35 53.64 -1.03
CA MET B 113 -23.92 55.03 -1.12
C MET B 113 -25.08 56.00 -1.30
N VAL B 114 -26.33 55.52 -1.28
CA VAL B 114 -27.45 56.38 -1.63
C VAL B 114 -27.93 57.25 -0.48
N THR B 115 -27.38 57.08 0.71
CA THR B 115 -27.81 57.93 1.82
C THR B 115 -26.65 58.60 2.55
N ASP B 116 -25.53 57.91 2.70
CA ASP B 116 -24.34 58.46 3.36
C ASP B 116 -23.12 58.13 2.49
N PRO B 117 -22.98 58.81 1.35
CA PRO B 117 -21.93 58.43 0.40
C PRO B 117 -20.54 58.71 0.95
N VAL B 118 -19.58 57.93 0.47
CA VAL B 118 -18.18 58.20 0.75
C VAL B 118 -17.68 59.24 -0.24
N THR B 119 -16.98 60.25 0.26
CA THR B 119 -16.56 61.38 -0.53
C THR B 119 -15.07 61.61 -0.33
N CYS B 120 -14.50 62.45 -1.19
CA CYS B 120 -13.11 62.85 -1.08
C CYS B 120 -13.02 64.37 -1.19
N SER B 121 -12.12 64.96 -0.42
CA SER B 121 -11.88 66.39 -0.48
C SER B 121 -10.99 66.71 -1.68
N PRO B 122 -11.07 67.94 -2.20
CA PRO B 122 -10.18 68.31 -3.32
C PRO B 122 -8.71 68.29 -2.96
N ASP B 123 -8.37 68.33 -1.67
CA ASP B 123 -6.97 68.28 -1.25
C ASP B 123 -6.43 66.86 -1.15
N ASN B 124 -7.28 65.85 -1.33
CA ASN B 124 -6.83 64.46 -1.25
C ASN B 124 -5.93 64.12 -2.44
N THR B 125 -4.97 63.25 -2.20
CA THR B 125 -4.14 62.74 -3.27
C THR B 125 -4.85 61.62 -4.02
N LEU B 126 -4.34 61.31 -5.21
CA LEU B 126 -4.91 60.23 -5.99
C LEU B 126 -4.73 58.89 -5.32
N ALA B 127 -3.67 58.74 -4.52
CA ALA B 127 -3.42 57.47 -3.83
C ALA B 127 -4.53 57.16 -2.84
N GLU B 128 -4.98 58.16 -2.08
CA GLU B 128 -6.05 57.93 -1.11
C GLU B 128 -7.35 57.56 -1.81
N VAL B 129 -7.67 58.24 -2.92
CA VAL B 129 -8.87 57.91 -3.67
C VAL B 129 -8.80 56.49 -4.22
N ASP B 130 -7.64 56.10 -4.74
CA ASP B 130 -7.48 54.75 -5.27
C ASP B 130 -7.61 53.71 -4.15
N ALA B 131 -7.06 54.00 -2.97
CA ALA B 131 -7.19 53.07 -1.84
C ALA B 131 -8.65 52.91 -1.43
N MET B 132 -9.39 54.02 -1.36
CA MET B 132 -10.81 53.94 -1.01
C MET B 132 -11.59 53.17 -2.07
N CYS B 133 -11.29 53.40 -3.35
CA CYS B 133 -11.99 52.70 -4.41
C CYS B 133 -11.69 51.21 -4.40
N ALA B 134 -10.44 50.84 -4.08
CA ALA B 134 -10.09 49.42 -3.99
C ALA B 134 -10.75 48.77 -2.77
N ARG B 135 -10.87 49.52 -1.67
CA ARG B 135 -11.54 48.96 -0.50
C ARG B 135 -13.02 48.73 -0.75
N PHE B 136 -13.70 49.72 -1.29
CA PHE B 136 -15.15 49.64 -1.47
C PHE B 136 -15.57 49.06 -2.81
N ARG B 137 -14.61 48.72 -3.68
N ARG B 137 -14.61 48.76 -3.69
CA ARG B 137 -14.90 48.17 -5.00
CA ARG B 137 -14.90 48.16 -5.00
C ARG B 137 -15.80 49.08 -5.81
C ARG B 137 -15.77 49.08 -5.85
N ILE B 138 -15.44 50.36 -5.85
CA ILE B 138 -16.15 51.36 -6.65
C ILE B 138 -15.15 52.04 -7.57
N SER B 139 -15.68 52.68 -8.60
CA SER B 139 -14.85 53.27 -9.65
C SER B 139 -14.89 54.80 -9.66
N GLY B 140 -15.06 55.42 -8.50
CA GLY B 140 -15.03 56.86 -8.43
C GLY B 140 -15.85 57.39 -7.28
N LEU B 141 -15.55 58.63 -6.89
CA LEU B 141 -16.17 59.31 -5.77
C LEU B 141 -16.60 60.70 -6.15
N PRO B 142 -17.70 61.18 -5.57
CA PRO B 142 -18.00 62.62 -5.64
C PRO B 142 -17.00 63.41 -4.80
N VAL B 143 -16.74 64.64 -5.24
CA VAL B 143 -15.81 65.53 -4.57
C VAL B 143 -16.60 66.71 -4.04
N VAL B 144 -16.52 66.93 -2.72
CA VAL B 144 -17.15 68.04 -2.05
C VAL B 144 -16.08 68.82 -1.31
N ASP B 145 -16.35 70.10 -1.06
CA ASP B 145 -15.40 71.00 -0.44
C ASP B 145 -15.63 71.08 1.07
N ASP B 146 -14.84 71.93 1.72
CA ASP B 146 -15.03 72.16 3.16
C ASP B 146 -16.35 72.83 3.45
N THR B 147 -16.82 73.70 2.56
CA THR B 147 -18.13 74.33 2.72
C THR B 147 -19.26 73.32 2.70
N GLY B 148 -19.05 72.16 2.08
CA GLY B 148 -20.08 71.16 1.95
C GLY B 148 -20.83 71.17 0.64
N GLU B 149 -20.27 71.78 -0.41
CA GLU B 149 -20.91 71.83 -1.72
C GLU B 149 -20.28 70.81 -2.65
N LEU B 150 -21.12 70.15 -3.44
CA LEU B 150 -20.64 69.18 -4.43
C LEU B 150 -19.87 69.92 -5.52
N VAL B 151 -18.55 69.78 -5.52
CA VAL B 151 -17.72 70.50 -6.47
C VAL B 151 -17.33 69.68 -7.69
N GLY B 152 -17.43 68.36 -7.63
CA GLY B 152 -17.10 67.56 -8.80
C GLY B 152 -17.25 66.07 -8.56
N ILE B 153 -16.60 65.30 -9.42
CA ILE B 153 -16.60 63.84 -9.29
C ILE B 153 -15.37 63.31 -10.04
N ILE B 154 -14.68 62.36 -9.42
CA ILE B 154 -13.46 61.79 -9.98
C ILE B 154 -13.63 60.28 -10.08
N THR B 155 -13.40 59.73 -11.26
CA THR B 155 -13.67 58.33 -11.56
C THR B 155 -12.42 57.64 -12.09
N ASN B 156 -12.61 56.41 -12.60
CA ASN B 156 -11.48 55.61 -13.06
C ASN B 156 -10.85 56.19 -14.32
N ARG B 157 -11.67 56.70 -15.24
CA ARG B 157 -11.12 57.27 -16.48
C ARG B 157 -10.24 58.48 -16.19
N ASP B 158 -10.55 59.23 -15.14
CA ASP B 158 -9.75 60.41 -14.81
C ASP B 158 -8.37 60.03 -14.31
N MET B 159 -8.24 58.92 -13.59
CA MET B 159 -7.00 58.56 -12.94
C MET B 159 -6.21 57.46 -13.64
N ARG B 160 -6.73 56.89 -14.73
CA ARG B 160 -6.13 55.66 -15.25
C ARG B 160 -4.82 55.91 -15.97
N PHE B 161 -4.51 57.14 -16.36
CA PHE B 161 -3.25 57.44 -17.03
C PHE B 161 -2.37 58.40 -16.25
N GLU B 162 -2.79 58.86 -15.07
CA GLU B 162 -1.99 59.80 -14.29
C GLU B 162 -0.84 59.04 -13.64
N VAL B 163 0.38 59.28 -14.10
CA VAL B 163 1.54 58.59 -13.56
C VAL B 163 1.83 59.07 -12.14
N ASP B 164 1.69 60.37 -11.89
CA ASP B 164 1.91 60.91 -10.56
C ASP B 164 0.68 60.64 -9.69
N GLN B 165 0.86 59.81 -8.66
CA GLN B 165 -0.21 59.50 -7.74
C GLN B 165 -0.34 60.51 -6.60
N SER B 166 0.58 61.48 -6.52
CA SER B 166 0.55 62.48 -5.47
C SER B 166 -0.18 63.75 -5.86
N LYS B 167 -0.77 63.79 -7.06
CA LYS B 167 -1.53 64.95 -7.48
C LYS B 167 -2.81 65.09 -6.64
N PRO B 168 -3.28 66.31 -6.44
CA PRO B 168 -4.56 66.49 -5.75
C PRO B 168 -5.74 66.12 -6.64
N VAL B 169 -6.90 65.95 -6.00
CA VAL B 169 -8.11 65.60 -6.72
C VAL B 169 -8.57 66.73 -7.62
N SER B 170 -8.32 67.98 -7.22
CA SER B 170 -8.83 69.13 -7.97
C SER B 170 -8.28 69.16 -9.39
N GLU B 171 -7.01 68.81 -9.57
CA GLU B 171 -6.40 68.85 -10.89
C GLU B 171 -6.98 67.81 -11.84
N VAL B 172 -7.54 66.73 -11.31
CA VAL B 172 -7.96 65.60 -12.13
C VAL B 172 -9.48 65.46 -12.22
N MET B 173 -10.23 65.93 -11.22
CA MET B 173 -11.66 65.68 -11.16
C MET B 173 -12.40 66.37 -12.29
N THR B 174 -13.60 65.88 -12.56
CA THR B 174 -14.52 66.54 -13.47
C THR B 174 -15.34 67.56 -12.67
N LYS B 175 -15.09 68.84 -12.92
CA LYS B 175 -15.66 69.90 -12.09
C LYS B 175 -17.14 70.08 -12.40
N ALA B 176 -17.84 70.66 -11.43
CA ALA B 176 -19.26 70.95 -11.59
C ALA B 176 -19.47 71.99 -12.69
N PRO B 177 -20.65 72.00 -13.33
CA PRO B 177 -21.86 71.21 -13.07
C PRO B 177 -21.77 69.76 -13.53
N LEU B 178 -22.63 68.91 -12.97
CA LEU B 178 -22.66 67.48 -13.27
C LEU B 178 -24.07 67.09 -13.67
N ILE B 179 -24.21 65.89 -14.21
CA ILE B 179 -25.52 65.31 -14.45
C ILE B 179 -25.97 64.67 -13.14
N THR B 180 -27.02 65.21 -12.54
CA THR B 180 -27.49 64.77 -11.23
C THR B 180 -28.99 64.49 -11.30
N ALA B 181 -29.49 63.91 -10.21
CA ALA B 181 -30.92 63.70 -10.02
C ALA B 181 -31.29 64.11 -8.61
N LYS B 182 -32.55 64.48 -8.42
CA LYS B 182 -33.04 64.90 -7.12
C LYS B 182 -33.30 63.69 -6.23
N GLU B 183 -33.56 63.96 -4.95
CA GLU B 183 -33.86 62.90 -4.00
C GLU B 183 -35.18 62.23 -4.35
N GLY B 184 -35.29 60.95 -3.98
CA GLY B 184 -36.48 60.19 -4.31
C GLY B 184 -36.57 59.78 -5.76
N VAL B 185 -35.45 59.68 -6.46
CA VAL B 185 -35.45 59.24 -7.84
C VAL B 185 -35.64 57.73 -7.89
N SER B 186 -36.49 57.28 -8.82
CA SER B 186 -36.73 55.86 -8.98
C SER B 186 -35.58 55.20 -9.71
N ALA B 187 -35.58 53.87 -9.71
CA ALA B 187 -34.55 53.12 -10.44
C ALA B 187 -34.65 53.36 -11.94
N GLU B 188 -35.87 53.39 -12.47
CA GLU B 188 -36.05 53.57 -13.91
C GLU B 188 -35.57 54.94 -14.37
N ALA B 189 -35.84 55.98 -13.58
CA ALA B 189 -35.40 57.33 -13.96
C ALA B 189 -33.87 57.43 -13.96
N ALA B 190 -33.23 56.86 -12.93
CA ALA B 190 -31.77 56.87 -12.89
C ALA B 190 -31.17 56.08 -14.05
N LEU B 191 -31.76 54.92 -14.35
CA LEU B 191 -31.27 54.11 -15.46
C LEU B 191 -31.43 54.85 -16.78
N GLY B 192 -32.57 55.53 -16.96
CA GLY B 192 -32.77 56.31 -18.17
C GLY B 192 -31.78 57.45 -18.31
N LEU B 193 -31.49 58.14 -17.20
CA LEU B 193 -30.50 59.20 -17.24
C LEU B 193 -29.12 58.66 -17.59
N LEU B 194 -28.74 57.53 -16.99
CA LEU B 194 -27.43 56.95 -17.28
C LEU B 194 -27.33 56.50 -18.73
N ARG B 195 -28.39 55.90 -19.27
CA ARG B 195 -28.38 55.50 -20.68
C ARG B 195 -28.35 56.71 -21.60
N ARG B 196 -29.03 57.79 -21.21
CA ARG B 196 -29.08 58.97 -22.06
C ARG B 196 -27.74 59.69 -22.13
N HIS B 197 -27.12 59.92 -20.98
CA HIS B 197 -25.91 60.73 -20.93
C HIS B 197 -24.64 59.90 -21.09
N LYS B 198 -24.76 58.58 -21.26
CA LYS B 198 -23.61 57.70 -21.47
C LYS B 198 -22.62 57.81 -20.31
N ILE B 199 -23.14 57.75 -19.09
CA ILE B 199 -22.33 57.81 -17.89
C ILE B 199 -22.69 56.61 -17.01
N GLU B 200 -21.90 56.41 -15.95
CA GLU B 200 -22.11 55.32 -15.03
C GLU B 200 -22.37 55.77 -13.61
N LYS B 201 -22.32 57.07 -13.32
CA LYS B 201 -22.52 57.58 -11.99
C LYS B 201 -23.53 58.72 -12.00
N LEU B 202 -24.21 58.90 -10.87
CA LEU B 202 -25.30 59.86 -10.76
C LEU B 202 -25.36 60.32 -9.31
N PRO B 203 -24.82 61.51 -9.01
CA PRO B 203 -25.00 62.08 -7.68
C PRO B 203 -26.46 62.46 -7.44
N ILE B 204 -26.87 62.40 -6.18
CA ILE B 204 -28.23 62.75 -5.78
C ILE B 204 -28.14 63.89 -4.78
N VAL B 205 -28.79 65.00 -5.09
CA VAL B 205 -28.68 66.23 -4.32
C VAL B 205 -30.06 66.61 -3.78
N ASP B 206 -30.05 67.49 -2.79
CA ASP B 206 -31.28 68.02 -2.21
C ASP B 206 -31.69 69.30 -2.95
N GLY B 207 -32.65 70.02 -2.40
CA GLY B 207 -33.09 71.28 -3.00
C GLY B 207 -32.07 72.39 -2.88
N HIS B 208 -31.13 72.28 -1.95
CA HIS B 208 -30.07 73.27 -1.79
C HIS B 208 -28.82 72.96 -2.61
N GLY B 209 -28.84 71.88 -3.39
CA GLY B 209 -27.67 71.52 -4.17
C GLY B 209 -26.57 70.85 -3.39
N LYS B 210 -26.88 70.28 -2.23
CA LYS B 210 -25.92 69.60 -1.39
C LYS B 210 -25.98 68.09 -1.65
N LEU B 211 -24.82 67.45 -1.56
CA LEU B 211 -24.74 66.03 -1.89
C LEU B 211 -25.37 65.17 -0.79
N THR B 212 -26.30 64.31 -1.17
CA THR B 212 -26.95 63.40 -0.24
C THR B 212 -26.83 61.93 -0.62
N GLY B 213 -26.64 61.60 -1.90
CA GLY B 213 -26.56 60.21 -2.30
C GLY B 213 -25.74 60.02 -3.55
N LEU B 214 -25.50 58.76 -3.89
CA LEU B 214 -24.77 58.39 -5.10
C LEU B 214 -25.40 57.13 -5.69
N ILE B 215 -25.50 57.08 -7.01
CA ILE B 215 -25.99 55.90 -7.72
C ILE B 215 -24.97 55.54 -8.78
N THR B 216 -24.75 54.24 -8.97
CA THR B 216 -23.80 53.73 -9.95
C THR B 216 -24.48 52.65 -10.79
N VAL B 217 -23.86 52.32 -11.91
CA VAL B 217 -24.34 51.21 -12.73
C VAL B 217 -24.13 49.87 -12.02
N LYS B 218 -23.22 49.84 -11.05
CA LYS B 218 -22.99 48.63 -10.27
C LYS B 218 -24.25 48.17 -9.54
N ASP B 219 -25.09 49.12 -9.10
CA ASP B 219 -26.34 48.75 -8.44
C ASP B 219 -27.23 47.92 -9.36
N PHE B 220 -27.43 48.40 -10.59
CA PHE B 220 -28.28 47.68 -11.53
C PHE B 220 -27.65 46.36 -11.93
N VAL B 221 -26.33 46.35 -12.13
CA VAL B 221 -25.66 45.11 -12.54
C VAL B 221 -25.80 44.05 -11.45
N LYS B 222 -25.59 44.42 -10.19
CA LYS B 222 -25.68 43.46 -9.11
C LYS B 222 -27.12 43.03 -8.87
N THR B 223 -28.08 43.95 -9.04
CA THR B 223 -29.48 43.56 -8.93
C THR B 223 -29.84 42.54 -10.00
N GLU B 224 -29.29 42.69 -11.21
CA GLU B 224 -29.57 41.74 -12.28
C GLU B 224 -28.90 40.40 -12.02
N GLN B 225 -27.64 40.42 -11.57
CA GLN B 225 -26.91 39.17 -11.35
C GLN B 225 -27.47 38.37 -10.19
N PHE B 226 -27.76 39.04 -9.07
CA PHE B 226 -28.12 38.36 -7.81
C PHE B 226 -29.52 38.80 -7.40
N PRO B 227 -30.56 38.08 -7.84
CA PRO B 227 -31.93 38.43 -7.45
C PRO B 227 -32.36 37.92 -6.09
N LEU B 228 -31.48 37.23 -5.36
CA LEU B 228 -31.81 36.64 -4.07
C LEU B 228 -31.11 37.34 -2.91
N SER B 229 -30.56 38.53 -3.13
CA SER B 229 -29.70 39.16 -2.14
C SER B 229 -30.46 39.47 -0.85
N THR B 230 -29.76 39.30 0.28
CA THR B 230 -30.31 39.59 1.59
C THR B 230 -30.03 41.05 1.91
N LYS B 231 -31.08 41.83 2.10
CA LYS B 231 -30.95 43.27 2.26
C LYS B 231 -31.82 43.76 3.41
N ASP B 232 -31.44 44.91 3.97
CA ASP B 232 -32.20 45.55 5.03
C ASP B 232 -33.18 46.56 4.43
N SER B 233 -33.74 47.41 5.29
CA SER B 233 -34.71 48.40 4.83
C SER B 233 -34.09 49.41 3.87
N ASP B 234 -32.82 49.76 4.08
CA ASP B 234 -32.15 50.73 3.24
C ASP B 234 -31.60 50.14 1.95
N GLY B 235 -31.74 48.83 1.74
CA GLY B 235 -31.23 48.19 0.55
C GLY B 235 -29.78 47.78 0.61
N ARG B 236 -29.16 47.81 1.78
CA ARG B 236 -27.79 47.37 1.94
C ARG B 236 -27.75 45.89 2.34
N LEU B 237 -26.63 45.24 2.02
CA LEU B 237 -26.48 43.83 2.32
C LEU B 237 -26.44 43.59 3.82
N LEU B 238 -27.05 42.49 4.26
CA LEU B 238 -27.04 42.10 5.66
C LEU B 238 -25.72 41.45 6.03
N VAL B 239 -25.24 41.74 7.23
CA VAL B 239 -24.02 41.15 7.75
C VAL B 239 -24.19 40.90 9.24
N GLY B 240 -23.48 39.90 9.76
CA GLY B 240 -23.47 39.62 11.17
C GLY B 240 -22.05 39.56 11.69
N ALA B 241 -21.92 39.74 13.00
CA ALA B 241 -20.61 39.76 13.63
C ALA B 241 -20.66 39.02 14.96
N ALA B 242 -19.53 38.44 15.33
CA ALA B 242 -19.41 37.66 16.55
C ALA B 242 -18.73 38.47 17.65
N VAL B 243 -19.22 38.31 18.88
CA VAL B 243 -18.61 38.93 20.05
C VAL B 243 -18.51 37.87 21.14
N GLY B 244 -17.67 38.15 22.13
CA GLY B 244 -17.44 37.28 23.26
C GLY B 244 -18.21 37.71 24.49
N VAL B 245 -17.61 37.48 25.65
CA VAL B 245 -18.17 37.89 26.93
C VAL B 245 -17.11 38.66 27.70
N GLY B 246 -17.52 39.77 28.31
CA GLY B 246 -16.63 40.60 29.09
C GLY B 246 -16.87 42.07 28.79
N ASP B 247 -15.85 42.89 29.08
CA ASP B 247 -15.91 44.32 28.84
C ASP B 247 -15.37 44.71 27.48
N ASP B 248 -14.27 44.08 27.06
CA ASP B 248 -13.81 44.24 25.68
C ASP B 248 -14.89 43.79 24.71
N ALA B 249 -15.63 42.74 25.08
CA ALA B 249 -16.74 42.28 24.24
C ALA B 249 -17.83 43.33 24.15
N TRP B 250 -18.12 44.01 25.26
CA TRP B 250 -19.13 45.07 25.22
C TRP B 250 -18.69 46.24 24.35
N THR B 251 -17.43 46.64 24.47
CA THR B 251 -16.91 47.71 23.62
C THR B 251 -16.96 47.31 22.15
N ARG B 252 -16.58 46.07 21.85
CA ARG B 252 -16.63 45.57 20.47
C ARG B 252 -18.07 45.56 19.95
N ALA B 253 -19.02 45.11 20.77
CA ALA B 253 -20.41 45.07 20.34
C ALA B 253 -20.94 46.46 20.06
N MET B 254 -20.60 47.44 20.91
CA MET B 254 -21.06 48.80 20.68
C MET B 254 -20.46 49.38 19.40
N THR B 255 -19.16 49.14 19.18
CA THR B 255 -18.53 49.61 17.94
C THR B 255 -19.15 48.97 16.72
N LEU B 256 -19.45 47.67 16.79
CA LEU B 256 -20.06 46.98 15.66
C LEU B 256 -21.47 47.49 15.38
N VAL B 257 -22.24 47.77 16.44
CA VAL B 257 -23.58 48.33 16.24
C VAL B 257 -23.48 49.70 15.60
N ASP B 258 -22.49 50.50 16.01
CA ASP B 258 -22.30 51.80 15.37
C ASP B 258 -21.90 51.66 13.92
N ALA B 259 -21.11 50.62 13.59
CA ALA B 259 -20.70 50.40 12.21
C ALA B 259 -21.83 49.91 11.32
N GLY B 260 -22.99 49.57 11.88
CA GLY B 260 -24.13 49.16 11.11
C GLY B 260 -24.39 47.67 11.05
N VAL B 261 -23.93 46.90 12.03
CA VAL B 261 -24.16 45.46 12.03
C VAL B 261 -25.66 45.19 12.17
N ASP B 262 -26.11 44.05 11.66
CA ASP B 262 -27.51 43.66 11.73
C ASP B 262 -27.79 42.56 12.75
N VAL B 263 -26.85 41.64 12.94
CA VAL B 263 -26.99 40.54 13.88
C VAL B 263 -25.73 40.47 14.73
N LEU B 264 -25.90 40.31 16.03
CA LEU B 264 -24.80 40.06 16.96
C LEU B 264 -24.91 38.64 17.47
N ILE B 265 -23.82 37.90 17.41
CA ILE B 265 -23.77 36.51 17.87
C ILE B 265 -22.78 36.44 19.02
N VAL B 266 -23.28 36.11 20.22
CA VAL B 266 -22.42 35.88 21.37
C VAL B 266 -21.78 34.51 21.17
N ASP B 267 -20.52 34.50 20.73
CA ASP B 267 -19.87 33.31 20.16
C ASP B 267 -19.03 32.63 21.23
N THR B 268 -19.61 31.63 21.88
CA THR B 268 -18.94 30.87 22.93
C THR B 268 -19.14 29.38 22.70
N ALA B 269 -18.22 28.59 23.26
CA ALA B 269 -18.31 27.14 23.14
C ALA B 269 -19.35 26.53 24.07
N HIS B 270 -19.62 27.17 25.21
CA HIS B 270 -20.58 26.66 26.20
C HIS B 270 -21.41 27.84 26.68
N ALA B 271 -22.62 27.97 26.16
CA ALA B 271 -23.46 29.12 26.43
C ALA B 271 -24.34 28.96 27.67
N HIS B 272 -24.33 27.78 28.31
CA HIS B 272 -25.10 27.58 29.53
C HIS B 272 -24.29 28.09 30.72
N ASN B 273 -24.11 29.42 30.74
CA ASN B 273 -23.24 30.08 31.68
C ASN B 273 -23.86 31.43 32.03
N ARG B 274 -23.70 31.85 33.29
CA ARG B 274 -24.29 33.12 33.71
C ARG B 274 -23.69 34.31 32.97
N GLY B 275 -22.39 34.25 32.65
CA GLY B 275 -21.79 35.33 31.89
C GLY B 275 -22.42 35.51 30.52
N VAL B 276 -22.60 34.40 29.80
CA VAL B 276 -23.19 34.47 28.46
C VAL B 276 -24.62 34.96 28.52
N LEU B 277 -25.40 34.45 29.49
CA LEU B 277 -26.79 34.86 29.60
C LEU B 277 -26.92 36.33 29.98
N ASP B 278 -26.06 36.81 30.89
CA ASP B 278 -26.07 38.22 31.24
C ASP B 278 -25.66 39.09 30.07
N MET B 279 -24.68 38.64 29.28
CA MET B 279 -24.28 39.39 28.10
C MET B 279 -25.42 39.48 27.10
N VAL B 280 -26.14 38.37 26.90
CA VAL B 280 -27.29 38.38 25.99
C VAL B 280 -28.36 39.33 26.48
N SER B 281 -28.66 39.31 27.79
CA SER B 281 -29.66 40.21 28.34
C SER B 281 -29.24 41.68 28.20
N ARG B 282 -27.97 41.98 28.47
CA ARG B 282 -27.50 43.35 28.34
C ARG B 282 -27.59 43.83 26.90
N LEU B 283 -27.18 42.99 25.95
CA LEU B 283 -27.25 43.40 24.55
C LEU B 283 -28.69 43.59 24.10
N LYS B 284 -29.59 42.70 24.53
CA LYS B 284 -30.99 42.83 24.17
C LYS B 284 -31.61 44.08 24.78
N GLN B 285 -31.14 44.49 25.97
CA GLN B 285 -31.64 45.71 26.58
C GLN B 285 -31.12 46.95 25.86
N ALA B 286 -29.83 46.96 25.55
CA ALA B 286 -29.20 48.17 25.01
C ALA B 286 -29.53 48.38 23.54
N VAL B 287 -29.29 47.37 22.70
CA VAL B 287 -29.40 47.53 21.26
C VAL B 287 -30.41 46.54 20.69
N GLY B 288 -31.43 46.20 21.49
CA GLY B 288 -32.39 45.20 21.07
C GLY B 288 -33.37 45.68 20.02
N GLU B 289 -33.58 46.98 19.91
CA GLU B 289 -34.52 47.53 18.94
C GLU B 289 -33.89 47.81 17.58
N ARG B 290 -32.58 47.63 17.44
CA ARG B 290 -31.88 47.87 16.20
C ARG B 290 -31.28 46.61 15.60
N VAL B 291 -30.61 45.79 16.40
CA VAL B 291 -29.96 44.58 15.93
C VAL B 291 -30.59 43.38 16.62
N ASP B 292 -30.32 42.20 16.08
CA ASP B 292 -30.76 40.95 16.66
C ASP B 292 -29.60 40.27 17.36
N VAL B 293 -29.91 39.58 18.47
CA VAL B 293 -28.90 38.95 19.31
C VAL B 293 -29.13 37.44 19.26
N VAL B 294 -28.09 36.70 18.92
CA VAL B 294 -28.14 35.25 18.80
C VAL B 294 -27.27 34.65 19.91
N GLY B 295 -27.84 33.70 20.64
CA GLY B 295 -27.13 33.10 21.75
C GLY B 295 -26.18 31.99 21.31
N GLY B 296 -25.16 31.78 22.12
CA GLY B 296 -24.07 30.86 21.80
C GLY B 296 -24.52 29.43 21.72
N ASN B 297 -23.52 28.55 21.65
CA ASN B 297 -23.78 27.14 21.35
C ASN B 297 -24.33 26.40 22.57
N VAL B 298 -25.40 25.64 22.33
CA VAL B 298 -26.01 24.80 23.34
C VAL B 298 -26.21 23.41 22.75
N ALA B 299 -26.48 22.44 23.62
CA ALA B 299 -26.75 21.09 23.15
C ALA B 299 -27.91 20.41 23.87
N THR B 300 -28.52 21.04 24.87
CA THR B 300 -29.58 20.42 25.63
C THR B 300 -30.81 21.32 25.62
N ARG B 301 -31.90 20.81 26.19
CA ARG B 301 -33.14 21.58 26.24
C ARG B 301 -33.09 22.67 27.30
N ALA B 302 -32.43 22.40 28.43
CA ALA B 302 -32.35 23.38 29.50
C ALA B 302 -31.53 24.60 29.09
N ALA B 303 -30.43 24.38 28.36
CA ALA B 303 -29.62 25.51 27.90
C ALA B 303 -30.39 26.36 26.90
N ALA B 304 -31.13 25.73 25.99
CA ALA B 304 -31.94 26.48 25.03
C ALA B 304 -33.04 27.25 25.74
N ALA B 305 -33.64 26.65 26.76
CA ALA B 305 -34.66 27.35 27.53
C ALA B 305 -34.08 28.56 28.26
N ALA B 306 -32.88 28.40 28.83
CA ALA B 306 -32.22 29.52 29.50
C ALA B 306 -31.91 30.64 28.52
N LEU B 307 -31.43 30.30 27.32
CA LEU B 307 -31.15 31.32 26.31
C LEU B 307 -32.43 32.01 25.86
N VAL B 308 -33.51 31.26 25.70
CA VAL B 308 -34.79 31.87 25.32
C VAL B 308 -35.27 32.82 26.40
N GLU B 309 -35.11 32.43 27.67
CA GLU B 309 -35.50 33.30 28.78
C GLU B 309 -34.66 34.57 28.81
N ALA B 310 -33.36 34.45 28.53
CA ALA B 310 -32.50 35.62 28.53
C ALA B 310 -32.87 36.63 27.45
N GLY B 311 -33.54 36.20 26.39
CA GLY B 311 -33.99 37.07 25.34
C GLY B 311 -33.31 36.92 24.00
N ALA B 312 -32.69 35.78 23.73
CA ALA B 312 -32.04 35.57 22.44
C ALA B 312 -33.07 35.47 21.33
N ASP B 313 -32.76 36.09 20.19
CA ASP B 313 -33.65 36.04 19.03
C ASP B 313 -33.46 34.76 18.22
N ALA B 314 -32.34 34.07 18.39
CA ALA B 314 -32.12 32.77 17.80
C ALA B 314 -31.14 32.02 18.68
N VAL B 315 -31.21 30.69 18.62
CA VAL B 315 -30.35 29.81 19.41
C VAL B 315 -29.50 28.99 18.46
N LYS B 316 -28.19 28.98 18.69
CA LYS B 316 -27.25 28.20 17.92
C LYS B 316 -26.93 26.92 18.68
N VAL B 317 -26.94 25.80 17.97
CA VAL B 317 -26.90 24.48 18.58
C VAL B 317 -25.66 23.74 18.12
N GLY B 318 -24.96 23.12 19.07
CA GLY B 318 -23.89 22.20 18.78
C GLY B 318 -22.70 22.33 19.71
N VAL B 319 -22.37 21.23 20.38
CA VAL B 319 -21.25 21.16 21.31
C VAL B 319 -20.57 19.83 21.06
N GLY B 320 -19.40 19.86 20.40
CA GLY B 320 -18.74 18.67 19.96
C GLY B 320 -19.61 17.78 19.11
N PRO B 321 -20.11 18.30 17.97
CA PRO B 321 -21.00 17.50 17.13
C PRO B 321 -20.27 16.57 16.16
N GLY B 322 -18.98 16.76 15.95
CA GLY B 322 -18.24 15.86 15.07
C GLY B 322 -17.89 14.54 15.73
N SER B 323 -17.63 13.55 14.89
CA SER B 323 -17.38 12.20 15.40
C SER B 323 -15.99 12.07 16.03
N ILE B 324 -14.99 12.69 15.42
CA ILE B 324 -13.62 12.61 15.93
C ILE B 324 -13.21 13.97 16.45
N CYS B 325 -14.19 14.73 16.95
CA CYS B 325 -13.96 16.09 17.40
C CYS B 325 -12.92 16.13 18.51
N THR B 326 -12.21 17.26 18.60
CA THR B 326 -11.25 17.44 19.68
C THR B 326 -11.94 17.53 21.03
N THR B 327 -13.13 18.13 21.08
CA THR B 327 -13.87 18.19 22.34
C THR B 327 -14.23 16.81 22.85
N ARG B 328 -14.50 15.86 21.95
CA ARG B 328 -14.86 14.51 22.36
C ARG B 328 -13.65 13.71 22.81
N VAL B 329 -12.48 13.93 22.22
CA VAL B 329 -11.30 13.15 22.56
C VAL B 329 -10.57 13.72 23.76
N VAL B 330 -10.38 15.04 23.81
CA VAL B 330 -9.60 15.65 24.87
C VAL B 330 -10.41 15.78 26.14
N ALA B 331 -11.67 16.21 26.04
CA ALA B 331 -12.50 16.43 27.21
C ALA B 331 -13.54 15.35 27.44
N GLY B 332 -13.84 14.53 26.44
CA GLY B 332 -14.87 13.52 26.59
C GLY B 332 -16.28 14.08 26.58
N VAL B 333 -16.48 15.29 26.08
CA VAL B 333 -17.75 15.98 26.11
C VAL B 333 -18.29 16.06 24.69
N GLY B 334 -19.59 15.84 24.53
CA GLY B 334 -20.20 15.99 23.22
C GLY B 334 -21.68 15.72 23.29
N ALA B 335 -22.32 15.90 22.15
CA ALA B 335 -23.74 15.61 21.98
C ALA B 335 -24.02 15.39 20.50
N PRO B 336 -24.57 14.23 20.13
CA PRO B 336 -24.94 14.01 18.72
C PRO B 336 -25.97 15.03 18.26
N GLN B 337 -25.84 15.45 17.00
CA GLN B 337 -26.45 16.69 16.54
C GLN B 337 -27.95 16.57 16.29
N ILE B 338 -28.44 15.43 15.81
CA ILE B 338 -29.87 15.28 15.58
C ILE B 338 -30.64 15.36 16.89
N THR B 339 -30.16 14.64 17.92
CA THR B 339 -30.80 14.68 19.23
C THR B 339 -30.70 16.06 19.85
N ALA B 340 -29.56 16.72 19.69
CA ALA B 340 -29.40 18.07 20.23
C ALA B 340 -30.37 19.05 19.58
N ILE B 341 -30.54 18.95 18.26
CA ILE B 341 -31.49 19.81 17.57
C ILE B 341 -32.92 19.53 18.01
N LEU B 342 -33.28 18.24 18.14
CA LEU B 342 -34.62 17.90 18.60
C LEU B 342 -34.90 18.47 19.98
N GLU B 343 -33.93 18.32 20.90
CA GLU B 343 -34.11 18.82 22.26
C GLU B 343 -34.20 20.34 22.29
N ALA B 344 -33.36 21.04 21.53
CA ALA B 344 -33.39 22.49 21.52
C ALA B 344 -34.66 23.02 20.88
N VAL B 345 -35.14 22.37 19.83
CA VAL B 345 -36.38 22.78 19.19
C VAL B 345 -37.55 22.60 20.16
N ALA B 346 -37.54 21.51 20.93
CA ALA B 346 -38.61 21.27 21.89
C ALA B 346 -38.74 22.40 22.90
N ALA B 347 -37.70 23.20 23.11
CA ALA B 347 -37.74 24.34 24.00
C ALA B 347 -37.95 25.67 23.28
N CYS B 348 -37.46 25.80 22.05
CA CYS B 348 -37.52 27.07 21.35
C CYS B 348 -38.80 27.27 20.56
N LYS B 349 -39.37 26.19 19.99
CA LYS B 349 -40.51 26.35 19.10
C LYS B 349 -41.73 27.00 19.74
N PRO B 350 -42.12 26.69 20.98
CA PRO B 350 -43.32 27.36 21.54
C PRO B 350 -43.20 28.87 21.61
N TYR B 351 -41.99 29.42 21.70
CA TYR B 351 -41.79 30.86 21.76
C TYR B 351 -41.47 31.48 20.40
N GLY B 352 -41.39 30.67 19.34
CA GLY B 352 -41.08 31.20 18.03
C GLY B 352 -39.64 31.61 17.83
N VAL B 353 -38.72 31.02 18.59
CA VAL B 353 -37.30 31.34 18.49
C VAL B 353 -36.66 30.32 17.54
N PRO B 354 -36.04 30.76 16.45
CA PRO B 354 -35.41 29.82 15.52
C PRO B 354 -34.19 29.15 16.10
N VAL B 355 -33.81 28.04 15.48
CA VAL B 355 -32.65 27.24 15.89
C VAL B 355 -31.69 27.15 14.72
N ILE B 356 -30.41 27.41 14.97
CA ILE B 356 -29.37 27.34 13.96
C ILE B 356 -28.55 26.08 14.22
N ALA B 357 -28.46 25.21 13.22
CA ALA B 357 -27.66 24.00 13.30
C ALA B 357 -26.22 24.32 12.93
N ASP B 358 -25.31 24.17 13.89
CA ASP B 358 -23.92 24.58 13.72
C ASP B 358 -23.00 23.39 13.95
N GLY B 359 -22.39 22.90 12.89
CA GLY B 359 -21.39 21.87 13.00
C GLY B 359 -21.92 20.49 12.64
N GLY B 360 -21.02 19.63 12.17
CA GLY B 360 -21.36 18.26 11.85
C GLY B 360 -21.91 18.03 10.46
N LEU B 361 -21.88 19.03 9.58
CA LEU B 361 -22.46 18.92 8.25
C LEU B 361 -21.38 18.59 7.24
N GLN B 362 -21.61 17.53 6.47
CA GLN B 362 -20.69 17.10 5.43
C GLN B 362 -21.30 17.08 4.04
N TYR B 363 -22.61 16.85 3.93
CA TYR B 363 -23.29 16.79 2.65
C TYR B 363 -24.59 17.57 2.73
N SER B 364 -25.22 17.79 1.58
CA SER B 364 -26.51 18.47 1.55
C SER B 364 -27.60 17.63 2.19
N GLY B 365 -27.44 16.31 2.20
CA GLY B 365 -28.38 15.48 2.93
C GLY B 365 -28.37 15.77 4.42
N ASP B 366 -27.20 16.09 4.96
CA ASP B 366 -27.11 16.51 6.36
C ASP B 366 -27.87 17.80 6.60
N ILE B 367 -27.80 18.73 5.64
CA ILE B 367 -28.54 19.99 5.77
C ILE B 367 -30.05 19.73 5.77
N ALA B 368 -30.51 18.87 4.86
CA ALA B 368 -31.93 18.54 4.81
C ALA B 368 -32.38 17.86 6.10
N LYS B 369 -31.55 16.96 6.64
CA LYS B 369 -31.89 16.30 7.91
C LYS B 369 -31.92 17.29 9.06
N ALA B 370 -30.96 18.22 9.09
CA ALA B 370 -30.92 19.22 10.16
C ALA B 370 -32.15 20.12 10.12
N LEU B 371 -32.59 20.50 8.92
CA LEU B 371 -33.81 21.29 8.81
C LEU B 371 -35.05 20.48 9.14
N ALA B 372 -35.04 19.18 8.83
CA ALA B 372 -36.19 18.35 9.15
C ALA B 372 -36.29 18.04 10.65
N ALA B 373 -35.18 18.09 11.37
CA ALA B 373 -35.22 17.91 12.82
C ALA B 373 -35.81 19.10 13.55
N GLY B 374 -35.98 20.24 12.87
CA GLY B 374 -36.59 21.39 13.49
C GLY B 374 -35.80 22.68 13.39
N ALA B 375 -34.57 22.60 12.87
CA ALA B 375 -33.77 23.81 12.72
C ALA B 375 -34.31 24.65 11.57
N SER B 376 -33.98 25.94 11.61
CA SER B 376 -34.39 26.88 10.58
C SER B 376 -33.27 27.28 9.63
N THR B 377 -32.03 27.29 10.09
CA THR B 377 -30.88 27.59 9.26
C THR B 377 -29.74 26.67 9.66
N ALA B 378 -28.71 26.61 8.81
CA ALA B 378 -27.52 25.81 9.08
C ALA B 378 -26.29 26.66 8.87
N MET B 379 -25.31 26.51 9.76
CA MET B 379 -24.02 27.17 9.66
C MET B 379 -23.03 26.21 9.00
N LEU B 380 -22.32 26.68 7.98
CA LEU B 380 -21.62 25.77 7.08
C LEU B 380 -20.18 25.48 7.54
N GLY B 381 -19.35 26.50 7.64
CA GLY B 381 -18.01 26.27 8.13
C GLY B 381 -17.04 25.62 7.17
N SER B 382 -16.66 24.37 7.46
CA SER B 382 -15.59 23.72 6.70
C SER B 382 -15.96 23.47 5.25
N LEU B 383 -17.24 23.42 4.92
CA LEU B 383 -17.64 23.30 3.52
C LEU B 383 -17.27 24.54 2.70
N LEU B 384 -17.03 25.66 3.35
CA LEU B 384 -16.72 26.92 2.67
C LEU B 384 -15.29 27.39 2.89
N ALA B 385 -14.47 26.59 3.57
CA ALA B 385 -13.14 27.06 3.95
C ALA B 385 -12.20 27.18 2.76
N GLY B 386 -12.42 26.38 1.72
CA GLY B 386 -11.57 26.42 0.56
C GLY B 386 -12.06 27.23 -0.61
N THR B 387 -13.27 27.79 -0.52
CA THR B 387 -13.81 28.54 -1.65
C THR B 387 -13.04 29.83 -1.85
N ALA B 388 -13.15 30.38 -3.07
CA ALA B 388 -12.35 31.54 -3.45
C ALA B 388 -12.64 32.76 -2.59
N GLU B 389 -13.87 32.89 -2.09
CA GLU B 389 -14.25 34.06 -1.29
C GLU B 389 -13.78 33.97 0.15
N SER B 390 -13.30 32.82 0.60
CA SER B 390 -12.75 32.70 1.94
C SER B 390 -11.39 33.39 2.02
N PRO B 391 -10.98 33.84 3.19
CA PRO B 391 -9.68 34.50 3.31
C PRO B 391 -8.53 33.56 2.98
N GLY B 392 -7.46 34.14 2.45
CA GLY B 392 -6.29 33.40 2.03
C GLY B 392 -5.91 33.70 0.60
N GLU B 393 -4.72 33.24 0.23
CA GLU B 393 -4.19 33.40 -1.11
C GLU B 393 -4.06 32.04 -1.78
N LEU B 394 -4.34 32.01 -3.08
CA LEU B 394 -4.32 30.76 -3.85
C LEU B 394 -2.92 30.47 -4.34
N ILE B 395 -2.41 29.28 -4.02
CA ILE B 395 -1.06 28.87 -4.40
C ILE B 395 -1.11 27.44 -4.94
N PHE B 396 -0.04 27.07 -5.65
CA PHE B 396 0.13 25.73 -6.19
C PHE B 396 1.24 25.03 -5.42
N VAL B 397 0.94 23.88 -4.83
CA VAL B 397 1.90 23.07 -4.10
C VAL B 397 1.79 21.64 -4.61
N ASN B 398 2.89 21.12 -5.16
CA ASN B 398 2.94 19.76 -5.71
C ASN B 398 1.84 19.55 -6.74
N GLY B 399 1.56 20.58 -7.53
CA GLY B 399 0.54 20.48 -8.55
C GLY B 399 -0.88 20.52 -8.03
N LYS B 400 -1.09 20.84 -6.76
CA LYS B 400 -2.41 20.91 -6.18
C LYS B 400 -2.71 22.31 -5.67
N GLN B 401 -3.97 22.71 -5.79
CA GLN B 401 -4.42 24.05 -5.41
C GLN B 401 -4.64 24.12 -3.90
N PHE B 402 -4.09 25.15 -3.27
CA PHE B 402 -4.23 25.34 -1.82
C PHE B 402 -4.41 26.81 -1.50
N LYS B 403 -4.98 27.05 -0.33
CA LYS B 403 -5.11 28.40 0.22
C LYS B 403 -4.14 28.56 1.39
N SER B 404 -3.31 29.59 1.32
CA SER B 404 -2.33 29.89 2.35
C SER B 404 -2.70 31.18 3.06
N TYR B 405 -2.48 31.21 4.38
CA TYR B 405 -2.86 32.37 5.19
C TYR B 405 -1.63 33.11 5.67
N TYR B 428 -4.43 36.14 21.34
CA TYR B 428 -4.76 37.35 22.09
C TYR B 428 -6.25 37.65 22.02
N PHE B 429 -6.85 37.42 20.85
CA PHE B 429 -8.27 37.67 20.64
C PHE B 429 -9.12 36.42 20.83
N GLN B 430 -8.50 35.28 21.13
CA GLN B 430 -9.22 34.04 21.42
C GLN B 430 -9.35 33.92 22.94
N ASP B 431 -10.38 34.58 23.48
CA ASP B 431 -10.59 34.68 24.92
C ASP B 431 -11.49 33.58 25.47
N ASP B 432 -11.91 32.62 24.64
CA ASP B 432 -12.83 31.57 25.08
C ASP B 432 -12.07 30.49 25.83
N VAL B 433 -12.48 30.21 27.06
CA VAL B 433 -11.77 29.25 27.89
C VAL B 433 -11.97 27.82 27.38
N LEU B 434 -13.18 27.50 26.93
CA LEU B 434 -13.54 26.14 26.54
C LEU B 434 -13.43 25.89 25.04
N SER B 435 -12.87 26.84 24.28
CA SER B 435 -12.72 26.64 22.85
C SER B 435 -11.69 25.55 22.57
N GLU B 436 -11.88 24.86 21.44
CA GLU B 436 -11.01 23.75 21.09
C GLU B 436 -9.57 24.19 20.83
N ASP B 437 -9.34 25.49 20.63
CA ASP B 437 -7.97 25.97 20.45
C ASP B 437 -7.16 25.85 21.72
N LYS B 438 -7.81 25.91 22.88
CA LYS B 438 -7.12 25.77 24.16
C LYS B 438 -6.88 24.32 24.53
N LEU B 439 -7.46 23.37 23.79
CA LEU B 439 -7.34 21.95 24.09
C LEU B 439 -6.23 21.28 23.28
N VAL B 440 -6.19 21.52 21.98
CA VAL B 440 -5.13 20.97 21.13
C VAL B 440 -3.81 21.65 21.48
N PRO B 441 -2.68 20.94 21.50
CA PRO B 441 -1.40 21.61 21.79
C PRO B 441 -1.07 22.71 20.81
N GLU B 442 -1.54 22.62 19.58
CA GLU B 442 -1.40 23.68 18.57
C GLU B 442 0.08 24.02 18.30
N ARG B 447 -3.19 25.60 5.66
CA ARG B 447 -3.38 25.15 4.29
C ARG B 447 -4.66 24.32 4.15
N VAL B 448 -5.61 24.83 3.38
CA VAL B 448 -6.84 24.11 3.07
C VAL B 448 -6.90 23.88 1.57
N PRO B 449 -7.48 22.79 1.10
CA PRO B 449 -7.61 22.59 -0.35
C PRO B 449 -8.58 23.57 -0.97
N PHE B 450 -8.38 23.83 -2.26
CA PHE B 450 -9.22 24.76 -3.00
C PHE B 450 -10.52 24.09 -3.41
N ARG B 451 -11.63 24.82 -3.31
CA ARG B 451 -12.94 24.29 -3.61
C ARG B 451 -13.66 24.97 -4.76
N GLY B 452 -13.12 26.06 -5.29
CA GLY B 452 -13.75 26.75 -6.39
C GLY B 452 -14.58 27.93 -5.92
N PRO B 453 -15.43 28.45 -6.80
CA PRO B 453 -16.30 29.56 -6.41
C PRO B 453 -17.35 29.13 -5.41
N LEU B 454 -17.78 30.10 -4.60
CA LEU B 454 -18.79 29.83 -3.57
C LEU B 454 -20.16 29.56 -4.16
N GLY B 455 -20.49 30.21 -5.28
CA GLY B 455 -21.83 30.09 -5.84
C GLY B 455 -22.17 28.68 -6.25
N THR B 456 -21.21 27.94 -6.80
CA THR B 456 -21.47 26.57 -7.20
C THR B 456 -21.71 25.68 -5.99
N VAL B 457 -20.96 25.90 -4.91
CA VAL B 457 -21.19 25.14 -3.68
C VAL B 457 -22.59 25.40 -3.14
N ILE B 458 -22.99 26.68 -3.12
CA ILE B 458 -24.32 27.02 -2.62
C ILE B 458 -25.40 26.42 -3.51
N HIS B 459 -25.18 26.42 -4.83
CA HIS B 459 -26.17 25.85 -5.74
C HIS B 459 -26.29 24.35 -5.57
N GLN B 460 -25.18 23.64 -5.36
CA GLN B 460 -25.24 22.20 -5.11
C GLN B 460 -26.01 21.90 -3.83
N LEU B 461 -25.71 22.64 -2.76
CA LEU B 461 -26.42 22.42 -1.50
C LEU B 461 -27.91 22.70 -1.64
N THR B 462 -28.26 23.78 -2.34
CA THR B 462 -29.67 24.12 -2.54
C THR B 462 -30.36 23.08 -3.41
N GLY B 463 -29.66 22.53 -4.40
CA GLY B 463 -30.25 21.47 -5.20
C GLY B 463 -30.55 20.22 -4.38
N GLY B 464 -29.63 19.84 -3.50
CA GLY B 464 -29.91 18.73 -2.59
C GLY B 464 -31.10 19.00 -1.69
N LEU B 465 -31.17 20.22 -1.14
CA LEU B 465 -32.31 20.56 -0.27
C LEU B 465 -33.63 20.53 -1.03
N ARG B 466 -33.64 21.03 -2.27
CA ARG B 466 -34.85 21.00 -3.08
C ARG B 466 -35.26 19.58 -3.42
N ALA B 467 -34.29 18.70 -3.69
CA ALA B 467 -34.60 17.29 -3.92
C ALA B 467 -35.24 16.67 -2.69
N ALA B 468 -34.72 16.99 -1.50
CA ALA B 468 -35.31 16.47 -0.27
C ALA B 468 -36.74 16.98 -0.09
N MET B 469 -36.97 18.26 -0.36
CA MET B 469 -38.31 18.82 -0.23
C MET B 469 -39.28 18.18 -1.23
N GLY B 470 -38.81 17.89 -2.44
CA GLY B 470 -39.64 17.20 -3.41
C GLY B 470 -39.97 15.78 -3.00
N TYR B 471 -39.00 15.10 -2.38
CA TYR B 471 -39.24 13.72 -1.91
C TYR B 471 -40.21 13.69 -0.75
N THR B 472 -40.10 14.63 0.18
CA THR B 472 -40.93 14.61 1.38
C THR B 472 -42.26 15.33 1.20
N GLY B 473 -42.49 15.99 0.08
CA GLY B 473 -43.72 16.70 -0.14
C GLY B 473 -43.84 18.02 0.59
N SER B 474 -42.71 18.68 0.84
CA SER B 474 -42.65 19.90 1.64
C SER B 474 -42.58 21.09 0.70
N ALA B 475 -43.64 21.90 0.69
CA ALA B 475 -43.64 23.10 -0.16
C ALA B 475 -42.77 24.20 0.43
N THR B 476 -42.66 24.27 1.75
CA THR B 476 -41.87 25.28 2.44
C THR B 476 -40.97 24.60 3.46
N ILE B 477 -40.09 25.39 4.07
CA ILE B 477 -39.22 24.87 5.13
C ILE B 477 -40.04 24.52 6.37
N GLU B 478 -41.09 25.30 6.65
CA GLU B 478 -41.95 25.00 7.78
C GLU B 478 -42.61 23.63 7.65
N GLN B 479 -42.91 23.20 6.41
CA GLN B 479 -43.42 21.86 6.20
C GLN B 479 -42.32 20.81 6.27
N LEU B 480 -41.11 21.16 5.83
CA LEU B 480 -39.99 20.23 5.94
C LEU B 480 -39.67 19.93 7.39
N GLN B 481 -39.90 20.89 8.29
CA GLN B 481 -39.63 20.68 9.70
C GLN B 481 -40.59 19.69 10.35
N GLN B 482 -41.63 19.29 9.64
CA GLN B 482 -42.61 18.33 10.14
C GLN B 482 -42.43 16.92 9.55
N ALA B 483 -41.35 16.68 8.81
CA ALA B 483 -41.13 15.40 8.16
C ALA B 483 -40.62 14.36 9.16
N GLN B 484 -40.81 13.10 8.83
CA GLN B 484 -40.45 11.98 9.68
C GLN B 484 -39.12 11.36 9.26
N PHE B 485 -38.45 10.73 10.22
CA PHE B 485 -37.21 10.01 10.01
C PHE B 485 -37.43 8.51 10.11
N VAL B 486 -36.54 7.76 9.47
CA VAL B 486 -36.37 6.33 9.72
C VAL B 486 -34.96 6.12 10.23
N GLN B 487 -34.82 5.37 11.32
CA GLN B 487 -33.52 5.08 11.88
C GLN B 487 -32.94 3.83 11.22
N ILE B 488 -31.63 3.85 10.98
CA ILE B 488 -30.96 2.77 10.28
C ILE B 488 -29.92 2.15 11.20
N THR B 489 -29.57 0.91 10.91
CA THR B 489 -28.60 0.16 11.70
C THR B 489 -27.19 0.39 11.15
N ALA B 490 -26.21 -0.28 11.75
CA ALA B 490 -24.83 -0.14 11.30
C ALA B 490 -24.61 -0.73 9.92
N ALA B 491 -25.42 -1.73 9.54
CA ALA B 491 -25.29 -2.32 8.21
C ALA B 491 -25.66 -1.35 7.11
N GLY B 492 -26.48 -0.34 7.41
CA GLY B 492 -26.82 0.67 6.43
C GLY B 492 -25.74 1.69 6.16
N LEU B 493 -24.64 1.66 6.92
CA LEU B 493 -23.53 2.57 6.74
C LEU B 493 -22.36 1.94 5.99
N LYS B 494 -22.33 0.62 5.86
CA LYS B 494 -21.23 -0.07 5.21
C LYS B 494 -21.30 0.09 3.69
N VAL C 12 -42.43 -16.21 26.20
CA VAL C 12 -41.69 -16.94 27.22
C VAL C 12 -40.17 -16.99 26.91
N PRO C 13 -39.76 -17.37 25.70
CA PRO C 13 -38.33 -17.38 25.40
C PRO C 13 -37.74 -15.99 25.40
N VAL C 14 -36.47 -15.91 25.80
CA VAL C 14 -35.70 -14.67 25.70
C VAL C 14 -35.45 -14.36 24.23
N PRO C 15 -35.50 -13.10 23.80
CA PRO C 15 -35.25 -12.81 22.38
C PRO C 15 -33.88 -13.25 21.89
N THR C 16 -32.88 -13.27 22.75
CA THR C 16 -31.53 -13.66 22.35
C THR C 16 -31.25 -15.15 22.51
N GLY C 17 -32.24 -15.93 22.97
CA GLY C 17 -32.07 -17.36 23.05
C GLY C 17 -32.27 -17.93 24.45
N GLY C 18 -32.81 -19.14 24.53
CA GLY C 18 -32.98 -19.82 25.79
C GLY C 18 -34.22 -19.36 26.53
N ASP C 19 -34.36 -19.88 27.75
CA ASP C 19 -35.46 -19.53 28.63
C ASP C 19 -35.03 -18.76 29.87
N ASP C 20 -33.73 -18.64 30.12
CA ASP C 20 -33.23 -17.97 31.31
C ASP C 20 -32.97 -16.51 30.99
N PRO C 21 -33.71 -15.56 31.59
CA PRO C 21 -33.47 -14.14 31.28
C PRO C 21 -32.24 -13.55 31.94
N THR C 22 -31.57 -14.28 32.84
CA THR C 22 -30.35 -13.81 33.47
C THR C 22 -29.10 -14.43 32.88
N LYS C 23 -29.22 -15.21 31.80
CA LYS C 23 -28.05 -15.80 31.16
C LYS C 23 -27.14 -14.71 30.59
N VAL C 24 -27.73 -13.75 29.90
CA VAL C 24 -27.03 -12.54 29.48
C VAL C 24 -27.41 -11.47 30.49
N ALA C 25 -26.51 -11.19 31.43
CA ALA C 25 -26.87 -10.42 32.61
C ALA C 25 -27.05 -8.94 32.28
N MET C 26 -26.11 -8.34 31.56
CA MET C 26 -26.16 -6.91 31.30
C MET C 26 -25.70 -6.62 29.88
N LEU C 27 -25.87 -5.37 29.47
CA LEU C 27 -25.25 -4.81 28.29
C LEU C 27 -24.10 -3.92 28.75
N GLY C 28 -22.90 -4.20 28.26
CA GLY C 28 -21.71 -3.52 28.75
C GLY C 28 -21.34 -2.33 27.90
N LEU C 29 -21.14 -1.19 28.56
CA LEU C 29 -20.71 0.04 27.92
C LEU C 29 -19.23 0.27 28.18
N THR C 30 -18.49 0.60 27.14
CA THR C 30 -17.10 0.99 27.27
C THR C 30 -16.99 2.51 27.17
N PHE C 31 -15.75 3.00 27.18
CA PHE C 31 -15.52 4.44 27.16
C PHE C 31 -15.99 5.07 25.84
N ASP C 32 -15.95 4.32 24.75
CA ASP C 32 -16.35 4.85 23.45
C ASP C 32 -17.85 4.88 23.24
N ASP C 33 -18.63 4.33 24.17
CA ASP C 33 -20.08 4.29 24.03
C ASP C 33 -20.80 5.51 24.59
N VAL C 34 -20.10 6.34 25.37
CA VAL C 34 -20.76 7.43 26.09
C VAL C 34 -20.00 8.72 25.87
N LEU C 35 -20.70 9.82 26.09
CA LEU C 35 -20.11 11.16 26.13
C LEU C 35 -20.72 11.89 27.32
N LEU C 36 -20.03 12.92 27.78
CA LEU C 36 -20.51 13.75 28.87
C LEU C 36 -21.42 14.84 28.34
N LEU C 37 -22.60 14.96 28.92
CA LEU C 37 -23.54 16.01 28.53
C LEU C 37 -23.14 17.33 29.18
N PRO C 38 -23.08 18.43 28.42
CA PRO C 38 -22.84 19.74 29.03
C PRO C 38 -23.98 20.13 29.95
N ALA C 39 -23.64 20.78 31.06
CA ALA C 39 -24.62 21.21 32.04
C ALA C 39 -24.39 22.67 32.37
N ALA C 40 -25.26 23.24 33.21
CA ALA C 40 -25.11 24.62 33.63
C ALA C 40 -23.81 24.79 34.39
N SER C 41 -23.00 25.76 33.99
CA SER C 41 -21.63 25.84 34.46
C SER C 41 -21.26 27.28 34.79
N ASP C 42 -20.72 27.47 36.00
CA ASP C 42 -20.04 28.71 36.38
C ASP C 42 -18.57 28.43 36.67
N VAL C 43 -18.04 27.33 36.15
CA VAL C 43 -16.71 26.84 36.49
C VAL C 43 -15.74 27.23 35.38
N VAL C 44 -14.62 27.82 35.77
CA VAL C 44 -13.53 28.13 34.85
C VAL C 44 -12.54 26.97 34.91
N PRO C 45 -12.09 26.46 33.77
CA PRO C 45 -11.15 25.32 33.81
C PRO C 45 -9.90 25.58 34.64
N ALA C 46 -9.43 26.83 34.69
CA ALA C 46 -8.22 27.12 35.46
C ALA C 46 -8.45 26.98 36.96
N THR C 47 -9.65 27.31 37.45
CA THR C 47 -9.94 27.28 38.87
C THR C 47 -10.59 25.97 39.33
N ALA C 48 -10.73 25.00 38.44
CA ALA C 48 -11.34 23.72 38.83
C ALA C 48 -10.45 22.98 39.80
N ASP C 49 -11.05 22.46 40.87
CA ASP C 49 -10.32 21.72 41.90
C ASP C 49 -10.32 20.24 41.53
N THR C 50 -9.17 19.72 41.14
CA THR C 50 -9.05 18.35 40.67
C THR C 50 -8.54 17.39 41.74
N SER C 51 -8.70 17.74 43.01
CA SER C 51 -8.24 16.86 44.08
C SER C 51 -9.29 15.79 44.37
N SER C 52 -8.80 14.60 44.75
CA SER C 52 -9.70 13.48 44.99
C SER C 52 -9.05 12.51 45.97
N GLN C 53 -9.88 11.63 46.54
CA GLN C 53 -9.42 10.65 47.51
C GLN C 53 -8.82 9.44 46.80
N LEU C 54 -7.65 9.01 47.26
CA LEU C 54 -7.10 7.74 46.82
C LEU C 54 -7.58 6.60 47.71
N THR C 55 -7.48 6.77 49.02
CA THR C 55 -8.09 5.86 49.98
C THR C 55 -8.97 6.68 50.90
N LYS C 56 -9.47 6.07 51.98
CA LYS C 56 -10.29 6.81 52.92
C LYS C 56 -9.50 7.83 53.74
N ARG C 57 -8.16 7.76 53.71
CA ARG C 57 -7.33 8.68 54.48
C ARG C 57 -6.28 9.41 53.65
N ILE C 58 -6.20 9.16 52.34
CA ILE C 58 -5.22 9.78 51.47
C ILE C 58 -5.94 10.52 50.36
N ARG C 59 -5.57 11.79 50.17
CA ARG C 59 -6.17 12.64 49.15
C ARG C 59 -5.07 13.20 48.26
N LEU C 60 -5.24 13.09 46.95
CA LEU C 60 -4.27 13.55 45.98
C LEU C 60 -4.71 14.86 45.37
N ARG C 61 -3.73 15.68 44.96
CA ARG C 61 -4.04 16.91 44.24
C ARG C 61 -4.41 16.62 42.79
N VAL C 62 -3.81 15.59 42.20
CA VAL C 62 -4.10 15.14 40.84
C VAL C 62 -4.55 13.70 40.95
N PRO C 63 -5.76 13.35 40.46
CA PRO C 63 -6.33 12.03 40.73
C PRO C 63 -5.79 10.94 39.78
N LEU C 64 -4.48 10.82 39.73
CA LEU C 64 -3.81 9.90 38.83
C LEU C 64 -2.78 9.07 39.59
N VAL C 65 -2.62 7.82 39.17
CA VAL C 65 -1.69 6.88 39.79
C VAL C 65 -1.02 6.10 38.67
N SER C 66 0.25 5.79 38.83
CA SER C 66 0.95 4.97 37.86
C SER C 66 0.80 3.49 38.22
N SER C 67 0.57 2.67 37.22
CA SER C 67 0.36 1.24 37.42
C SER C 67 1.62 0.55 37.92
N ALA C 68 1.42 -0.47 38.75
CA ALA C 68 2.52 -1.29 39.26
C ALA C 68 2.97 -2.31 38.20
N MET C 69 3.61 -1.79 37.16
CA MET C 69 4.16 -2.65 36.11
C MET C 69 5.66 -2.43 36.00
N ASP C 70 6.38 -3.49 35.61
CA ASP C 70 7.83 -3.42 35.54
C ASP C 70 8.34 -2.51 34.44
N THR C 71 7.48 -2.08 33.52
CA THR C 71 7.85 -1.12 32.50
C THR C 71 7.38 0.30 32.79
N VAL C 72 6.74 0.53 33.93
CA VAL C 72 6.15 1.83 34.21
C VAL C 72 6.75 2.45 35.46
N THR C 73 6.61 1.78 36.60
CA THR C 73 6.86 2.42 37.90
C THR C 73 8.03 1.76 38.62
N GLU C 74 9.10 2.53 38.81
CA GLU C 74 10.14 2.24 39.78
C GLU C 74 10.39 3.50 40.59
N SER C 75 11.47 3.57 41.35
CA SER C 75 11.65 4.67 42.28
C SER C 75 11.62 6.03 41.58
N ARG C 76 12.21 6.12 40.40
CA ARG C 76 12.23 7.39 39.66
C ARG C 76 10.83 7.82 39.27
N MET C 77 10.03 6.90 38.74
CA MET C 77 8.66 7.21 38.37
C MET C 77 7.80 7.51 39.59
N ALA C 78 8.04 6.81 40.70
CA ALA C 78 7.30 7.10 41.92
C ALA C 78 7.59 8.51 42.42
N ILE C 79 8.86 8.91 42.39
CA ILE C 79 9.21 10.26 42.81
C ILE C 79 8.57 11.30 41.89
N ALA C 80 8.64 11.06 40.57
CA ALA C 80 8.07 12.02 39.63
C ALA C 80 6.56 12.13 39.78
N MET C 81 5.88 11.00 39.98
CA MET C 81 4.43 11.03 40.15
C MET C 81 4.03 11.70 41.45
N ALA C 82 4.77 11.47 42.53
CA ALA C 82 4.48 12.15 43.78
C ALA C 82 4.71 13.66 43.66
N ARG C 83 5.74 14.07 42.91
CA ARG C 83 5.96 15.50 42.71
C ARG C 83 4.89 16.12 41.83
N ALA C 84 4.39 15.37 40.85
CA ALA C 84 3.36 15.88 39.95
C ALA C 84 2.03 16.08 40.64
N GLY C 85 1.84 15.50 41.83
CA GLY C 85 0.58 15.60 42.55
C GLY C 85 -0.17 14.31 42.70
N GLY C 86 0.27 13.24 42.07
CA GLY C 86 -0.39 11.95 42.19
C GLY C 86 0.36 10.99 43.08
N MET C 87 0.53 9.75 42.64
CA MET C 87 1.30 8.77 43.39
C MET C 87 1.72 7.65 42.45
N GLY C 88 2.77 6.95 42.83
CA GLY C 88 3.24 5.78 42.10
C GLY C 88 3.12 4.53 42.95
N VAL C 89 2.93 3.40 42.28
CA VAL C 89 2.87 2.09 42.92
C VAL C 89 3.99 1.24 42.34
N LEU C 90 4.89 0.77 43.20
CA LEU C 90 6.04 0.00 42.75
C LEU C 90 5.66 -1.43 42.45
N HIS C 91 6.18 -1.95 41.34
CA HIS C 91 5.88 -3.31 40.93
C HIS C 91 6.58 -4.32 41.81
N ARG C 92 6.09 -5.57 41.77
CA ARG C 92 6.59 -6.63 42.63
C ARG C 92 7.30 -7.73 41.85
N ASN C 93 7.73 -7.44 40.61
CA ASN C 93 8.43 -8.42 39.79
C ASN C 93 9.94 -8.30 40.00
N LEU C 94 10.34 -8.44 41.26
CA LEU C 94 11.73 -8.29 41.66
C LEU C 94 11.85 -8.80 43.11
N PRO C 95 13.08 -9.06 43.58
CA PRO C 95 13.24 -9.55 44.95
C PRO C 95 12.74 -8.56 45.99
N VAL C 96 12.41 -9.09 47.16
CA VAL C 96 11.84 -8.28 48.23
C VAL C 96 12.80 -7.18 48.65
N ALA C 97 14.10 -7.51 48.73
CA ALA C 97 15.08 -6.54 49.17
C ALA C 97 15.16 -5.35 48.22
N GLU C 98 15.11 -5.62 46.92
CA GLU C 98 15.18 -4.54 45.94
C GLU C 98 13.96 -3.63 46.03
N GLN C 99 12.76 -4.21 46.19
CA GLN C 99 11.56 -3.38 46.29
C GLN C 99 11.56 -2.55 47.57
N ALA C 100 12.00 -3.13 48.69
CA ALA C 100 12.12 -2.35 49.92
C ALA C 100 13.17 -1.26 49.78
N GLY C 101 14.25 -1.54 49.07
CA GLY C 101 15.24 -0.51 48.81
C GLY C 101 14.71 0.63 47.97
N GLN C 102 13.84 0.31 47.00
CA GLN C 102 13.21 1.37 46.20
C GLN C 102 12.24 2.18 47.04
N VAL C 103 11.51 1.53 47.95
CA VAL C 103 10.67 2.26 48.88
C VAL C 103 11.50 3.24 49.70
N GLU C 104 12.64 2.77 50.21
CA GLU C 104 13.52 3.63 50.98
C GLU C 104 14.06 4.78 50.14
N THR C 105 14.40 4.50 48.88
CA THR C 105 14.87 5.55 47.98
C THR C 105 13.83 6.63 47.78
N VAL C 106 12.57 6.23 47.56
CA VAL C 106 11.51 7.22 47.40
C VAL C 106 11.28 8.00 48.69
N LYS C 107 11.37 7.32 49.83
CA LYS C 107 11.05 7.96 51.10
C LYS C 107 12.11 8.96 51.56
N ARG C 108 13.36 8.82 51.11
CA ARG C 108 14.44 9.71 51.51
C ARG C 108 14.83 10.68 50.41
N SER C 109 13.98 10.86 49.40
CA SER C 109 14.34 11.69 48.26
C SER C 109 14.24 13.18 48.58
N GLU C 110 13.24 13.58 49.35
CA GLU C 110 12.88 15.00 49.45
C GLU C 110 12.35 15.27 50.85
N ALA C 111 13.11 16.06 51.62
CA ALA C 111 12.76 16.41 53.00
C ALA C 111 12.59 15.17 53.87
N GLY C 112 13.32 14.10 53.53
CA GLY C 112 13.27 12.86 54.28
C GLY C 112 14.49 12.58 55.13
N MET C 113 15.44 13.50 55.22
CA MET C 113 16.62 13.34 56.06
C MET C 113 16.52 14.09 57.38
N VAL C 114 15.38 14.75 57.65
CA VAL C 114 15.31 15.71 58.75
C VAL C 114 14.97 15.07 60.09
N THR C 115 14.67 13.78 60.14
CA THR C 115 14.40 13.12 61.41
C THR C 115 15.26 11.88 61.60
N ASP C 116 15.61 11.22 60.51
CA ASP C 116 16.49 10.05 60.56
C ASP C 116 17.35 10.05 59.31
N PRO C 117 18.47 10.78 59.34
CA PRO C 117 19.30 10.92 58.15
C PRO C 117 20.22 9.72 57.96
N VAL C 118 20.87 9.70 56.81
CA VAL C 118 21.88 8.70 56.49
C VAL C 118 23.26 9.34 56.71
N THR C 119 24.13 8.62 57.41
CA THR C 119 25.43 9.13 57.78
C THR C 119 26.51 8.20 57.25
N CYS C 120 27.76 8.65 57.36
CA CYS C 120 28.92 7.85 57.00
C CYS C 120 29.93 7.89 58.12
N SER C 121 30.71 6.85 58.23
CA SER C 121 31.77 6.83 59.22
C SER C 121 33.09 7.23 58.60
N PRO C 122 34.04 7.77 59.39
CA PRO C 122 35.33 8.16 58.81
C PRO C 122 36.10 6.99 58.20
N ASP C 123 35.76 5.76 58.55
CA ASP C 123 36.40 4.59 57.96
C ASP C 123 35.86 4.26 56.58
N ASN C 124 34.73 4.84 56.18
CA ASN C 124 34.20 4.62 54.84
C ASN C 124 35.12 5.22 53.78
N THR C 125 35.18 4.56 52.63
CA THR C 125 35.91 5.11 51.50
C THR C 125 35.04 6.14 50.78
N LEU C 126 35.67 6.89 49.88
CA LEU C 126 34.91 7.87 49.09
C LEU C 126 33.98 7.20 48.10
N ALA C 127 34.30 5.98 47.67
CA ALA C 127 33.45 5.27 46.72
C ALA C 127 32.09 4.93 47.32
N GLU C 128 32.08 4.49 48.59
CA GLU C 128 30.81 4.20 49.25
C GLU C 128 29.97 5.45 49.42
N VAL C 129 30.60 6.56 49.80
CA VAL C 129 29.87 7.82 49.94
C VAL C 129 29.31 8.27 48.61
N ASP C 130 30.09 8.12 47.53
CA ASP C 130 29.60 8.51 46.21
C ASP C 130 28.45 7.62 45.76
N ALA C 131 28.51 6.32 46.08
CA ALA C 131 27.41 5.43 45.75
C ALA C 131 26.14 5.82 46.50
N MET C 132 26.27 6.13 47.79
CA MET C 132 25.10 6.59 48.56
C MET C 132 24.53 7.88 48.00
N CYS C 133 25.40 8.81 47.63
CA CYS C 133 24.95 10.09 47.10
C CYS C 133 24.28 9.92 45.74
N ALA C 134 24.79 9.01 44.91
CA ALA C 134 24.15 8.73 43.64
C ALA C 134 22.81 8.03 43.82
N ARG C 135 22.68 7.18 44.84
CA ARG C 135 21.41 6.51 45.10
C ARG C 135 20.36 7.51 45.56
N PHE C 136 20.69 8.35 46.54
CA PHE C 136 19.69 9.21 47.15
C PHE C 136 19.62 10.59 46.51
N ARG C 137 20.42 10.86 45.49
N ARG C 137 20.46 10.88 45.53
CA ARG C 137 20.44 12.15 44.81
CA ARG C 137 20.44 12.15 44.80
C ARG C 137 20.68 13.31 45.78
C ARG C 137 20.75 13.33 45.72
N ILE C 138 21.65 13.12 46.68
CA ILE C 138 22.11 14.18 47.57
C ILE C 138 23.58 14.41 47.29
N SER C 139 24.07 15.58 47.71
CA SER C 139 25.45 15.96 47.46
C SER C 139 26.23 16.10 48.75
N GLY C 140 25.93 15.28 49.76
CA GLY C 140 26.63 15.37 51.01
C GLY C 140 26.07 14.50 52.12
N LEU C 141 26.94 14.12 53.05
CA LEU C 141 26.59 13.27 54.17
C LEU C 141 27.29 13.76 55.43
N PRO C 142 26.57 13.88 56.54
CA PRO C 142 27.24 14.06 57.83
C PRO C 142 28.08 12.85 58.18
N VAL C 143 29.24 13.11 58.79
CA VAL C 143 30.17 12.07 59.21
C VAL C 143 30.14 12.02 60.73
N VAL C 144 29.88 10.83 61.27
CA VAL C 144 29.79 10.60 62.71
C VAL C 144 30.74 9.49 63.10
N ASP C 145 31.10 9.46 64.37
CA ASP C 145 32.03 8.48 64.91
C ASP C 145 31.29 7.29 65.50
N ASP C 146 32.04 6.37 66.12
CA ASP C 146 31.44 5.17 66.68
C ASP C 146 30.69 5.47 67.97
N THR C 147 31.10 6.51 68.71
CA THR C 147 30.41 6.87 69.93
C THR C 147 29.06 7.52 69.67
N GLY C 148 28.87 8.11 68.48
CA GLY C 148 27.61 8.75 68.17
C GLY C 148 27.68 10.26 68.17
N GLU C 149 28.84 10.83 67.85
CA GLU C 149 29.04 12.26 67.84
C GLU C 149 29.25 12.74 66.40
N LEU C 150 28.67 13.89 66.08
CA LEU C 150 28.79 14.49 64.76
C LEU C 150 30.20 15.04 64.59
N VAL C 151 31.04 14.32 63.84
CA VAL C 151 32.43 14.73 63.67
C VAL C 151 32.66 15.60 62.44
N GLY C 152 31.70 15.68 61.53
CA GLY C 152 31.85 16.63 60.43
C GLY C 152 30.83 16.37 59.33
N ILE C 153 31.17 16.81 58.12
CA ILE C 153 30.31 16.65 56.96
C ILE C 153 31.19 16.59 55.72
N ILE C 154 30.79 15.78 54.74
CA ILE C 154 31.53 15.64 53.49
C ILE C 154 30.57 15.81 52.33
N THR C 155 30.91 16.69 51.40
CA THR C 155 30.01 17.05 50.31
C THR C 155 30.67 16.87 48.95
N ASN C 156 30.02 17.39 47.89
CA ASN C 156 30.53 17.20 46.54
C ASN C 156 31.79 18.01 46.28
N ARG C 157 31.90 19.21 46.86
CA ARG C 157 33.09 20.02 46.65
C ARG C 157 34.33 19.36 47.23
N ASP C 158 34.17 18.63 48.34
CA ASP C 158 35.32 17.95 48.93
C ASP C 158 35.81 16.80 48.06
N MET C 159 34.89 16.10 47.40
CA MET C 159 35.22 14.87 46.69
C MET C 159 35.43 15.05 45.19
N ARG C 160 35.22 16.26 44.66
CA ARG C 160 35.13 16.39 43.20
C ARG C 160 36.48 16.33 42.51
N PHE C 161 37.59 16.42 43.25
CA PHE C 161 38.91 16.36 42.65
C PHE C 161 39.80 15.30 43.28
N GLU C 162 39.25 14.40 44.08
CA GLU C 162 40.02 13.30 44.67
C GLU C 162 40.17 12.20 43.62
N VAL C 163 41.39 11.99 43.14
CA VAL C 163 41.64 10.95 42.15
C VAL C 163 41.43 9.57 42.78
N ASP C 164 41.89 9.39 44.01
CA ASP C 164 41.79 8.10 44.70
C ASP C 164 40.43 8.02 45.38
N GLN C 165 39.58 7.13 44.91
CA GLN C 165 38.28 6.90 45.52
C GLN C 165 38.36 5.99 46.74
N SER C 166 39.53 5.41 47.02
CA SER C 166 39.70 4.51 48.15
C SER C 166 40.11 5.22 49.43
N LYS C 167 40.33 6.53 49.37
CA LYS C 167 40.71 7.27 50.57
C LYS C 167 39.58 7.26 51.59
N PRO C 168 39.90 7.22 52.87
CA PRO C 168 38.85 7.32 53.89
C PRO C 168 38.22 8.70 53.91
N VAL C 169 37.06 8.79 54.56
CA VAL C 169 36.35 10.05 54.64
C VAL C 169 37.15 11.08 55.44
N SER C 170 37.87 10.62 56.47
CA SER C 170 38.51 11.54 57.40
C SER C 170 39.55 12.42 56.72
N GLU C 171 40.14 11.96 55.62
CA GLU C 171 41.14 12.75 54.92
C GLU C 171 40.51 13.81 54.02
N VAL C 172 39.21 13.76 53.79
CA VAL C 172 38.54 14.64 52.84
C VAL C 172 37.44 15.46 53.48
N MET C 173 36.87 15.00 54.58
CA MET C 173 35.72 15.64 55.21
C MET C 173 36.09 17.00 55.79
N THR C 174 35.08 17.86 55.93
CA THR C 174 35.23 19.12 56.65
C THR C 174 35.07 18.84 58.14
N LYS C 175 36.10 19.13 58.92
CA LYS C 175 36.11 18.79 60.33
C LYS C 175 35.21 19.74 61.11
N ALA C 176 34.74 19.24 62.27
CA ALA C 176 33.92 20.05 63.16
C ALA C 176 34.76 21.17 63.77
N PRO C 177 34.13 22.28 64.19
CA PRO C 177 32.69 22.57 64.25
C PRO C 177 32.05 22.87 62.90
N LEU C 178 30.72 22.83 62.87
CA LEU C 178 29.93 23.07 61.66
C LEU C 178 28.82 24.05 61.98
N ILE C 179 28.31 24.70 60.93
CA ILE C 179 27.17 25.60 61.07
C ILE C 179 25.90 24.76 61.14
N THR C 180 25.23 24.79 62.30
CA THR C 180 24.10 23.91 62.54
C THR C 180 22.88 24.68 63.03
N ALA C 181 21.83 23.95 63.39
CA ALA C 181 20.61 24.54 63.92
C ALA C 181 20.03 23.59 64.96
N LYS C 182 19.10 24.10 65.74
CA LYS C 182 18.46 23.32 66.80
C LYS C 182 17.21 22.63 66.26
N GLU C 183 16.72 21.65 67.02
CA GLU C 183 15.52 20.93 66.62
C GLU C 183 14.31 21.87 66.59
N GLY C 184 13.40 21.59 65.66
CA GLY C 184 12.27 22.48 65.46
C GLY C 184 12.60 23.76 64.74
N VAL C 185 13.68 23.78 63.97
CA VAL C 185 14.04 24.98 63.22
C VAL C 185 13.08 25.15 62.05
N SER C 186 12.54 26.34 61.89
CA SER C 186 11.61 26.61 60.81
C SER C 186 12.34 26.66 59.47
N ALA C 187 11.56 26.61 58.39
CA ALA C 187 12.14 26.69 57.05
C ALA C 187 12.83 28.03 56.83
N GLU C 188 12.21 29.11 57.29
CA GLU C 188 12.79 30.44 57.11
C GLU C 188 14.11 30.59 57.85
N ALA C 189 14.21 30.05 59.06
CA ALA C 189 15.46 30.14 59.81
C ALA C 189 16.58 29.38 59.13
N ALA C 190 16.29 28.17 58.64
CA ALA C 190 17.30 27.40 57.93
C ALA C 190 17.73 28.11 56.64
N LEU C 191 16.76 28.67 55.91
CA LEU C 191 17.08 29.39 54.69
C LEU C 191 17.94 30.61 54.99
N GLY C 192 17.62 31.32 56.07
CA GLY C 192 18.44 32.47 56.46
C GLY C 192 19.86 32.07 56.83
N LEU C 193 20.01 30.96 57.55
CA LEU C 193 21.35 30.48 57.88
C LEU C 193 22.14 30.12 56.63
N LEU C 194 21.49 29.42 55.69
CA LEU C 194 22.18 29.04 54.46
C LEU C 194 22.57 30.27 53.65
N ARG C 195 21.68 31.27 53.58
CA ARG C 195 22.00 32.48 52.83
C ARG C 195 23.13 33.26 53.51
N ARG C 196 23.13 33.31 54.84
CA ARG C 196 24.12 34.11 55.55
C ARG C 196 25.50 33.47 55.46
N HIS C 197 25.57 32.15 55.63
CA HIS C 197 26.86 31.47 55.66
C HIS C 197 27.30 30.95 54.30
N LYS C 198 26.51 31.19 53.25
CA LYS C 198 26.87 30.79 51.88
C LYS C 198 27.15 29.29 51.80
N ILE C 199 26.25 28.50 52.37
CA ILE C 199 26.36 27.04 52.33
C ILE C 199 25.08 26.47 51.75
N GLU C 200 25.04 25.16 51.54
CA GLU C 200 23.86 24.49 51.04
C GLU C 200 23.29 23.46 51.99
N LYS C 201 23.96 23.16 53.09
CA LYS C 201 23.53 22.13 54.03
C LYS C 201 23.53 22.67 55.44
N LEU C 202 22.74 22.03 56.30
CA LEU C 202 22.56 22.48 57.68
C LEU C 202 22.21 21.27 58.53
N PRO C 203 23.19 20.71 59.25
CA PRO C 203 22.87 19.65 60.20
C PRO C 203 22.03 20.19 61.35
N ILE C 204 21.20 19.31 61.92
CA ILE C 204 20.35 19.65 63.05
C ILE C 204 20.69 18.69 64.18
N VAL C 205 21.02 19.25 65.33
CA VAL C 205 21.45 18.47 66.49
C VAL C 205 20.51 18.77 67.65
N ASP C 206 20.54 17.89 68.64
CA ASP C 206 19.71 18.03 69.83
C ASP C 206 20.42 18.94 70.85
N GLY C 207 19.90 18.98 72.08
CA GLY C 207 20.51 19.79 73.11
C GLY C 207 21.88 19.29 73.56
N HIS C 208 22.19 18.02 73.28
CA HIS C 208 23.46 17.43 73.67
C HIS C 208 24.47 17.36 72.53
N GLY C 209 24.17 18.02 71.39
CA GLY C 209 25.09 18.03 70.28
C GLY C 209 25.14 16.76 69.47
N LYS C 210 24.11 15.93 69.54
CA LYS C 210 24.03 14.70 68.77
C LYS C 210 23.18 14.91 67.53
N LEU C 211 23.64 14.38 66.40
CA LEU C 211 22.96 14.61 65.13
C LEU C 211 21.57 14.00 65.14
N THR C 212 20.57 14.80 64.72
CA THR C 212 19.20 14.33 64.60
C THR C 212 18.55 14.60 63.26
N GLY C 213 19.09 15.50 62.45
CA GLY C 213 18.48 15.76 61.16
C GLY C 213 19.41 16.48 60.22
N LEU C 214 18.93 16.70 59.00
CA LEU C 214 19.69 17.42 57.98
C LEU C 214 18.73 18.22 57.11
N ILE C 215 19.12 19.45 56.80
CA ILE C 215 18.36 20.31 55.89
C ILE C 215 19.27 20.69 54.74
N THR C 216 18.71 20.75 53.54
CA THR C 216 19.48 21.06 52.34
C THR C 216 18.70 22.05 51.50
N VAL C 217 19.40 22.76 50.62
CA VAL C 217 18.77 23.67 49.69
C VAL C 217 17.87 22.91 48.71
N LYS C 218 18.10 21.61 48.54
CA LYS C 218 17.25 20.79 47.68
C LYS C 218 15.81 20.83 48.15
N ASP C 219 15.57 20.89 49.46
CA ASP C 219 14.21 20.97 49.97
C ASP C 219 13.50 22.22 49.46
N PHE C 220 14.15 23.38 49.57
CA PHE C 220 13.54 24.61 49.11
C PHE C 220 13.37 24.63 47.59
N VAL C 221 14.35 24.10 46.86
CA VAL C 221 14.26 24.05 45.41
C VAL C 221 13.07 23.20 44.98
N LYS C 222 12.93 22.02 45.57
CA LYS C 222 11.83 21.12 45.20
C LYS C 222 10.49 21.67 45.63
N THR C 223 10.43 22.35 46.79
CA THR C 223 9.19 22.98 47.19
C THR C 223 8.78 24.08 46.23
N GLU C 224 9.75 24.84 45.72
CA GLU C 224 9.44 25.86 44.72
C GLU C 224 8.96 25.23 43.41
N GLN C 225 9.66 24.19 42.95
CA GLN C 225 9.32 23.61 41.65
C GLN C 225 8.01 22.85 41.68
N PHE C 226 7.73 22.13 42.76
CA PHE C 226 6.61 21.19 42.84
C PHE C 226 5.73 21.53 44.03
N PRO C 227 4.81 22.48 43.86
CA PRO C 227 3.91 22.84 44.96
C PRO C 227 2.81 21.83 45.22
N LEU C 228 2.59 20.88 44.31
CA LEU C 228 1.50 19.92 44.41
C LEU C 228 1.94 18.59 44.97
N SER C 229 3.16 18.51 45.50
CA SER C 229 3.74 17.22 45.89
C SER C 229 2.88 16.51 46.93
N THR C 230 2.73 15.20 46.75
CA THR C 230 1.97 14.37 47.66
C THR C 230 2.90 13.90 48.78
N LYS C 231 2.57 14.27 50.01
CA LYS C 231 3.43 14.03 51.17
C LYS C 231 2.64 13.40 52.30
N ASP C 232 3.36 12.76 53.21
CA ASP C 232 2.77 12.20 54.41
C ASP C 232 2.84 13.24 55.54
N SER C 233 2.56 12.80 56.77
CA SER C 233 2.58 13.71 57.91
C SER C 233 3.99 14.20 58.21
N ASP C 234 5.01 13.43 57.87
CA ASP C 234 6.40 13.81 58.13
C ASP C 234 7.02 14.62 57.00
N GLY C 235 6.26 14.94 55.95
CA GLY C 235 6.77 15.73 54.87
C GLY C 235 7.51 14.98 53.79
N ARG C 236 7.45 13.65 53.78
CA ARG C 236 8.12 12.85 52.77
C ARG C 236 7.11 12.40 51.72
N LEU C 237 7.62 12.09 50.53
CA LEU C 237 6.77 11.73 49.41
C LEU C 237 6.05 10.42 49.68
N LEU C 238 4.78 10.36 49.28
CA LEU C 238 4.01 9.13 49.39
C LEU C 238 4.44 8.13 48.32
N VAL C 239 4.29 6.85 48.64
CA VAL C 239 4.61 5.78 47.71
C VAL C 239 3.73 4.59 48.06
N GLY C 240 3.43 3.77 47.05
CA GLY C 240 2.71 2.54 47.27
C GLY C 240 3.45 1.37 46.66
N ALA C 241 3.16 0.18 47.16
CA ALA C 241 3.80 -1.02 46.67
C ALA C 241 2.76 -2.11 46.48
N ALA C 242 3.05 -3.02 45.55
CA ALA C 242 2.17 -4.12 45.22
C ALA C 242 2.68 -5.41 45.85
N VAL C 243 1.75 -6.19 46.39
CA VAL C 243 2.04 -7.52 46.93
C VAL C 243 1.01 -8.49 46.40
N GLY C 244 1.37 -9.77 46.41
CA GLY C 244 0.51 -10.85 45.95
C GLY C 244 -0.19 -11.55 47.09
N VAL C 245 -0.34 -12.87 46.97
CA VAL C 245 -0.95 -13.70 47.99
C VAL C 245 -0.03 -14.88 48.27
N GLY C 246 0.09 -15.25 49.55
CA GLY C 246 0.91 -16.36 49.99
C GLY C 246 1.74 -15.97 51.19
N ASP C 247 2.66 -16.86 51.56
CA ASP C 247 3.60 -16.57 52.65
C ASP C 247 4.70 -15.62 52.21
N ASP C 248 5.20 -15.80 50.99
CA ASP C 248 6.18 -14.86 50.44
C ASP C 248 5.60 -13.47 50.33
N ALA C 249 4.32 -13.39 49.95
CA ALA C 249 3.63 -12.09 49.91
C ALA C 249 3.57 -11.46 51.29
N TRP C 250 3.32 -12.26 52.33
CA TRP C 250 3.27 -11.71 53.68
C TRP C 250 4.62 -11.20 54.14
N THR C 251 5.69 -11.97 53.87
CA THR C 251 7.03 -11.49 54.21
C THR C 251 7.37 -10.21 53.46
N ARG C 252 7.04 -10.17 52.17
CA ARG C 252 7.27 -8.97 51.38
C ARG C 252 6.50 -7.77 51.93
N ALA C 253 5.24 -7.98 52.30
CA ALA C 253 4.42 -6.89 52.82
C ALA C 253 4.97 -6.36 54.14
N MET C 254 5.40 -7.25 55.04
CA MET C 254 5.96 -6.79 56.30
C MET C 254 7.26 -6.04 56.09
N THR C 255 8.12 -6.53 55.19
CA THR C 255 9.34 -5.81 54.87
C THR C 255 9.05 -4.43 54.30
N LEU C 256 8.07 -4.34 53.40
CA LEU C 256 7.72 -3.05 52.81
C LEU C 256 7.16 -2.09 53.85
N VAL C 257 6.34 -2.59 54.77
CA VAL C 257 5.82 -1.75 55.84
C VAL C 257 6.97 -1.24 56.71
N ASP C 258 7.94 -2.10 57.01
CA ASP C 258 9.11 -1.67 57.77
C ASP C 258 9.88 -0.58 57.02
N ALA C 259 10.02 -0.72 55.69
CA ALA C 259 10.73 0.29 54.91
C ALA C 259 10.00 1.63 54.91
N GLY C 260 8.73 1.66 55.27
CA GLY C 260 7.99 2.90 55.36
C GLY C 260 6.99 3.15 54.25
N VAL C 261 6.43 2.10 53.64
CA VAL C 261 5.47 2.29 52.57
C VAL C 261 4.16 2.84 53.14
N ASP C 262 3.43 3.55 52.29
CA ASP C 262 2.18 4.20 52.70
C ASP C 262 0.95 3.43 52.27
N VAL C 263 0.98 2.82 51.09
CA VAL C 263 -0.15 2.07 50.55
C VAL C 263 0.34 0.70 50.12
N LEU C 264 -0.40 -0.34 50.51
CA LEU C 264 -0.20 -1.70 50.04
C LEU C 264 -1.35 -2.05 49.11
N ILE C 265 -1.02 -2.50 47.90
CA ILE C 265 -2.02 -2.94 46.93
C ILE C 265 -1.93 -4.44 46.80
N VAL C 266 -2.98 -5.15 47.19
CA VAL C 266 -3.05 -6.59 46.98
C VAL C 266 -3.42 -6.77 45.51
N ASP C 267 -2.40 -7.02 44.68
CA ASP C 267 -2.45 -6.90 43.22
C ASP C 267 -2.68 -8.28 42.60
N THR C 268 -3.92 -8.56 42.23
CA THR C 268 -4.29 -9.82 41.59
C THR C 268 -5.18 -9.55 40.40
N ALA C 269 -5.19 -10.49 39.46
CA ALA C 269 -6.01 -10.38 38.27
C ALA C 269 -7.48 -10.68 38.54
N HIS C 270 -7.78 -11.39 39.62
CA HIS C 270 -9.16 -11.76 39.94
C HIS C 270 -9.27 -11.79 41.46
N ALA C 271 -9.77 -10.71 42.04
CA ALA C 271 -9.80 -10.53 43.49
C ALA C 271 -11.01 -11.17 44.15
N HIS C 272 -11.93 -11.76 43.39
CA HIS C 272 -13.07 -12.46 43.97
C HIS C 272 -12.64 -13.89 44.30
N ASN C 273 -11.84 -13.99 45.35
CA ASN C 273 -11.19 -15.24 45.74
C ASN C 273 -10.99 -15.20 47.25
N ARG C 274 -11.14 -16.36 47.90
CA ARG C 274 -10.98 -16.39 49.35
C ARG C 274 -9.56 -16.07 49.77
N GLY C 275 -8.57 -16.44 48.95
CA GLY C 275 -7.20 -16.12 49.29
C GLY C 275 -6.93 -14.63 49.31
N VAL C 276 -7.41 -13.91 48.30
CA VAL C 276 -7.21 -12.47 48.23
C VAL C 276 -7.93 -11.78 49.39
N LEU C 277 -9.17 -12.18 49.67
CA LEU C 277 -9.92 -11.56 50.76
C LEU C 277 -9.27 -11.83 52.10
N ASP C 278 -8.76 -13.05 52.32
CA ASP C 278 -8.06 -13.36 53.56
C ASP C 278 -6.77 -12.55 53.68
N MET C 279 -6.03 -12.40 52.58
CA MET C 279 -4.82 -11.57 52.62
C MET C 279 -5.16 -10.12 52.97
N VAL C 280 -6.23 -9.59 52.37
CA VAL C 280 -6.65 -8.23 52.67
C VAL C 280 -7.01 -8.08 54.15
N SER C 281 -7.78 -9.03 54.68
CA SER C 281 -8.18 -8.96 56.08
C SER C 281 -6.98 -9.08 57.00
N ARG C 282 -6.04 -9.97 56.69
CA ARG C 282 -4.84 -10.13 57.51
C ARG C 282 -4.02 -8.86 57.53
N LEU C 283 -3.80 -8.25 56.37
CA LEU C 283 -3.03 -7.00 56.32
C LEU C 283 -3.75 -5.90 57.08
N LYS C 284 -5.07 -5.81 56.93
CA LYS C 284 -5.82 -4.76 57.61
C LYS C 284 -5.78 -4.94 59.13
N GLN C 285 -5.80 -6.19 59.60
CA GLN C 285 -5.74 -6.43 61.03
C GLN C 285 -4.34 -6.28 61.59
N ALA C 286 -3.31 -6.53 60.78
CA ALA C 286 -1.93 -6.43 61.26
C ALA C 286 -1.42 -5.00 61.22
N VAL C 287 -1.39 -4.39 60.04
CA VAL C 287 -0.75 -3.09 59.87
C VAL C 287 -1.76 -2.06 59.39
N GLY C 288 -3.02 -2.24 59.76
CA GLY C 288 -4.07 -1.38 59.24
C GLY C 288 -4.18 -0.01 59.87
N GLU C 289 -3.39 0.27 60.90
CA GLU C 289 -3.37 1.60 61.49
C GLU C 289 -2.27 2.48 60.92
N ARG C 290 -1.27 1.89 60.27
CA ARG C 290 -0.16 2.62 59.70
C ARG C 290 -0.30 2.83 58.20
N VAL C 291 -0.78 1.84 57.47
CA VAL C 291 -0.88 1.89 56.02
C VAL C 291 -2.33 1.66 55.61
N ASP C 292 -2.60 1.95 54.33
CA ASP C 292 -3.88 1.66 53.69
C ASP C 292 -3.72 0.43 52.81
N VAL C 293 -4.79 -0.36 52.71
CA VAL C 293 -4.79 -1.59 51.93
C VAL C 293 -5.83 -1.45 50.82
N VAL C 294 -5.37 -1.60 49.58
CA VAL C 294 -6.23 -1.47 48.40
C VAL C 294 -6.38 -2.85 47.76
N GLY C 295 -7.62 -3.24 47.49
CA GLY C 295 -7.87 -4.55 46.94
C GLY C 295 -7.75 -4.61 45.43
N GLY C 296 -7.43 -5.82 44.94
CA GLY C 296 -7.17 -6.08 43.54
C GLY C 296 -8.32 -5.85 42.60
N ASN C 297 -8.16 -6.30 41.36
CA ASN C 297 -9.10 -5.95 40.31
C ASN C 297 -10.39 -6.75 40.40
N VAL C 298 -11.51 -6.03 40.34
CA VAL C 298 -12.85 -6.61 40.32
C VAL C 298 -13.59 -6.01 39.13
N ALA C 299 -14.71 -6.64 38.79
CA ALA C 299 -15.52 -6.14 37.69
C ALA C 299 -17.01 -6.16 37.95
N THR C 300 -17.46 -6.67 39.10
CA THR C 300 -18.88 -6.78 39.39
C THR C 300 -19.18 -6.12 40.73
N ARG C 301 -20.48 -5.99 41.01
CA ARG C 301 -20.91 -5.42 42.28
C ARG C 301 -20.62 -6.36 43.45
N ALA C 302 -20.78 -7.66 43.23
CA ALA C 302 -20.57 -8.63 44.30
C ALA C 302 -19.11 -8.70 44.73
N ALA C 303 -18.18 -8.66 43.77
CA ALA C 303 -16.77 -8.67 44.11
C ALA C 303 -16.37 -7.42 44.88
N ALA C 304 -16.87 -6.26 44.47
CA ALA C 304 -16.59 -5.02 45.18
C ALA C 304 -17.16 -5.07 46.59
N ALA C 305 -18.37 -5.61 46.75
CA ALA C 305 -18.96 -5.74 48.08
C ALA C 305 -18.14 -6.67 48.96
N ALA C 306 -17.63 -7.77 48.38
CA ALA C 306 -16.78 -8.66 49.14
C ALA C 306 -15.49 -7.98 49.58
N LEU C 307 -14.88 -7.19 48.70
CA LEU C 307 -13.67 -6.46 49.07
C LEU C 307 -13.96 -5.42 50.15
N VAL C 308 -15.10 -4.73 50.06
CA VAL C 308 -15.46 -3.76 51.08
C VAL C 308 -15.66 -4.45 52.43
N GLU C 309 -16.32 -5.60 52.41
CA GLU C 309 -16.57 -6.34 53.66
C GLU C 309 -15.27 -6.87 54.25
N ALA C 310 -14.31 -7.27 53.41
CA ALA C 310 -13.02 -7.73 53.91
C ALA C 310 -12.24 -6.62 54.60
N GLY C 311 -12.56 -5.36 54.31
CA GLY C 311 -11.90 -4.24 54.95
C GLY C 311 -10.98 -3.42 54.07
N ALA C 312 -11.12 -3.49 52.75
CA ALA C 312 -10.27 -2.71 51.86
C ALA C 312 -10.56 -1.22 52.01
N ASP C 313 -9.50 -0.41 51.91
CA ASP C 313 -9.65 1.03 51.95
C ASP C 313 -9.92 1.63 50.58
N ALA C 314 -9.66 0.88 49.52
CA ALA C 314 -10.00 1.26 48.17
C ALA C 314 -10.14 -0.01 47.35
N VAL C 315 -10.89 0.09 46.26
CA VAL C 315 -11.15 -1.05 45.38
C VAL C 315 -10.67 -0.71 43.99
N LYS C 316 -9.81 -1.55 43.41
CA LYS C 316 -9.34 -1.32 42.06
C LYS C 316 -10.19 -2.14 41.09
N VAL C 317 -10.61 -1.51 39.99
CA VAL C 317 -11.64 -2.04 39.11
C VAL C 317 -11.05 -2.21 37.72
N GLY C 318 -11.31 -3.38 37.12
CA GLY C 318 -11.03 -3.67 35.73
C GLY C 318 -10.49 -5.06 35.52
N VAL C 319 -11.18 -5.84 34.69
CA VAL C 319 -10.80 -7.21 34.36
C VAL C 319 -11.00 -7.38 32.86
N GLY C 320 -9.91 -7.39 32.11
CA GLY C 320 -9.97 -7.36 30.68
C GLY C 320 -10.78 -6.19 30.16
N PRO C 321 -10.37 -4.96 30.50
CA PRO C 321 -11.16 -3.80 30.08
C PRO C 321 -10.88 -3.33 28.67
N GLY C 322 -9.74 -3.70 28.08
CA GLY C 322 -9.46 -3.32 26.71
C GLY C 322 -10.23 -4.15 25.70
N SER C 323 -10.41 -3.59 24.51
CA SER C 323 -11.27 -4.22 23.52
C SER C 323 -10.63 -5.46 22.91
N ILE C 324 -9.32 -5.43 22.67
CA ILE C 324 -8.63 -6.57 22.09
C ILE C 324 -7.69 -7.16 23.13
N CYS C 325 -8.08 -7.05 24.39
CA CYS C 325 -7.31 -7.57 25.50
C CYS C 325 -6.99 -9.05 25.30
N THR C 326 -5.81 -9.47 25.77
CA THR C 326 -5.44 -10.88 25.71
C THR C 326 -6.37 -11.74 26.54
N THR C 327 -6.87 -11.22 27.66
CA THR C 327 -7.83 -11.96 28.46
C THR C 327 -9.09 -12.28 27.66
N ARG C 328 -9.60 -11.30 26.92
CA ARG C 328 -10.81 -11.50 26.14
C ARG C 328 -10.60 -12.51 25.03
N VAL C 329 -9.47 -12.44 24.33
CA VAL C 329 -9.23 -13.32 23.20
C VAL C 329 -8.96 -14.75 23.67
N VAL C 330 -8.15 -14.91 24.70
CA VAL C 330 -7.68 -16.23 25.10
C VAL C 330 -8.68 -16.92 26.03
N ALA C 331 -9.23 -16.21 27.00
CA ALA C 331 -10.14 -16.81 27.96
C ALA C 331 -11.61 -16.50 27.68
N GLY C 332 -11.90 -15.49 26.87
CA GLY C 332 -13.27 -15.09 26.66
C GLY C 332 -13.88 -14.34 27.81
N VAL C 333 -13.07 -13.83 28.72
CA VAL C 333 -13.52 -13.18 29.94
C VAL C 333 -13.25 -11.69 29.83
N GLY C 334 -14.21 -10.89 30.28
CA GLY C 334 -14.00 -9.46 30.30
C GLY C 334 -15.20 -8.74 30.86
N ALA C 335 -15.05 -7.44 31.01
CA ALA C 335 -16.13 -6.56 31.43
C ALA C 335 -15.86 -5.15 30.92
N PRO C 336 -16.76 -4.59 30.11
CA PRO C 336 -16.59 -3.20 29.68
C PRO C 336 -16.52 -2.26 30.88
N GLN C 337 -15.67 -1.24 30.76
CA GLN C 337 -15.18 -0.53 31.94
C GLN C 337 -16.20 0.44 32.52
N ILE C 338 -17.03 1.08 31.70
CA ILE C 338 -18.01 2.03 32.24
C ILE C 338 -19.02 1.30 33.13
N THR C 339 -19.55 0.18 32.64
CA THR C 339 -20.51 -0.61 33.42
C THR C 339 -19.85 -1.19 34.67
N ALA C 340 -18.61 -1.65 34.55
CA ALA C 340 -17.91 -2.19 35.70
C ALA C 340 -17.72 -1.13 36.78
N ILE C 341 -17.33 0.09 36.37
CA ILE C 341 -17.18 1.17 37.34
C ILE C 341 -18.52 1.52 37.97
N LEU C 342 -19.59 1.57 37.17
CA LEU C 342 -20.90 1.89 37.72
C LEU C 342 -21.33 0.86 38.77
N GLU C 343 -21.15 -0.42 38.47
CA GLU C 343 -21.53 -1.47 39.43
C GLU C 343 -20.66 -1.44 40.69
N ALA C 344 -19.35 -1.29 40.52
CA ALA C 344 -18.47 -1.23 41.67
C ALA C 344 -18.77 -0.01 42.55
N VAL C 345 -19.11 1.12 41.93
CA VAL C 345 -19.46 2.30 42.71
C VAL C 345 -20.77 2.09 43.44
N ALA C 346 -21.74 1.45 42.79
CA ALA C 346 -22.98 1.10 43.49
C ALA C 346 -22.70 0.22 44.70
N ALA C 347 -21.68 -0.64 44.62
CA ALA C 347 -21.31 -1.45 45.78
C ALA C 347 -20.59 -0.64 46.86
N CYS C 348 -19.70 0.27 46.46
CA CYS C 348 -18.73 0.86 47.39
C CYS C 348 -19.13 2.21 47.96
N LYS C 349 -19.94 3.00 47.25
CA LYS C 349 -20.22 4.37 47.69
C LYS C 349 -20.92 4.47 49.04
N PRO C 350 -21.91 3.63 49.39
CA PRO C 350 -22.55 3.78 50.71
C PRO C 350 -21.60 3.65 51.88
N TYR C 351 -20.44 3.02 51.70
CA TYR C 351 -19.46 2.86 52.76
C TYR C 351 -18.31 3.84 52.65
N GLY C 352 -18.29 4.69 51.64
CA GLY C 352 -17.22 5.66 51.50
C GLY C 352 -15.90 5.08 51.04
N VAL C 353 -15.93 3.97 50.32
CA VAL C 353 -14.71 3.33 49.82
C VAL C 353 -14.43 3.85 48.42
N PRO C 354 -13.29 4.46 48.17
CA PRO C 354 -12.99 4.94 46.82
C PRO C 354 -12.75 3.80 45.83
N VAL C 355 -13.00 4.11 44.56
CA VAL C 355 -12.85 3.18 43.45
C VAL C 355 -11.78 3.73 42.51
N ILE C 356 -10.83 2.88 42.14
CA ILE C 356 -9.75 3.21 41.23
C ILE C 356 -10.06 2.53 39.90
N ALA C 357 -10.08 3.30 38.82
CA ALA C 357 -10.33 2.76 37.50
C ALA C 357 -9.00 2.38 36.85
N ASP C 358 -8.80 1.09 36.58
CA ASP C 358 -7.53 0.58 36.09
C ASP C 358 -7.73 -0.09 34.74
N GLY C 359 -7.15 0.49 33.70
CA GLY C 359 -7.13 -0.14 32.40
C GLY C 359 -8.17 0.44 31.45
N GLY C 360 -7.82 0.46 30.17
CA GLY C 360 -8.71 0.90 29.12
C GLY C 360 -8.66 2.37 28.77
N LEU C 361 -7.78 3.14 29.40
CA LEU C 361 -7.72 4.59 29.18
C LEU C 361 -6.71 4.91 28.09
N GLN C 362 -7.16 5.59 27.05
CA GLN C 362 -6.29 6.00 25.95
C GLN C 362 -6.16 7.51 25.81
N TYR C 363 -7.16 8.28 26.23
CA TYR C 363 -7.15 9.73 26.13
C TYR C 363 -7.60 10.33 27.45
N SER C 364 -7.48 11.65 27.56
CA SER C 364 -7.91 12.34 28.78
C SER C 364 -9.43 12.40 28.88
N GLY C 365 -10.13 12.34 27.74
CA GLY C 365 -11.58 12.22 27.79
C GLY C 365 -12.02 10.93 28.44
N ASP C 366 -11.26 9.85 28.24
CA ASP C 366 -11.53 8.60 28.94
C ASP C 366 -11.38 8.77 30.45
N ILE C 367 -10.38 9.55 30.88
CA ILE C 367 -10.19 9.80 32.31
C ILE C 367 -11.37 10.57 32.87
N ALA C 368 -11.84 11.58 32.14
CA ALA C 368 -13.00 12.34 32.58
C ALA C 368 -14.25 11.46 32.65
N LYS C 369 -14.42 10.56 31.69
CA LYS C 369 -15.55 9.64 31.71
C LYS C 369 -15.46 8.67 32.87
N ALA C 370 -14.26 8.17 33.16
CA ALA C 370 -14.09 7.26 34.30
C ALA C 370 -14.40 7.95 35.61
N LEU C 371 -13.96 9.21 35.76
CA LEU C 371 -14.27 9.93 36.99
C LEU C 371 -15.74 10.28 37.09
N ALA C 372 -16.39 10.58 35.96
CA ALA C 372 -17.81 10.90 36.00
C ALA C 372 -18.67 9.67 36.28
N ALA C 373 -18.18 8.48 35.94
CA ALA C 373 -18.91 7.25 36.24
C ALA C 373 -18.88 6.90 37.72
N GLY C 374 -18.06 7.56 38.52
CA GLY C 374 -18.03 7.30 39.95
C GLY C 374 -16.67 6.96 40.52
N ALA C 375 -15.66 6.80 39.67
CA ALA C 375 -14.33 6.52 40.18
C ALA C 375 -13.71 7.76 40.79
N SER C 376 -12.84 7.55 41.77
CA SER C 376 -12.13 8.65 42.43
C SER C 376 -10.74 8.88 41.88
N THR C 377 -10.10 7.84 41.34
CA THR C 377 -8.77 7.95 40.75
C THR C 377 -8.69 7.03 39.54
N ALA C 378 -7.70 7.28 38.70
CA ALA C 378 -7.48 6.48 37.50
C ALA C 378 -6.03 6.00 37.48
N MET C 379 -5.84 4.69 37.50
CA MET C 379 -4.52 4.11 37.37
C MET C 379 -4.09 4.20 35.92
N LEU C 380 -2.88 4.71 35.69
CA LEU C 380 -2.41 4.97 34.33
C LEU C 380 -1.28 4.02 33.96
N GLY C 381 -1.50 3.24 32.91
CA GLY C 381 -0.48 2.38 32.37
C GLY C 381 -0.43 2.58 30.86
N SER C 382 0.72 2.25 30.30
CA SER C 382 0.98 2.34 28.86
C SER C 382 1.14 3.79 28.43
N LEU C 383 0.25 4.68 28.88
CA LEU C 383 0.42 6.10 28.61
C LEU C 383 1.68 6.64 29.26
N LEU C 384 2.23 5.91 30.23
CA LEU C 384 3.41 6.29 30.98
C LEU C 384 4.60 5.39 30.71
N ALA C 385 4.43 4.31 29.95
CA ALA C 385 5.50 3.35 29.73
C ALA C 385 6.64 3.89 28.88
N GLY C 386 6.41 4.96 28.13
CA GLY C 386 7.44 5.51 27.28
C GLY C 386 8.10 6.76 27.80
N THR C 387 7.65 7.30 28.93
CA THR C 387 8.19 8.55 29.43
C THR C 387 9.61 8.36 29.96
N ALA C 388 10.30 9.48 30.15
CA ALA C 388 11.70 9.43 30.57
C ALA C 388 11.88 8.83 31.95
N GLU C 389 10.90 9.00 32.84
CA GLU C 389 11.01 8.52 34.21
C GLU C 389 10.67 7.04 34.35
N SER C 390 10.15 6.39 33.31
CA SER C 390 9.86 4.97 33.38
C SER C 390 11.15 4.18 33.27
N PRO C 391 11.16 2.95 33.78
CA PRO C 391 12.38 2.12 33.69
C PRO C 391 12.76 1.84 32.25
N GLY C 392 14.05 1.61 32.04
CA GLY C 392 14.60 1.35 30.73
C GLY C 392 15.61 2.40 30.31
N GLU C 393 16.30 2.09 29.22
CA GLU C 393 17.31 2.97 28.67
C GLU C 393 16.86 3.53 27.33
N LEU C 394 17.25 4.77 27.06
CA LEU C 394 16.81 5.49 25.88
C LEU C 394 17.83 5.30 24.76
N ILE C 395 17.39 4.74 23.65
CA ILE C 395 18.27 4.40 22.52
C ILE C 395 17.66 4.94 21.24
N PHE C 396 18.48 5.01 20.20
CA PHE C 396 18.03 5.37 18.87
C PHE C 396 18.09 4.15 17.97
N VAL C 397 16.97 3.82 17.34
CA VAL C 397 16.89 2.71 16.41
C VAL C 397 16.22 3.23 15.13
N ASN C 398 16.94 3.14 14.02
CA ASN C 398 16.44 3.54 12.70
C ASN C 398 15.86 4.95 12.74
N GLY C 399 16.54 5.84 13.45
CA GLY C 399 16.11 7.22 13.52
C GLY C 399 14.91 7.48 14.41
N LYS C 400 14.60 6.59 15.35
CA LYS C 400 13.50 6.80 16.27
C LYS C 400 13.94 6.48 17.68
N GLN C 401 13.48 7.29 18.64
CA GLN C 401 13.79 7.07 20.04
C GLN C 401 12.95 5.92 20.58
N PHE C 402 13.60 4.99 21.26
CA PHE C 402 12.94 3.86 21.87
C PHE C 402 13.44 3.66 23.29
N LYS C 403 12.59 3.10 24.12
CA LYS C 403 12.94 2.73 25.50
C LYS C 403 13.10 1.22 25.54
N SER C 404 14.33 0.76 25.72
CA SER C 404 14.64 -0.66 25.76
C SER C 404 14.91 -1.09 27.20
N TYR C 405 14.98 -2.40 27.38
CA TYR C 405 15.12 -2.98 28.71
C TYR C 405 16.16 -4.09 28.73
N TYR C 428 9.82 -15.89 38.21
CA TYR C 428 9.78 -16.45 39.56
C TYR C 428 8.86 -15.63 40.46
N PHE C 429 8.81 -14.33 40.21
CA PHE C 429 8.01 -13.41 41.02
C PHE C 429 6.62 -13.17 40.44
N GLN C 430 6.30 -13.76 39.30
CA GLN C 430 4.98 -13.64 38.69
C GLN C 430 4.18 -14.90 39.04
N ASP C 431 3.70 -14.93 40.28
CA ASP C 431 2.98 -16.08 40.80
C ASP C 431 1.48 -16.01 40.55
N ASP C 432 1.01 -14.99 39.84
CA ASP C 432 -0.42 -14.84 39.58
C ASP C 432 -0.86 -15.87 38.54
N VAL C 433 -1.81 -16.72 38.91
CA VAL C 433 -2.22 -17.82 38.03
C VAL C 433 -3.02 -17.31 36.84
N LEU C 434 -3.82 -16.25 37.02
CA LEU C 434 -4.70 -15.75 35.98
C LEU C 434 -4.14 -14.53 35.25
N SER C 435 -2.85 -14.22 35.44
CA SER C 435 -2.26 -13.08 34.77
C SER C 435 -2.10 -13.34 33.27
N GLU C 436 -1.95 -12.26 32.51
CA GLU C 436 -1.87 -12.39 31.06
C GLU C 436 -0.60 -13.10 30.61
N ASP C 437 0.50 -12.95 31.35
CA ASP C 437 1.73 -13.62 30.97
C ASP C 437 1.59 -15.13 30.98
N LYS C 438 0.71 -15.65 31.85
CA LYS C 438 0.39 -17.07 31.85
C LYS C 438 -0.44 -17.49 30.63
N LEU C 439 -1.01 -16.53 29.90
CA LEU C 439 -1.86 -16.81 28.75
C LEU C 439 -1.11 -16.73 27.43
N VAL C 440 -0.45 -15.60 27.17
CA VAL C 440 0.28 -15.44 25.91
C VAL C 440 1.49 -16.38 25.90
N PRO C 441 1.72 -17.13 24.82
CA PRO C 441 2.86 -18.06 24.80
C PRO C 441 4.19 -17.33 24.60
N GLU C 442 4.76 -16.82 25.69
CA GLU C 442 6.02 -16.09 25.63
C GLU C 442 7.15 -16.96 25.08
N ARG C 447 11.10 -3.12 23.54
CA ARG C 447 11.28 -1.80 22.95
C ARG C 447 9.96 -1.05 22.82
N VAL C 448 9.78 -0.03 23.66
CA VAL C 448 8.59 0.81 23.62
C VAL C 448 8.99 2.19 23.11
N PRO C 449 8.10 2.91 22.43
CA PRO C 449 8.46 4.23 21.90
C PRO C 449 8.63 5.25 23.02
N PHE C 450 9.40 6.29 22.72
CA PHE C 450 9.64 7.37 23.67
C PHE C 450 8.49 8.37 23.64
N ARG C 451 8.16 8.91 24.82
CA ARG C 451 7.04 9.82 24.94
C ARG C 451 7.40 11.16 25.58
N GLY C 452 8.67 11.39 25.91
CA GLY C 452 9.09 12.63 26.50
C GLY C 452 9.05 12.59 28.02
N PRO C 453 9.03 13.76 28.64
CA PRO C 453 8.94 13.82 30.11
C PRO C 453 7.54 13.51 30.61
N LEU C 454 7.49 13.11 31.88
CA LEU C 454 6.21 12.79 32.52
C LEU C 454 5.36 14.03 32.76
N GLY C 455 5.99 15.15 33.08
CA GLY C 455 5.24 16.34 33.46
C GLY C 455 4.33 16.84 32.36
N THR C 456 4.79 16.80 31.11
CA THR C 456 3.95 17.25 30.01
C THR C 456 2.75 16.35 29.81
N VAL C 457 2.94 15.03 29.96
CA VAL C 457 1.82 14.10 29.85
C VAL C 457 0.79 14.36 30.93
N ILE C 458 1.26 14.55 32.17
CA ILE C 458 0.35 14.83 33.28
C ILE C 458 -0.38 16.14 33.04
N HIS C 459 0.32 17.15 32.52
CA HIS C 459 -0.31 18.44 32.26
C HIS C 459 -1.39 18.32 31.19
N GLN C 460 -1.13 17.56 30.12
CA GLN C 460 -2.14 17.37 29.09
C GLN C 460 -3.37 16.66 29.66
N LEU C 461 -3.16 15.60 30.45
CA LEU C 461 -4.29 14.87 31.02
C LEU C 461 -5.10 15.76 31.95
N THR C 462 -4.42 16.55 32.79
CA THR C 462 -5.11 17.43 33.72
C THR C 462 -5.82 18.57 33.00
N GLY C 463 -5.27 19.05 31.89
CA GLY C 463 -5.97 20.06 31.11
C GLY C 463 -7.24 19.52 30.49
N GLY C 464 -7.19 18.29 29.97
CA GLY C 464 -8.42 17.67 29.48
C GLY C 464 -9.46 17.49 30.57
N LEU C 465 -9.01 17.06 31.75
CA LEU C 465 -9.94 16.90 32.87
C LEU C 465 -10.55 18.24 33.28
N ARG C 466 -9.75 19.30 33.31
CA ARG C 466 -10.28 20.62 33.68
C ARG C 466 -11.26 21.14 32.63
N ALA C 467 -11.00 20.87 31.35
CA ALA C 467 -11.98 21.24 30.32
C ALA C 467 -13.29 20.49 30.51
N ALA C 468 -13.21 19.20 30.86
CA ALA C 468 -14.43 18.44 31.12
C ALA C 468 -15.19 19.02 32.31
N MET C 469 -14.48 19.37 33.37
CA MET C 469 -15.12 19.95 34.55
C MET C 469 -15.76 21.29 34.22
N GLY C 470 -15.11 22.08 33.37
CA GLY C 470 -15.72 23.32 32.92
C GLY C 470 -16.98 23.11 32.11
N TYR C 471 -16.98 22.10 31.24
CA TYR C 471 -18.15 21.81 30.42
C TYR C 471 -19.32 21.30 31.26
N THR C 472 -19.05 20.45 32.24
CA THR C 472 -20.13 19.86 33.02
C THR C 472 -20.57 20.71 34.20
N GLY C 473 -19.88 21.81 34.49
CA GLY C 473 -20.23 22.63 35.63
C GLY C 473 -19.81 22.06 36.95
N SER C 474 -18.71 21.31 36.98
CA SER C 474 -18.25 20.63 38.18
C SER C 474 -17.13 21.44 38.82
N ALA C 475 -17.39 21.96 40.02
CA ALA C 475 -16.35 22.66 40.75
C ALA C 475 -15.33 21.71 41.36
N THR C 476 -15.77 20.52 41.77
CA THR C 476 -14.92 19.53 42.40
C THR C 476 -15.14 18.18 41.72
N ILE C 477 -14.26 17.22 42.03
CA ILE C 477 -14.41 15.87 41.48
C ILE C 477 -15.66 15.21 42.02
N GLU C 478 -16.01 15.48 43.27
CA GLU C 478 -17.22 14.91 43.85
C GLU C 478 -18.48 15.37 43.11
N GLN C 479 -18.43 16.53 42.47
CA GLN C 479 -19.54 16.96 41.62
C GLN C 479 -19.43 16.39 40.22
N LEU C 480 -18.21 16.20 39.71
CA LEU C 480 -18.03 15.54 38.43
C LEU C 480 -18.58 14.12 38.46
N GLN C 481 -18.53 13.47 39.62
CA GLN C 481 -19.05 12.12 39.74
C GLN C 481 -20.57 12.07 39.66
N GLN C 482 -21.24 13.21 39.65
CA GLN C 482 -22.69 13.28 39.51
C GLN C 482 -23.14 13.68 38.11
N ALA C 483 -22.24 13.69 37.14
CA ALA C 483 -22.56 14.12 35.79
C ALA C 483 -23.27 13.00 35.01
N GLN C 484 -24.03 13.41 33.99
CA GLN C 484 -24.81 12.48 33.18
C GLN C 484 -24.11 12.15 31.87
N PHE C 485 -24.47 11.00 31.31
CA PHE C 485 -23.94 10.52 30.05
C PHE C 485 -25.01 10.57 28.96
N VAL C 486 -24.54 10.66 27.72
CA VAL C 486 -25.35 10.36 26.54
C VAL C 486 -24.70 9.18 25.83
N GLN C 487 -25.50 8.17 25.52
CA GLN C 487 -25.01 7.01 24.79
C GLN C 487 -25.07 7.27 23.29
N ILE C 488 -24.02 6.87 22.59
CA ILE C 488 -23.92 7.12 21.16
C ILE C 488 -23.95 5.79 20.42
N THR C 489 -24.32 5.85 19.15
CA THR C 489 -24.47 4.66 18.32
C THR C 489 -23.17 4.41 17.56
N ALA C 490 -23.18 3.42 16.66
CA ALA C 490 -21.97 3.09 15.91
C ALA C 490 -21.56 4.19 14.95
N ALA C 491 -22.53 4.91 14.37
CA ALA C 491 -22.22 5.98 13.44
C ALA C 491 -21.49 7.13 14.14
N GLY C 492 -21.62 7.24 15.45
CA GLY C 492 -20.89 8.27 16.17
C GLY C 492 -19.41 8.00 16.26
N LEU C 493 -19.00 6.75 16.07
CA LEU C 493 -17.59 6.38 16.13
C LEU C 493 -16.95 6.33 14.75
N LYS C 494 -17.71 6.54 13.68
CA LYS C 494 -17.20 6.44 12.33
C LYS C 494 -16.42 7.69 11.92
N VAL D 12 -49.80 -1.43 16.87
CA VAL D 12 -50.19 -2.61 16.12
C VAL D 12 -49.14 -2.98 15.05
N PRO D 13 -48.63 -2.01 14.27
CA PRO D 13 -47.50 -2.33 13.40
C PRO D 13 -46.22 -2.58 14.19
N VAL D 14 -45.37 -3.43 13.62
CA VAL D 14 -44.06 -3.75 14.19
C VAL D 14 -43.10 -2.61 13.87
N PRO D 15 -42.19 -2.24 14.77
CA PRO D 15 -41.22 -1.18 14.45
C PRO D 15 -40.27 -1.53 13.32
N THR D 16 -40.12 -2.81 12.97
CA THR D 16 -39.26 -3.19 11.85
C THR D 16 -40.04 -3.43 10.56
N GLY D 17 -41.33 -3.18 10.56
CA GLY D 17 -42.12 -3.31 9.35
C GLY D 17 -43.14 -4.43 9.44
N GLY D 18 -44.25 -4.24 8.75
CA GLY D 18 -45.29 -5.24 8.69
C GLY D 18 -46.17 -5.27 9.93
N ASP D 19 -47.07 -6.25 9.95
CA ASP D 19 -47.99 -6.45 11.06
C ASP D 19 -47.74 -7.74 11.82
N ASP D 20 -46.70 -8.49 11.48
CA ASP D 20 -46.44 -9.78 12.10
C ASP D 20 -45.29 -9.64 13.09
N PRO D 21 -45.52 -9.77 14.39
CA PRO D 21 -44.40 -9.65 15.35
C PRO D 21 -43.47 -10.84 15.36
N THR D 22 -43.82 -11.94 14.67
CA THR D 22 -42.97 -13.12 14.62
C THR D 22 -42.21 -13.25 13.32
N LYS D 23 -42.32 -12.28 12.41
CA LYS D 23 -41.60 -12.35 11.14
C LYS D 23 -40.09 -12.32 11.38
N VAL D 24 -39.64 -11.43 12.25
CA VAL D 24 -38.26 -11.43 12.74
C VAL D 24 -38.29 -12.11 14.10
N ALA D 25 -37.93 -13.40 14.12
CA ALA D 25 -38.20 -14.22 15.29
C ALA D 25 -37.33 -13.83 16.47
N MET D 26 -36.02 -13.71 16.25
CA MET D 26 -35.08 -13.52 17.35
C MET D 26 -34.04 -12.48 16.97
N LEU D 27 -33.19 -12.15 17.94
CA LEU D 27 -31.96 -11.41 17.70
C LEU D 27 -30.79 -12.34 17.96
N GLY D 28 -29.95 -12.53 16.96
CA GLY D 28 -28.91 -13.53 17.04
C GLY D 28 -27.59 -13.03 17.58
N LEU D 29 -27.09 -13.66 18.62
CA LEU D 29 -25.80 -13.34 19.22
C LEU D 29 -24.75 -14.32 18.70
N THR D 30 -23.60 -13.80 18.31
CA THR D 30 -22.45 -14.60 17.94
C THR D 30 -21.40 -14.53 19.06
N PHE D 31 -20.26 -15.16 18.81
CA PHE D 31 -19.23 -15.23 19.84
C PHE D 31 -18.67 -13.86 20.20
N ASP D 32 -18.53 -12.98 19.21
CA ASP D 32 -17.99 -11.65 19.45
C ASP D 32 -18.97 -10.73 20.16
N ASP D 33 -20.23 -11.13 20.32
CA ASP D 33 -21.22 -10.30 20.98
C ASP D 33 -21.19 -10.39 22.49
N VAL D 34 -20.56 -11.43 23.05
CA VAL D 34 -20.66 -11.70 24.48
C VAL D 34 -19.28 -11.89 25.07
N LEU D 35 -19.20 -11.70 26.38
CA LEU D 35 -18.03 -12.05 27.17
C LEU D 35 -18.49 -12.75 28.43
N LEU D 36 -17.58 -13.51 29.05
CA LEU D 36 -17.87 -14.21 30.29
C LEU D 36 -17.59 -13.30 31.47
N LEU D 37 -18.56 -13.14 32.35
CA LEU D 37 -18.40 -12.34 33.56
C LEU D 37 -17.61 -13.12 34.60
N PRO D 38 -16.65 -12.48 35.28
CA PRO D 38 -16.00 -13.12 36.42
C PRO D 38 -16.99 -13.38 37.55
N ALA D 39 -16.77 -14.46 38.28
CA ALA D 39 -17.59 -14.82 39.41
C ALA D 39 -16.69 -15.19 40.58
N ALA D 40 -17.32 -15.45 41.73
CA ALA D 40 -16.57 -15.90 42.90
C ALA D 40 -15.88 -17.22 42.59
N SER D 41 -14.59 -17.29 42.89
CA SER D 41 -13.78 -18.41 42.44
C SER D 41 -12.89 -18.92 43.57
N ASP D 42 -12.76 -20.24 43.64
CA ASP D 42 -11.72 -20.91 44.41
C ASP D 42 -10.98 -21.90 43.54
N VAL D 43 -10.97 -21.66 42.23
CA VAL D 43 -10.51 -22.62 41.25
C VAL D 43 -9.14 -22.19 40.73
N VAL D 44 -8.18 -23.09 40.82
CA VAL D 44 -6.87 -22.89 40.22
C VAL D 44 -6.92 -23.46 38.81
N PRO D 45 -6.46 -22.73 37.79
CA PRO D 45 -6.56 -23.24 36.42
C PRO D 45 -5.92 -24.59 36.22
N ALA D 46 -4.81 -24.88 36.90
CA ALA D 46 -4.14 -26.16 36.72
C ALA D 46 -4.96 -27.33 37.28
N THR D 47 -5.79 -27.08 38.28
CA THR D 47 -6.56 -28.13 38.92
C THR D 47 -8.02 -28.18 38.46
N ALA D 48 -8.38 -27.40 37.45
CA ALA D 48 -9.74 -27.45 36.92
C ALA D 48 -9.95 -28.71 36.10
N ASP D 49 -11.12 -29.31 36.24
CA ASP D 49 -11.46 -30.54 35.55
C ASP D 49 -12.17 -30.21 34.24
N THR D 50 -11.56 -30.57 33.12
CA THR D 50 -12.09 -30.25 31.80
C THR D 50 -12.82 -31.41 31.14
N SER D 51 -13.10 -32.49 31.87
CA SER D 51 -13.78 -33.63 31.27
C SER D 51 -15.25 -33.31 31.02
N SER D 52 -15.79 -33.88 29.96
CA SER D 52 -17.16 -33.58 29.55
C SER D 52 -17.73 -34.76 28.77
N GLN D 53 -19.06 -34.76 28.64
CA GLN D 53 -19.76 -35.82 27.92
C GLN D 53 -19.79 -35.52 26.43
N LEU D 54 -19.37 -36.49 25.62
CA LEU D 54 -19.56 -36.40 24.17
C LEU D 54 -20.93 -36.90 23.77
N THR D 55 -21.30 -38.09 24.27
CA THR D 55 -22.64 -38.62 24.11
C THR D 55 -23.18 -38.97 25.49
N LYS D 56 -24.31 -39.67 25.55
CA LYS D 56 -24.86 -40.04 26.85
C LYS D 56 -24.03 -41.09 27.55
N ARG D 57 -23.16 -41.80 26.84
CA ARG D 57 -22.35 -42.87 27.42
C ARG D 57 -20.85 -42.63 27.33
N ILE D 58 -20.39 -41.70 26.51
CA ILE D 58 -18.97 -41.46 26.30
C ILE D 58 -18.57 -40.15 26.96
N ARG D 59 -17.51 -40.19 27.77
CA ARG D 59 -16.98 -39.01 28.44
C ARG D 59 -15.52 -38.83 28.05
N LEU D 60 -15.17 -37.63 27.60
CA LEU D 60 -13.82 -37.31 27.16
C LEU D 60 -13.10 -36.52 28.26
N ARG D 61 -11.78 -36.66 28.29
CA ARG D 61 -10.97 -35.86 29.21
C ARG D 61 -10.80 -34.43 28.72
N VAL D 62 -10.77 -34.24 27.41
CA VAL D 62 -10.62 -32.94 26.77
C VAL D 62 -11.81 -32.75 25.84
N PRO D 63 -12.66 -31.75 26.04
CA PRO D 63 -13.95 -31.68 25.33
C PRO D 63 -13.83 -31.16 23.90
N LEU D 64 -12.97 -31.82 23.10
CA LEU D 64 -12.71 -31.39 21.74
C LEU D 64 -12.80 -32.58 20.79
N VAL D 65 -13.36 -32.34 19.61
CA VAL D 65 -13.52 -33.37 18.57
C VAL D 65 -13.02 -32.80 17.25
N SER D 66 -12.58 -33.69 16.37
CA SER D 66 -12.21 -33.31 15.01
C SER D 66 -13.45 -33.27 14.12
N SER D 67 -13.30 -32.63 12.95
CA SER D 67 -14.43 -32.08 12.22
C SER D 67 -14.98 -32.95 11.11
N ALA D 68 -14.38 -34.12 10.85
CA ALA D 68 -14.87 -35.01 9.79
C ALA D 68 -14.86 -34.34 8.43
N MET D 69 -13.79 -33.61 8.14
CA MET D 69 -13.54 -33.04 6.83
C MET D 69 -12.33 -33.73 6.21
N ASP D 70 -12.30 -33.79 4.87
CA ASP D 70 -11.24 -34.53 4.21
C ASP D 70 -9.89 -33.84 4.29
N THR D 71 -9.84 -32.59 4.77
CA THR D 71 -8.58 -31.90 5.01
C THR D 71 -8.18 -31.92 6.48
N VAL D 72 -8.95 -32.56 7.35
CA VAL D 72 -8.69 -32.50 8.78
C VAL D 72 -8.43 -33.88 9.36
N THR D 73 -9.38 -34.80 9.20
CA THR D 73 -9.40 -36.03 10.00
C THR D 73 -9.23 -37.26 9.11
N GLU D 74 -8.19 -38.03 9.37
CA GLU D 74 -8.04 -39.40 8.88
C GLU D 74 -7.46 -40.20 10.04
N SER D 75 -6.92 -41.39 9.73
CA SER D 75 -6.49 -42.29 10.79
C SER D 75 -5.44 -41.64 11.69
N ARG D 76 -4.48 -40.93 11.11
CA ARG D 76 -3.44 -40.30 11.90
C ARG D 76 -4.01 -39.22 12.81
N MET D 77 -4.88 -38.36 12.28
CA MET D 77 -5.51 -37.32 13.09
C MET D 77 -6.41 -37.93 14.16
N ALA D 78 -7.15 -38.99 13.82
CA ALA D 78 -8.01 -39.63 14.81
C ALA D 78 -7.19 -40.22 15.95
N ILE D 79 -6.06 -40.87 15.63
CA ILE D 79 -5.20 -41.43 16.66
C ILE D 79 -4.64 -40.32 17.54
N ALA D 80 -4.17 -39.23 16.92
CA ALA D 80 -3.60 -38.13 17.69
C ALA D 80 -4.63 -37.48 18.59
N MET D 81 -5.85 -37.29 18.08
CA MET D 81 -6.91 -36.69 18.89
C MET D 81 -7.31 -37.60 20.05
N ALA D 82 -7.41 -38.91 19.80
CA ALA D 82 -7.74 -39.83 20.89
C ALA D 82 -6.66 -39.86 21.95
N ARG D 83 -5.38 -39.77 21.53
CA ARG D 83 -4.30 -39.72 22.49
C ARG D 83 -4.28 -38.42 23.28
N ALA D 84 -4.66 -37.31 22.64
CA ALA D 84 -4.65 -36.01 23.30
C ALA D 84 -5.76 -35.85 24.34
N GLY D 85 -6.71 -36.78 24.40
CA GLY D 85 -7.81 -36.71 25.33
C GLY D 85 -9.16 -36.45 24.70
N GLY D 86 -9.22 -36.16 23.41
CA GLY D 86 -10.48 -35.95 22.73
C GLY D 86 -10.88 -37.11 21.84
N MET D 87 -11.38 -36.82 20.65
CA MET D 87 -11.74 -37.85 19.70
C MET D 87 -11.68 -37.27 18.30
N GLY D 88 -11.68 -38.17 17.32
CA GLY D 88 -11.74 -37.76 15.93
C GLY D 88 -12.87 -38.48 15.21
N VAL D 89 -13.43 -37.79 14.23
CA VAL D 89 -14.50 -38.33 13.40
C VAL D 89 -13.98 -38.43 11.98
N LEU D 90 -13.97 -39.64 11.42
CA LEU D 90 -13.43 -39.86 10.09
C LEU D 90 -14.44 -39.43 9.03
N HIS D 91 -13.94 -38.71 8.02
CA HIS D 91 -14.82 -38.20 6.98
C HIS D 91 -15.28 -39.32 6.05
N ARG D 92 -16.28 -39.02 5.24
CA ARG D 92 -16.90 -40.00 4.35
C ARG D 92 -16.73 -39.65 2.88
N ASN D 93 -15.76 -38.81 2.54
CA ASN D 93 -15.51 -38.46 1.14
C ASN D 93 -14.48 -39.41 0.53
N LEU D 94 -14.84 -40.70 0.56
CA LEU D 94 -13.97 -41.77 0.12
C LEU D 94 -14.77 -43.06 0.11
N PRO D 95 -14.27 -44.11 -0.55
CA PRO D 95 -15.01 -45.37 -0.61
C PRO D 95 -15.24 -45.98 0.77
N VAL D 96 -16.29 -46.81 0.85
CA VAL D 96 -16.65 -47.45 2.11
C VAL D 96 -15.51 -48.31 2.64
N ALA D 97 -14.85 -49.04 1.74
CA ALA D 97 -13.78 -49.93 2.16
C ALA D 97 -12.62 -49.14 2.77
N GLU D 98 -12.27 -48.00 2.18
CA GLU D 98 -11.17 -47.20 2.71
C GLU D 98 -11.50 -46.62 4.07
N GLN D 99 -12.73 -46.14 4.26
CA GLN D 99 -13.12 -45.61 5.56
C GLN D 99 -13.13 -46.70 6.62
N ALA D 100 -13.62 -47.89 6.28
CA ALA D 100 -13.59 -48.99 7.23
C ALA D 100 -12.16 -49.41 7.54
N GLY D 101 -11.28 -49.36 6.53
CA GLY D 101 -9.87 -49.67 6.78
C GLY D 101 -9.21 -48.66 7.70
N GLN D 102 -9.60 -47.39 7.58
CA GLN D 102 -9.07 -46.39 8.50
C GLN D 102 -9.60 -46.59 9.92
N VAL D 103 -10.86 -47.00 10.04
CA VAL D 103 -11.39 -47.37 11.36
C VAL D 103 -10.56 -48.50 11.95
N GLU D 104 -10.25 -49.51 11.15
CA GLU D 104 -9.43 -50.63 11.63
C GLU D 104 -8.03 -50.17 12.00
N THR D 105 -7.45 -49.26 11.22
CA THR D 105 -6.13 -48.73 11.53
C THR D 105 -6.12 -48.02 12.88
N VAL D 106 -7.14 -47.21 13.15
CA VAL D 106 -7.22 -46.53 14.44
C VAL D 106 -7.43 -47.54 15.57
N LYS D 107 -8.29 -48.53 15.35
CA LYS D 107 -8.66 -49.46 16.41
C LYS D 107 -7.53 -50.39 16.83
N ARG D 108 -6.50 -50.56 16.00
CA ARG D 108 -5.38 -51.44 16.31
C ARG D 108 -4.10 -50.66 16.55
N SER D 109 -4.21 -49.38 16.89
CA SER D 109 -3.03 -48.53 17.08
C SER D 109 -2.36 -48.80 18.42
N GLU D 110 -3.14 -49.07 19.46
CA GLU D 110 -2.61 -49.10 20.82
C GLU D 110 -3.43 -50.10 21.63
N ALA D 111 -2.77 -51.17 22.08
CA ALA D 111 -3.43 -52.27 22.79
C ALA D 111 -4.54 -52.89 21.95
N GLY D 112 -4.36 -52.90 20.63
CA GLY D 112 -5.33 -53.45 19.71
C GLY D 112 -5.05 -54.87 19.25
N MET D 113 -3.97 -55.48 19.73
CA MET D 113 -3.63 -56.85 19.39
C MET D 113 -3.76 -57.79 20.59
N VAL D 114 -4.37 -57.31 21.69
CA VAL D 114 -4.45 -58.10 22.92
C VAL D 114 -5.67 -59.01 22.97
N THR D 115 -6.53 -58.98 21.96
CA THR D 115 -7.68 -59.88 21.95
C THR D 115 -7.79 -60.69 20.67
N ASP D 116 -7.46 -60.09 19.52
CA ASP D 116 -7.38 -60.82 18.27
C ASP D 116 -6.36 -60.13 17.39
N PRO D 117 -5.09 -60.52 17.50
CA PRO D 117 -4.02 -59.78 16.82
C PRO D 117 -3.99 -60.09 15.33
N VAL D 118 -3.20 -59.29 14.62
CA VAL D 118 -2.93 -59.51 13.21
C VAL D 118 -1.71 -60.42 13.11
N THR D 119 -1.82 -61.47 12.32
CA THR D 119 -0.78 -62.47 12.16
C THR D 119 -0.38 -62.57 10.70
N CYS D 120 0.61 -63.42 10.43
CA CYS D 120 1.05 -63.67 9.06
C CYS D 120 1.30 -65.16 8.90
N SER D 121 1.21 -65.62 7.68
CA SER D 121 1.50 -67.02 7.44
C SER D 121 2.95 -67.20 7.03
N PRO D 122 3.52 -68.38 7.25
CA PRO D 122 4.91 -68.62 6.79
C PRO D 122 5.06 -68.53 5.28
N ASP D 123 3.96 -68.61 4.53
CA ASP D 123 4.00 -68.45 3.09
C ASP D 123 4.02 -66.99 2.66
N ASN D 124 3.74 -66.05 3.55
CA ASN D 124 3.76 -64.64 3.22
C ASN D 124 5.18 -64.20 2.86
N THR D 125 5.28 -63.25 1.95
CA THR D 125 6.57 -62.66 1.63
C THR D 125 6.91 -61.58 2.64
N LEU D 126 8.14 -61.08 2.55
CA LEU D 126 8.56 -60.02 3.46
C LEU D 126 7.93 -58.69 3.11
N ALA D 127 7.58 -58.48 1.83
CA ALA D 127 6.95 -57.23 1.44
C ALA D 127 5.58 -57.07 2.09
N GLU D 128 4.80 -58.15 2.17
CA GLU D 128 3.50 -58.09 2.80
C GLU D 128 3.61 -57.77 4.28
N VAL D 129 4.55 -58.41 4.96
CA VAL D 129 4.75 -58.17 6.39
C VAL D 129 5.20 -56.73 6.62
N ASP D 130 6.10 -56.23 5.77
CA ASP D 130 6.54 -54.85 5.90
C ASP D 130 5.39 -53.88 5.65
N ALA D 131 4.52 -54.19 4.69
CA ALA D 131 3.36 -53.36 4.44
C ALA D 131 2.43 -53.33 5.64
N MET D 132 2.16 -54.49 6.24
CA MET D 132 1.31 -54.52 7.43
C MET D 132 1.94 -53.75 8.58
N CYS D 133 3.25 -53.90 8.77
CA CYS D 133 3.94 -53.18 9.84
C CYS D 133 3.91 -51.67 9.60
N ALA D 134 4.03 -51.25 8.36
CA ALA D 134 3.94 -49.83 8.04
C ALA D 134 2.53 -49.30 8.25
N ARG D 135 1.52 -50.11 7.94
CA ARG D 135 0.13 -49.66 8.09
C ARG D 135 -0.25 -49.55 9.56
N PHE D 136 0.07 -50.57 10.37
CA PHE D 136 -0.35 -50.57 11.75
C PHE D 136 0.66 -49.97 12.70
N ARG D 137 1.79 -49.47 12.19
N ARG D 137 1.82 -49.52 12.18
CA ARG D 137 2.84 -48.87 13.03
CA ARG D 137 2.84 -48.88 13.00
C ARG D 137 3.29 -49.84 14.12
C ARG D 137 3.37 -49.81 14.09
N ILE D 138 3.56 -51.08 13.73
CA ILE D 138 4.11 -52.09 14.62
C ILE D 138 5.41 -52.58 14.00
N SER D 139 6.25 -53.18 14.84
CA SER D 139 7.56 -53.64 14.39
C SER D 139 7.68 -55.16 14.34
N GLY D 140 6.57 -55.88 14.30
CA GLY D 140 6.65 -57.33 14.23
C GLY D 140 5.27 -57.96 14.28
N LEU D 141 5.23 -59.21 13.83
CA LEU D 141 4.01 -59.99 13.75
C LEU D 141 4.27 -61.42 14.20
N PRO D 142 3.36 -61.98 15.00
CA PRO D 142 3.38 -63.43 15.22
C PRO D 142 3.09 -64.17 13.93
N VAL D 143 3.72 -65.33 13.79
CA VAL D 143 3.57 -66.18 12.61
C VAL D 143 2.83 -67.43 13.03
N VAL D 144 1.69 -67.67 12.38
CA VAL D 144 0.78 -68.78 12.68
C VAL D 144 0.57 -69.57 11.39
N ASP D 145 0.64 -70.89 11.47
CA ASP D 145 0.52 -71.74 10.30
C ASP D 145 -0.95 -71.93 9.93
N ASP D 146 -1.20 -72.79 8.94
CA ASP D 146 -2.57 -73.00 8.47
C ASP D 146 -3.45 -73.61 9.54
N THR D 147 -2.92 -74.59 10.28
CA THR D 147 -3.72 -75.27 11.29
C THR D 147 -4.08 -74.37 12.46
N GLY D 148 -3.34 -73.29 12.68
CA GLY D 148 -3.57 -72.41 13.81
C GLY D 148 -2.51 -72.47 14.88
N GLU D 149 -1.39 -73.14 14.62
CA GLU D 149 -0.31 -73.24 15.61
C GLU D 149 0.56 -71.99 15.56
N LEU D 150 0.92 -71.49 16.74
CA LEU D 150 1.86 -70.37 16.84
C LEU D 150 3.24 -70.88 16.49
N VAL D 151 3.63 -70.71 15.23
CA VAL D 151 4.91 -71.26 14.79
C VAL D 151 6.09 -70.33 15.03
N GLY D 152 5.86 -69.03 15.23
CA GLY D 152 6.97 -68.18 15.59
C GLY D 152 6.59 -66.70 15.61
N ILE D 153 7.59 -65.86 15.42
CA ILE D 153 7.42 -64.41 15.42
C ILE D 153 8.49 -63.80 14.52
N ILE D 154 8.13 -62.76 13.77
CA ILE D 154 9.07 -62.08 12.89
C ILE D 154 8.98 -60.58 13.15
N THR D 155 10.11 -59.97 13.49
CA THR D 155 10.15 -58.58 13.92
C THR D 155 11.05 -57.77 12.99
N ASN D 156 11.32 -56.52 13.40
CA ASN D 156 12.09 -55.62 12.56
C ASN D 156 13.57 -56.02 12.47
N ARG D 157 14.13 -56.56 13.55
CA ARG D 157 15.53 -56.98 13.50
C ARG D 157 15.74 -58.11 12.51
N ASP D 158 14.77 -59.01 12.39
CA ASP D 158 14.87 -60.09 11.42
C ASP D 158 14.88 -59.57 10.00
N MET D 159 14.07 -58.56 9.72
CA MET D 159 13.84 -58.10 8.35
C MET D 159 14.70 -56.92 7.95
N ARG D 160 15.50 -56.36 8.86
CA ARG D 160 16.10 -55.05 8.57
C ARG D 160 17.25 -55.16 7.58
N PHE D 161 17.95 -56.28 7.54
CA PHE D 161 19.11 -56.44 6.66
C PHE D 161 18.88 -57.46 5.55
N GLU D 162 17.66 -57.96 5.40
CA GLU D 162 17.33 -58.78 4.25
C GLU D 162 17.24 -57.92 3.00
N VAL D 163 17.93 -58.34 1.94
CA VAL D 163 17.93 -57.57 0.69
C VAL D 163 16.81 -58.04 -0.23
N ASP D 164 16.61 -59.35 -0.34
CA ASP D 164 15.54 -59.89 -1.17
C ASP D 164 14.26 -59.92 -0.36
N GLN D 165 13.32 -59.04 -0.71
CA GLN D 165 12.08 -58.91 0.04
C GLN D 165 11.03 -59.93 -0.37
N SER D 166 11.33 -60.80 -1.33
CA SER D 166 10.43 -61.85 -1.75
C SER D 166 10.59 -63.13 -0.94
N LYS D 167 11.50 -63.15 0.02
CA LYS D 167 11.69 -64.34 0.84
C LYS D 167 10.43 -64.62 1.64
N PRO D 168 10.07 -65.89 1.85
CA PRO D 168 8.95 -66.21 2.73
C PRO D 168 9.28 -65.92 4.18
N VAL D 169 8.24 -65.81 4.99
CA VAL D 169 8.41 -65.52 6.42
C VAL D 169 9.18 -66.64 7.10
N SER D 170 8.91 -67.89 6.69
CA SER D 170 9.45 -69.05 7.41
C SER D 170 10.97 -69.05 7.44
N GLU D 171 11.63 -68.45 6.43
CA GLU D 171 13.08 -68.44 6.38
C GLU D 171 13.69 -67.43 7.33
N VAL D 172 12.95 -66.38 7.70
CA VAL D 172 13.51 -65.29 8.51
C VAL D 172 12.92 -65.23 9.91
N MET D 173 11.77 -65.84 10.15
CA MET D 173 11.12 -65.75 11.44
C MET D 173 11.94 -66.44 12.53
N THR D 174 11.79 -65.96 13.75
CA THR D 174 12.36 -66.62 14.91
C THR D 174 11.43 -67.77 15.31
N LYS D 175 11.91 -69.00 15.13
CA LYS D 175 11.05 -70.16 15.25
C LYS D 175 10.73 -70.47 16.71
N ALA D 176 9.61 -71.18 16.90
CA ALA D 176 9.15 -71.54 18.22
C ALA D 176 10.10 -72.56 18.85
N PRO D 177 10.15 -72.65 20.20
CA PRO D 177 9.34 -71.93 21.20
C PRO D 177 9.72 -70.46 21.39
N LEU D 178 8.79 -69.68 21.94
CA LEU D 178 8.97 -68.26 22.20
C LEU D 178 8.72 -67.97 23.66
N ILE D 179 9.11 -66.77 24.09
CA ILE D 179 8.75 -66.26 25.41
C ILE D 179 7.32 -65.78 25.33
N THR D 180 6.41 -66.46 26.01
CA THR D 180 4.99 -66.15 25.96
C THR D 180 4.44 -65.97 27.37
N ALA D 181 3.15 -65.73 27.46
CA ALA D 181 2.46 -65.57 28.73
C ALA D 181 1.02 -66.04 28.56
N LYS D 182 0.39 -66.37 29.69
CA LYS D 182 -0.99 -66.86 29.68
C LYS D 182 -1.98 -65.69 29.65
N GLU D 183 -3.24 -66.03 29.42
CA GLU D 183 -4.30 -65.03 29.38
C GLU D 183 -4.49 -64.40 30.76
N GLY D 184 -4.93 -63.14 30.74
CA GLY D 184 -5.12 -62.42 31.98
C GLY D 184 -3.83 -61.97 32.64
N VAL D 185 -2.74 -61.89 31.87
CA VAL D 185 -1.48 -61.42 32.42
C VAL D 185 -1.57 -59.93 32.70
N SER D 186 -1.14 -59.52 33.88
CA SER D 186 -1.18 -58.12 34.26
C SER D 186 -0.08 -57.34 33.55
N ALA D 187 -0.16 -56.01 33.63
CA ALA D 187 0.86 -55.16 33.02
C ALA D 187 2.21 -55.35 33.70
N GLU D 188 2.22 -55.45 35.02
CA GLU D 188 3.47 -55.62 35.74
C GLU D 188 4.17 -56.92 35.36
N ALA D 189 3.40 -58.00 35.23
CA ALA D 189 4.00 -59.29 34.87
C ALA D 189 4.60 -59.26 33.48
N ALA D 190 3.88 -58.69 32.51
CA ALA D 190 4.39 -58.61 31.15
C ALA D 190 5.62 -57.71 31.07
N LEU D 191 5.59 -56.59 31.79
CA LEU D 191 6.76 -55.71 31.80
C LEU D 191 7.97 -56.39 32.42
N GLY D 192 7.74 -57.15 33.50
CA GLY D 192 8.84 -57.89 34.11
C GLY D 192 9.41 -58.94 33.18
N LEU D 193 8.54 -59.64 32.45
CA LEU D 193 9.03 -60.62 31.48
C LEU D 193 9.84 -59.95 30.38
N LEU D 194 9.37 -58.80 29.88
CA LEU D 194 10.10 -58.09 28.84
C LEU D 194 11.46 -57.62 29.35
N ARG D 195 11.51 -57.10 30.57
CA ARG D 195 12.78 -56.65 31.12
C ARG D 195 13.71 -57.81 31.41
N ARG D 196 13.16 -58.97 31.76
CA ARG D 196 13.99 -60.12 32.08
C ARG D 196 14.61 -60.72 30.82
N HIS D 197 13.83 -60.87 29.76
CA HIS D 197 14.34 -61.49 28.56
C HIS D 197 14.86 -60.51 27.53
N LYS D 198 14.88 -59.21 27.85
CA LYS D 198 15.44 -58.17 26.98
C LYS D 198 14.82 -58.21 25.59
N ILE D 199 13.50 -58.38 25.54
CA ILE D 199 12.75 -58.38 24.29
C ILE D 199 11.75 -57.23 24.34
N GLU D 200 11.06 -57.03 23.21
CA GLU D 200 10.07 -55.97 23.09
C GLU D 200 8.67 -56.48 22.74
N LYS D 201 8.49 -57.79 22.60
CA LYS D 201 7.20 -58.36 22.25
C LYS D 201 6.92 -59.58 23.13
N LEU D 202 5.65 -59.89 23.29
CA LEU D 202 5.22 -60.96 24.20
C LEU D 202 3.90 -61.53 23.69
N PRO D 203 3.94 -62.67 23.02
CA PRO D 203 2.69 -63.34 22.66
C PRO D 203 1.94 -63.84 23.88
N ILE D 204 0.61 -63.84 23.78
CA ILE D 204 -0.28 -64.34 24.81
C ILE D 204 -1.03 -65.54 24.24
N VAL D 205 -0.88 -66.69 24.89
CA VAL D 205 -1.47 -67.94 24.44
C VAL D 205 -2.38 -68.45 25.54
N ASP D 206 -3.27 -69.37 25.17
CA ASP D 206 -4.20 -69.98 26.11
C ASP D 206 -3.55 -71.23 26.71
N GLY D 207 -4.35 -72.01 27.46
CA GLY D 207 -3.83 -73.24 28.04
C GLY D 207 -3.45 -74.29 27.02
N HIS D 208 -4.03 -74.23 25.83
CA HIS D 208 -3.71 -75.17 24.76
C HIS D 208 -2.57 -74.69 23.88
N GLY D 209 -1.98 -73.53 24.18
CA GLY D 209 -0.87 -73.03 23.40
C GLY D 209 -1.24 -72.32 22.12
N LYS D 210 -2.52 -72.09 21.86
CA LYS D 210 -2.94 -71.39 20.67
C LYS D 210 -2.89 -69.89 20.90
N LEU D 211 -2.52 -69.15 19.87
CA LEU D 211 -2.28 -67.71 20.01
C LEU D 211 -3.59 -66.97 20.26
N THR D 212 -3.59 -66.11 21.28
CA THR D 212 -4.75 -65.30 21.60
C THR D 212 -4.50 -63.80 21.53
N GLY D 213 -3.28 -63.34 21.78
CA GLY D 213 -3.04 -61.91 21.71
C GLY D 213 -1.56 -61.59 21.67
N LEU D 214 -1.26 -60.29 21.66
CA LEU D 214 0.11 -59.81 21.61
C LEU D 214 0.26 -58.60 22.51
N ILE D 215 1.44 -58.45 23.10
CA ILE D 215 1.80 -57.27 23.88
C ILE D 215 3.13 -56.75 23.36
N THR D 216 3.27 -55.43 23.32
CA THR D 216 4.47 -54.78 22.81
C THR D 216 4.89 -53.68 23.79
N VAL D 217 6.17 -53.35 23.76
CA VAL D 217 6.70 -52.24 24.56
C VAL D 217 6.04 -50.92 24.18
N LYS D 218 5.49 -50.84 22.96
CA LYS D 218 4.77 -49.66 22.53
C LYS D 218 3.58 -49.37 23.44
N ASP D 219 2.95 -50.41 23.97
CA ASP D 219 1.82 -50.21 24.89
C ASP D 219 2.24 -49.39 26.10
N PHE D 220 3.33 -49.81 26.75
CA PHE D 220 3.81 -49.09 27.92
C PHE D 220 4.31 -47.69 27.56
N VAL D 221 5.00 -47.58 26.42
CA VAL D 221 5.52 -46.27 26.00
C VAL D 221 4.37 -45.28 25.79
N LYS D 222 3.32 -45.72 25.10
CA LYS D 222 2.19 -44.83 24.82
C LYS D 222 1.37 -44.56 26.08
N THR D 223 1.25 -45.56 26.96
CA THR D 223 0.54 -45.32 28.23
C THR D 223 1.27 -44.27 29.05
N GLU D 224 2.60 -44.25 29.01
CA GLU D 224 3.34 -43.23 29.74
C GLU D 224 3.28 -41.87 29.05
N GLN D 225 3.35 -41.85 27.71
CA GLN D 225 3.39 -40.57 27.00
C GLN D 225 2.04 -39.86 27.04
N PHE D 226 0.95 -40.60 26.83
CA PHE D 226 -0.39 -40.02 26.69
C PHE D 226 -1.29 -40.59 27.76
N PRO D 227 -1.31 -39.99 28.96
CA PRO D 227 -2.16 -40.52 30.03
C PRO D 227 -3.63 -40.16 29.93
N LEU D 228 -4.01 -39.29 29.00
CA LEU D 228 -5.38 -38.85 28.85
C LEU D 228 -6.11 -39.57 27.72
N SER D 229 -5.54 -40.64 27.19
CA SER D 229 -6.07 -41.26 25.97
C SER D 229 -7.52 -41.72 26.17
N THR D 230 -8.32 -41.55 25.13
CA THR D 230 -9.71 -41.99 25.12
C THR D 230 -9.74 -43.44 24.67
N LYS D 231 -10.28 -44.31 25.52
CA LYS D 231 -10.27 -45.75 25.26
C LYS D 231 -11.63 -46.35 25.60
N ASP D 232 -11.96 -47.44 24.92
CA ASP D 232 -13.21 -48.14 25.16
C ASP D 232 -13.00 -49.19 26.25
N SER D 233 -13.96 -50.10 26.42
CA SER D 233 -13.89 -51.10 27.47
C SER D 233 -12.73 -52.06 27.26
N ASP D 234 -12.29 -52.24 26.01
CA ASP D 234 -11.20 -53.16 25.69
C ASP D 234 -9.84 -52.49 25.69
N GLY D 235 -9.76 -51.20 26.03
CA GLY D 235 -8.50 -50.50 26.01
C GLY D 235 -8.05 -50.02 24.66
N ARG D 236 -8.91 -50.08 23.65
CA ARG D 236 -8.58 -49.59 22.32
C ARG D 236 -9.01 -48.14 22.19
N LEU D 237 -8.29 -47.40 21.33
CA LEU D 237 -8.58 -45.99 21.13
C LEU D 237 -9.98 -45.80 20.56
N LEU D 238 -10.64 -44.73 20.99
CA LEU D 238 -11.99 -44.43 20.52
C LEU D 238 -11.96 -43.67 19.21
N VAL D 239 -12.95 -43.92 18.36
CA VAL D 239 -13.02 -43.26 17.06
C VAL D 239 -14.48 -43.17 16.64
N GLY D 240 -14.79 -42.14 15.84
CA GLY D 240 -16.09 -42.00 15.24
C GLY D 240 -15.96 -41.87 13.73
N ALA D 241 -17.09 -42.04 13.05
CA ALA D 241 -17.12 -41.97 11.59
C ALA D 241 -18.42 -41.32 11.13
N ALA D 242 -18.34 -40.64 9.99
CA ALA D 242 -19.47 -39.92 9.43
C ALA D 242 -20.15 -40.76 8.34
N VAL D 243 -21.49 -40.80 8.38
CA VAL D 243 -22.29 -41.41 7.34
C VAL D 243 -23.34 -40.41 6.89
N GLY D 244 -23.85 -40.61 5.69
CA GLY D 244 -24.86 -39.74 5.11
C GLY D 244 -26.26 -40.31 5.25
N VAL D 245 -27.11 -39.98 4.29
CA VAL D 245 -28.48 -40.48 4.23
C VAL D 245 -28.72 -41.10 2.86
N GLY D 246 -29.44 -42.21 2.83
CA GLY D 246 -29.70 -42.91 1.58
C GLY D 246 -29.59 -44.42 1.71
N ASP D 247 -29.20 -45.09 0.63
CA ASP D 247 -29.00 -46.53 0.63
C ASP D 247 -27.53 -46.93 0.70
N ASP D 248 -26.64 -46.16 0.06
CA ASP D 248 -25.21 -46.36 0.30
C ASP D 248 -24.86 -46.03 1.74
N ALA D 249 -25.61 -45.13 2.37
CA ALA D 249 -25.32 -44.75 3.75
C ALA D 249 -25.54 -45.90 4.71
N TRP D 250 -26.59 -46.69 4.51
CA TRP D 250 -26.85 -47.81 5.40
C TRP D 250 -25.77 -48.88 5.27
N THR D 251 -25.36 -49.19 4.05
CA THR D 251 -24.27 -50.15 3.85
C THR D 251 -22.98 -49.64 4.47
N ARG D 252 -22.67 -48.35 4.28
CA ARG D 252 -21.49 -47.78 4.89
C ARG D 252 -21.54 -47.85 6.40
N ALA D 253 -22.70 -47.55 6.99
CA ALA D 253 -22.84 -47.58 8.44
C ALA D 253 -22.67 -49.01 8.97
N MET D 254 -23.25 -49.99 8.29
CA MET D 254 -23.09 -51.37 8.72
C MET D 254 -21.64 -51.82 8.63
N THR D 255 -20.96 -51.47 7.55
CA THR D 255 -19.55 -51.81 7.41
C THR D 255 -18.71 -51.16 8.50
N LEU D 256 -18.99 -49.90 8.81
CA LEU D 256 -18.24 -49.20 9.86
C LEU D 256 -18.50 -49.82 11.22
N VAL D 257 -19.74 -50.20 11.51
CA VAL D 257 -20.04 -50.84 12.78
C VAL D 257 -19.32 -52.18 12.90
N ASP D 258 -19.28 -52.93 11.80
CA ASP D 258 -18.55 -54.20 11.81
C ASP D 258 -17.06 -53.98 12.01
N ALA D 259 -16.52 -52.90 11.45
CA ALA D 259 -15.11 -52.57 11.62
C ALA D 259 -14.77 -52.14 13.03
N GLY D 260 -15.76 -51.88 13.88
CA GLY D 260 -15.51 -51.54 15.27
C GLY D 260 -15.67 -50.08 15.65
N VAL D 261 -16.40 -49.29 14.87
CA VAL D 261 -16.55 -47.88 15.17
C VAL D 261 -17.35 -47.70 16.46
N ASP D 262 -17.08 -46.60 17.16
CA ASP D 262 -17.71 -46.33 18.44
C ASP D 262 -18.83 -45.32 18.36
N VAL D 263 -18.72 -44.32 17.48
CA VAL D 263 -19.73 -43.28 17.31
C VAL D 263 -20.04 -43.17 15.82
N LEU D 264 -21.32 -43.09 15.50
CA LEU D 264 -21.78 -42.81 14.14
C LEU D 264 -22.39 -41.42 14.12
N ILE D 265 -21.94 -40.58 13.20
CA ILE D 265 -22.45 -39.23 13.04
C ILE D 265 -23.17 -39.15 11.69
N VAL D 266 -24.47 -38.88 11.73
CA VAL D 266 -25.25 -38.65 10.52
C VAL D 266 -24.92 -37.24 10.06
N ASP D 267 -24.05 -37.11 9.06
CA ASP D 267 -23.40 -35.86 8.70
C ASP D 267 -24.18 -35.18 7.58
N THR D 268 -25.08 -34.28 7.96
CA THR D 268 -25.89 -33.54 7.01
C THR D 268 -25.85 -32.06 7.33
N ALA D 269 -26.06 -31.24 6.30
CA ALA D 269 -26.08 -29.79 6.47
C ALA D 269 -27.35 -29.29 7.12
N HIS D 270 -28.47 -30.00 6.93
CA HIS D 270 -29.77 -29.58 7.44
C HIS D 270 -30.48 -30.83 7.95
N ALA D 271 -30.40 -31.07 9.26
CA ALA D 271 -30.94 -32.28 9.85
C ALA D 271 -32.42 -32.21 10.16
N HIS D 272 -33.04 -31.04 10.07
CA HIS D 272 -34.49 -30.92 10.28
C HIS D 272 -35.20 -31.42 9.01
N ASN D 273 -35.03 -32.71 8.77
CA ASN D 273 -35.47 -33.37 7.56
C ASN D 273 -35.93 -34.77 7.91
N ARG D 274 -37.01 -35.22 7.29
CA ARG D 274 -37.59 -36.51 7.65
C ARG D 274 -36.67 -37.67 7.31
N GLY D 275 -35.92 -37.56 6.22
CA GLY D 275 -34.97 -38.62 5.88
C GLY D 275 -33.88 -38.78 6.94
N VAL D 276 -33.35 -37.67 7.43
CA VAL D 276 -32.31 -37.72 8.45
C VAL D 276 -32.86 -38.31 9.74
N LEU D 277 -34.06 -37.92 10.14
CA LEU D 277 -34.66 -38.45 11.36
C LEU D 277 -34.93 -39.94 11.24
N ASP D 278 -35.40 -40.38 10.07
CA ASP D 278 -35.61 -41.81 9.84
C ASP D 278 -34.29 -42.58 9.88
N MET D 279 -33.23 -42.01 9.30
CA MET D 279 -31.94 -42.66 9.36
C MET D 279 -31.44 -42.80 10.80
N VAL D 280 -31.61 -41.75 11.59
CA VAL D 280 -31.21 -41.80 13.00
C VAL D 280 -31.99 -42.88 13.74
N SER D 281 -33.30 -42.94 13.52
CA SER D 281 -34.12 -43.96 14.18
C SER D 281 -33.72 -45.37 13.77
N ARG D 282 -33.47 -45.57 12.46
CA ARG D 282 -33.06 -46.89 11.99
C ARG D 282 -31.75 -47.32 12.62
N LEU D 283 -30.76 -46.42 12.65
CA LEU D 283 -29.48 -46.77 13.25
C LEU D 283 -29.64 -47.06 14.74
N LYS D 284 -30.45 -46.28 15.44
CA LYS D 284 -30.63 -46.49 16.87
C LYS D 284 -31.29 -47.83 17.15
N GLN D 285 -32.27 -48.22 16.33
CA GLN D 285 -32.92 -49.51 16.54
C GLN D 285 -32.06 -50.68 16.11
N ALA D 286 -31.18 -50.49 15.13
CA ALA D 286 -30.38 -51.60 14.64
C ALA D 286 -29.13 -51.83 15.49
N VAL D 287 -28.30 -50.80 15.64
CA VAL D 287 -27.00 -50.97 16.28
C VAL D 287 -26.87 -50.06 17.50
N GLY D 288 -28.00 -49.75 18.13
CA GLY D 288 -28.00 -48.79 19.21
C GLY D 288 -27.50 -49.31 20.54
N GLU D 289 -27.27 -50.61 20.68
CA GLU D 289 -26.76 -51.17 21.92
C GLU D 289 -25.23 -51.17 21.99
N ARG D 290 -24.55 -50.85 20.89
CA ARG D 290 -23.09 -50.82 20.84
C ARG D 290 -22.54 -49.46 20.43
N VAL D 291 -23.20 -48.79 19.50
CA VAL D 291 -22.69 -47.55 18.91
C VAL D 291 -23.59 -46.40 19.31
N ASP D 292 -23.00 -45.23 19.44
CA ASP D 292 -23.74 -44.00 19.69
C ASP D 292 -24.01 -43.28 18.38
N VAL D 293 -25.23 -42.77 18.24
CA VAL D 293 -25.67 -42.08 17.03
C VAL D 293 -25.82 -40.61 17.34
N VAL D 294 -25.19 -39.77 16.53
CA VAL D 294 -25.19 -38.32 16.69
C VAL D 294 -25.93 -37.71 15.51
N GLY D 295 -26.87 -36.81 15.81
CA GLY D 295 -27.67 -36.21 14.77
C GLY D 295 -26.98 -35.05 14.08
N GLY D 296 -27.42 -34.79 12.85
CA GLY D 296 -26.81 -33.78 12.01
C GLY D 296 -26.95 -32.38 12.55
N ASN D 297 -26.62 -31.41 11.71
CA ASN D 297 -26.54 -30.03 12.14
C ASN D 297 -27.93 -29.41 12.25
N VAL D 298 -28.18 -28.77 13.39
CA VAL D 298 -29.40 -28.03 13.64
C VAL D 298 -29.03 -26.62 14.10
N ALA D 299 -30.00 -25.73 14.08
CA ALA D 299 -29.79 -24.39 14.59
C ALA D 299 -30.97 -23.81 15.37
N THR D 300 -32.04 -24.56 15.56
CA THR D 300 -33.21 -24.07 16.29
C THR D 300 -33.59 -25.07 17.37
N ARG D 301 -34.61 -24.70 18.16
CA ARG D 301 -35.09 -25.56 19.23
C ARG D 301 -35.96 -26.69 18.69
N ALA D 302 -36.74 -26.43 17.64
CA ALA D 302 -37.62 -27.46 17.10
C ALA D 302 -36.83 -28.58 16.44
N ALA D 303 -35.77 -28.24 15.70
CA ALA D 303 -34.94 -29.28 15.09
C ALA D 303 -34.25 -30.13 16.14
N ALA D 304 -33.75 -29.50 17.21
CA ALA D 304 -33.11 -30.26 18.28
C ALA D 304 -34.11 -31.17 18.98
N ALA D 305 -35.34 -30.68 19.20
CA ALA D 305 -36.36 -31.52 19.80
C ALA D 305 -36.71 -32.69 18.90
N ALA D 306 -36.76 -32.46 17.58
CA ALA D 306 -37.02 -33.55 16.65
C ALA D 306 -35.92 -34.59 16.69
N LEU D 307 -34.66 -34.15 16.74
CA LEU D 307 -33.53 -35.09 16.84
C LEU D 307 -33.57 -35.88 18.14
N VAL D 308 -33.90 -35.23 19.25
CA VAL D 308 -34.00 -35.93 20.53
C VAL D 308 -35.13 -36.94 20.49
N GLU D 309 -36.25 -36.57 19.86
CA GLU D 309 -37.37 -37.51 19.72
C GLU D 309 -36.97 -38.71 18.87
N ALA D 310 -36.20 -38.50 17.80
CA ALA D 310 -35.77 -39.59 16.95
C ALA D 310 -34.86 -40.58 17.66
N GLY D 311 -34.22 -40.17 18.74
CA GLY D 311 -33.35 -41.04 19.50
C GLY D 311 -31.87 -40.75 19.41
N ALA D 312 -31.47 -39.53 19.02
CA ALA D 312 -30.06 -39.20 18.92
C ALA D 312 -29.41 -39.18 20.29
N ASP D 313 -28.17 -39.68 20.36
CA ASP D 313 -27.42 -39.66 21.61
C ASP D 313 -26.70 -38.34 21.84
N ALA D 314 -26.56 -37.53 20.80
CA ALA D 314 -26.01 -36.19 20.91
C ALA D 314 -26.50 -35.40 19.70
N VAL D 315 -26.54 -34.08 19.85
CA VAL D 315 -27.02 -33.18 18.82
C VAL D 315 -25.91 -32.22 18.46
N LYS D 316 -25.60 -32.13 17.17
CA LYS D 316 -24.57 -31.23 16.66
C LYS D 316 -25.24 -29.97 16.12
N VAL D 317 -24.70 -28.81 16.47
CA VAL D 317 -25.37 -27.54 16.29
C VAL D 317 -24.53 -26.65 15.37
N GLY D 318 -25.20 -26.04 14.40
CA GLY D 318 -24.61 -24.99 13.58
C GLY D 318 -24.99 -25.08 12.12
N VAL D 319 -25.59 -24.01 11.62
CA VAL D 319 -26.00 -23.90 10.21
C VAL D 319 -25.60 -22.52 9.74
N GLY D 320 -24.50 -22.43 9.01
CA GLY D 320 -23.94 -21.16 8.61
C GLY D 320 -23.60 -20.25 9.78
N PRO D 321 -22.65 -20.67 10.63
CA PRO D 321 -22.34 -19.87 11.82
C PRO D 321 -21.29 -18.78 11.58
N GLY D 322 -20.49 -18.91 10.52
CA GLY D 322 -19.49 -17.90 10.23
C GLY D 322 -20.07 -16.64 9.63
N SER D 323 -19.29 -15.55 9.73
CA SER D 323 -19.79 -14.24 9.30
C SER D 323 -19.88 -14.14 7.78
N ILE D 324 -18.85 -14.59 7.06
CA ILE D 324 -18.80 -14.47 5.61
C ILE D 324 -19.06 -15.84 5.02
N CYS D 325 -19.81 -16.66 5.75
CA CYS D 325 -20.12 -18.02 5.35
C CYS D 325 -20.69 -18.07 3.95
N THR D 326 -20.37 -19.14 3.22
CA THR D 326 -20.93 -19.34 1.89
C THR D 326 -22.44 -19.54 1.95
N THR D 327 -22.93 -20.22 2.99
CA THR D 327 -24.36 -20.41 3.13
C THR D 327 -25.08 -19.07 3.33
N ARG D 328 -24.45 -18.14 4.05
CA ARG D 328 -25.08 -16.85 4.30
C ARG D 328 -25.09 -15.98 3.05
N VAL D 329 -24.05 -16.06 2.23
CA VAL D 329 -23.95 -15.19 1.07
C VAL D 329 -24.74 -15.75 -0.10
N VAL D 330 -24.64 -17.06 -0.35
CA VAL D 330 -25.25 -17.64 -1.54
C VAL D 330 -26.73 -17.95 -1.32
N ALA D 331 -27.10 -18.39 -0.12
CA ALA D 331 -28.47 -18.76 0.17
C ALA D 331 -29.19 -17.78 1.08
N GLY D 332 -28.48 -16.91 1.79
CA GLY D 332 -29.12 -16.03 2.73
C GLY D 332 -29.61 -16.69 3.99
N VAL D 333 -29.08 -17.87 4.32
CA VAL D 333 -29.52 -18.68 5.44
C VAL D 333 -28.40 -18.73 6.47
N GLY D 334 -28.77 -18.61 7.74
CA GLY D 334 -27.78 -18.76 8.78
C GLY D 334 -28.42 -18.59 10.14
N ALA D 335 -27.60 -18.79 11.16
CA ALA D 335 -28.02 -18.56 12.53
C ALA D 335 -26.77 -18.30 13.37
N PRO D 336 -26.68 -17.15 14.05
CA PRO D 336 -25.57 -16.94 14.97
C PRO D 336 -25.41 -18.12 15.92
N GLN D 337 -24.17 -18.36 16.34
CA GLN D 337 -23.87 -19.59 17.06
C GLN D 337 -24.35 -19.57 18.52
N ILE D 338 -24.14 -18.47 19.24
CA ILE D 338 -24.49 -18.43 20.67
C ILE D 338 -25.98 -18.67 20.86
N THR D 339 -26.82 -17.98 20.08
CA THR D 339 -28.27 -18.14 20.20
C THR D 339 -28.70 -19.54 19.79
N ALA D 340 -28.08 -20.08 18.74
CA ALA D 340 -28.41 -21.43 18.29
C ALA D 340 -28.10 -22.45 19.37
N ILE D 341 -26.94 -22.31 20.03
CA ILE D 341 -26.57 -23.22 21.11
C ILE D 341 -27.54 -23.07 22.27
N LEU D 342 -27.93 -21.84 22.60
CA LEU D 342 -28.87 -21.65 23.71
C LEU D 342 -30.21 -22.33 23.42
N GLU D 343 -30.72 -22.19 22.20
CA GLU D 343 -32.00 -22.82 21.85
C GLU D 343 -31.90 -24.34 21.81
N ALA D 344 -30.82 -24.86 21.22
CA ALA D 344 -30.64 -26.31 21.18
C ALA D 344 -30.50 -26.89 22.58
N VAL D 345 -29.78 -26.20 23.46
CA VAL D 345 -29.64 -26.67 24.84
C VAL D 345 -30.97 -26.62 25.55
N ALA D 346 -31.76 -25.56 25.33
CA ALA D 346 -33.10 -25.52 25.92
C ALA D 346 -33.94 -26.71 25.46
N ALA D 347 -33.73 -27.18 24.24
CA ALA D 347 -34.45 -28.36 23.77
C ALA D 347 -33.89 -29.67 24.33
N CYS D 348 -32.57 -29.77 24.52
CA CYS D 348 -31.91 -31.04 24.78
C CYS D 348 -31.65 -31.33 26.25
N LYS D 349 -31.39 -30.31 27.06
CA LYS D 349 -30.94 -30.53 28.44
C LYS D 349 -31.94 -31.31 29.30
N PRO D 350 -33.26 -31.08 29.22
CA PRO D 350 -34.17 -31.88 30.07
C PRO D 350 -34.06 -33.38 29.86
N TYR D 351 -33.57 -33.83 28.71
CA TYR D 351 -33.43 -35.24 28.41
C TYR D 351 -32.02 -35.77 28.56
N GLY D 352 -31.09 -34.94 29.02
CA GLY D 352 -29.72 -35.39 29.22
C GLY D 352 -28.93 -35.63 27.96
N VAL D 353 -29.30 -34.99 26.85
CA VAL D 353 -28.60 -35.17 25.58
C VAL D 353 -27.54 -34.08 25.45
N PRO D 354 -26.28 -34.43 25.25
CA PRO D 354 -25.24 -33.41 25.06
C PRO D 354 -25.40 -32.68 23.74
N VAL D 355 -24.85 -31.48 23.69
CA VAL D 355 -24.88 -30.62 22.50
C VAL D 355 -23.44 -30.37 22.07
N ILE D 356 -23.17 -30.57 20.78
CA ILE D 356 -21.85 -30.35 20.20
C ILE D 356 -21.88 -29.06 19.38
N ALA D 357 -20.97 -28.15 19.70
CA ALA D 357 -20.85 -26.89 18.97
C ALA D 357 -19.94 -27.09 17.77
N ASP D 358 -20.43 -26.78 16.58
CA ASP D 358 -19.73 -27.06 15.33
C ASP D 358 -19.70 -25.81 14.46
N GLY D 359 -18.54 -25.19 14.35
CA GLY D 359 -18.36 -24.09 13.42
C GLY D 359 -18.31 -22.74 14.13
N GLY D 360 -17.53 -21.82 13.54
CA GLY D 360 -17.43 -20.47 14.03
C GLY D 360 -16.35 -20.22 15.06
N LEU D 361 -15.67 -21.26 15.53
CA LEU D 361 -14.68 -21.11 16.59
C LEU D 361 -13.35 -20.65 15.99
N GLN D 362 -12.82 -19.54 16.50
CA GLN D 362 -11.55 -19.00 16.05
C GLN D 362 -10.48 -18.97 17.13
N TYR D 363 -10.85 -18.80 18.39
CA TYR D 363 -9.90 -18.74 19.49
C TYR D 363 -10.39 -19.61 20.63
N SER D 364 -9.55 -19.78 21.64
CA SER D 364 -9.93 -20.57 22.81
C SER D 364 -11.02 -19.87 23.62
N GLY D 365 -11.07 -18.54 23.55
CA GLY D 365 -12.18 -17.83 24.17
C GLY D 365 -13.51 -18.21 23.57
N ASP D 366 -13.54 -18.46 22.26
CA ASP D 366 -14.76 -18.93 21.61
C ASP D 366 -15.17 -20.28 22.15
N ILE D 367 -14.20 -21.16 22.40
CA ILE D 367 -14.52 -22.48 22.96
C ILE D 367 -15.10 -22.34 24.36
N ALA D 368 -14.50 -21.47 25.18
CA ALA D 368 -15.04 -21.24 26.51
C ALA D 368 -16.45 -20.67 26.46
N LYS D 369 -16.70 -19.74 25.54
CA LYS D 369 -18.04 -19.15 25.41
C LYS D 369 -19.05 -20.19 24.93
N ALA D 370 -18.65 -21.06 23.99
CA ALA D 370 -19.54 -22.10 23.52
C ALA D 370 -19.89 -23.09 24.62
N LEU D 371 -18.90 -23.44 25.45
CA LEU D 371 -19.18 -24.35 26.56
C LEU D 371 -20.04 -23.69 27.63
N ALA D 372 -19.87 -22.38 27.83
CA ALA D 372 -20.69 -21.68 28.82
C ALA D 372 -22.12 -21.47 28.36
N ALA D 373 -22.36 -21.46 27.04
CA ALA D 373 -23.73 -21.36 26.52
C ALA D 373 -24.51 -22.65 26.71
N GLY D 374 -23.87 -23.75 27.10
CA GLY D 374 -24.54 -25.01 27.33
C GLY D 374 -24.03 -26.18 26.54
N ALA D 375 -23.12 -25.98 25.58
CA ALA D 375 -22.58 -27.11 24.83
C ALA D 375 -21.62 -27.91 25.70
N SER D 376 -21.55 -29.22 25.42
CA SER D 376 -20.68 -30.11 26.16
C SER D 376 -19.34 -30.34 25.49
N THR D 377 -19.29 -30.32 24.15
CA THR D 377 -18.05 -30.46 23.42
C THR D 377 -18.06 -29.47 22.25
N ALA D 378 -16.89 -29.25 21.68
CA ALA D 378 -16.73 -28.38 20.53
C ALA D 378 -16.00 -29.12 19.42
N MET D 379 -16.47 -28.95 18.20
CA MET D 379 -15.84 -29.53 17.01
C MET D 379 -15.00 -28.45 16.34
N LEU D 380 -13.75 -28.79 16.00
CA LEU D 380 -12.75 -27.75 15.75
C LEU D 380 -12.62 -27.33 14.29
N GLY D 381 -12.26 -28.26 13.41
CA GLY D 381 -12.22 -27.93 12.00
C GLY D 381 -11.02 -27.17 11.49
N SER D 382 -11.22 -25.90 11.11
CA SER D 382 -10.16 -25.13 10.47
C SER D 382 -8.96 -24.89 11.37
N LEU D 383 -9.14 -24.95 12.68
CA LEU D 383 -8.01 -24.80 13.59
C LEU D 383 -7.03 -25.96 13.49
N LEU D 384 -7.46 -27.10 12.94
CA LEU D 384 -6.62 -28.29 12.86
C LEU D 384 -6.22 -28.66 11.45
N ALA D 385 -6.59 -27.87 10.44
CA ALA D 385 -6.36 -28.28 9.06
C ALA D 385 -4.88 -28.20 8.68
N GLY D 386 -4.14 -27.25 9.23
CA GLY D 386 -2.74 -27.13 8.90
C GLY D 386 -1.77 -27.87 9.79
N THR D 387 -2.27 -28.64 10.76
CA THR D 387 -1.39 -29.34 11.67
C THR D 387 -0.67 -30.49 10.96
N ALA D 388 0.33 -31.06 11.63
CA ALA D 388 1.12 -32.12 11.03
C ALA D 388 0.33 -33.42 10.91
N GLU D 389 -0.66 -33.63 11.77
CA GLU D 389 -1.44 -34.86 11.75
C GLU D 389 -2.58 -34.83 10.76
N SER D 390 -2.94 -33.66 10.22
CA SER D 390 -3.97 -33.59 9.21
C SER D 390 -3.47 -34.20 7.91
N PRO D 391 -4.37 -34.69 7.06
CA PRO D 391 -3.93 -35.27 5.78
C PRO D 391 -3.25 -34.25 4.89
N GLY D 392 -2.50 -34.75 3.93
CA GLY D 392 -1.76 -33.93 3.00
C GLY D 392 -0.27 -34.11 3.17
N GLU D 393 0.47 -33.43 2.30
CA GLU D 393 1.93 -33.49 2.29
C GLU D 393 2.50 -32.11 2.54
N LEU D 394 3.56 -32.06 3.35
CA LEU D 394 4.18 -30.78 3.72
C LEU D 394 5.20 -30.39 2.66
N ILE D 395 5.09 -29.16 2.16
CA ILE D 395 5.96 -28.65 1.11
C ILE D 395 6.31 -27.20 1.40
N PHE D 396 7.27 -26.68 0.65
CA PHE D 396 7.74 -25.31 0.78
C PHE D 396 7.40 -24.53 -0.48
N VAL D 397 6.73 -23.39 -0.31
CA VAL D 397 6.44 -22.47 -1.40
C VAL D 397 6.79 -21.07 -0.94
N ASN D 398 7.70 -20.42 -1.66
CA ASN D 398 8.16 -19.06 -1.34
C ASN D 398 8.62 -18.95 0.10
N GLY D 399 9.31 -19.97 0.58
CA GLY D 399 9.82 -19.95 1.94
C GLY D 399 8.79 -20.15 3.02
N LYS D 400 7.57 -20.56 2.66
CA LYS D 400 6.50 -20.80 3.61
C LYS D 400 6.03 -22.24 3.49
N GLN D 401 5.77 -22.86 4.63
CA GLN D 401 5.34 -24.26 4.66
C GLN D 401 3.84 -24.35 4.43
N PHE D 402 3.44 -25.26 3.54
CA PHE D 402 2.03 -25.50 3.24
C PHE D 402 1.75 -26.99 3.20
N LYS D 403 0.50 -27.33 3.45
CA LYS D 403 0.01 -28.70 3.27
C LYS D 403 -0.72 -28.76 1.93
N SER D 404 -0.18 -29.55 1.01
CA SER D 404 -0.77 -29.74 -0.31
C SER D 404 -1.54 -31.05 -0.35
N TYR D 405 -2.59 -31.06 -1.16
CA TYR D 405 -3.48 -32.22 -1.26
C TYR D 405 -3.52 -32.74 -2.69
N TYR D 428 -18.12 -37.68 -6.06
CA TYR D 428 -18.99 -38.85 -6.10
C TYR D 428 -19.59 -39.16 -4.74
N PHE D 429 -18.84 -38.84 -3.69
CA PHE D 429 -19.22 -39.16 -2.33
C PHE D 429 -19.83 -37.98 -1.58
N GLN D 430 -19.91 -36.81 -2.21
CA GLN D 430 -20.52 -35.64 -1.59
C GLN D 430 -21.97 -35.52 -2.07
N ASP D 431 -22.80 -36.41 -1.53
CA ASP D 431 -24.18 -36.56 -1.95
C ASP D 431 -25.14 -35.66 -1.17
N ASP D 432 -24.64 -34.82 -0.26
CA ASP D 432 -25.50 -33.90 0.46
C ASP D 432 -25.95 -32.78 -0.47
N VAL D 433 -27.26 -32.50 -0.47
CA VAL D 433 -27.81 -31.56 -1.43
C VAL D 433 -27.63 -30.11 -1.00
N LEU D 434 -27.44 -29.84 0.29
CA LEU D 434 -27.36 -28.47 0.81
C LEU D 434 -25.98 -28.10 1.31
N SER D 435 -24.96 -28.89 0.99
CA SER D 435 -23.61 -28.56 1.43
C SER D 435 -23.05 -27.38 0.64
N GLU D 436 -22.07 -26.70 1.23
CA GLU D 436 -21.47 -25.54 0.59
C GLU D 436 -20.76 -25.89 -0.71
N ASP D 437 -20.33 -27.15 -0.87
CA ASP D 437 -19.68 -27.55 -2.11
C ASP D 437 -20.64 -27.46 -3.29
N LYS D 438 -21.93 -27.62 -3.05
CA LYS D 438 -22.92 -27.37 -4.09
C LYS D 438 -23.11 -25.87 -4.32
N LEU D 439 -23.13 -25.09 -3.24
CA LEU D 439 -23.33 -23.65 -3.35
C LEU D 439 -22.16 -22.98 -4.05
N VAL D 440 -20.94 -23.39 -3.72
CA VAL D 440 -19.74 -22.81 -4.36
C VAL D 440 -19.75 -23.17 -5.85
N PRO D 441 -19.45 -22.23 -6.75
CA PRO D 441 -19.40 -22.57 -8.17
C PRO D 441 -18.36 -23.63 -8.51
N GLU D 442 -17.25 -23.66 -7.77
CA GLU D 442 -16.17 -24.65 -7.93
C GLU D 442 -15.89 -25.02 -9.39
N ARG D 447 -4.12 -26.06 -0.68
CA ARG D 447 -3.02 -25.52 0.11
C ARG D 447 -3.52 -24.80 1.37
N VAL D 448 -3.04 -25.25 2.51
CA VAL D 448 -3.36 -24.63 3.79
C VAL D 448 -2.04 -24.37 4.52
N PRO D 449 -1.87 -23.23 5.19
CA PRO D 449 -0.62 -22.98 5.90
C PRO D 449 -0.36 -24.01 6.99
N PHE D 450 0.91 -24.36 7.16
CA PHE D 450 1.31 -25.31 8.17
C PHE D 450 1.17 -24.70 9.56
N ARG D 451 0.67 -25.50 10.50
CA ARG D 451 0.37 -25.02 11.84
C ARG D 451 1.23 -25.65 12.92
N GLY D 452 1.97 -26.72 12.63
CA GLY D 452 2.80 -27.36 13.61
C GLY D 452 2.13 -28.60 14.18
N PRO D 453 2.69 -29.14 15.25
CA PRO D 453 2.12 -30.34 15.87
C PRO D 453 0.75 -30.06 16.48
N LEU D 454 -0.09 -31.10 16.50
CA LEU D 454 -1.43 -30.98 17.05
C LEU D 454 -1.42 -30.80 18.56
N GLY D 455 -0.45 -31.41 19.24
CA GLY D 455 -0.42 -31.33 20.69
C GLY D 455 -0.26 -29.92 21.20
N THR D 456 0.53 -29.10 20.50
CA THR D 456 0.70 -27.71 20.91
C THR D 456 -0.62 -26.93 20.79
N VAL D 457 -1.35 -27.15 19.69
CA VAL D 457 -2.63 -26.48 19.50
C VAL D 457 -3.62 -26.88 20.57
N ILE D 458 -3.69 -28.19 20.87
CA ILE D 458 -4.60 -28.67 21.89
C ILE D 458 -4.23 -28.12 23.26
N HIS D 459 -2.92 -28.06 23.55
CA HIS D 459 -2.48 -27.52 24.82
C HIS D 459 -2.85 -26.05 24.97
N GLN D 460 -2.68 -25.26 23.91
CA GLN D 460 -3.06 -23.85 23.98
C GLN D 460 -4.57 -23.69 24.20
N LEU D 461 -5.38 -24.46 23.46
CA LEU D 461 -6.83 -24.35 23.62
C LEU D 461 -7.26 -24.75 25.02
N THR D 462 -6.68 -25.82 25.56
CA THR D 462 -7.03 -26.25 26.91
C THR D 462 -6.56 -25.25 27.96
N GLY D 463 -5.42 -24.61 27.74
CA GLY D 463 -4.98 -23.56 28.65
C GLY D 463 -5.94 -22.39 28.69
N GLY D 464 -6.43 -21.97 27.52
CA GLY D 464 -7.46 -20.93 27.50
C GLY D 464 -8.72 -21.34 28.22
N LEU D 465 -9.15 -22.59 28.02
CA LEU D 465 -10.34 -23.09 28.72
C LEU D 465 -10.13 -23.10 30.23
N ARG D 466 -8.95 -23.52 30.68
CA ARG D 466 -8.67 -23.57 32.11
C ARG D 466 -8.62 -22.16 32.71
N ALA D 467 -8.08 -21.19 31.96
CA ALA D 467 -8.11 -19.81 32.44
C ALA D 467 -9.53 -19.31 32.57
N ALA D 468 -10.40 -19.62 31.61
CA ALA D 468 -11.80 -19.22 31.72
C ALA D 468 -12.47 -19.86 32.93
N MET D 469 -12.20 -21.14 33.16
CA MET D 469 -12.78 -21.84 34.31
C MET D 469 -12.29 -21.23 35.62
N GLY D 470 -11.03 -20.83 35.68
CA GLY D 470 -10.53 -20.15 36.88
C GLY D 470 -11.19 -18.80 37.08
N TYR D 471 -11.42 -18.06 36.00
CA TYR D 471 -12.04 -16.74 36.12
C TYR D 471 -13.50 -16.85 36.57
N THR D 472 -14.25 -17.81 36.05
CA THR D 472 -15.66 -17.92 36.38
C THR D 472 -15.93 -18.75 37.62
N GLY D 473 -14.90 -19.31 38.24
CA GLY D 473 -15.10 -20.16 39.41
C GLY D 473 -15.79 -21.47 39.11
N SER D 474 -15.41 -22.13 38.02
CA SER D 474 -16.05 -23.35 37.56
C SER D 474 -15.08 -24.51 37.77
N ALA D 475 -15.41 -25.40 38.71
CA ALA D 475 -14.57 -26.57 38.96
C ALA D 475 -14.72 -27.62 37.88
N THR D 476 -15.88 -27.69 37.24
CA THR D 476 -16.16 -28.66 36.19
C THR D 476 -16.77 -27.95 34.99
N ILE D 477 -16.88 -28.68 33.87
CA ILE D 477 -17.56 -28.15 32.70
C ILE D 477 -19.05 -27.97 32.99
N GLU D 478 -19.64 -28.85 33.79
CA GLU D 478 -21.03 -28.71 34.17
C GLU D 478 -21.27 -27.43 34.96
N GLN D 479 -20.27 -26.98 35.74
CA GLN D 479 -20.37 -25.69 36.40
C GLN D 479 -20.10 -24.54 35.44
N LEU D 480 -19.24 -24.74 34.44
CA LEU D 480 -19.01 -23.70 33.44
C LEU D 480 -20.25 -23.46 32.60
N GLN D 481 -21.08 -24.46 32.43
CA GLN D 481 -22.31 -24.32 31.65
C GLN D 481 -23.34 -23.43 32.34
N GLN D 482 -23.13 -23.07 33.60
CA GLN D 482 -24.02 -22.20 34.34
C GLN D 482 -23.51 -20.76 34.45
N ALA D 483 -22.45 -20.42 33.72
CA ALA D 483 -21.86 -19.09 33.80
C ALA D 483 -22.73 -18.06 33.07
N GLN D 484 -22.50 -16.80 33.38
CA GLN D 484 -23.27 -15.68 32.84
C GLN D 484 -22.45 -14.90 31.82
N PHE D 485 -23.17 -14.27 30.89
CA PHE D 485 -22.58 -13.45 29.85
C PHE D 485 -22.87 -11.98 30.10
N VAL D 486 -22.01 -11.14 29.53
CA VAL D 486 -22.28 -9.72 29.37
C VAL D 486 -22.23 -9.42 27.87
N GLN D 487 -23.25 -8.73 27.37
CA GLN D 487 -23.30 -8.36 25.96
C GLN D 487 -22.59 -7.03 25.74
N ILE D 488 -21.78 -6.97 24.70
CA ILE D 488 -20.97 -5.80 24.41
C ILE D 488 -21.46 -5.16 23.12
N THR D 489 -21.23 -3.86 23.01
CA THR D 489 -21.66 -3.09 21.85
C THR D 489 -20.58 -3.15 20.77
N ALA D 490 -20.81 -2.41 19.67
CA ALA D 490 -19.85 -2.38 18.58
C ALA D 490 -18.54 -1.73 19.00
N ALA D 491 -18.59 -0.74 19.90
CA ALA D 491 -17.38 -0.07 20.35
C ALA D 491 -16.43 -1.01 21.07
N GLY D 492 -16.92 -2.15 21.55
CA GLY D 492 -16.06 -3.15 22.15
C GLY D 492 -15.33 -4.04 21.19
N LEU D 493 -15.60 -3.91 19.90
CA LEU D 493 -14.91 -4.68 18.86
C LEU D 493 -13.79 -3.90 18.19
N LYS D 494 -13.56 -2.65 18.59
CA LYS D 494 -12.58 -1.80 17.92
C LYS D 494 -11.15 -2.22 18.23
N VAL E 12 48.96 -5.17 -18.44
CA VAL E 12 48.84 -6.61 -18.61
C VAL E 12 47.55 -7.18 -18.00
N PRO E 13 47.19 -6.78 -16.78
CA PRO E 13 45.91 -7.24 -16.23
C PRO E 13 44.72 -6.72 -17.03
N VAL E 14 43.69 -7.54 -17.12
CA VAL E 14 42.42 -7.11 -17.72
C VAL E 14 41.71 -6.17 -16.76
N PRO E 15 41.08 -5.10 -17.24
CA PRO E 15 40.43 -4.14 -16.31
C PRO E 15 39.32 -4.74 -15.47
N THR E 16 38.73 -5.86 -15.87
CA THR E 16 37.70 -6.51 -15.06
C THR E 16 38.24 -7.68 -14.25
N GLY E 17 39.55 -7.92 -14.27
CA GLY E 17 40.14 -8.94 -13.42
C GLY E 17 40.84 -10.04 -14.19
N GLY E 18 41.96 -10.52 -13.65
CA GLY E 18 42.69 -11.62 -14.24
C GLY E 18 43.62 -11.19 -15.35
N ASP E 19 44.26 -12.18 -15.95
CA ASP E 19 45.19 -11.97 -17.06
C ASP E 19 44.66 -12.45 -18.40
N ASP E 20 43.43 -12.96 -18.44
CA ASP E 20 42.88 -13.54 -19.66
C ASP E 20 41.88 -12.57 -20.27
N PRO E 21 42.15 -12.00 -21.45
CA PRO E 21 41.20 -11.05 -22.04
C PRO E 21 39.97 -11.70 -22.68
N THR E 22 39.94 -13.03 -22.79
CA THR E 22 38.79 -13.72 -23.36
C THR E 22 37.92 -14.40 -22.30
N LYS E 23 38.20 -14.17 -21.02
CA LYS E 23 37.37 -14.74 -19.97
C LYS E 23 35.95 -14.18 -20.02
N VAL E 24 35.84 -12.86 -20.15
CA VAL E 24 34.57 -12.20 -20.43
C VAL E 24 34.54 -11.98 -21.94
N ALA E 25 33.82 -12.85 -22.64
CA ALA E 25 33.93 -12.90 -24.10
C ALA E 25 33.37 -11.64 -24.77
N MET E 26 32.22 -11.15 -24.30
CA MET E 26 31.59 -10.03 -24.99
C MET E 26 30.61 -9.35 -24.04
N LEU E 27 30.07 -8.23 -24.52
CA LEU E 27 29.01 -7.51 -23.84
C LEU E 27 27.69 -7.81 -24.53
N GLY E 28 26.71 -8.29 -23.78
CA GLY E 28 25.46 -8.76 -24.33
C GLY E 28 24.36 -7.72 -24.30
N LEU E 29 23.86 -7.39 -25.49
CA LEU E 29 22.75 -6.45 -25.63
C LEU E 29 21.43 -7.21 -25.67
N THR E 30 20.44 -6.69 -24.96
CA THR E 30 19.08 -7.21 -25.00
C THR E 30 18.20 -6.26 -25.82
N PHE E 31 16.89 -6.55 -25.84
CA PHE E 31 15.96 -5.74 -26.61
C PHE E 31 15.87 -4.32 -26.08
N ASP E 32 15.87 -4.16 -24.75
CA ASP E 32 15.75 -2.83 -24.15
C ASP E 32 17.01 -1.98 -24.29
N ASP E 33 18.12 -2.56 -24.75
CA ASP E 33 19.35 -1.81 -24.90
C ASP E 33 19.42 -1.02 -26.19
N VAL E 34 18.56 -1.29 -27.16
CA VAL E 34 18.70 -0.75 -28.50
C VAL E 34 17.39 -0.13 -28.94
N LEU E 35 17.50 0.75 -29.94
CA LEU E 35 16.35 1.30 -30.65
C LEU E 35 16.69 1.36 -32.13
N LEU E 36 15.66 1.37 -32.96
CA LEU E 36 15.85 1.51 -34.40
C LEU E 36 15.96 2.97 -34.77
N LEU E 37 16.95 3.31 -35.57
CA LEU E 37 17.16 4.67 -36.06
C LEU E 37 16.33 4.92 -37.31
N PRO E 38 15.61 6.03 -37.40
CA PRO E 38 14.92 6.36 -38.64
C PRO E 38 15.88 6.61 -39.79
N ALA E 39 15.47 6.22 -40.98
CA ALA E 39 16.26 6.39 -42.18
C ALA E 39 15.39 6.98 -43.28
N ALA E 40 16.01 7.27 -44.43
CA ALA E 40 15.27 7.79 -45.56
C ALA E 40 14.22 6.79 -46.01
N SER E 41 12.98 7.24 -46.08
CA SER E 41 11.84 6.35 -46.28
C SER E 41 10.91 6.89 -47.37
N ASP E 42 10.46 5.98 -48.23
CA ASP E 42 9.35 6.24 -49.15
C ASP E 42 8.27 5.18 -48.97
N VAL E 43 8.20 4.60 -47.78
CA VAL E 43 7.43 3.39 -47.52
C VAL E 43 6.23 3.75 -46.67
N VAL E 44 5.04 3.52 -47.22
CA VAL E 44 3.80 3.65 -46.45
C VAL E 44 3.60 2.36 -45.66
N PRO E 45 3.27 2.44 -44.37
CA PRO E 45 3.09 1.20 -43.59
C PRO E 45 2.06 0.25 -44.15
N ALA E 46 1.05 0.75 -44.86
CA ALA E 46 0.04 -0.13 -45.43
C ALA E 46 0.57 -0.92 -46.63
N THR E 47 1.51 -0.35 -47.37
CA THR E 47 2.06 -1.00 -48.55
C THR E 47 3.32 -1.81 -48.27
N ALA E 48 3.78 -1.85 -47.02
CA ALA E 48 4.98 -2.60 -46.69
C ALA E 48 4.71 -4.11 -46.79
N ASP E 49 5.72 -4.84 -47.26
CA ASP E 49 5.61 -6.28 -47.46
C ASP E 49 6.29 -6.99 -46.29
N THR E 50 5.51 -7.72 -45.50
CA THR E 50 6.01 -8.37 -44.30
C THR E 50 6.31 -9.84 -44.50
N SER E 51 6.33 -10.32 -45.74
CA SER E 51 6.62 -11.73 -45.99
C SER E 51 8.10 -12.02 -45.77
N SER E 52 8.38 -13.23 -45.29
CA SER E 52 9.74 -13.62 -44.96
C SER E 52 9.86 -15.14 -45.04
N GLN E 53 11.09 -15.61 -45.08
CA GLN E 53 11.37 -17.05 -45.16
C GLN E 53 11.34 -17.69 -43.78
N LEU E 54 10.57 -18.75 -43.63
CA LEU E 54 10.66 -19.56 -42.42
C LEU E 54 11.82 -20.54 -42.52
N THR E 55 11.89 -21.28 -43.62
CA THR E 55 13.03 -22.12 -43.93
C THR E 55 13.54 -21.74 -45.31
N LYS E 56 14.45 -22.53 -45.87
CA LYS E 56 15.00 -22.25 -47.19
C LYS E 56 13.98 -22.49 -48.31
N ARG E 57 12.86 -23.17 -48.02
CA ARG E 57 11.85 -23.45 -49.03
C ARG E 57 10.46 -22.95 -48.66
N ILE E 58 10.23 -22.51 -47.43
CA ILE E 58 8.91 -22.09 -46.96
C ILE E 58 8.94 -20.59 -46.69
N ARG E 59 7.97 -19.87 -47.25
CA ARG E 59 7.84 -18.43 -47.07
C ARG E 59 6.48 -18.12 -46.46
N LEU E 60 6.48 -17.32 -45.40
CA LEU E 60 5.26 -16.92 -44.72
C LEU E 60 4.88 -15.50 -45.10
N ARG E 61 3.58 -15.23 -45.09
CA ARG E 61 3.11 -13.86 -45.31
C ARG E 61 3.29 -12.99 -44.07
N VAL E 62 3.25 -13.58 -42.89
CA VAL E 62 3.49 -12.91 -41.63
C VAL E 62 4.63 -13.64 -40.94
N PRO E 63 5.71 -12.96 -40.56
CA PRO E 63 6.90 -13.64 -40.03
C PRO E 63 6.77 -14.05 -38.56
N LEU E 64 5.72 -14.79 -38.24
CA LEU E 64 5.42 -15.20 -36.88
C LEU E 64 5.06 -16.67 -36.85
N VAL E 65 5.52 -17.37 -35.81
CA VAL E 65 5.18 -18.78 -35.59
C VAL E 65 4.83 -18.97 -34.12
N SER E 66 4.09 -20.04 -33.84
CA SER E 66 3.73 -20.38 -32.48
C SER E 66 4.84 -21.17 -31.79
N SER E 67 4.74 -21.27 -30.47
CA SER E 67 5.90 -21.54 -29.63
C SER E 67 6.14 -23.02 -29.34
N ALA E 68 5.26 -23.92 -29.77
CA ALA E 68 5.40 -25.36 -29.49
C ALA E 68 5.43 -25.65 -27.99
N MET E 69 4.52 -25.02 -27.27
CA MET E 69 4.35 -25.25 -25.84
C MET E 69 2.97 -25.84 -25.60
N ASP E 70 2.84 -26.62 -24.53
CA ASP E 70 1.59 -27.31 -24.26
C ASP E 70 0.48 -26.36 -23.83
N THR E 71 0.80 -25.11 -23.51
CA THR E 71 -0.19 -24.10 -23.20
C THR E 71 -0.42 -23.13 -24.35
N VAL E 72 0.17 -23.37 -25.52
CA VAL E 72 0.06 -22.44 -26.63
C VAL E 72 -0.53 -23.11 -27.86
N THR E 73 0.12 -24.15 -28.38
CA THR E 73 -0.15 -24.65 -29.72
C THR E 73 -0.71 -26.07 -29.69
N GLU E 74 -1.97 -26.20 -30.09
CA GLU E 74 -2.54 -27.46 -30.50
C GLU E 74 -3.21 -27.25 -31.85
N SER E 75 -4.03 -28.20 -32.31
CA SER E 75 -4.54 -28.14 -33.67
C SER E 75 -5.31 -26.84 -33.93
N ARG E 76 -6.08 -26.38 -32.95
CA ARG E 76 -6.86 -25.15 -33.14
C ARG E 76 -5.95 -23.95 -33.34
N MET E 77 -4.93 -23.81 -32.50
CA MET E 77 -3.97 -22.71 -32.64
C MET E 77 -3.18 -22.82 -33.93
N ALA E 78 -2.81 -24.03 -34.32
CA ALA E 78 -2.07 -24.21 -35.58
C ALA E 78 -2.92 -23.78 -36.77
N ILE E 79 -4.20 -24.14 -36.78
CA ILE E 79 -5.11 -23.74 -37.85
C ILE E 79 -5.25 -22.22 -37.88
N ALA E 80 -5.46 -21.62 -36.70
CA ALA E 80 -5.63 -20.16 -36.64
C ALA E 80 -4.37 -19.43 -37.10
N MET E 81 -3.20 -19.92 -36.70
CA MET E 81 -1.94 -19.30 -37.10
C MET E 81 -1.70 -19.44 -38.60
N ALA E 82 -2.01 -20.61 -39.17
CA ALA E 82 -1.86 -20.78 -40.60
C ALA E 82 -2.80 -19.86 -41.37
N ARG E 83 -4.03 -19.70 -40.88
CA ARG E 83 -4.97 -18.78 -41.53
C ARG E 83 -4.54 -17.32 -41.39
N ALA E 84 -3.90 -16.97 -40.27
CA ALA E 84 -3.46 -15.60 -40.05
C ALA E 84 -2.28 -15.20 -40.92
N GLY E 85 -1.60 -16.15 -41.55
CA GLY E 85 -0.45 -15.87 -42.38
C GLY E 85 0.86 -16.44 -41.87
N GLY E 86 0.90 -16.96 -40.65
CA GLY E 86 2.12 -17.54 -40.13
C GLY E 86 2.07 -19.05 -40.09
N MET E 87 2.49 -19.65 -38.98
CA MET E 87 2.46 -21.10 -38.85
C MET E 87 2.42 -21.44 -37.37
N GLY E 88 2.07 -22.67 -37.08
CA GLY E 88 2.10 -23.19 -35.73
C GLY E 88 2.97 -24.43 -35.65
N VAL E 89 3.60 -24.63 -34.49
CA VAL E 89 4.39 -25.82 -34.22
C VAL E 89 3.73 -26.56 -33.07
N LEU E 90 3.30 -27.79 -33.32
CA LEU E 90 2.59 -28.56 -32.33
C LEU E 90 3.54 -29.08 -31.26
N HIS E 91 3.13 -28.95 -29.99
CA HIS E 91 3.97 -29.40 -28.90
C HIS E 91 4.02 -30.93 -28.86
N ARG E 92 5.05 -31.45 -28.17
CA ARG E 92 5.29 -32.88 -28.10
C ARG E 92 5.14 -33.44 -26.69
N ASN E 93 4.41 -32.74 -25.82
CA ASN E 93 4.17 -33.22 -24.46
C ASN E 93 2.92 -34.09 -24.40
N LEU E 94 2.85 -35.08 -25.28
CA LEU E 94 1.68 -35.93 -25.44
C LEU E 94 2.11 -37.17 -26.24
N PRO E 95 1.29 -38.23 -26.22
CA PRO E 95 1.66 -39.44 -26.95
C PRO E 95 1.78 -39.20 -28.45
N VAL E 96 2.53 -40.09 -29.11
CA VAL E 96 2.79 -39.95 -30.53
C VAL E 96 1.50 -39.98 -31.33
N ALA E 97 0.56 -40.86 -30.94
CA ALA E 97 -0.69 -40.98 -31.66
C ALA E 97 -1.50 -39.69 -31.62
N GLU E 98 -1.53 -39.03 -30.45
CA GLU E 98 -2.28 -37.78 -30.34
C GLU E 98 -1.65 -36.66 -31.17
N GLN E 99 -0.32 -36.56 -31.18
CA GLN E 99 0.33 -35.53 -31.98
C GLN E 99 0.12 -35.77 -33.47
N ALA E 100 0.22 -37.02 -33.91
CA ALA E 100 -0.06 -37.33 -35.30
C ALA E 100 -1.52 -37.06 -35.64
N GLY E 101 -2.43 -37.32 -34.71
CA GLY E 101 -3.83 -37.01 -34.94
C GLY E 101 -4.08 -35.53 -35.08
N GLN E 102 -3.36 -34.71 -34.31
CA GLN E 102 -3.48 -33.26 -34.45
C GLN E 102 -2.89 -32.78 -35.78
N VAL E 103 -1.80 -33.40 -36.22
CA VAL E 103 -1.27 -33.09 -37.55
C VAL E 103 -2.30 -33.40 -38.62
N GLU E 104 -2.98 -34.55 -38.50
CA GLU E 104 -4.02 -34.92 -39.45
C GLU E 104 -5.20 -33.95 -39.38
N THR E 105 -5.56 -33.51 -38.18
CA THR E 105 -6.65 -32.55 -38.03
C THR E 105 -6.33 -31.23 -38.72
N VAL E 106 -5.11 -30.74 -38.57
CA VAL E 106 -4.72 -29.51 -39.26
C VAL E 106 -4.67 -29.73 -40.77
N LYS E 107 -4.16 -30.87 -41.21
CA LYS E 107 -3.94 -31.10 -42.64
C LYS E 107 -5.24 -31.27 -43.43
N ARG E 108 -6.35 -31.57 -42.76
CA ARG E 108 -7.63 -31.78 -43.44
C ARG E 108 -8.63 -30.70 -43.10
N SER E 109 -8.16 -29.57 -42.57
CA SER E 109 -9.05 -28.52 -42.11
C SER E 109 -9.65 -27.71 -43.25
N GLU E 110 -8.86 -27.36 -44.26
CA GLU E 110 -9.25 -26.35 -45.23
C GLU E 110 -8.80 -26.78 -46.61
N ALA E 111 -9.76 -27.10 -47.48
CA ALA E 111 -9.47 -27.60 -48.82
C ALA E 111 -8.61 -28.85 -48.78
N GLY E 112 -8.77 -29.65 -47.72
CA GLY E 112 -7.98 -30.85 -47.52
C GLY E 112 -8.70 -32.15 -47.81
N MET E 113 -9.85 -32.12 -48.48
CA MET E 113 -10.57 -33.32 -48.86
C MET E 113 -10.59 -33.52 -50.37
N VAL E 114 -9.99 -32.62 -51.15
CA VAL E 114 -10.10 -32.67 -52.60
C VAL E 114 -9.20 -33.70 -53.24
N THR E 115 -8.37 -34.41 -52.46
CA THR E 115 -7.49 -35.42 -53.01
C THR E 115 -7.48 -36.73 -52.25
N ASP E 116 -8.00 -36.77 -51.03
CA ASP E 116 -8.15 -38.02 -50.29
C ASP E 116 -9.19 -37.81 -49.19
N PRO E 117 -10.47 -37.80 -49.53
CA PRO E 117 -11.48 -37.40 -48.55
C PRO E 117 -11.66 -38.45 -47.47
N VAL E 118 -12.15 -37.99 -46.33
CA VAL E 118 -12.59 -38.87 -45.26
C VAL E 118 -14.03 -39.27 -45.55
N THR E 119 -14.33 -40.54 -45.40
CA THR E 119 -15.62 -41.10 -45.77
C THR E 119 -16.17 -41.93 -44.62
N CYS E 120 -17.38 -42.44 -44.81
CA CYS E 120 -18.01 -43.34 -43.85
C CYS E 120 -18.61 -44.51 -44.60
N SER E 121 -18.71 -45.64 -43.91
CA SER E 121 -19.37 -46.80 -44.47
C SER E 121 -20.86 -46.75 -44.20
N PRO E 122 -21.67 -47.43 -45.00
CA PRO E 122 -23.11 -47.47 -44.73
C PRO E 122 -23.46 -48.09 -43.39
N ASP E 123 -22.57 -48.89 -42.81
CA ASP E 123 -22.80 -49.53 -41.53
C ASP E 123 -22.41 -48.66 -40.34
N ASN E 124 -21.83 -47.48 -40.58
CA ASN E 124 -21.46 -46.58 -39.50
C ASN E 124 -22.71 -46.08 -38.77
N THR E 125 -22.57 -45.88 -37.47
CA THR E 125 -23.64 -45.26 -36.71
C THR E 125 -23.56 -43.75 -36.82
N LEU E 126 -24.66 -43.09 -36.48
CA LEU E 126 -24.71 -41.62 -36.57
C LEU E 126 -23.76 -40.97 -35.57
N ALA E 127 -23.50 -41.63 -34.45
CA ALA E 127 -22.57 -41.09 -33.47
C ALA E 127 -21.16 -40.99 -34.04
N GLU E 128 -20.73 -42.01 -34.79
CA GLU E 128 -19.40 -41.98 -35.39
C GLU E 128 -19.27 -40.85 -36.41
N VAL E 129 -20.30 -40.68 -37.25
CA VAL E 129 -20.26 -39.62 -38.25
C VAL E 129 -20.26 -38.27 -37.57
N ASP E 130 -21.05 -38.11 -36.51
CA ASP E 130 -21.07 -36.86 -35.77
C ASP E 130 -19.72 -36.57 -35.13
N ALA E 131 -19.06 -37.61 -34.58
CA ALA E 131 -17.75 -37.42 -33.98
C ALA E 131 -16.71 -37.01 -35.02
N MET E 132 -16.73 -37.65 -36.19
CA MET E 132 -15.80 -37.27 -37.25
C MET E 132 -16.05 -35.84 -37.73
N CYS E 133 -17.32 -35.47 -37.87
CA CYS E 133 -17.65 -34.11 -38.27
C CYS E 133 -17.20 -33.10 -37.22
N ALA E 134 -17.35 -33.44 -35.94
CA ALA E 134 -16.91 -32.54 -34.89
C ALA E 134 -15.39 -32.41 -34.87
N ARG E 135 -14.68 -33.50 -35.15
CA ARG E 135 -13.22 -33.43 -35.19
C ARG E 135 -12.74 -32.58 -36.35
N PHE E 136 -13.26 -32.82 -37.55
CA PHE E 136 -12.76 -32.11 -38.72
C PHE E 136 -13.53 -30.83 -39.03
N ARG E 137 -14.53 -30.47 -38.21
N ARG E 137 -14.56 -30.51 -38.24
CA ARG E 137 -15.31 -29.26 -38.42
CA ARG E 137 -15.33 -29.27 -38.39
C ARG E 137 -15.91 -29.21 -39.82
C ARG E 137 -15.98 -29.19 -39.77
N ILE E 138 -16.47 -30.33 -40.25
CA ILE E 138 -17.21 -30.41 -41.50
C ILE E 138 -18.64 -30.80 -41.18
N SER E 139 -19.53 -30.61 -42.16
CA SER E 139 -20.95 -30.87 -41.96
C SER E 139 -21.47 -32.00 -42.82
N GLY E 140 -20.61 -32.92 -43.24
CA GLY E 140 -21.07 -34.04 -44.04
C GLY E 140 -19.97 -34.89 -44.62
N LEU E 141 -20.31 -36.14 -44.97
CA LEU E 141 -19.37 -37.11 -45.47
C LEU E 141 -20.00 -37.91 -46.61
N PRO E 142 -19.26 -38.16 -47.68
CA PRO E 142 -19.69 -39.16 -48.66
C PRO E 142 -19.67 -40.55 -48.04
N VAL E 143 -20.61 -41.38 -48.49
CA VAL E 143 -20.78 -42.73 -47.99
C VAL E 143 -20.39 -43.69 -49.11
N VAL E 144 -19.41 -44.55 -48.81
CA VAL E 144 -18.82 -45.47 -49.78
C VAL E 144 -18.86 -46.87 -49.18
N ASP E 145 -19.33 -47.83 -49.96
CA ASP E 145 -19.48 -49.20 -49.49
C ASP E 145 -18.16 -49.96 -49.59
N ASP E 146 -18.19 -51.24 -49.19
CA ASP E 146 -16.98 -52.06 -49.22
C ASP E 146 -16.45 -52.30 -50.61
N THR E 147 -17.31 -52.20 -51.63
CA THR E 147 -16.88 -52.34 -53.02
C THR E 147 -16.14 -51.10 -53.52
N GLY E 148 -16.09 -50.03 -52.72
CA GLY E 148 -15.48 -48.80 -53.14
C GLY E 148 -16.37 -47.89 -53.95
N GLU E 149 -17.67 -48.18 -54.02
CA GLU E 149 -18.60 -47.40 -54.81
C GLU E 149 -19.23 -46.30 -53.97
N LEU E 150 -19.34 -45.12 -54.55
CA LEU E 150 -19.98 -43.98 -53.89
C LEU E 150 -21.48 -44.24 -53.82
N VAL E 151 -21.96 -44.69 -52.66
CA VAL E 151 -23.38 -45.00 -52.53
C VAL E 151 -24.22 -43.82 -52.05
N GLY E 152 -23.62 -42.84 -51.38
CA GLY E 152 -24.44 -41.72 -50.95
C GLY E 152 -23.64 -40.59 -50.35
N ILE E 153 -24.36 -39.70 -49.67
CA ILE E 153 -23.76 -38.60 -48.92
C ILE E 153 -24.68 -38.29 -47.74
N ILE E 154 -24.09 -38.00 -46.59
CA ILE E 154 -24.85 -37.72 -45.37
C ILE E 154 -24.36 -36.42 -44.77
N THR E 155 -25.27 -35.49 -44.53
CA THR E 155 -24.87 -34.15 -44.07
C THR E 155 -25.59 -33.78 -42.78
N ASN E 156 -25.48 -32.51 -42.38
CA ASN E 156 -26.05 -32.07 -41.11
C ASN E 156 -27.57 -32.05 -41.15
N ARG E 157 -28.15 -31.64 -42.29
CA ARG E 157 -29.60 -31.61 -42.40
C ARG E 157 -30.20 -33.01 -42.28
N ASP E 158 -29.48 -34.03 -42.73
CA ASP E 158 -29.98 -35.40 -42.61
C ASP E 158 -29.95 -35.88 -41.16
N MET E 159 -29.01 -35.39 -40.35
CA MET E 159 -28.83 -35.89 -39.00
C MET E 159 -29.37 -34.96 -37.92
N ARG E 160 -29.84 -33.76 -38.28
CA ARG E 160 -30.11 -32.75 -37.26
C ARG E 160 -31.34 -33.05 -36.42
N PHE E 161 -32.18 -33.99 -36.84
CA PHE E 161 -33.40 -34.31 -36.11
C PHE E 161 -33.50 -35.77 -35.71
N GLU E 162 -32.55 -36.61 -36.11
CA GLU E 162 -32.58 -38.02 -35.75
C GLU E 162 -32.30 -38.19 -34.27
N VAL E 163 -33.31 -38.63 -33.52
CA VAL E 163 -33.15 -38.78 -32.07
C VAL E 163 -32.23 -39.95 -31.75
N ASP E 164 -32.35 -41.04 -32.51
CA ASP E 164 -31.55 -42.23 -32.27
C ASP E 164 -30.19 -42.07 -32.96
N GLN E 165 -29.13 -41.99 -32.16
CA GLN E 165 -27.78 -41.85 -32.70
C GLN E 165 -27.17 -43.17 -33.15
N SER E 166 -27.82 -44.29 -32.86
CA SER E 166 -27.31 -45.60 -33.24
C SER E 166 -27.80 -46.07 -34.60
N LYS E 167 -28.66 -45.30 -35.25
CA LYS E 167 -29.16 -45.69 -36.56
C LYS E 167 -28.02 -45.71 -37.58
N PRO E 168 -28.01 -46.67 -38.50
CA PRO E 168 -26.95 -46.71 -39.50
C PRO E 168 -27.09 -45.58 -40.51
N VAL E 169 -25.99 -45.36 -41.26
CA VAL E 169 -25.96 -44.28 -42.24
C VAL E 169 -26.96 -44.51 -43.36
N SER E 170 -27.17 -45.79 -43.74
CA SER E 170 -28.01 -46.09 -44.90
C SER E 170 -29.43 -45.56 -44.72
N GLU E 171 -29.95 -45.61 -43.49
CA GLU E 171 -31.32 -45.17 -43.24
C GLU E 171 -31.47 -43.65 -43.29
N VAL E 172 -30.39 -42.89 -43.36
CA VAL E 172 -30.46 -41.44 -43.24
C VAL E 172 -29.83 -40.77 -44.46
N MET E 173 -28.90 -41.45 -45.11
CA MET E 173 -28.11 -40.83 -46.16
C MET E 173 -28.96 -40.53 -47.40
N THR E 174 -28.48 -39.56 -48.18
CA THR E 174 -29.08 -39.25 -49.48
C THR E 174 -28.46 -40.17 -50.53
N LYS E 175 -29.32 -40.93 -51.21
CA LYS E 175 -28.85 -41.96 -52.13
C LYS E 175 -28.37 -41.36 -53.45
N ALA E 176 -27.46 -42.08 -54.09
CA ALA E 176 -27.00 -41.71 -55.42
C ALA E 176 -28.13 -41.92 -56.44
N PRO E 177 -28.11 -41.18 -57.57
CA PRO E 177 -27.08 -40.26 -58.06
C PRO E 177 -27.04 -38.91 -57.33
N LEU E 178 -25.86 -38.29 -57.32
CA LEU E 178 -25.61 -37.04 -56.64
C LEU E 178 -25.11 -36.01 -57.66
N ILE E 179 -25.10 -34.75 -57.24
CA ILE E 179 -24.53 -33.69 -58.06
C ILE E 179 -23.01 -33.73 -57.89
N THR E 180 -22.32 -34.21 -58.90
CA THR E 180 -20.87 -34.38 -58.86
C THR E 180 -20.21 -33.53 -59.93
N ALA E 181 -18.88 -33.55 -59.91
CA ALA E 181 -18.08 -32.87 -60.91
C ALA E 181 -16.88 -33.74 -61.25
N LYS E 182 -16.29 -33.47 -62.41
CA LYS E 182 -15.13 -34.22 -62.86
C LYS E 182 -13.86 -33.73 -62.16
N GLU E 183 -12.80 -34.51 -62.28
CA GLU E 183 -11.52 -34.13 -61.71
C GLU E 183 -10.95 -32.93 -62.46
N GLY E 184 -10.20 -32.10 -61.74
CA GLY E 184 -9.64 -30.90 -62.33
C GLY E 184 -10.67 -29.84 -62.64
N VAL E 185 -11.77 -29.81 -61.89
CA VAL E 185 -12.79 -28.79 -62.07
C VAL E 185 -12.33 -27.50 -61.41
N SER E 186 -12.46 -26.39 -62.13
CA SER E 186 -12.01 -25.10 -61.60
C SER E 186 -12.92 -24.67 -60.44
N ALA E 187 -12.37 -23.79 -59.60
CA ALA E 187 -13.12 -23.31 -58.44
C ALA E 187 -14.37 -22.56 -58.87
N GLU E 188 -14.28 -21.79 -59.96
CA GLU E 188 -15.45 -21.07 -60.46
C GLU E 188 -16.55 -22.03 -60.91
N ALA E 189 -16.17 -23.11 -61.59
CA ALA E 189 -17.17 -24.10 -62.03
C ALA E 189 -17.82 -24.79 -60.84
N ALA E 190 -17.03 -25.15 -59.82
CA ALA E 190 -17.59 -25.76 -58.63
C ALA E 190 -18.55 -24.82 -57.92
N LEU E 191 -18.17 -23.55 -57.80
CA LEU E 191 -19.07 -22.57 -57.19
C LEU E 191 -20.35 -22.42 -58.00
N GLY E 192 -20.23 -22.42 -59.33
CA GLY E 192 -21.42 -22.33 -60.17
C GLY E 192 -22.35 -23.51 -59.98
N LEU E 193 -21.79 -24.72 -59.88
CA LEU E 193 -22.62 -25.89 -59.61
C LEU E 193 -23.31 -25.78 -58.26
N LEU E 194 -22.57 -25.38 -57.23
CA LEU E 194 -23.15 -25.24 -55.90
C LEU E 194 -24.27 -24.22 -55.89
N ARG E 195 -24.08 -23.09 -56.58
CA ARG E 195 -25.12 -22.06 -56.62
C ARG E 195 -26.31 -22.52 -57.43
N ARG E 196 -26.09 -23.29 -58.50
CA ARG E 196 -27.19 -23.71 -59.34
C ARG E 196 -28.07 -24.73 -58.64
N HIS E 197 -27.47 -25.70 -57.95
CA HIS E 197 -28.24 -26.77 -57.34
C HIS E 197 -28.58 -26.51 -55.88
N LYS E 198 -28.22 -25.35 -55.35
CA LYS E 198 -28.56 -24.96 -53.98
C LYS E 198 -28.09 -26.00 -52.98
N ILE E 199 -26.81 -26.35 -53.08
CA ILE E 199 -26.18 -27.33 -52.19
C ILE E 199 -24.92 -26.71 -51.61
N GLU E 200 -24.34 -27.41 -50.64
CA GLU E 200 -23.11 -26.96 -50.00
C GLU E 200 -21.96 -27.94 -50.17
N LYS E 201 -22.19 -29.09 -50.80
CA LYS E 201 -21.15 -30.09 -50.99
C LYS E 201 -21.16 -30.57 -52.44
N LEU E 202 -20.01 -31.04 -52.90
CA LEU E 202 -19.81 -31.40 -54.30
C LEU E 202 -18.78 -32.50 -54.35
N PRO E 203 -19.20 -33.76 -54.42
CA PRO E 203 -18.23 -34.85 -54.60
C PRO E 203 -17.57 -34.79 -55.96
N ILE E 204 -16.32 -35.22 -56.00
CA ILE E 204 -15.50 -35.24 -57.22
C ILE E 204 -15.14 -36.68 -57.50
N VAL E 205 -15.47 -37.14 -58.71
CA VAL E 205 -15.31 -38.53 -59.11
C VAL E 205 -14.43 -38.60 -60.35
N ASP E 206 -13.93 -39.80 -60.63
CA ASP E 206 -13.06 -40.04 -61.77
C ASP E 206 -13.90 -40.45 -62.98
N GLY E 207 -13.23 -40.92 -64.04
CA GLY E 207 -13.96 -41.37 -65.23
C GLY E 207 -14.86 -42.55 -64.95
N HIS E 208 -14.42 -43.46 -64.08
CA HIS E 208 -15.24 -44.60 -63.69
C HIS E 208 -16.32 -44.24 -62.68
N GLY E 209 -16.37 -43.00 -62.21
CA GLY E 209 -17.34 -42.58 -61.24
C GLY E 209 -16.99 -42.87 -59.80
N LYS E 210 -15.81 -43.41 -59.53
CA LYS E 210 -15.40 -43.69 -58.17
C LYS E 210 -14.97 -42.41 -57.47
N LEU E 211 -15.24 -42.34 -56.17
CA LEU E 211 -15.01 -41.11 -55.41
C LEU E 211 -13.52 -40.82 -55.30
N THR E 212 -13.14 -39.58 -55.61
CA THR E 212 -11.76 -39.15 -55.50
C THR E 212 -11.57 -37.84 -54.74
N GLY E 213 -12.64 -37.13 -54.40
CA GLY E 213 -12.47 -35.91 -53.62
C GLY E 213 -13.80 -35.31 -53.23
N LEU E 214 -13.72 -34.21 -52.47
CA LEU E 214 -14.89 -33.50 -52.00
C LEU E 214 -14.61 -32.01 -51.97
N ILE E 215 -15.60 -31.22 -52.40
CA ILE E 215 -15.55 -29.77 -52.30
C ILE E 215 -16.70 -29.31 -51.43
N THR E 216 -16.46 -28.30 -50.59
CA THR E 216 -17.47 -27.76 -49.71
C THR E 216 -17.50 -26.25 -49.84
N VAL E 217 -18.59 -25.64 -49.37
CA VAL E 217 -18.70 -24.19 -49.35
C VAL E 217 -17.70 -23.59 -48.35
N LYS E 218 -17.24 -24.39 -47.39
CA LYS E 218 -16.26 -23.93 -46.43
C LYS E 218 -14.97 -23.46 -47.12
N ASP E 219 -14.61 -24.10 -48.23
CA ASP E 219 -13.43 -23.69 -48.97
C ASP E 219 -13.54 -22.23 -49.42
N PHE E 220 -14.64 -21.90 -50.10
CA PHE E 220 -14.83 -20.53 -50.57
C PHE E 220 -14.96 -19.55 -49.42
N VAL E 221 -15.67 -19.95 -48.36
CA VAL E 221 -15.85 -19.06 -47.21
C VAL E 221 -14.50 -18.72 -46.59
N LYS E 222 -13.66 -19.73 -46.38
CA LYS E 222 -12.37 -19.49 -45.75
C LYS E 222 -11.42 -18.74 -46.68
N THR E 223 -11.47 -19.02 -47.97
CA THR E 223 -10.64 -18.28 -48.92
C THR E 223 -11.02 -16.79 -48.92
N GLU E 224 -12.31 -16.50 -48.80
CA GLU E 224 -12.73 -15.10 -48.72
C GLU E 224 -12.34 -14.48 -47.38
N GLN E 225 -12.46 -15.23 -46.30
CA GLN E 225 -12.14 -14.68 -44.98
C GLN E 225 -10.64 -14.48 -44.79
N PHE E 226 -9.83 -15.45 -45.20
CA PHE E 226 -8.41 -15.49 -44.88
C PHE E 226 -7.60 -15.52 -46.17
N PRO E 227 -7.27 -14.36 -46.73
CA PRO E 227 -6.51 -14.32 -47.99
C PRO E 227 -5.01 -14.50 -47.81
N LEU E 228 -4.52 -14.69 -46.59
CA LEU E 228 -3.09 -14.83 -46.32
C LEU E 228 -2.71 -16.23 -45.86
N SER E 229 -3.60 -17.21 -46.01
CA SER E 229 -3.38 -18.52 -45.42
C SER E 229 -2.10 -19.17 -45.95
N THR E 230 -1.33 -19.75 -45.03
CA THR E 230 -0.12 -20.48 -45.38
C THR E 230 -0.50 -21.87 -45.82
N LYS E 231 -0.19 -22.22 -47.06
CA LYS E 231 -0.62 -23.48 -47.65
C LYS E 231 0.54 -24.14 -48.40
N ASP E 232 0.44 -25.45 -48.57
CA ASP E 232 1.42 -26.21 -49.33
C ASP E 232 0.98 -26.30 -50.79
N SER E 233 1.64 -27.16 -51.55
CA SER E 233 1.35 -27.28 -52.98
C SER E 233 -0.01 -27.90 -53.26
N ASP E 234 -0.58 -28.61 -52.29
CA ASP E 234 -1.91 -29.22 -52.43
C ASP E 234 -3.03 -28.33 -51.90
N GLY E 235 -2.71 -27.14 -51.41
CA GLY E 235 -3.73 -26.26 -50.88
C GLY E 235 -4.14 -26.52 -49.45
N ARG E 236 -3.40 -27.34 -48.72
CA ARG E 236 -3.69 -27.61 -47.32
C ARG E 236 -2.84 -26.71 -46.43
N LEU E 237 -3.36 -26.43 -45.24
CA LEU E 237 -2.67 -25.54 -44.31
C LEU E 237 -1.35 -26.16 -43.85
N LEU E 238 -0.32 -25.33 -43.77
CA LEU E 238 0.98 -25.78 -43.27
C LEU E 238 0.94 -25.98 -41.77
N VAL E 239 1.75 -26.93 -41.30
CA VAL E 239 1.89 -27.17 -39.87
C VAL E 239 3.28 -27.74 -39.61
N GLY E 240 3.82 -27.44 -38.44
CA GLY E 240 5.07 -28.01 -38.00
C GLY E 240 4.91 -28.75 -36.69
N ALA E 241 5.87 -29.58 -36.33
CA ALA E 241 5.76 -30.36 -35.11
C ALA E 241 7.14 -30.53 -34.48
N ALA E 242 7.15 -30.67 -33.16
CA ALA E 242 8.38 -30.76 -32.38
C ALA E 242 8.73 -32.21 -32.07
N VAL E 243 10.02 -32.53 -32.15
CA VAL E 243 10.54 -33.84 -31.76
C VAL E 243 11.78 -33.64 -30.89
N GLY E 244 12.13 -34.68 -30.16
CA GLY E 244 13.28 -34.69 -29.28
C GLY E 244 14.45 -35.44 -29.88
N VAL E 245 15.23 -36.09 -29.02
CA VAL E 245 16.38 -36.89 -29.42
C VAL E 245 16.26 -38.27 -28.77
N GLY E 246 16.42 -39.31 -29.58
CA GLY E 246 16.38 -40.67 -29.10
C GLY E 246 15.70 -41.58 -30.10
N ASP E 247 15.43 -42.81 -29.68
CA ASP E 247 14.69 -43.75 -30.51
C ASP E 247 13.20 -43.44 -30.52
N ASP E 248 12.65 -43.07 -29.36
CA ASP E 248 11.26 -42.62 -29.31
C ASP E 248 11.07 -41.39 -30.19
N ALA E 249 12.06 -40.50 -30.20
CA ALA E 249 11.98 -39.31 -31.05
C ALA E 249 11.97 -39.68 -32.53
N TRP E 250 12.77 -40.68 -32.91
CA TRP E 250 12.77 -41.12 -34.31
C TRP E 250 11.44 -41.73 -34.70
N THR E 251 10.87 -42.57 -33.83
CA THR E 251 9.56 -43.15 -34.12
C THR E 251 8.50 -42.06 -34.25
N ARG E 252 8.53 -41.08 -33.34
CA ARG E 252 7.59 -39.96 -33.41
C ARG E 252 7.77 -39.18 -34.71
N ALA E 253 9.02 -38.94 -35.11
CA ALA E 253 9.27 -38.18 -36.33
C ALA E 253 8.73 -38.90 -37.55
N MET E 254 8.94 -40.22 -37.62
CA MET E 254 8.43 -40.97 -38.77
C MET E 254 6.91 -40.99 -38.78
N THR E 255 6.28 -41.13 -37.60
CA THR E 255 4.82 -41.07 -37.54
C THR E 255 4.30 -39.71 -38.01
N LEU E 256 4.97 -38.63 -37.58
CA LEU E 256 4.54 -37.30 -37.99
C LEU E 256 4.72 -37.08 -39.49
N VAL E 257 5.82 -37.57 -40.06
CA VAL E 257 6.03 -37.43 -41.50
C VAL E 257 4.98 -38.22 -42.27
N ASP E 258 4.60 -39.39 -41.75
CA ASP E 258 3.50 -40.13 -42.36
C ASP E 258 2.19 -39.36 -42.28
N ALA E 259 1.95 -38.69 -41.14
CA ALA E 259 0.73 -37.90 -40.98
C ALA E 259 0.68 -36.69 -41.93
N GLY E 260 1.82 -36.29 -42.49
CA GLY E 260 1.83 -35.22 -43.45
C GLY E 260 2.39 -33.90 -42.96
N VAL E 261 3.25 -33.94 -41.95
CA VAL E 261 3.81 -32.71 -41.40
C VAL E 261 4.72 -32.05 -42.44
N ASP E 262 4.85 -30.73 -42.33
CA ASP E 262 5.64 -29.94 -43.28
C ASP E 262 6.99 -29.52 -42.71
N VAL E 263 7.06 -29.24 -41.41
CA VAL E 263 8.30 -28.86 -40.75
C VAL E 263 8.46 -29.72 -39.50
N LEU E 264 9.66 -30.23 -39.30
CA LEU E 264 10.04 -30.92 -38.07
C LEU E 264 11.05 -30.04 -37.35
N ILE E 265 10.75 -29.71 -36.10
CA ILE E 265 11.63 -28.90 -35.27
C ILE E 265 12.28 -29.82 -34.24
N VAL E 266 13.60 -29.96 -34.31
CA VAL E 266 14.33 -30.70 -33.29
C VAL E 266 14.47 -29.76 -32.10
N ASP E 267 13.64 -29.98 -31.09
CA ASP E 267 13.35 -29.03 -30.02
C ASP E 267 14.12 -29.41 -28.77
N THR E 268 15.23 -28.72 -28.52
CA THR E 268 16.07 -28.95 -27.35
C THR E 268 16.44 -27.61 -26.72
N ALA E 269 16.80 -27.67 -25.44
CA ALA E 269 17.22 -26.45 -24.74
C ALA E 269 18.63 -26.06 -25.09
N HIS E 270 19.48 -27.02 -25.46
CA HIS E 270 20.88 -26.77 -25.77
C HIS E 270 21.24 -27.67 -26.96
N ALA E 271 21.27 -27.07 -28.15
CA ALA E 271 21.48 -27.81 -29.38
C ALA E 271 22.94 -28.00 -29.75
N HIS E 272 23.87 -27.38 -29.03
CA HIS E 272 25.29 -27.61 -29.26
C HIS E 272 25.69 -28.92 -28.58
N ASN E 273 25.16 -30.00 -29.16
CA ASN E 273 25.26 -31.34 -28.57
C ASN E 273 25.29 -32.33 -29.72
N ARG E 274 26.17 -33.32 -29.62
CA ARG E 274 26.37 -34.23 -30.75
C ARG E 274 25.15 -35.10 -31.01
N GLY E 275 24.35 -35.39 -29.98
CA GLY E 275 23.11 -36.12 -30.19
C GLY E 275 22.12 -35.33 -31.03
N VAL E 276 21.97 -34.05 -30.74
CA VAL E 276 21.06 -33.20 -31.52
C VAL E 276 21.55 -33.07 -32.96
N LEU E 277 22.85 -32.88 -33.13
CA LEU E 277 23.40 -32.76 -34.49
C LEU E 277 23.23 -34.05 -35.28
N ASP E 278 23.44 -35.20 -34.62
CA ASP E 278 23.21 -36.47 -35.28
C ASP E 278 21.74 -36.67 -35.64
N MET E 279 20.83 -36.24 -34.76
CA MET E 279 19.40 -36.33 -35.06
C MET E 279 19.04 -35.47 -36.27
N VAL E 280 19.59 -34.25 -36.33
CA VAL E 280 19.32 -33.38 -37.47
C VAL E 280 19.86 -33.98 -38.76
N SER E 281 21.07 -34.55 -38.71
CA SER E 281 21.63 -35.18 -39.90
C SER E 281 20.80 -36.38 -40.34
N ARG E 282 20.35 -37.22 -39.39
CA ARG E 282 19.53 -38.38 -39.73
C ARG E 282 18.22 -37.95 -40.37
N LEU E 283 17.55 -36.95 -39.78
CA LEU E 283 16.29 -36.49 -40.34
C LEU E 283 16.49 -35.90 -41.73
N LYS E 284 17.55 -35.13 -41.92
CA LYS E 284 17.81 -34.54 -43.22
C LYS E 284 18.09 -35.62 -44.26
N GLN E 285 18.81 -36.67 -43.88
CA GLN E 285 19.09 -37.74 -44.82
C GLN E 285 17.85 -38.59 -45.12
N ALA E 286 16.96 -38.74 -44.15
CA ALA E 286 15.82 -39.63 -44.32
C ALA E 286 14.66 -38.93 -45.04
N VAL E 287 14.17 -37.82 -44.49
CA VAL E 287 12.97 -37.18 -44.99
C VAL E 287 13.24 -35.74 -45.44
N GLY E 288 14.49 -35.43 -45.77
CA GLY E 288 14.84 -34.06 -46.11
C GLY E 288 14.29 -33.61 -47.45
N GLU E 289 13.97 -34.53 -48.35
CA GLU E 289 13.49 -34.17 -49.67
C GLU E 289 12.07 -33.64 -49.63
N ARG E 290 11.31 -33.98 -48.60
CA ARG E 290 9.91 -33.60 -48.48
C ARG E 290 9.65 -32.69 -47.30
N VAL E 291 10.33 -32.92 -46.18
CA VAL E 291 10.10 -32.17 -44.94
C VAL E 291 11.33 -31.31 -44.67
N ASP E 292 11.09 -30.14 -44.08
CA ASP E 292 12.15 -29.26 -43.63
C ASP E 292 12.49 -29.55 -42.17
N VAL E 293 13.76 -29.47 -41.83
CA VAL E 293 14.24 -29.77 -40.49
C VAL E 293 14.84 -28.49 -39.91
N VAL E 294 14.32 -28.06 -38.76
CA VAL E 294 14.78 -26.87 -38.07
C VAL E 294 15.51 -27.30 -36.81
N GLY E 295 16.66 -26.68 -36.55
CA GLY E 295 17.47 -27.06 -35.41
C GLY E 295 17.17 -26.24 -34.16
N GLY E 296 17.38 -26.90 -33.01
CA GLY E 296 17.03 -26.36 -31.71
C GLY E 296 17.73 -25.10 -31.31
N ASN E 297 17.56 -24.71 -30.05
CA ASN E 297 17.98 -23.39 -29.60
C ASN E 297 19.49 -23.32 -29.42
N VAL E 298 20.08 -22.26 -29.97
CA VAL E 298 21.49 -21.95 -29.84
C VAL E 298 21.60 -20.50 -29.40
N ALA E 299 22.81 -20.13 -28.96
CA ALA E 299 23.04 -18.75 -28.56
C ALA E 299 24.39 -18.21 -28.98
N THR E 300 25.22 -18.96 -29.70
CA THR E 300 26.53 -18.51 -30.11
C THR E 300 26.71 -18.70 -31.60
N ARG E 301 27.84 -18.21 -32.11
CA ARG E 301 28.15 -18.37 -33.53
C ARG E 301 28.58 -19.79 -33.85
N ALA E 302 29.35 -20.41 -32.96
CA ALA E 302 29.84 -21.77 -33.21
C ALA E 302 28.70 -22.78 -33.23
N ALA E 303 27.72 -22.62 -32.34
CA ALA E 303 26.58 -23.54 -32.33
C ALA E 303 25.76 -23.42 -33.61
N ALA E 304 25.53 -22.20 -34.08
CA ALA E 304 24.80 -22.00 -35.32
C ALA E 304 25.58 -22.56 -36.51
N ALA E 305 26.91 -22.39 -36.49
CA ALA E 305 27.74 -22.95 -37.55
C ALA E 305 27.67 -24.46 -37.56
N ALA E 306 27.68 -25.09 -36.38
CA ALA E 306 27.54 -26.54 -36.30
C ALA E 306 26.20 -27.01 -36.81
N LEU E 307 25.12 -26.30 -36.46
CA LEU E 307 23.79 -26.67 -36.95
C LEU E 307 23.70 -26.53 -38.46
N VAL E 308 24.31 -25.47 -39.02
CA VAL E 308 24.33 -25.31 -40.47
C VAL E 308 25.11 -26.44 -41.13
N GLU E 309 26.25 -26.81 -40.53
CA GLU E 309 27.05 -27.89 -41.10
C GLU E 309 26.35 -29.24 -41.00
N ALA E 310 25.46 -29.40 -40.03
CA ALA E 310 24.68 -30.64 -39.90
C ALA E 310 23.55 -30.72 -40.92
N GLY E 311 23.20 -29.62 -41.57
CA GLY E 311 22.18 -29.64 -42.60
C GLY E 311 20.83 -29.06 -42.23
N ALA E 312 20.76 -28.24 -41.19
CA ALA E 312 19.49 -27.65 -40.79
C ALA E 312 19.01 -26.64 -41.83
N ASP E 313 17.69 -26.60 -42.00
CA ASP E 313 17.07 -25.64 -42.92
C ASP E 313 16.77 -24.31 -42.26
N ALA E 314 16.64 -24.28 -40.94
CA ALA E 314 16.53 -23.05 -40.18
C ALA E 314 17.15 -23.29 -38.82
N VAL E 315 17.56 -22.21 -38.16
CA VAL E 315 18.21 -22.29 -36.86
C VAL E 315 17.40 -21.47 -35.87
N LYS E 316 17.03 -22.08 -34.74
CA LYS E 316 16.28 -21.38 -33.71
C LYS E 316 17.23 -20.88 -32.65
N VAL E 317 17.06 -19.62 -32.23
CA VAL E 317 18.04 -18.91 -31.43
C VAL E 317 17.40 -18.46 -30.13
N GLY E 318 18.08 -18.73 -29.02
CA GLY E 318 17.72 -18.24 -27.70
C GLY E 318 17.94 -19.25 -26.60
N VAL E 319 18.74 -18.88 -25.61
CA VAL E 319 19.05 -19.71 -24.45
C VAL E 319 19.03 -18.82 -23.23
N GLY E 320 17.95 -18.89 -22.46
CA GLY E 320 17.75 -18.00 -21.34
C GLY E 320 17.73 -16.53 -21.73
N PRO E 321 16.84 -16.15 -22.66
CA PRO E 321 16.84 -14.76 -23.14
C PRO E 321 16.08 -13.79 -22.25
N GLY E 322 15.29 -14.27 -21.30
CA GLY E 322 14.57 -13.37 -20.41
C GLY E 322 15.41 -12.94 -19.22
N SER E 323 14.98 -11.84 -18.59
CA SER E 323 15.74 -11.26 -17.49
C SER E 323 15.63 -12.10 -16.22
N ILE E 324 14.43 -12.59 -15.92
CA ILE E 324 14.20 -13.35 -14.69
C ILE E 324 14.06 -14.81 -15.07
N CYS E 325 14.70 -15.19 -16.16
CA CYS E 325 14.65 -16.56 -16.65
C CYS E 325 15.11 -17.54 -15.58
N THR E 326 14.41 -18.67 -15.49
CA THR E 326 14.82 -19.71 -14.54
C THR E 326 16.20 -20.27 -14.87
N THR E 327 16.56 -20.30 -16.14
CA THR E 327 17.89 -20.75 -16.53
C THR E 327 18.97 -19.79 -16.03
N ARG E 328 18.68 -18.49 -16.01
CA ARG E 328 19.66 -17.52 -15.53
C ARG E 328 19.80 -17.56 -14.01
N VAL E 329 18.73 -17.88 -13.30
CA VAL E 329 18.77 -17.85 -11.84
C VAL E 329 19.26 -19.16 -11.25
N VAL E 330 18.79 -20.29 -11.79
CA VAL E 330 19.12 -21.59 -11.21
C VAL E 330 20.46 -22.10 -11.73
N ALA E 331 20.73 -21.94 -13.02
CA ALA E 331 21.98 -22.40 -13.59
C ALA E 331 23.01 -21.30 -13.80
N GLY E 332 22.59 -20.04 -13.86
CA GLY E 332 23.49 -18.96 -14.16
C GLY E 332 23.90 -18.86 -15.61
N VAL E 333 23.15 -19.47 -16.51
CA VAL E 333 23.45 -19.53 -17.93
C VAL E 333 22.49 -18.60 -18.66
N GLY E 334 22.97 -17.95 -19.71
CA GLY E 334 22.09 -17.13 -20.51
C GLY E 334 22.85 -16.47 -21.63
N ALA E 335 22.10 -15.78 -22.46
CA ALA E 335 22.66 -14.96 -23.54
C ALA E 335 21.64 -13.90 -23.91
N PRO E 336 21.98 -12.62 -23.81
CA PRO E 336 21.07 -11.57 -24.28
C PRO E 336 20.76 -11.73 -25.76
N GLN E 337 19.50 -11.44 -26.12
CA GLN E 337 18.95 -11.95 -27.37
C GLN E 337 19.45 -11.19 -28.59
N ILE E 338 19.67 -9.88 -28.49
CA ILE E 338 20.15 -9.12 -29.65
C ILE E 338 21.52 -9.62 -30.08
N THR E 339 22.43 -9.79 -29.12
CA THR E 339 23.78 -10.26 -29.43
C THR E 339 23.76 -11.70 -29.94
N ALA E 340 22.91 -12.54 -29.35
CA ALA E 340 22.80 -13.92 -29.79
C ALA E 340 22.31 -13.99 -31.24
N ILE E 341 21.32 -13.17 -31.59
CA ILE E 341 20.82 -13.15 -32.95
C ILE E 341 21.91 -12.64 -33.90
N LEU E 342 22.63 -11.60 -33.50
CA LEU E 342 23.70 -11.07 -34.35
C LEU E 342 24.75 -12.13 -34.64
N GLU E 343 25.17 -12.87 -33.61
CA GLU E 343 26.18 -13.91 -33.79
C GLU E 343 25.66 -15.06 -34.65
N ALA E 344 24.45 -15.53 -34.37
CA ALA E 344 23.88 -16.62 -35.15
C ALA E 344 23.69 -16.22 -36.61
N VAL E 345 23.29 -14.97 -36.85
CA VAL E 345 23.13 -14.52 -38.23
C VAL E 345 24.47 -14.42 -38.92
N ALA E 346 25.50 -13.95 -38.22
CA ALA E 346 26.84 -13.93 -38.80
C ALA E 346 27.28 -15.34 -39.18
N ALA E 347 26.84 -16.34 -38.44
CA ALA E 347 27.17 -17.73 -38.80
C ALA E 347 26.33 -18.25 -39.96
N CYS E 348 25.04 -17.89 -40.02
CA CYS E 348 24.08 -18.55 -40.91
C CYS E 348 23.87 -17.85 -42.24
N LYS E 349 24.01 -16.53 -42.30
CA LYS E 349 23.68 -15.79 -43.52
C LYS E 349 24.49 -16.20 -44.75
N PRO E 350 25.79 -16.46 -44.67
CA PRO E 350 26.52 -16.84 -45.89
C PRO E 350 25.99 -18.09 -46.58
N TYR E 351 25.26 -18.94 -45.86
CA TYR E 351 24.69 -20.15 -46.44
C TYR E 351 23.21 -20.03 -46.72
N GLY E 352 22.61 -18.87 -46.49
CA GLY E 352 21.19 -18.69 -46.72
C GLY E 352 20.29 -19.49 -45.81
N VAL E 353 20.69 -19.67 -44.55
CA VAL E 353 19.90 -20.41 -43.57
C VAL E 353 19.16 -19.41 -42.69
N PRO E 354 17.84 -19.42 -42.67
CA PRO E 354 17.10 -18.45 -41.86
C PRO E 354 17.25 -18.66 -40.36
N VAL E 355 16.97 -17.58 -39.62
CA VAL E 355 17.08 -17.55 -38.17
C VAL E 355 15.70 -17.27 -37.59
N ILE E 356 15.33 -18.02 -36.56
CA ILE E 356 14.08 -17.84 -35.83
C ILE E 356 14.44 -17.39 -34.42
N ALA E 357 14.06 -16.17 -34.08
CA ALA E 357 14.29 -15.64 -32.74
C ALA E 357 13.22 -16.17 -31.80
N ASP E 358 13.61 -16.91 -30.77
CA ASP E 358 12.67 -17.56 -29.87
C ASP E 358 12.91 -17.06 -28.46
N GLY E 359 11.95 -16.35 -27.91
CA GLY E 359 12.00 -15.95 -26.51
C GLY E 359 12.41 -14.50 -26.32
N GLY E 360 11.92 -13.90 -25.24
CA GLY E 360 12.25 -12.55 -24.86
C GLY E 360 11.38 -11.46 -25.44
N LEU E 361 10.39 -11.80 -26.26
CA LEU E 361 9.59 -10.80 -26.97
C LEU E 361 8.37 -10.42 -26.13
N GLN E 362 8.32 -9.17 -25.70
CA GLN E 362 7.20 -8.66 -24.92
C GLN E 362 6.29 -7.72 -25.69
N TYR E 363 6.81 -7.01 -26.68
CA TYR E 363 6.04 -6.04 -27.45
C TYR E 363 6.35 -6.23 -28.92
N SER E 364 5.62 -5.49 -29.76
CA SER E 364 5.84 -5.56 -31.20
C SER E 364 7.12 -4.85 -31.61
N GLY E 365 7.55 -3.85 -30.83
CA GLY E 365 8.84 -3.24 -31.07
C GLY E 365 9.98 -4.22 -30.89
N ASP E 366 9.83 -5.16 -29.96
CA ASP E 366 10.80 -6.22 -29.80
C ASP E 366 10.87 -7.10 -31.05
N ILE E 367 9.72 -7.40 -31.66
CA ILE E 367 9.71 -8.19 -32.89
C ILE E 367 10.42 -7.44 -34.00
N ALA E 368 10.17 -6.13 -34.12
CA ALA E 368 10.85 -5.34 -35.14
C ALA E 368 12.35 -5.31 -34.91
N LYS E 369 12.78 -5.17 -33.65
CA LYS E 369 14.20 -5.20 -33.33
C LYS E 369 14.83 -6.54 -33.66
N ALA E 370 14.13 -7.64 -33.34
CA ALA E 370 14.65 -8.97 -33.63
C ALA E 370 14.80 -9.18 -35.13
N LEU E 371 13.83 -8.72 -35.92
CA LEU E 371 13.95 -8.87 -37.36
C LEU E 371 15.03 -7.96 -37.93
N ALA E 372 15.26 -6.79 -37.34
CA ALA E 372 16.29 -5.90 -37.84
C ALA E 372 17.69 -6.37 -37.47
N ALA E 373 17.84 -7.16 -36.40
CA ALA E 373 19.13 -7.74 -36.06
C ALA E 373 19.56 -8.83 -37.03
N GLY E 374 18.66 -9.32 -37.88
CA GLY E 374 19.01 -10.31 -38.88
C GLY E 374 18.18 -11.56 -38.85
N ALA E 375 17.27 -11.68 -37.88
CA ALA E 375 16.40 -12.84 -37.84
C ALA E 375 15.37 -12.78 -38.96
N SER E 376 14.96 -13.94 -39.44
CA SER E 376 13.93 -14.01 -40.46
C SER E 376 12.54 -14.21 -39.89
N THR E 377 12.42 -14.90 -38.77
CA THR E 377 11.12 -15.10 -38.16
C THR E 377 11.24 -14.96 -36.65
N ALA E 378 10.09 -14.79 -35.99
CA ALA E 378 10.01 -14.70 -34.55
C ALA E 378 9.00 -15.72 -34.04
N MET E 379 9.37 -16.44 -32.99
CA MET E 379 8.50 -17.43 -32.36
C MET E 379 7.89 -16.83 -31.11
N LEU E 380 6.56 -16.90 -31.02
CA LEU E 380 5.80 -16.20 -29.98
C LEU E 380 5.20 -17.21 -29.01
N GLY E 381 5.55 -17.08 -27.75
CA GLY E 381 4.85 -17.78 -26.69
C GLY E 381 4.59 -16.81 -25.55
N SER E 382 3.54 -17.10 -24.79
CA SER E 382 3.12 -16.31 -23.64
C SER E 382 2.57 -14.95 -24.07
N LEU E 383 2.68 -14.62 -25.35
CA LEU E 383 1.85 -13.59 -25.96
C LEU E 383 0.58 -14.18 -26.55
N LEU E 384 0.59 -15.48 -26.86
CA LEU E 384 -0.56 -16.20 -27.39
C LEU E 384 -1.11 -17.21 -26.40
N ALA E 385 -0.56 -17.27 -25.18
CA ALA E 385 -0.97 -18.30 -24.24
C ALA E 385 -2.40 -18.11 -23.76
N GLY E 386 -2.82 -16.86 -23.57
CA GLY E 386 -4.17 -16.60 -23.12
C GLY E 386 -5.19 -16.36 -24.20
N THR E 387 -4.82 -16.48 -25.47
CA THR E 387 -5.77 -16.24 -26.54
C THR E 387 -6.82 -17.35 -26.59
N ALA E 388 -7.92 -17.07 -27.30
CA ALA E 388 -9.04 -17.99 -27.36
C ALA E 388 -8.70 -19.30 -28.05
N GLU E 389 -7.67 -19.32 -28.90
CA GLU E 389 -7.32 -20.51 -29.65
C GLU E 389 -6.30 -21.40 -28.94
N SER E 390 -5.73 -20.93 -27.83
CA SER E 390 -4.81 -21.76 -27.07
C SER E 390 -5.58 -22.83 -26.29
N PRO E 391 -4.93 -23.93 -25.95
CA PRO E 391 -5.62 -24.99 -25.20
C PRO E 391 -6.08 -24.50 -23.84
N GLY E 392 -7.17 -25.10 -23.38
CA GLY E 392 -7.82 -24.69 -22.15
C GLY E 392 -9.22 -24.17 -22.40
N GLU E 393 -9.90 -23.87 -21.30
CA GLU E 393 -11.24 -23.28 -21.35
C GLU E 393 -11.27 -22.00 -20.52
N LEU E 394 -12.33 -21.23 -20.70
CA LEU E 394 -12.48 -19.95 -20.00
C LEU E 394 -13.25 -20.15 -18.71
N ILE E 395 -12.71 -19.61 -17.62
CA ILE E 395 -13.29 -19.71 -16.29
C ILE E 395 -13.30 -18.32 -15.67
N PHE E 396 -14.40 -17.96 -15.03
CA PHE E 396 -14.50 -16.69 -14.31
C PHE E 396 -14.09 -16.90 -12.85
N VAL E 397 -12.95 -16.31 -12.47
CA VAL E 397 -12.48 -16.32 -11.09
C VAL E 397 -12.40 -14.87 -10.62
N ASN E 398 -13.14 -14.55 -9.56
CA ASN E 398 -13.19 -13.20 -8.99
C ASN E 398 -13.52 -12.15 -10.05
N GLY E 399 -14.46 -12.49 -10.92
CA GLY E 399 -14.85 -11.56 -11.96
C GLY E 399 -13.81 -11.30 -13.02
N LYS E 400 -12.84 -12.21 -13.18
CA LYS E 400 -11.82 -12.09 -14.21
C LYS E 400 -11.72 -13.41 -14.97
N GLN E 401 -11.51 -13.30 -16.29
CA GLN E 401 -11.42 -14.49 -17.12
C GLN E 401 -10.01 -15.08 -17.09
N PHE E 402 -9.94 -16.38 -16.87
CA PHE E 402 -8.68 -17.12 -16.89
C PHE E 402 -8.85 -18.35 -17.77
N LYS E 403 -7.73 -18.85 -18.27
CA LYS E 403 -7.72 -20.07 -19.07
C LYS E 403 -7.23 -21.23 -18.21
N SER E 404 -8.07 -22.24 -18.05
CA SER E 404 -7.81 -23.37 -17.18
C SER E 404 -7.68 -24.64 -18.00
N TYR E 405 -6.97 -25.62 -17.43
CA TYR E 405 -6.66 -26.85 -18.13
C TYR E 405 -7.21 -28.07 -17.39
N TYR E 428 6.01 -37.56 -18.57
CA TYR E 428 6.54 -38.75 -19.23
C TYR E 428 7.21 -38.39 -20.55
N PHE E 429 6.69 -37.37 -21.22
CA PHE E 429 7.13 -37.00 -22.55
C PHE E 429 8.07 -35.80 -22.56
N GLN E 430 8.53 -35.37 -21.39
CA GLN E 430 9.53 -34.31 -21.27
C GLN E 430 10.87 -34.97 -20.97
N ASP E 431 11.54 -35.43 -22.03
CA ASP E 431 12.80 -36.14 -21.92
C ASP E 431 14.01 -35.21 -21.95
N ASP E 432 13.80 -33.90 -22.06
CA ASP E 432 14.90 -32.96 -22.12
C ASP E 432 15.59 -32.88 -20.76
N VAL E 433 16.92 -32.92 -20.77
CA VAL E 433 17.67 -32.89 -19.52
C VAL E 433 18.00 -31.48 -19.04
N LEU E 434 17.94 -30.49 -19.93
CA LEU E 434 18.26 -29.10 -19.59
C LEU E 434 17.05 -28.18 -19.69
N SER E 435 15.84 -28.74 -19.72
CA SER E 435 14.65 -27.92 -19.77
C SER E 435 14.37 -27.32 -18.39
N GLU E 436 13.61 -26.22 -18.40
CA GLU E 436 13.37 -25.49 -17.15
C GLU E 436 12.43 -26.22 -16.21
N ASP E 437 11.61 -27.14 -16.71
CA ASP E 437 10.75 -27.92 -15.82
C ASP E 437 11.57 -28.79 -14.88
N LYS E 438 12.78 -29.18 -15.31
CA LYS E 438 13.69 -29.89 -14.42
C LYS E 438 14.37 -28.95 -13.43
N LEU E 439 14.54 -27.68 -13.80
CA LEU E 439 15.15 -26.70 -12.90
C LEU E 439 14.18 -26.20 -11.85
N VAL E 440 12.90 -26.07 -12.20
CA VAL E 440 11.90 -25.57 -11.26
C VAL E 440 11.63 -26.64 -10.20
N PRO E 441 11.56 -26.29 -8.91
CA PRO E 441 11.28 -27.32 -7.90
C PRO E 441 9.94 -28.02 -8.08
N GLU E 442 8.91 -27.28 -8.50
CA GLU E 442 7.56 -27.81 -8.67
C GLU E 442 7.08 -28.55 -7.42
N ARG E 447 -3.90 -21.57 -14.57
CA ARG E 447 -4.58 -20.30 -14.78
C ARG E 447 -3.69 -19.27 -15.45
N VAL E 448 -4.05 -18.89 -16.67
CA VAL E 448 -3.38 -17.79 -17.37
C VAL E 448 -4.44 -16.77 -17.75
N PRO E 449 -4.12 -15.48 -17.78
CA PRO E 449 -5.14 -14.48 -18.12
C PRO E 449 -5.60 -14.60 -19.56
N PHE E 450 -6.87 -14.25 -19.77
CA PHE E 450 -7.46 -14.30 -21.09
C PHE E 450 -7.07 -13.06 -21.90
N ARG E 451 -6.69 -13.28 -23.16
CA ARG E 451 -6.17 -12.21 -23.99
C ARG E 451 -7.04 -11.90 -25.21
N GLY E 452 -8.12 -12.64 -25.43
CA GLY E 452 -8.99 -12.37 -26.55
C GLY E 452 -8.66 -13.21 -27.76
N PRO E 453 -9.30 -12.91 -28.89
CA PRO E 453 -9.03 -13.67 -30.12
C PRO E 453 -7.60 -13.44 -30.62
N LEU E 454 -7.09 -14.46 -31.31
CA LEU E 454 -5.73 -14.41 -31.83
C LEU E 454 -5.59 -13.38 -32.95
N GLY E 455 -6.64 -13.16 -33.74
CA GLY E 455 -6.55 -12.27 -34.87
C GLY E 455 -6.20 -10.84 -34.49
N THR E 456 -6.80 -10.35 -33.40
CA THR E 456 -6.51 -8.98 -32.98
C THR E 456 -5.08 -8.84 -32.48
N VAL E 457 -4.57 -9.86 -31.80
CA VAL E 457 -3.18 -9.84 -31.34
C VAL E 457 -2.24 -9.82 -32.54
N ILE E 458 -2.49 -10.68 -33.52
CA ILE E 458 -1.64 -10.74 -34.69
C ILE E 458 -1.69 -9.43 -35.46
N HIS E 459 -2.88 -8.82 -35.54
CA HIS E 459 -3.01 -7.55 -36.25
C HIS E 459 -2.27 -6.42 -35.53
N GLN E 460 -2.32 -6.39 -34.20
CA GLN E 460 -1.56 -5.38 -33.46
C GLN E 460 -0.06 -5.55 -33.67
N LEU E 461 0.43 -6.79 -33.62
CA LEU E 461 1.85 -7.02 -33.84
C LEU E 461 2.27 -6.62 -35.25
N THR E 462 1.44 -6.96 -36.24
CA THR E 462 1.75 -6.60 -37.62
C THR E 462 1.71 -5.10 -37.83
N GLY E 463 0.79 -4.40 -37.16
CA GLY E 463 0.77 -2.95 -37.24
C GLY E 463 2.02 -2.32 -36.69
N GLY E 464 2.50 -2.82 -35.55
CA GLY E 464 3.77 -2.34 -35.01
C GLY E 464 4.92 -2.58 -35.96
N LEU E 465 4.97 -3.77 -36.56
CA LEU E 465 6.04 -4.08 -37.51
C LEU E 465 5.97 -3.17 -38.73
N ARG E 466 4.76 -2.89 -39.24
CA ARG E 466 4.62 -2.02 -40.40
C ARG E 466 5.02 -0.58 -40.07
N ALA E 467 4.70 -0.12 -38.86
CA ALA E 467 5.17 1.20 -38.45
C ALA E 467 6.70 1.26 -38.40
N ALA E 468 7.33 0.20 -37.89
CA ALA E 468 8.79 0.14 -37.88
C ALA E 468 9.36 0.18 -39.29
N MET E 469 8.76 -0.57 -40.21
CA MET E 469 9.24 -0.60 -41.58
C MET E 469 9.03 0.74 -42.28
N GLY E 470 7.94 1.45 -41.97
CA GLY E 470 7.78 2.79 -42.48
C GLY E 470 8.81 3.77 -41.94
N TYR E 471 9.13 3.64 -40.65
CA TYR E 471 10.12 4.54 -40.05
C TYR E 471 11.52 4.30 -40.59
N THR E 472 11.91 3.05 -40.77
CA THR E 472 13.28 2.73 -41.18
C THR E 472 13.47 2.73 -42.69
N GLY E 473 12.41 2.93 -43.47
CA GLY E 473 12.53 2.93 -44.91
C GLY E 473 12.62 1.57 -45.55
N SER E 474 12.13 0.53 -44.88
CA SER E 474 12.27 -0.85 -45.31
C SER E 474 11.03 -1.28 -46.07
N ALA E 475 11.18 -1.52 -47.37
CA ALA E 475 10.06 -2.00 -48.17
C ALA E 475 9.79 -3.48 -47.94
N THR E 476 10.81 -4.26 -47.61
CA THR E 476 10.70 -5.69 -47.37
C THR E 476 11.40 -6.03 -46.07
N ILE E 477 11.21 -7.27 -45.62
CA ILE E 477 11.87 -7.74 -44.41
C ILE E 477 13.38 -7.86 -44.65
N GLU E 478 13.78 -8.25 -45.86
CA GLU E 478 15.20 -8.34 -46.18
C GLU E 478 15.88 -6.97 -46.11
N GLN E 479 15.12 -5.89 -46.32
CA GLN E 479 15.68 -4.56 -46.13
C GLN E 479 15.63 -4.13 -44.67
N LEU E 480 14.62 -4.58 -43.92
CA LEU E 480 14.60 -4.31 -42.49
C LEU E 480 15.78 -4.95 -41.79
N GLN E 481 16.23 -6.10 -42.28
CA GLN E 481 17.41 -6.77 -41.73
C GLN E 481 18.70 -6.01 -41.96
N GLN E 482 18.65 -4.85 -42.61
CA GLN E 482 19.82 -4.02 -42.85
C GLN E 482 19.79 -2.72 -42.05
N ALA E 483 18.81 -2.54 -41.18
CA ALA E 483 18.64 -1.29 -40.44
C ALA E 483 19.63 -1.20 -39.29
N GLN E 484 19.90 0.04 -38.87
CA GLN E 484 20.89 0.33 -37.84
C GLN E 484 20.23 0.55 -36.50
N PHE E 485 21.00 0.29 -35.44
CA PHE E 485 20.56 0.48 -34.06
C PHE E 485 21.27 1.67 -33.44
N VAL E 486 20.62 2.26 -32.44
CA VAL E 486 21.25 3.17 -31.50
C VAL E 486 21.15 2.54 -30.11
N GLN E 487 22.28 2.47 -29.42
CA GLN E 487 22.30 1.92 -28.07
C GLN E 487 21.95 3.03 -27.07
N ILE E 488 21.08 2.70 -26.13
CA ILE E 488 20.62 3.67 -25.15
C ILE E 488 21.18 3.30 -23.79
N THR E 489 21.22 4.28 -22.90
CA THR E 489 21.76 4.10 -21.56
C THR E 489 20.66 3.70 -20.59
N ALA E 490 21.02 3.56 -19.32
CA ALA E 490 20.05 3.21 -18.29
C ALA E 490 19.04 4.32 -18.07
N ALA E 491 19.44 5.58 -18.24
CA ALA E 491 18.52 6.69 -18.08
C ALA E 491 17.38 6.67 -19.08
N GLY E 492 17.56 6.03 -20.23
CA GLY E 492 16.49 5.88 -21.20
C GLY E 492 15.46 4.84 -20.86
N LEU E 493 15.72 3.98 -19.88
CA LEU E 493 14.73 3.01 -19.44
C LEU E 493 13.83 3.56 -18.34
N LYS E 494 14.26 4.60 -17.64
CA LYS E 494 13.52 5.14 -16.50
C LYS E 494 12.23 5.79 -16.94
N VAL F 12 38.50 -9.33 -34.63
CA VAL F 12 37.63 -9.40 -35.80
C VAL F 12 36.14 -9.17 -35.44
N PRO F 13 35.61 -9.87 -34.43
CA PRO F 13 34.21 -9.64 -34.06
C PRO F 13 34.00 -8.31 -33.38
N VAL F 14 32.80 -7.77 -33.54
CA VAL F 14 32.37 -6.60 -32.77
C VAL F 14 32.09 -7.05 -31.33
N PRO F 15 32.48 -6.27 -30.31
CA PRO F 15 32.26 -6.71 -28.93
C PRO F 15 30.80 -6.90 -28.56
N THR F 16 29.87 -6.26 -29.24
CA THR F 16 28.45 -6.42 -28.95
C THR F 16 27.76 -7.44 -29.86
N GLY F 17 28.51 -8.11 -30.73
CA GLY F 17 27.94 -9.12 -31.59
C GLY F 17 28.06 -8.83 -33.06
N GLY F 18 28.22 -9.87 -33.87
CA GLY F 18 28.31 -9.72 -35.31
C GLY F 18 29.69 -9.26 -35.76
N ASP F 19 29.80 -9.04 -37.07
CA ASP F 19 31.03 -8.56 -37.68
C ASP F 19 30.91 -7.15 -38.23
N ASP F 20 29.72 -6.56 -38.24
CA ASP F 20 29.52 -5.21 -38.76
C ASP F 20 29.73 -4.21 -37.64
N PRO F 21 30.72 -3.32 -37.74
CA PRO F 21 30.93 -2.32 -36.68
C PRO F 21 29.97 -1.14 -36.74
N THR F 22 29.16 -1.03 -37.79
CA THR F 22 28.20 0.05 -37.92
C THR F 22 26.77 -0.41 -37.68
N LYS F 23 26.57 -1.65 -37.23
CA LYS F 23 25.22 -2.12 -36.94
C LYS F 23 24.61 -1.35 -35.78
N VAL F 24 25.37 -1.16 -34.72
CA VAL F 24 25.00 -0.26 -33.62
C VAL F 24 25.71 1.05 -33.91
N ALA F 25 24.98 2.03 -34.45
CA ALA F 25 25.62 3.21 -35.01
C ALA F 25 26.29 4.06 -33.94
N MET F 26 25.64 4.25 -32.79
CA MET F 26 26.19 5.13 -31.76
C MET F 26 25.49 4.85 -30.44
N LEU F 27 25.96 5.53 -29.39
CA LEU F 27 25.35 5.48 -28.07
C LEU F 27 24.61 6.80 -27.85
N GLY F 28 23.29 6.71 -27.66
CA GLY F 28 22.47 7.89 -27.55
C GLY F 28 22.29 8.34 -26.11
N LEU F 29 22.43 9.65 -25.89
CA LEU F 29 22.31 10.27 -24.58
C LEU F 29 20.99 11.01 -24.49
N THR F 30 20.27 10.82 -23.39
CA THR F 30 19.06 11.57 -23.11
C THR F 30 19.40 12.74 -22.18
N PHE F 31 18.38 13.48 -21.77
CA PHE F 31 18.60 14.63 -20.89
C PHE F 31 19.12 14.20 -19.53
N ASP F 32 18.66 13.06 -19.03
CA ASP F 32 19.10 12.58 -17.71
C ASP F 32 20.53 12.08 -17.69
N ASP F 33 21.18 11.94 -18.84
CA ASP F 33 22.54 11.43 -18.89
C ASP F 33 23.60 12.51 -18.69
N VAL F 34 23.24 13.79 -18.76
CA VAL F 34 24.22 14.86 -18.79
C VAL F 34 23.86 15.94 -17.78
N LEU F 35 24.86 16.71 -17.40
CA LEU F 35 24.70 17.93 -16.62
C LEU F 35 25.58 19.01 -17.23
N LEU F 36 25.24 20.25 -16.94
CA LEU F 36 26.03 21.39 -17.40
C LEU F 36 27.14 21.69 -16.40
N LEU F 37 28.37 21.71 -16.88
CA LEU F 37 29.50 22.05 -16.02
C LEU F 37 29.58 23.56 -15.79
N PRO F 38 29.81 24.00 -14.56
CA PRO F 38 30.01 25.44 -14.31
C PRO F 38 31.28 25.93 -14.99
N ALA F 39 31.25 27.20 -15.39
CA ALA F 39 32.38 27.83 -16.05
C ALA F 39 32.57 29.24 -15.50
N ALA F 40 33.64 29.89 -15.94
CA ALA F 40 33.92 31.26 -15.52
C ALA F 40 32.77 32.17 -15.91
N SER F 41 32.20 32.85 -14.92
CA SER F 41 30.96 33.60 -15.12
C SER F 41 31.07 34.99 -14.52
N ASP F 42 30.73 36.00 -15.32
CA ASP F 42 30.48 37.35 -14.84
C ASP F 42 29.05 37.76 -15.14
N VAL F 43 28.15 36.78 -15.20
CA VAL F 43 26.78 36.97 -15.65
C VAL F 43 25.86 36.94 -14.44
N VAL F 44 25.04 37.97 -14.31
CA VAL F 44 23.98 37.99 -13.30
C VAL F 44 22.72 37.40 -13.94
N PRO F 45 22.07 36.43 -13.30
CA PRO F 45 20.92 35.79 -13.95
C PRO F 45 19.80 36.75 -14.32
N ALA F 46 19.64 37.86 -13.60
CA ALA F 46 18.56 38.78 -13.90
C ALA F 46 18.83 39.57 -15.17
N THR F 47 20.09 39.78 -15.52
CA THR F 47 20.47 40.56 -16.69
C THR F 47 20.86 39.68 -17.88
N ALA F 48 20.71 38.37 -17.78
CA ALA F 48 21.02 37.49 -18.89
C ALA F 48 20.00 37.68 -20.02
N ASP F 49 20.46 37.56 -21.25
CA ASP F 49 19.63 37.78 -22.43
C ASP F 49 19.18 36.43 -22.97
N THR F 50 17.87 36.21 -23.00
CA THR F 50 17.30 34.93 -23.41
C THR F 50 16.79 34.94 -24.86
N SER F 51 17.09 35.98 -25.62
CA SER F 51 16.60 36.05 -26.99
C SER F 51 17.32 35.05 -27.88
N SER F 52 16.58 34.48 -28.84
CA SER F 52 17.13 33.45 -29.70
C SER F 52 16.39 33.46 -31.03
N GLN F 53 16.99 32.84 -32.04
CA GLN F 53 16.41 32.76 -33.36
C GLN F 53 15.42 31.60 -33.44
N LEU F 54 14.18 31.90 -33.81
CA LEU F 54 13.23 30.84 -34.14
C LEU F 54 13.44 30.35 -35.55
N THR F 55 13.54 31.27 -36.52
CA THR F 55 13.91 30.96 -37.88
C THR F 55 15.05 31.86 -38.29
N LYS F 56 15.41 31.85 -39.58
CA LYS F 56 16.48 32.72 -40.06
C LYS F 56 16.11 34.19 -39.90
N ARG F 57 14.82 34.52 -39.93
CA ARG F 57 14.36 35.90 -39.92
C ARG F 57 13.54 36.29 -38.71
N ILE F 58 13.20 35.36 -37.82
CA ILE F 58 12.36 35.63 -36.67
C ILE F 58 13.17 35.39 -35.40
N ARG F 59 13.22 36.37 -34.52
CA ARG F 59 13.91 36.28 -33.25
C ARG F 59 12.92 36.50 -32.12
N LEU F 60 12.88 35.56 -31.18
CA LEU F 60 11.99 35.64 -30.02
C LEU F 60 12.73 36.20 -28.82
N ARG F 61 11.97 36.83 -27.92
CA ARG F 61 12.55 37.27 -26.65
C ARG F 61 12.73 36.11 -25.68
N VAL F 62 11.83 35.14 -25.74
CA VAL F 62 11.88 33.94 -24.91
C VAL F 62 11.92 32.74 -25.86
N PRO F 63 12.92 31.86 -25.77
CA PRO F 63 13.10 30.80 -26.77
C PRO F 63 12.17 29.60 -26.56
N LEU F 64 10.88 29.86 -26.48
CA LEU F 64 9.88 28.82 -26.23
C LEU F 64 8.76 28.92 -27.24
N VAL F 65 8.28 27.77 -27.71
CA VAL F 65 7.22 27.69 -28.70
C VAL F 65 6.18 26.68 -28.21
N SER F 66 4.94 26.86 -28.65
CA SER F 66 3.88 25.92 -28.35
C SER F 66 3.88 24.77 -29.35
N SER F 67 3.15 23.71 -29.01
CA SER F 67 3.41 22.38 -29.55
C SER F 67 2.64 22.03 -30.82
N ALA F 68 1.60 22.80 -31.18
CA ALA F 68 0.73 22.46 -32.31
C ALA F 68 0.02 21.12 -32.09
N MET F 69 -0.51 20.96 -30.88
CA MET F 69 -1.33 19.81 -30.51
C MET F 69 -2.72 20.32 -30.17
N ASP F 70 -3.73 19.48 -30.43
CA ASP F 70 -5.11 19.90 -30.23
C ASP F 70 -5.47 20.13 -28.78
N THR F 71 -4.63 19.70 -27.84
CA THR F 71 -4.85 19.93 -26.42
C THR F 71 -3.96 21.04 -25.86
N VAL F 72 -3.21 21.74 -26.72
CA VAL F 72 -2.24 22.72 -26.24
C VAL F 72 -2.53 24.10 -26.83
N THR F 73 -2.55 24.21 -28.15
CA THR F 73 -2.48 25.51 -28.82
C THR F 73 -3.70 25.75 -29.70
N GLU F 74 -4.53 26.71 -29.28
CA GLU F 74 -5.51 27.36 -30.14
C GLU F 74 -5.30 28.86 -30.02
N SER F 75 -6.25 29.66 -30.51
CA SER F 75 -6.02 31.10 -30.62
C SER F 75 -5.64 31.72 -29.28
N ARG F 76 -6.30 31.30 -28.20
CA ARG F 76 -6.01 31.88 -26.89
C ARG F 76 -4.58 31.56 -26.45
N MET F 77 -4.15 30.31 -26.61
CA MET F 77 -2.79 29.93 -26.27
C MET F 77 -1.78 30.64 -27.15
N ALA F 78 -2.07 30.79 -28.44
CA ALA F 78 -1.13 31.49 -29.32
C ALA F 78 -0.98 32.95 -28.90
N ILE F 79 -2.08 33.60 -28.54
CA ILE F 79 -2.03 34.98 -28.09
C ILE F 79 -1.21 35.09 -26.80
N ALA F 80 -1.48 34.19 -25.84
CA ALA F 80 -0.75 34.24 -24.57
C ALA F 80 0.74 33.98 -24.76
N MET F 81 1.09 33.04 -25.65
CA MET F 81 2.49 32.74 -25.89
C MET F 81 3.20 33.90 -26.58
N ALA F 82 2.55 34.53 -27.56
CA ALA F 82 3.17 35.69 -28.21
C ALA F 82 3.33 36.84 -27.22
N ARG F 83 2.37 37.02 -26.32
CA ARG F 83 2.49 38.08 -25.32
C ARG F 83 3.61 37.77 -24.32
N ALA F 84 3.79 36.50 -23.95
CA ALA F 84 4.82 36.12 -23.00
C ALA F 84 6.23 36.30 -23.55
N GLY F 85 6.39 36.46 -24.86
CA GLY F 85 7.70 36.63 -25.47
C GLY F 85 8.08 35.55 -26.45
N GLY F 86 7.30 34.47 -26.57
CA GLY F 86 7.62 33.41 -27.50
C GLY F 86 6.69 33.38 -28.69
N MET F 87 6.10 32.23 -28.96
CA MET F 87 5.16 32.10 -30.08
C MET F 87 4.38 30.81 -29.88
N GLY F 88 3.29 30.70 -30.62
CA GLY F 88 2.49 29.48 -30.61
C GLY F 88 2.22 29.02 -32.03
N VAL F 89 2.09 27.71 -32.18
CA VAL F 89 1.80 27.07 -33.46
C VAL F 89 0.43 26.41 -33.35
N LEU F 90 -0.50 26.82 -34.20
CA LEU F 90 -1.86 26.30 -34.16
C LEU F 90 -1.92 24.90 -34.74
N HIS F 91 -2.69 24.03 -34.08
CA HIS F 91 -2.82 22.66 -34.56
C HIS F 91 -3.69 22.60 -35.81
N ARG F 92 -3.58 21.49 -36.53
CA ARG F 92 -4.29 21.29 -37.79
C ARG F 92 -5.31 20.16 -37.72
N ASN F 93 -5.79 19.84 -36.52
CA ASN F 93 -6.80 18.81 -36.34
C ASN F 93 -8.21 19.42 -36.37
N LEU F 94 -8.48 20.18 -37.42
CA LEU F 94 -9.73 20.92 -37.55
C LEU F 94 -9.84 21.39 -39.01
N PRO F 95 -11.04 21.78 -39.45
CA PRO F 95 -11.20 22.22 -40.84
C PRO F 95 -10.36 23.45 -41.16
N VAL F 96 -10.05 23.60 -42.45
CA VAL F 96 -9.20 24.68 -42.91
C VAL F 96 -9.79 26.03 -42.55
N ALA F 97 -11.10 26.18 -42.68
CA ALA F 97 -11.74 27.45 -42.39
C ALA F 97 -11.58 27.83 -40.92
N GLU F 98 -11.71 26.86 -40.02
CA GLU F 98 -11.57 27.16 -38.59
C GLU F 98 -10.13 27.56 -38.26
N GLN F 99 -9.15 26.89 -38.85
CA GLN F 99 -7.76 27.24 -38.58
C GLN F 99 -7.43 28.64 -39.10
N ALA F 100 -7.92 28.97 -40.30
CA ALA F 100 -7.71 30.33 -40.82
C ALA F 100 -8.44 31.35 -39.95
N GLY F 101 -9.62 31.00 -39.44
CA GLY F 101 -10.32 31.90 -38.54
C GLY F 101 -9.56 32.14 -37.26
N GLN F 102 -8.91 31.11 -36.72
CA GLN F 102 -8.09 31.29 -35.53
C GLN F 102 -6.84 32.13 -35.83
N VAL F 103 -6.28 31.97 -37.03
CA VAL F 103 -5.17 32.84 -37.42
C VAL F 103 -5.62 34.30 -37.45
N GLU F 104 -6.80 34.55 -38.02
CA GLU F 104 -7.33 35.91 -38.05
C GLU F 104 -7.61 36.43 -36.64
N THR F 105 -8.11 35.57 -35.76
CA THR F 105 -8.36 35.96 -34.38
C THR F 105 -7.09 36.39 -33.68
N VAL F 106 -6.01 35.63 -33.84
CA VAL F 106 -4.74 36.00 -33.22
C VAL F 106 -4.20 37.27 -33.85
N LYS F 107 -4.27 37.39 -35.17
CA LYS F 107 -3.69 38.55 -35.86
C LYS F 107 -4.39 39.85 -35.49
N ARG F 108 -5.72 39.82 -35.34
CA ARG F 108 -6.51 41.00 -35.04
C ARG F 108 -6.77 41.15 -33.55
N SER F 109 -5.84 40.73 -32.71
CA SER F 109 -6.03 40.73 -31.27
C SER F 109 -5.44 41.94 -30.57
N GLU F 110 -4.34 42.48 -31.07
CA GLU F 110 -3.57 43.46 -30.33
C GLU F 110 -2.91 44.40 -31.33
N ALA F 111 -3.42 45.64 -31.41
CA ALA F 111 -2.97 46.63 -32.39
C ALA F 111 -3.05 46.10 -33.81
N GLY F 112 -4.04 45.26 -34.08
CA GLY F 112 -4.24 44.65 -35.38
C GLY F 112 -5.30 45.27 -36.26
N MET F 113 -6.02 46.27 -35.77
CA MET F 113 -7.03 46.96 -36.56
C MET F 113 -6.60 48.37 -36.94
N VAL F 114 -5.32 48.71 -36.78
CA VAL F 114 -4.86 50.06 -37.07
C VAL F 114 -4.79 50.33 -38.57
N THR F 115 -4.72 49.31 -39.41
CA THR F 115 -4.66 49.51 -40.85
C THR F 115 -5.78 48.80 -41.61
N ASP F 116 -6.24 47.65 -41.15
CA ASP F 116 -7.35 46.93 -41.77
C ASP F 116 -8.35 46.61 -40.65
N PRO F 117 -9.20 47.57 -40.30
CA PRO F 117 -10.03 47.42 -39.11
C PRO F 117 -11.24 46.52 -39.36
N VAL F 118 -11.91 46.18 -38.27
CA VAL F 118 -13.15 45.42 -38.30
C VAL F 118 -14.30 46.41 -38.14
N THR F 119 -15.25 46.35 -39.07
CA THR F 119 -16.35 47.31 -39.11
C THR F 119 -17.67 46.57 -39.12
N CYS F 120 -18.74 47.31 -38.88
CA CYS F 120 -20.10 46.79 -38.97
C CYS F 120 -20.93 47.75 -39.82
N SER F 121 -21.94 47.21 -40.45
CA SER F 121 -22.82 48.04 -41.26
C SER F 121 -24.04 48.46 -40.45
N PRO F 122 -24.66 49.60 -40.79
CA PRO F 122 -25.85 50.03 -40.06
C PRO F 122 -27.01 49.05 -40.16
N ASP F 123 -27.03 48.20 -41.18
CA ASP F 123 -28.06 47.18 -41.31
C ASP F 123 -27.80 45.96 -40.44
N ASN F 124 -26.60 45.84 -39.88
CA ASN F 124 -26.31 44.74 -38.95
C ASN F 124 -27.14 44.87 -37.69
N THR F 125 -27.43 43.74 -37.06
CA THR F 125 -28.14 43.72 -35.80
C THR F 125 -27.14 43.85 -34.65
N LEU F 126 -27.68 44.00 -33.44
CA LEU F 126 -26.81 44.12 -32.27
C LEU F 126 -26.15 42.79 -31.91
N ALA F 127 -26.83 41.68 -32.16
CA ALA F 127 -26.27 40.37 -31.81
C ALA F 127 -25.02 40.07 -32.63
N GLU F 128 -25.02 40.45 -33.91
CA GLU F 128 -23.85 40.23 -34.74
C GLU F 128 -22.66 41.04 -34.26
N VAL F 129 -22.89 42.30 -33.88
CA VAL F 129 -21.82 43.14 -33.35
C VAL F 129 -21.31 42.56 -32.04
N ASP F 130 -22.21 42.07 -31.19
CA ASP F 130 -21.79 41.47 -29.93
C ASP F 130 -20.95 40.24 -30.16
N ALA F 131 -21.32 39.41 -31.15
CA ALA F 131 -20.53 38.22 -31.46
C ALA F 131 -19.15 38.58 -31.98
N MET F 132 -19.07 39.61 -32.85
CA MET F 132 -17.77 40.04 -33.35
C MET F 132 -16.89 40.57 -32.21
N CYS F 133 -17.48 41.35 -31.30
CA CYS F 133 -16.73 41.87 -30.16
C CYS F 133 -16.29 40.77 -29.22
N ALA F 134 -17.10 39.70 -29.09
CA ALA F 134 -16.69 38.57 -28.27
C ALA F 134 -15.56 37.79 -28.92
N ARG F 135 -15.60 37.63 -30.25
CA ARG F 135 -14.54 36.90 -30.93
C ARG F 135 -13.22 37.66 -30.88
N PHE F 136 -13.24 38.95 -31.17
CA PHE F 136 -12.01 39.73 -31.26
C PHE F 136 -11.61 40.39 -29.95
N ARG F 137 -12.38 40.17 -28.88
N ARG F 137 -12.40 40.21 -28.89
CA ARG F 137 -12.11 40.76 -27.57
CA ARG F 137 -12.10 40.77 -27.57
C ARG F 137 -11.98 42.28 -27.66
C ARG F 137 -12.02 42.29 -27.61
N ILE F 138 -12.88 42.90 -28.42
CA ILE F 138 -12.95 44.35 -28.53
C ILE F 138 -14.25 44.81 -27.92
N SER F 139 -14.32 46.12 -27.66
CA SER F 139 -15.48 46.71 -27.00
C SER F 139 -16.20 47.70 -27.90
N GLY F 140 -16.11 47.53 -29.20
CA GLY F 140 -16.80 48.42 -30.11
C GLY F 140 -16.26 48.31 -31.52
N LEU F 141 -17.03 48.89 -32.44
CA LEU F 141 -16.75 48.85 -33.86
C LEU F 141 -17.12 50.17 -34.53
N PRO F 142 -16.30 50.64 -35.46
CA PRO F 142 -16.73 51.73 -36.33
C PRO F 142 -17.82 51.27 -37.28
N VAL F 143 -18.83 52.10 -37.47
CA VAL F 143 -19.97 51.79 -38.32
C VAL F 143 -19.80 52.54 -39.63
N VAL F 144 -19.73 51.78 -40.72
CA VAL F 144 -19.53 52.27 -42.07
C VAL F 144 -20.67 51.77 -42.94
N ASP F 145 -21.26 52.66 -43.73
CA ASP F 145 -22.43 52.31 -44.53
C ASP F 145 -22.03 51.61 -45.82
N ASP F 146 -23.03 51.27 -46.63
CA ASP F 146 -22.78 50.58 -47.90
C ASP F 146 -21.99 51.44 -48.87
N THR F 147 -22.13 52.77 -48.79
CA THR F 147 -21.35 53.65 -49.65
C THR F 147 -19.87 53.58 -49.31
N GLY F 148 -19.54 53.45 -48.02
CA GLY F 148 -18.17 53.46 -47.57
C GLY F 148 -17.83 54.60 -46.64
N GLU F 149 -18.79 55.46 -46.26
CA GLU F 149 -18.51 56.56 -45.36
C GLU F 149 -18.52 56.09 -43.91
N LEU F 150 -17.60 56.64 -43.12
CA LEU F 150 -17.59 56.39 -41.69
C LEU F 150 -18.76 57.13 -41.07
N VAL F 151 -19.84 56.41 -40.79
CA VAL F 151 -21.08 57.05 -40.34
C VAL F 151 -21.26 57.03 -38.83
N GLY F 152 -20.50 56.22 -38.09
CA GLY F 152 -20.61 56.26 -36.65
C GLY F 152 -19.69 55.29 -35.95
N ILE F 153 -20.00 55.05 -34.67
CA ILE F 153 -19.28 54.06 -33.87
C ILE F 153 -20.27 53.50 -32.86
N ILE F 154 -20.09 52.22 -32.52
CA ILE F 154 -20.96 51.56 -31.55
C ILE F 154 -20.09 50.77 -30.57
N THR F 155 -20.25 51.04 -29.28
CA THR F 155 -19.40 50.44 -28.26
C THR F 155 -20.23 49.73 -27.20
N ASN F 156 -19.57 49.32 -26.10
CA ASN F 156 -20.25 48.55 -25.07
C ASN F 156 -21.29 49.39 -24.32
N ARG F 157 -20.97 50.67 -24.04
CA ARG F 157 -21.92 51.52 -23.33
C ARG F 157 -23.20 51.68 -24.11
N ASP F 158 -23.11 51.76 -25.44
CA ASP F 158 -24.31 51.90 -26.27
C ASP F 158 -25.20 50.66 -26.16
N MET F 159 -24.59 49.48 -26.09
CA MET F 159 -25.34 48.23 -26.18
C MET F 159 -25.64 47.57 -24.84
N ARG F 160 -25.07 48.06 -23.74
CA ARG F 160 -25.09 47.28 -22.51
C ARG F 160 -26.46 47.23 -21.86
N PHE F 161 -27.39 48.10 -22.23
CA PHE F 161 -28.74 48.07 -21.68
C PHE F 161 -29.80 47.95 -22.78
N GLU F 162 -29.43 47.43 -23.94
CA GLU F 162 -30.39 47.17 -25.01
C GLU F 162 -30.88 45.74 -24.87
N VAL F 163 -32.07 45.58 -24.31
CA VAL F 163 -32.62 44.25 -24.08
C VAL F 163 -32.87 43.54 -25.41
N ASP F 164 -33.44 44.25 -26.38
CA ASP F 164 -33.73 43.66 -27.68
C ASP F 164 -32.44 43.64 -28.51
N GLN F 165 -31.91 42.45 -28.75
CA GLN F 165 -30.67 42.30 -29.50
C GLN F 165 -30.87 42.33 -31.00
N SER F 166 -32.11 42.39 -31.48
CA SER F 166 -32.41 42.41 -32.90
C SER F 166 -32.41 43.80 -33.49
N LYS F 167 -32.17 44.83 -32.67
CA LYS F 167 -32.17 46.19 -33.18
C LYS F 167 -31.01 46.41 -34.14
N PRO F 168 -31.17 47.32 -35.10
CA PRO F 168 -30.06 47.65 -36.00
C PRO F 168 -29.00 48.49 -35.30
N VAL F 169 -27.84 48.57 -35.93
CA VAL F 169 -26.73 49.34 -35.38
C VAL F 169 -27.04 50.83 -35.39
N SER F 170 -27.73 51.30 -36.44
CA SER F 170 -27.99 52.73 -36.57
C SER F 170 -28.86 53.25 -35.44
N GLU F 171 -29.79 52.44 -34.95
CA GLU F 171 -30.68 52.88 -33.89
C GLU F 171 -29.99 52.99 -32.54
N VAL F 172 -28.78 52.44 -32.40
CA VAL F 172 -28.08 52.44 -31.13
C VAL F 172 -26.72 53.13 -31.18
N MET F 173 -26.13 53.31 -32.36
CA MET F 173 -24.76 53.80 -32.47
C MET F 173 -24.66 55.27 -32.11
N THR F 174 -23.42 55.72 -31.93
CA THR F 174 -23.09 57.14 -31.81
C THR F 174 -22.77 57.68 -33.20
N LYS F 175 -23.60 58.59 -33.70
CA LYS F 175 -23.47 59.08 -35.06
C LYS F 175 -22.32 60.07 -35.19
N ALA F 176 -21.84 60.21 -36.42
CA ALA F 176 -20.77 61.14 -36.74
C ALA F 176 -21.27 62.58 -36.62
N PRO F 177 -20.36 63.56 -36.44
CA PRO F 177 -18.89 63.49 -36.43
C PRO F 177 -18.30 62.88 -35.16
N LEU F 178 -17.10 62.34 -35.26
CA LEU F 178 -16.44 61.64 -34.18
C LEU F 178 -15.07 62.26 -33.93
N ILE F 179 -14.51 61.97 -32.76
CA ILE F 179 -13.14 62.37 -32.44
C ILE F 179 -12.21 61.41 -33.18
N THR F 180 -11.52 61.91 -34.19
CA THR F 180 -10.66 61.10 -35.04
C THR F 180 -9.25 61.70 -35.06
N ALA F 181 -8.36 61.02 -35.77
CA ALA F 181 -6.99 61.46 -35.95
C ALA F 181 -6.54 61.17 -37.36
N LYS F 182 -5.47 61.84 -37.78
CA LYS F 182 -4.94 61.68 -39.12
C LYS F 182 -4.01 60.47 -39.19
N GLU F 183 -3.80 59.97 -40.41
CA GLU F 183 -2.90 58.84 -40.61
C GLU F 183 -1.48 59.21 -40.20
N GLY F 184 -0.78 58.25 -39.60
CA GLY F 184 0.55 58.51 -39.11
C GLY F 184 0.60 59.19 -37.77
N VAL F 185 -0.47 59.12 -36.98
CA VAL F 185 -0.50 59.73 -35.65
C VAL F 185 0.31 58.85 -34.71
N SER F 186 1.18 59.49 -33.92
CA SER F 186 2.01 58.76 -32.98
C SER F 186 1.18 58.26 -31.80
N ALA F 187 1.79 57.39 -31.00
CA ALA F 187 1.13 56.89 -29.80
C ALA F 187 0.91 58.01 -28.79
N GLU F 188 1.86 58.93 -28.68
CA GLU F 188 1.73 60.04 -27.72
C GLU F 188 0.53 60.91 -28.06
N ALA F 189 0.37 61.27 -29.34
CA ALA F 189 -0.76 62.10 -29.74
C ALA F 189 -2.08 61.39 -29.54
N ALA F 190 -2.14 60.10 -29.87
CA ALA F 190 -3.37 59.34 -29.68
C ALA F 190 -3.74 59.26 -28.20
N LEU F 191 -2.75 59.01 -27.34
CA LEU F 191 -3.01 58.96 -25.91
C LEU F 191 -3.45 60.31 -25.38
N GLY F 192 -2.86 61.39 -25.90
CA GLY F 192 -3.30 62.72 -25.51
C GLY F 192 -4.74 63.00 -25.89
N LEU F 193 -5.13 62.59 -27.10
CA LEU F 193 -6.52 62.75 -27.51
C LEU F 193 -7.45 61.94 -26.62
N LEU F 194 -7.08 60.69 -26.33
CA LEU F 194 -7.92 59.85 -25.48
C LEU F 194 -8.08 60.46 -24.10
N ARG F 195 -6.99 60.97 -23.52
CA ARG F 195 -7.07 61.59 -22.20
C ARG F 195 -7.89 62.87 -22.24
N ARG F 196 -7.72 63.69 -23.27
CA ARG F 196 -8.43 64.97 -23.34
C ARG F 196 -9.92 64.75 -23.48
N HIS F 197 -10.35 63.84 -24.36
CA HIS F 197 -11.77 63.69 -24.64
C HIS F 197 -12.44 62.60 -23.81
N LYS F 198 -11.70 61.94 -22.91
CA LYS F 198 -12.25 60.91 -22.03
C LYS F 198 -12.99 59.84 -22.82
N ILE F 199 -12.32 59.29 -23.82
CA ILE F 199 -12.86 58.20 -24.61
C ILE F 199 -11.80 57.11 -24.70
N GLU F 200 -12.24 55.92 -25.11
CA GLU F 200 -11.36 54.76 -25.19
C GLU F 200 -11.09 54.31 -26.61
N LYS F 201 -11.64 54.98 -27.61
CA LYS F 201 -11.45 54.60 -29.01
C LYS F 201 -11.14 55.84 -29.84
N LEU F 202 -10.50 55.61 -30.97
CA LEU F 202 -10.06 56.69 -31.84
C LEU F 202 -9.99 56.17 -33.27
N PRO F 203 -11.00 56.42 -34.08
CA PRO F 203 -10.90 56.06 -35.51
C PRO F 203 -9.86 56.91 -36.21
N ILE F 204 -9.25 56.33 -37.25
CA ILE F 204 -8.25 57.01 -38.05
C ILE F 204 -8.72 57.00 -39.49
N VAL F 205 -8.87 58.19 -40.07
CA VAL F 205 -9.36 58.37 -41.43
C VAL F 205 -8.25 59.02 -42.26
N ASP F 206 -8.38 58.90 -43.57
CA ASP F 206 -7.40 59.49 -44.49
C ASP F 206 -7.70 60.97 -44.67
N GLY F 207 -7.03 61.61 -45.62
CA GLY F 207 -7.26 63.02 -45.88
C GLY F 207 -8.61 63.32 -46.51
N HIS F 208 -9.31 62.31 -47.01
CA HIS F 208 -10.63 62.48 -47.61
C HIS F 208 -11.76 62.02 -46.70
N GLY F 209 -11.45 61.67 -45.44
CA GLY F 209 -12.47 61.32 -44.48
C GLY F 209 -12.95 59.88 -44.51
N LYS F 210 -12.25 58.99 -45.23
CA LYS F 210 -12.63 57.58 -45.28
C LYS F 210 -11.87 56.81 -44.20
N LEU F 211 -12.58 55.89 -43.54
CA LEU F 211 -12.01 55.14 -42.44
C LEU F 211 -10.86 54.25 -42.90
N THR F 212 -9.75 54.30 -42.17
CA THR F 212 -8.58 53.48 -42.47
C THR F 212 -8.14 52.60 -41.30
N GLY F 213 -8.34 53.02 -40.06
CA GLY F 213 -7.89 52.21 -38.95
C GLY F 213 -8.58 52.60 -37.65
N LEU F 214 -8.17 51.94 -36.58
CA LEU F 214 -8.74 52.20 -35.26
C LEU F 214 -7.65 52.08 -34.21
N ILE F 215 -7.75 52.92 -33.17
CA ILE F 215 -6.88 52.85 -32.01
C ILE F 215 -7.76 52.69 -30.78
N THR F 216 -7.29 51.89 -29.81
CA THR F 216 -8.06 51.62 -28.61
C THR F 216 -7.13 51.71 -27.41
N VAL F 217 -7.72 51.96 -26.24
CA VAL F 217 -6.97 51.96 -24.99
C VAL F 217 -6.37 50.58 -24.71
N LYS F 218 -6.97 49.53 -25.26
CA LYS F 218 -6.43 48.19 -25.11
C LYS F 218 -5.01 48.09 -25.64
N ASP F 219 -4.70 48.82 -26.71
CA ASP F 219 -3.35 48.81 -27.26
C ASP F 219 -2.33 49.27 -26.22
N PHE F 220 -2.60 50.40 -25.58
CA PHE F 220 -1.68 50.92 -24.56
C PHE F 220 -1.63 50.02 -23.34
N VAL F 221 -2.78 49.48 -22.93
CA VAL F 221 -2.81 48.58 -21.78
C VAL F 221 -1.94 47.36 -22.03
N LYS F 222 -2.08 46.75 -23.21
CA LYS F 222 -1.31 45.55 -23.52
C LYS F 222 0.16 45.87 -23.72
N THR F 223 0.47 47.02 -24.32
CA THR F 223 1.87 47.41 -24.45
C THR F 223 2.52 47.62 -23.08
N GLU F 224 1.75 48.12 -22.10
CA GLU F 224 2.31 48.27 -20.77
C GLU F 224 2.44 46.92 -20.05
N GLN F 225 1.43 46.06 -20.18
CA GLN F 225 1.44 44.80 -19.43
C GLN F 225 2.44 43.80 -19.99
N PHE F 226 2.64 43.77 -21.31
CA PHE F 226 3.43 42.74 -21.98
C PHE F 226 4.51 43.42 -22.79
N PRO F 227 5.64 43.79 -22.17
CA PRO F 227 6.72 44.47 -22.89
C PRO F 227 7.56 43.54 -23.74
N LEU F 228 7.35 42.23 -23.67
CA LEU F 228 8.15 41.26 -24.41
C LEU F 228 7.41 40.67 -25.61
N SER F 229 6.30 41.27 -26.01
CA SER F 229 5.44 40.67 -27.02
C SER F 229 6.18 40.47 -28.34
N THR F 230 5.89 39.35 -29.01
CA THR F 230 6.45 39.04 -30.32
C THR F 230 5.52 39.57 -31.39
N LYS F 231 6.03 40.48 -32.21
CA LYS F 231 5.22 41.19 -33.19
C LYS F 231 5.92 41.23 -34.53
N ASP F 232 5.14 41.37 -35.60
CA ASP F 232 5.70 41.47 -36.94
C ASP F 232 6.01 42.93 -37.24
N SER F 233 6.33 43.22 -38.51
CA SER F 233 6.69 44.58 -38.90
C SER F 233 5.53 45.56 -38.81
N ASP F 234 4.30 45.07 -38.84
CA ASP F 234 3.12 45.91 -38.71
C ASP F 234 2.65 46.08 -37.26
N GLY F 235 3.32 45.43 -36.31
CA GLY F 235 2.93 45.51 -34.92
C GLY F 235 1.88 44.52 -34.48
N ARG F 236 1.49 43.59 -35.33
CA ARG F 236 0.57 42.54 -34.95
C ARG F 236 1.32 41.35 -34.37
N LEU F 237 0.63 40.57 -33.55
CA LEU F 237 1.24 39.41 -32.91
C LEU F 237 1.64 38.36 -33.94
N LEU F 238 2.75 37.68 -33.66
CA LEU F 238 3.21 36.58 -34.49
C LEU F 238 2.45 35.29 -34.16
N VAL F 239 2.25 34.47 -35.19
CA VAL F 239 1.60 33.18 -35.02
C VAL F 239 2.10 32.25 -36.11
N GLY F 240 2.13 30.95 -35.80
CA GLY F 240 2.45 29.93 -36.78
C GLY F 240 1.34 28.89 -36.82
N ALA F 241 1.36 28.08 -37.88
CA ALA F 241 0.35 27.07 -38.06
C ALA F 241 0.97 25.83 -38.71
N ALA F 242 0.41 24.68 -38.41
CA ALA F 242 0.89 23.40 -38.90
C ALA F 242 0.10 22.96 -40.13
N VAL F 243 0.80 22.38 -41.09
CA VAL F 243 0.19 21.78 -42.28
C VAL F 243 0.81 20.40 -42.48
N GLY F 244 0.11 19.57 -43.24
CA GLY F 244 0.54 18.23 -43.58
C GLY F 244 1.16 18.17 -44.96
N VAL F 245 1.03 17.00 -45.60
CA VAL F 245 1.52 16.79 -46.95
C VAL F 245 0.37 16.28 -47.82
N GLY F 246 0.26 16.84 -49.02
CA GLY F 246 -0.77 16.44 -49.96
C GLY F 246 -1.32 17.66 -50.67
N ASP F 247 -2.53 17.50 -51.21
CA ASP F 247 -3.22 18.57 -51.93
C ASP F 247 -4.14 19.36 -51.01
N ASP F 248 -4.87 18.68 -50.12
CA ASP F 248 -5.59 19.39 -49.06
C ASP F 248 -4.61 20.19 -48.22
N ALA F 249 -3.40 19.66 -48.01
CA ALA F 249 -2.38 20.40 -47.28
C ALA F 249 -1.99 21.67 -48.02
N TRP F 250 -1.89 21.61 -49.35
CA TRP F 250 -1.57 22.81 -50.12
C TRP F 250 -2.67 23.84 -50.06
N THR F 251 -3.93 23.39 -50.15
CA THR F 251 -5.05 24.32 -50.01
C THR F 251 -5.05 24.96 -48.63
N ARG F 252 -4.81 24.16 -47.59
CA ARG F 252 -4.76 24.69 -46.23
C ARG F 252 -3.63 25.70 -46.08
N ALA F 253 -2.46 25.40 -46.64
CA ALA F 253 -1.33 26.31 -46.54
C ALA F 253 -1.62 27.63 -47.24
N MET F 254 -2.23 27.58 -48.42
CA MET F 254 -2.57 28.81 -49.13
C MET F 254 -3.60 29.63 -48.36
N THR F 255 -4.60 28.97 -47.78
CA THR F 255 -5.59 29.69 -46.98
C THR F 255 -4.94 30.33 -45.76
N LEU F 256 -4.03 29.62 -45.10
CA LEU F 256 -3.36 30.18 -43.93
C LEU F 256 -2.46 31.35 -44.29
N VAL F 257 -1.80 31.27 -45.45
CA VAL F 257 -0.97 32.40 -45.89
C VAL F 257 -1.85 33.60 -46.21
N ASP F 258 -3.03 33.36 -46.78
CA ASP F 258 -3.95 34.47 -47.05
C ASP F 258 -4.48 35.08 -45.76
N ALA F 259 -4.68 34.26 -44.72
CA ALA F 259 -5.13 34.79 -43.44
C ALA F 259 -4.05 35.59 -42.71
N GLY F 260 -2.80 35.52 -43.15
CA GLY F 260 -1.74 36.31 -42.55
C GLY F 260 -0.78 35.56 -41.66
N VAL F 261 -0.63 34.25 -41.87
CA VAL F 261 0.26 33.46 -41.03
C VAL F 261 1.71 33.88 -41.25
N ASP F 262 2.54 33.71 -40.23
CA ASP F 262 3.94 34.11 -40.26
C ASP F 262 4.90 32.95 -40.43
N VAL F 263 4.60 31.80 -39.83
CA VAL F 263 5.43 30.60 -39.95
C VAL F 263 4.52 29.45 -40.36
N LEU F 264 4.99 28.65 -41.31
CA LEU F 264 4.34 27.39 -41.67
C LEU F 264 5.22 26.24 -41.21
N ILE F 265 4.63 25.30 -40.47
CA ILE F 265 5.33 24.12 -39.98
C ILE F 265 4.76 22.92 -40.71
N VAL F 266 5.60 22.20 -41.44
CA VAL F 266 5.20 20.95 -42.08
C VAL F 266 5.27 19.87 -41.02
N ASP F 267 4.12 19.50 -40.47
CA ASP F 267 4.03 18.73 -39.23
C ASP F 267 3.88 17.25 -39.56
N THR F 268 5.00 16.52 -39.54
CA THR F 268 5.02 15.09 -39.82
C THR F 268 5.87 14.38 -38.77
N ALA F 269 5.56 13.10 -38.56
CA ALA F 269 6.29 12.31 -37.58
C ALA F 269 7.68 11.91 -38.08
N HIS F 270 7.83 11.77 -39.39
CA HIS F 270 9.08 11.33 -39.99
C HIS F 270 9.30 12.15 -41.26
N ALA F 271 10.10 13.21 -41.15
CA ALA F 271 10.30 14.16 -42.24
C ALA F 271 11.35 13.73 -43.23
N HIS F 272 12.03 12.61 -43.00
CA HIS F 272 13.01 12.10 -43.97
C HIS F 272 12.30 11.31 -45.07
N ASN F 273 11.35 12.00 -45.70
CA ASN F 273 10.48 11.44 -46.71
C ASN F 273 10.48 12.37 -47.91
N ARG F 274 10.38 11.80 -49.11
CA ARG F 274 10.46 12.60 -50.32
C ARG F 274 9.25 13.53 -50.45
N GLY F 275 8.08 13.07 -50.01
CA GLY F 275 6.91 13.92 -50.05
C GLY F 275 7.05 15.15 -49.18
N VAL F 276 7.60 14.99 -47.97
CA VAL F 276 7.78 16.13 -47.06
C VAL F 276 8.78 17.12 -47.65
N LEU F 277 9.88 16.62 -48.22
CA LEU F 277 10.88 17.50 -48.79
C LEU F 277 10.32 18.26 -50.00
N ASP F 278 9.54 17.57 -50.84
CA ASP F 278 8.91 18.25 -51.96
C ASP F 278 7.91 19.31 -51.49
N MET F 279 7.16 19.01 -50.42
CA MET F 279 6.24 19.99 -49.87
C MET F 279 6.99 21.22 -49.36
N VAL F 280 8.11 21.00 -48.67
CA VAL F 280 8.89 22.11 -48.15
C VAL F 280 9.44 22.96 -49.30
N SER F 281 9.94 22.30 -50.36
CA SER F 281 10.44 23.05 -51.51
C SER F 281 9.34 23.84 -52.20
N ARG F 282 8.16 23.23 -52.38
CA ARG F 282 7.06 23.94 -53.01
C ARG F 282 6.65 25.17 -52.20
N LEU F 283 6.50 25.00 -50.89
CA LEU F 283 6.12 26.12 -50.04
C LEU F 283 7.18 27.21 -50.07
N LYS F 284 8.46 26.83 -50.02
CA LYS F 284 9.52 27.82 -50.05
C LYS F 284 9.56 28.55 -51.37
N GLN F 285 9.19 27.89 -52.47
CA GLN F 285 9.18 28.56 -53.77
C GLN F 285 7.98 29.47 -53.94
N ALA F 286 6.83 29.07 -53.41
CA ALA F 286 5.60 29.83 -53.63
C ALA F 286 5.50 31.03 -52.69
N VAL F 287 5.55 30.77 -51.38
CA VAL F 287 5.30 31.79 -50.37
C VAL F 287 6.56 32.08 -49.56
N GLY F 288 7.74 31.80 -50.11
CA GLY F 288 8.97 31.87 -49.34
C GLY F 288 9.42 33.28 -49.00
N GLU F 289 8.96 34.28 -49.74
CA GLU F 289 9.37 35.65 -49.46
C GLU F 289 8.57 36.29 -48.34
N ARG F 290 7.45 35.71 -47.95
CA ARG F 290 6.58 36.26 -46.92
C ARG F 290 6.53 35.41 -45.66
N VAL F 291 6.48 34.09 -45.81
CA VAL F 291 6.30 33.17 -44.70
C VAL F 291 7.57 32.34 -44.54
N ASP F 292 7.86 31.93 -43.31
CA ASP F 292 8.93 31.00 -43.03
C ASP F 292 8.38 29.57 -43.01
N VAL F 293 9.19 28.63 -43.51
CA VAL F 293 8.81 27.23 -43.60
C VAL F 293 9.74 26.41 -42.73
N VAL F 294 9.17 25.59 -41.84
CA VAL F 294 9.91 24.78 -40.90
C VAL F 294 9.67 23.32 -41.23
N GLY F 295 10.76 22.55 -41.32
CA GLY F 295 10.63 21.14 -41.66
C GLY F 295 10.30 20.27 -40.46
N GLY F 296 9.63 19.15 -40.76
CA GLY F 296 9.11 18.26 -39.74
C GLY F 296 10.16 17.58 -38.90
N ASN F 297 9.75 16.63 -38.06
CA ASN F 297 10.65 16.08 -37.05
C ASN F 297 11.69 15.17 -37.68
N VAL F 298 12.96 15.39 -37.30
CA VAL F 298 14.07 14.55 -37.71
C VAL F 298 14.83 14.12 -36.47
N ALA F 299 15.71 13.14 -36.63
CA ALA F 299 16.53 12.68 -35.52
C ALA F 299 17.96 12.36 -35.90
N THR F 300 18.38 12.57 -37.15
CA THR F 300 19.72 12.22 -37.58
C THR F 300 20.33 13.39 -38.34
N ARG F 301 21.62 13.24 -38.67
CA ARG F 301 22.31 14.28 -39.42
C ARG F 301 21.89 14.30 -40.88
N ALA F 302 21.65 13.12 -41.46
CA ALA F 302 21.26 13.05 -42.87
C ALA F 302 19.89 13.66 -43.10
N ALA F 303 18.94 13.41 -42.20
CA ALA F 303 17.61 13.99 -42.34
C ALA F 303 17.64 15.50 -42.23
N ALA F 304 18.42 16.02 -41.28
CA ALA F 304 18.55 17.46 -41.13
C ALA F 304 19.22 18.08 -42.34
N ALA F 305 20.24 17.41 -42.89
CA ALA F 305 20.88 17.89 -44.10
C ALA F 305 19.91 17.92 -45.28
N ALA F 306 19.07 16.90 -45.41
CA ALA F 306 18.07 16.87 -46.47
C ALA F 306 17.07 18.02 -46.31
N LEU F 307 16.62 18.28 -45.09
CA LEU F 307 15.71 19.39 -44.86
C LEU F 307 16.37 20.73 -45.16
N VAL F 308 17.64 20.89 -44.77
CA VAL F 308 18.35 22.13 -45.07
C VAL F 308 18.48 22.33 -46.57
N GLU F 309 18.77 21.25 -47.30
CA GLU F 309 18.86 21.34 -48.76
C GLU F 309 17.52 21.69 -49.38
N ALA F 310 16.43 21.15 -48.84
CA ALA F 310 15.11 21.44 -49.37
C ALA F 310 14.71 22.91 -49.22
N GLY F 311 15.40 23.65 -48.37
CA GLY F 311 15.14 25.05 -48.15
C GLY F 311 14.45 25.41 -46.85
N ALA F 312 14.49 24.53 -45.85
CA ALA F 312 13.83 24.81 -44.58
C ALA F 312 14.50 25.96 -43.84
N ASP F 313 13.69 26.81 -43.21
CA ASP F 313 14.19 27.92 -42.43
C ASP F 313 14.53 27.53 -41.00
N ALA F 314 13.93 26.46 -40.49
CA ALA F 314 14.30 25.88 -39.22
C ALA F 314 14.04 24.38 -39.30
N VAL F 315 14.72 23.63 -38.45
CA VAL F 315 14.60 22.17 -38.43
C VAL F 315 14.12 21.76 -37.04
N LYS F 316 13.04 20.98 -37.01
CA LYS F 316 12.49 20.46 -35.78
C LYS F 316 12.99 19.05 -35.55
N VAL F 317 13.38 18.76 -34.30
CA VAL F 317 14.09 17.54 -33.97
C VAL F 317 13.27 16.74 -32.97
N GLY F 318 13.39 15.41 -33.05
CA GLY F 318 12.76 14.52 -32.11
C GLY F 318 11.81 13.51 -32.69
N VAL F 319 12.27 12.26 -32.74
CA VAL F 319 11.46 11.12 -33.17
C VAL F 319 11.51 10.10 -32.04
N GLY F 320 10.40 9.96 -31.32
CA GLY F 320 10.36 9.13 -30.14
C GLY F 320 11.39 9.52 -29.10
N PRO F 321 11.29 10.75 -28.56
CA PRO F 321 12.31 11.21 -27.62
C PRO F 321 12.02 10.86 -26.16
N GLY F 322 10.76 10.53 -25.86
CA GLY F 322 10.42 10.16 -24.50
C GLY F 322 10.95 8.79 -24.11
N SER F 323 11.17 8.60 -22.82
CA SER F 323 11.78 7.37 -22.33
C SER F 323 10.88 6.17 -22.59
N ILE F 324 9.62 6.24 -22.17
CA ILE F 324 8.63 5.23 -22.49
C ILE F 324 7.54 5.94 -23.29
N CYS F 325 7.55 5.75 -24.60
CA CYS F 325 6.58 6.39 -25.47
C CYS F 325 6.08 5.36 -26.48
N THR F 326 4.93 5.66 -27.07
CA THR F 326 4.26 4.68 -27.92
C THR F 326 5.11 4.31 -29.13
N THR F 327 5.88 5.27 -29.67
CA THR F 327 6.74 4.97 -30.80
C THR F 327 7.78 3.91 -30.43
N ARG F 328 8.43 4.07 -29.28
CA ARG F 328 9.45 3.11 -28.87
C ARG F 328 8.86 1.75 -28.52
N VAL F 329 7.73 1.74 -27.79
CA VAL F 329 7.16 0.48 -27.34
C VAL F 329 6.54 -0.29 -28.50
N VAL F 330 5.88 0.40 -29.42
CA VAL F 330 5.10 -0.26 -30.45
C VAL F 330 5.92 -0.50 -31.71
N ALA F 331 6.70 0.49 -32.15
CA ALA F 331 7.49 0.32 -33.36
C ALA F 331 8.94 -0.07 -33.09
N GLY F 332 9.43 0.14 -31.88
CA GLY F 332 10.84 -0.09 -31.60
C GLY F 332 11.76 0.99 -32.12
N VAL F 333 11.22 2.13 -32.53
CA VAL F 333 11.97 3.21 -33.14
C VAL F 333 12.14 4.33 -32.13
N GLY F 334 13.28 5.00 -32.17
CA GLY F 334 13.49 6.13 -31.29
C GLY F 334 14.87 6.69 -31.47
N ALA F 335 15.12 7.79 -30.77
CA ALA F 335 16.42 8.44 -30.74
C ALA F 335 16.52 9.31 -29.49
N PRO F 336 17.52 9.09 -28.64
CA PRO F 336 17.70 9.96 -27.47
C PRO F 336 17.96 11.40 -27.91
N GLN F 337 17.40 12.34 -27.13
CA GLN F 337 17.21 13.70 -27.64
C GLN F 337 18.50 14.51 -27.65
N ILE F 338 19.38 14.33 -26.67
CA ILE F 338 20.63 15.10 -26.64
C ILE F 338 21.48 14.77 -27.86
N THR F 339 21.65 13.48 -28.14
CA THR F 339 22.44 13.05 -29.29
C THR F 339 21.78 13.46 -30.60
N ALA F 340 20.44 13.39 -30.67
CA ALA F 340 19.73 13.81 -31.86
C ALA F 340 19.94 15.30 -32.13
N ILE F 341 19.86 16.12 -31.08
CA ILE F 341 20.10 17.55 -31.24
C ILE F 341 21.54 17.81 -31.68
N LEU F 342 22.51 17.11 -31.09
CA LEU F 342 23.89 17.31 -31.49
C LEU F 342 24.10 16.96 -32.96
N GLU F 343 23.54 15.84 -33.39
CA GLU F 343 23.69 15.41 -34.79
C GLU F 343 23.01 16.37 -35.75
N ALA F 344 21.81 16.83 -35.42
CA ALA F 344 21.11 17.77 -36.29
C ALA F 344 21.81 19.10 -36.35
N VAL F 345 22.38 19.56 -35.23
CA VAL F 345 23.11 20.82 -35.23
C VAL F 345 24.37 20.70 -36.08
N ALA F 346 25.03 19.54 -36.04
CA ALA F 346 26.23 19.37 -36.85
C ALA F 346 25.96 19.54 -38.34
N ALA F 347 24.71 19.40 -38.78
CA ALA F 347 24.34 19.63 -40.16
C ALA F 347 23.71 20.99 -40.41
N CYS F 348 23.02 21.55 -39.42
CA CYS F 348 22.30 22.81 -39.63
C CYS F 348 23.13 24.04 -39.34
N LYS F 349 24.08 23.97 -38.40
CA LYS F 349 24.82 25.16 -38.01
C LYS F 349 25.65 25.79 -39.13
N PRO F 350 26.37 25.04 -39.98
CA PRO F 350 27.16 25.70 -41.03
C PRO F 350 26.34 26.54 -41.99
N TYR F 351 25.03 26.30 -42.10
CA TYR F 351 24.17 27.06 -42.99
C TYR F 351 23.33 28.10 -42.25
N GLY F 352 23.50 28.23 -40.95
CA GLY F 352 22.75 29.21 -40.20
C GLY F 352 21.29 28.88 -39.98
N VAL F 353 20.92 27.61 -40.02
CA VAL F 353 19.54 27.18 -39.86
C VAL F 353 19.32 26.82 -38.38
N PRO F 354 18.39 27.48 -37.69
CA PRO F 354 18.14 27.14 -36.30
C PRO F 354 17.50 25.76 -36.14
N VAL F 355 17.68 25.20 -34.95
CA VAL F 355 17.17 23.87 -34.61
C VAL F 355 16.18 24.02 -33.47
N ILE F 356 15.00 23.43 -33.63
CA ILE F 356 13.96 23.44 -32.62
C ILE F 356 13.93 22.07 -31.93
N ALA F 357 14.02 22.07 -30.61
CA ALA F 357 13.97 20.84 -29.83
C ALA F 357 12.54 20.54 -29.43
N ASP F 358 12.04 19.38 -29.86
CA ASP F 358 10.62 19.04 -29.70
C ASP F 358 10.51 17.69 -29.01
N GLY F 359 10.03 17.70 -27.78
CA GLY F 359 9.73 16.47 -27.07
C GLY F 359 10.76 16.10 -26.03
N GLY F 360 10.30 15.48 -24.95
CA GLY F 360 11.17 14.99 -23.90
C GLY F 360 11.49 15.96 -22.78
N LEU F 361 10.91 17.16 -22.79
CA LEU F 361 11.22 18.17 -21.79
C LEU F 361 10.27 18.05 -20.61
N GLN F 362 10.83 17.88 -19.41
CA GLN F 362 10.06 17.78 -18.19
C GLN F 362 10.35 18.89 -17.20
N TYR F 363 11.55 19.46 -17.22
CA TYR F 363 11.95 20.50 -16.29
C TYR F 363 12.66 21.62 -17.04
N SER F 364 12.95 22.70 -16.33
CA SER F 364 13.67 23.81 -16.94
C SER F 364 15.14 23.46 -17.17
N GLY F 365 15.68 22.55 -16.37
CA GLY F 365 17.01 22.05 -16.63
C GLY F 365 17.11 21.33 -17.96
N ASP F 366 16.04 20.63 -18.35
CA ASP F 366 16.01 20.00 -19.66
C ASP F 366 16.05 21.04 -20.77
N ILE F 367 15.35 22.16 -20.60
CA ILE F 367 15.37 23.23 -21.59
C ILE F 367 16.77 23.82 -21.71
N ALA F 368 17.43 24.04 -20.56
CA ALA F 368 18.80 24.55 -20.59
C ALA F 368 19.75 23.57 -21.27
N LYS F 369 19.60 22.28 -20.98
CA LYS F 369 20.45 21.26 -21.62
C LYS F 369 20.21 21.19 -23.12
N ALA F 370 18.95 21.31 -23.54
CA ALA F 370 18.63 21.29 -24.96
C ALA F 370 19.23 22.50 -25.68
N LEU F 371 19.18 23.67 -25.06
CA LEU F 371 19.78 24.85 -25.68
C LEU F 371 21.29 24.79 -25.68
N ALA F 372 21.89 24.16 -24.67
CA ALA F 372 23.33 24.03 -24.62
C ALA F 372 23.87 23.00 -25.60
N ALA F 373 23.04 22.06 -26.05
CA ALA F 373 23.44 21.10 -27.07
C ALA F 373 23.46 21.69 -28.47
N GLY F 374 22.87 22.86 -28.67
CA GLY F 374 22.93 23.51 -29.96
C GLY F 374 21.59 23.98 -30.49
N ALA F 375 20.51 23.65 -29.79
CA ALA F 375 19.20 24.10 -30.21
C ALA F 375 19.02 25.59 -29.93
N SER F 376 18.15 26.22 -30.70
CA SER F 376 17.86 27.64 -30.53
C SER F 376 16.55 27.90 -29.80
N THR F 377 15.55 27.04 -30.00
CA THR F 377 14.28 27.16 -29.29
C THR F 377 13.83 25.77 -28.85
N ALA F 378 12.90 25.73 -27.90
CA ALA F 378 12.35 24.49 -27.39
C ALA F 378 10.83 24.54 -27.49
N MET F 379 10.24 23.47 -27.99
CA MET F 379 8.79 23.32 -28.08
C MET F 379 8.30 22.53 -26.88
N LEU F 380 7.25 23.04 -26.22
CA LEU F 380 6.96 22.62 -24.84
C LEU F 380 5.97 21.46 -24.76
N GLY F 381 4.75 21.64 -25.25
CA GLY F 381 3.80 20.55 -25.27
C GLY F 381 3.12 20.22 -23.95
N SER F 382 3.47 19.08 -23.37
CA SER F 382 2.77 18.59 -22.18
C SER F 382 2.91 19.50 -20.98
N LEU F 383 3.95 20.33 -20.94
CA LEU F 383 4.08 21.29 -19.84
C LEU F 383 3.00 22.37 -19.89
N LEU F 384 2.35 22.55 -21.03
CA LEU F 384 1.35 23.59 -21.20
C LEU F 384 -0.07 23.05 -21.38
N ALA F 385 -0.26 21.73 -21.31
CA ALA F 385 -1.55 21.15 -21.65
C ALA F 385 -2.62 21.53 -20.63
N GLY F 386 -2.26 21.64 -19.37
CA GLY F 386 -3.23 21.93 -18.32
C GLY F 386 -3.34 23.38 -17.91
N THR F 387 -2.74 24.32 -18.63
CA THR F 387 -2.82 25.71 -18.25
C THR F 387 -4.20 26.28 -18.59
N ALA F 388 -4.44 27.49 -18.10
CA ALA F 388 -5.74 28.13 -18.29
C ALA F 388 -5.99 28.49 -19.74
N GLU F 389 -4.95 28.80 -20.51
CA GLU F 389 -5.09 29.23 -21.88
C GLU F 389 -5.14 28.07 -22.88
N SER F 390 -4.89 26.86 -22.45
CA SER F 390 -4.99 25.74 -23.36
C SER F 390 -6.46 25.40 -23.61
N PRO F 391 -6.78 24.80 -24.75
CA PRO F 391 -8.18 24.47 -25.04
C PRO F 391 -8.75 23.49 -24.03
N GLY F 392 -10.07 23.45 -23.98
CA GLY F 392 -10.80 22.71 -22.97
C GLY F 392 -11.41 23.64 -21.93
N GLU F 393 -12.16 23.04 -21.02
CA GLU F 393 -12.82 23.78 -19.95
C GLU F 393 -12.47 23.18 -18.60
N LEU F 394 -12.51 24.00 -17.57
CA LEU F 394 -12.08 23.62 -16.24
C LEU F 394 -13.25 23.08 -15.43
N ILE F 395 -13.08 21.90 -14.85
CA ILE F 395 -14.13 21.26 -14.05
C ILE F 395 -13.52 20.73 -12.76
N PHE F 396 -14.40 20.47 -11.79
CA PHE F 396 -14.02 19.87 -10.52
C PHE F 396 -14.51 18.43 -10.50
N VAL F 397 -13.58 17.49 -10.29
CA VAL F 397 -13.91 16.07 -10.17
C VAL F 397 -13.19 15.53 -8.94
N ASN F 398 -13.96 15.00 -7.98
CA ASN F 398 -13.41 14.39 -6.78
C ASN F 398 -12.48 15.35 -6.04
N GLY F 399 -12.85 16.63 -6.01
CA GLY F 399 -12.06 17.63 -5.32
C GLY F 399 -10.81 18.08 -6.04
N LYS F 400 -10.61 17.66 -7.29
CA LYS F 400 -9.44 18.04 -8.07
C LYS F 400 -9.87 18.77 -9.32
N GLN F 401 -9.10 19.78 -9.70
CA GLN F 401 -9.40 20.57 -10.89
C GLN F 401 -8.77 19.91 -12.11
N PHE F 402 -9.59 19.66 -13.13
CA PHE F 402 -9.14 19.03 -14.36
C PHE F 402 -9.64 19.81 -15.56
N LYS F 403 -8.81 19.89 -16.59
CA LYS F 403 -9.19 20.48 -17.86
C LYS F 403 -9.70 19.35 -18.76
N SER F 404 -10.97 19.44 -19.15
CA SER F 404 -11.61 18.40 -19.94
C SER F 404 -12.01 18.95 -21.31
N TYR F 405 -12.22 18.04 -22.24
CA TYR F 405 -12.44 18.40 -23.64
C TYR F 405 -13.74 17.84 -24.17
N TYR F 428 -10.28 12.37 -39.59
CA TYR F 428 -10.27 12.87 -40.97
C TYR F 428 -9.08 13.77 -41.21
N PHE F 429 -8.71 14.56 -40.21
CA PHE F 429 -7.63 15.53 -40.34
C PHE F 429 -6.29 15.00 -39.84
N GLN F 430 -6.24 13.75 -39.38
CA GLN F 430 -4.99 13.13 -38.94
C GLN F 430 -4.51 12.22 -40.08
N ASP F 431 -3.95 12.85 -41.11
CA ASP F 431 -3.50 12.14 -42.30
C ASP F 431 -2.07 11.62 -42.18
N ASP F 432 -1.41 11.86 -41.06
CA ASP F 432 -0.06 11.37 -40.84
C ASP F 432 -0.09 9.87 -40.55
N VAL F 433 0.67 9.11 -41.34
CA VAL F 433 0.59 7.64 -41.23
C VAL F 433 1.45 7.11 -40.09
N LEU F 434 2.51 7.82 -39.71
CA LEU F 434 3.44 7.35 -38.69
C LEU F 434 3.20 8.02 -37.33
N SER F 435 2.10 8.75 -37.16
CA SER F 435 1.83 9.38 -35.88
C SER F 435 1.41 8.34 -34.85
N GLU F 436 1.56 8.71 -33.57
CA GLU F 436 1.31 7.76 -32.49
C GLU F 436 -0.17 7.42 -32.36
N ASP F 437 -1.07 8.30 -32.78
CA ASP F 437 -2.49 7.96 -32.72
C ASP F 437 -2.86 6.83 -33.67
N LYS F 438 -2.04 6.56 -34.68
CA LYS F 438 -2.21 5.39 -35.53
C LYS F 438 -1.71 4.11 -34.86
N LEU F 439 -0.95 4.23 -33.77
CA LEU F 439 -0.34 3.10 -33.09
C LEU F 439 -1.11 2.67 -31.86
N VAL F 440 -1.69 3.60 -31.13
CA VAL F 440 -2.42 3.27 -29.90
C VAL F 440 -3.75 2.61 -30.28
N PRO F 441 -4.12 1.49 -29.65
CA PRO F 441 -5.46 0.91 -29.90
C PRO F 441 -6.54 1.81 -29.31
N GLU F 442 -7.43 2.28 -30.17
CA GLU F 442 -8.48 3.19 -29.75
C GLU F 442 -9.84 2.75 -30.29
N ARG F 447 -8.94 14.21 -20.07
CA ARG F 447 -8.76 14.83 -18.77
C ARG F 447 -7.28 15.03 -18.45
N VAL F 448 -6.90 16.29 -18.26
CA VAL F 448 -5.55 16.63 -17.84
C VAL F 448 -5.62 17.47 -16.57
N PRO F 449 -4.66 17.35 -15.67
CA PRO F 449 -4.70 18.16 -14.45
C PRO F 449 -4.49 19.64 -14.75
N PHE F 450 -5.05 20.48 -13.88
CA PHE F 450 -4.96 21.93 -14.03
C PHE F 450 -3.61 22.43 -13.54
N ARG F 451 -2.98 23.30 -14.32
CA ARG F 451 -1.65 23.81 -14.01
C ARG F 451 -1.62 25.28 -13.65
N GLY F 452 -2.71 26.02 -13.85
CA GLY F 452 -2.76 27.42 -13.54
C GLY F 452 -2.51 28.29 -14.75
N PRO F 453 -2.23 29.57 -14.53
CA PRO F 453 -1.95 30.46 -15.66
C PRO F 453 -0.64 30.11 -16.36
N LEU F 454 -0.60 30.42 -17.65
CA LEU F 454 0.59 30.15 -18.45
C LEU F 454 1.76 31.04 -18.05
N GLY F 455 1.48 32.25 -17.59
CA GLY F 455 2.55 33.19 -17.26
C GLY F 455 3.46 32.69 -16.17
N THR F 456 2.90 32.08 -15.13
CA THR F 456 3.73 31.55 -14.06
C THR F 456 4.62 30.42 -14.55
N VAL F 457 4.09 29.55 -15.41
CA VAL F 457 4.89 28.47 -15.98
C VAL F 457 6.05 29.03 -16.79
N ILE F 458 5.76 30.01 -17.64
CA ILE F 458 6.80 30.59 -18.48
C ILE F 458 7.85 31.29 -17.62
N HIS F 459 7.42 31.96 -16.55
CA HIS F 459 8.37 32.65 -15.69
C HIS F 459 9.25 31.67 -14.93
N GLN F 460 8.69 30.55 -14.47
CA GLN F 460 9.51 29.53 -13.82
C GLN F 460 10.54 28.94 -14.79
N LEU F 461 10.11 28.63 -16.01
CA LEU F 461 11.04 28.09 -16.99
C LEU F 461 12.15 29.08 -17.33
N THR F 462 11.79 30.36 -17.50
CA THR F 462 12.80 31.37 -17.81
C THR F 462 13.74 31.59 -16.65
N GLY F 463 13.24 31.51 -15.41
CA GLY F 463 14.12 31.62 -14.26
C GLY F 463 15.13 30.49 -14.19
N GLY F 464 14.68 29.26 -14.49
CA GLY F 464 15.63 28.16 -14.57
C GLY F 464 16.68 28.35 -15.64
N LEU F 465 16.26 28.81 -16.82
CA LEU F 465 17.21 29.05 -17.90
C LEU F 465 18.21 30.15 -17.54
N ARG F 466 17.74 31.20 -16.87
CA ARG F 466 18.63 32.28 -16.46
C ARG F 466 19.62 31.81 -15.40
N ALA F 467 19.18 30.95 -14.48
CA ALA F 467 20.11 30.37 -13.51
C ALA F 467 21.17 29.54 -14.21
N ALA F 468 20.78 28.76 -15.22
CA ALA F 468 21.76 27.99 -15.98
C ALA F 468 22.75 28.90 -16.68
N MET F 469 22.27 29.99 -17.28
CA MET F 469 23.16 30.92 -17.96
C MET F 469 24.12 31.60 -16.98
N GLY F 470 23.64 31.91 -15.78
CA GLY F 470 24.52 32.45 -14.76
C GLY F 470 25.58 31.46 -14.32
N TYR F 471 25.21 30.18 -14.19
CA TYR F 471 26.17 29.17 -13.77
C TYR F 471 27.21 28.89 -14.85
N THR F 472 26.82 28.95 -16.12
CA THR F 472 27.76 28.62 -17.19
C THR F 472 28.53 29.82 -17.72
N GLY F 473 28.21 31.03 -17.27
CA GLY F 473 28.89 32.20 -17.79
C GLY F 473 28.46 32.62 -19.17
N SER F 474 27.21 32.38 -19.53
CA SER F 474 26.69 32.65 -20.87
C SER F 474 25.87 33.92 -20.83
N ALA F 475 26.35 34.97 -21.49
CA ALA F 475 25.60 36.21 -21.56
C ALA F 475 24.43 36.12 -22.52
N THR F 476 24.56 35.32 -23.57
CA THR F 476 23.53 35.16 -24.59
C THR F 476 23.27 33.67 -24.82
N ILE F 477 22.22 33.37 -25.57
CA ILE F 477 21.93 31.99 -25.92
C ILE F 477 22.99 31.43 -26.85
N GLU F 478 23.56 32.27 -27.72
CA GLU F 478 24.64 31.83 -28.59
C GLU F 478 25.87 31.40 -27.80
N GLN F 479 26.10 32.01 -26.63
CA GLN F 479 27.16 31.56 -25.76
C GLN F 479 26.77 30.30 -24.98
N LEU F 480 25.51 30.18 -24.61
CA LEU F 480 25.04 28.97 -23.95
C LEU F 480 25.17 27.75 -24.86
N GLN F 481 25.07 27.96 -26.17
CA GLN F 481 25.21 26.86 -27.12
C GLN F 481 26.63 26.32 -27.18
N GLN F 482 27.60 26.99 -26.56
CA GLN F 482 28.98 26.53 -26.52
C GLN F 482 29.38 25.93 -25.17
N ALA F 483 28.41 25.67 -24.29
CA ALA F 483 28.70 25.12 -22.98
C ALA F 483 29.04 23.64 -23.08
N GLN F 484 29.64 23.12 -22.01
CA GLN F 484 30.10 21.73 -21.95
C GLN F 484 29.24 20.90 -21.01
N PHE F 485 29.26 19.59 -21.26
CA PHE F 485 28.50 18.63 -20.48
C PHE F 485 29.43 17.72 -19.68
N VAL F 486 28.92 17.24 -18.57
CA VAL F 486 29.51 16.11 -17.84
C VAL F 486 28.50 14.97 -17.90
N GLN F 487 28.98 13.79 -18.30
CA GLN F 487 28.13 12.60 -18.35
C GLN F 487 28.14 11.90 -17.01
N ILE F 488 26.95 11.53 -16.53
CA ILE F 488 26.79 10.93 -15.22
C ILE F 488 26.38 9.47 -15.39
N THR F 489 26.70 8.67 -14.37
CA THR F 489 26.40 7.25 -14.38
C THR F 489 24.98 7.00 -13.85
N ALA F 490 24.63 5.73 -13.68
CA ALA F 490 23.29 5.39 -13.20
C ALA F 490 23.08 5.83 -11.75
N ALA F 491 24.12 5.76 -10.93
CA ALA F 491 23.99 6.16 -9.53
C ALA F 491 23.70 7.65 -9.37
N GLY F 492 23.97 8.45 -10.39
CA GLY F 492 23.57 9.85 -10.35
C GLY F 492 22.09 10.08 -10.53
N LEU F 493 21.33 9.04 -10.90
CA LEU F 493 19.89 9.14 -11.07
C LEU F 493 19.12 8.64 -9.86
N LYS F 494 19.81 8.14 -8.84
CA LYS F 494 19.14 7.55 -7.69
C LYS F 494 18.55 8.61 -6.77
N VAL G 12 35.43 9.85 -37.41
CA VAL G 12 35.41 11.29 -37.30
C VAL G 12 34.29 11.79 -36.36
N PRO G 13 33.07 11.28 -36.49
CA PRO G 13 32.03 11.68 -35.53
C PRO G 13 32.31 11.15 -34.13
N VAL G 14 31.83 11.89 -33.15
CA VAL G 14 31.89 11.45 -31.74
C VAL G 14 30.84 10.37 -31.52
N PRO G 15 31.13 9.30 -30.78
CA PRO G 15 30.13 8.24 -30.59
C PRO G 15 28.86 8.70 -29.91
N THR G 16 28.92 9.75 -29.09
CA THR G 16 27.73 10.27 -28.43
C THR G 16 27.05 11.40 -29.21
N GLY G 17 27.60 11.80 -30.35
CA GLY G 17 26.95 12.79 -31.18
C GLY G 17 27.78 14.01 -31.50
N GLY G 18 27.65 14.52 -32.73
CA GLY G 18 28.36 15.72 -33.13
C GLY G 18 29.77 15.45 -33.61
N ASP G 19 30.48 16.54 -33.89
CA ASP G 19 31.87 16.48 -34.31
C ASP G 19 32.85 16.91 -33.23
N ASP G 20 32.39 17.58 -32.18
CA ASP G 20 33.26 18.09 -31.14
C ASP G 20 33.51 17.01 -30.10
N PRO G 21 34.76 16.55 -29.92
CA PRO G 21 35.03 15.52 -28.91
C PRO G 21 35.10 16.04 -27.48
N THR G 22 35.09 17.35 -27.29
CA THR G 22 35.13 17.94 -25.95
C THR G 22 33.78 18.49 -25.50
N LYS G 23 32.73 18.28 -26.28
CA LYS G 23 31.40 18.76 -25.89
C LYS G 23 30.95 18.09 -24.60
N VAL G 24 31.09 16.77 -24.52
CA VAL G 24 30.92 16.03 -23.27
C VAL G 24 32.32 15.85 -22.70
N ALA G 25 32.65 16.69 -21.72
CA ALA G 25 34.04 16.82 -21.30
C ALA G 25 34.56 15.57 -20.60
N MET G 26 33.76 14.97 -19.73
CA MET G 26 34.23 13.84 -18.94
C MET G 26 33.04 13.05 -18.43
N LEU G 27 33.35 11.89 -17.86
CA LEU G 27 32.37 11.06 -17.17
C LEU G 27 32.53 11.27 -15.67
N GLY G 28 31.45 11.70 -15.01
CA GLY G 28 31.52 12.05 -13.61
C GLY G 28 31.16 10.88 -12.72
N LEU G 29 31.94 10.71 -11.65
CA LEU G 29 31.73 9.67 -10.66
C LEU G 29 31.25 10.30 -9.36
N THR G 30 30.27 9.67 -8.74
CA THR G 30 29.80 10.06 -7.42
C THR G 30 30.25 9.02 -6.40
N PHE G 31 29.81 9.21 -5.16
CA PHE G 31 30.22 8.32 -4.08
C PHE G 31 29.75 6.88 -4.31
N ASP G 32 28.55 6.73 -4.84
CA ASP G 32 27.99 5.39 -5.06
C ASP G 32 28.70 4.62 -6.16
N ASP G 33 29.54 5.27 -6.95
CA ASP G 33 30.21 4.60 -8.06
C ASP G 33 31.48 3.87 -7.66
N VAL G 34 32.05 4.17 -6.49
CA VAL G 34 33.37 3.70 -6.15
C VAL G 34 33.34 3.02 -4.78
N LEU G 35 34.34 2.17 -4.55
CA LEU G 35 34.61 1.59 -3.24
C LEU G 35 36.10 1.63 -3.00
N LEU G 36 36.48 1.64 -1.73
CA LEU G 36 37.89 1.63 -1.35
C LEU G 36 38.43 0.21 -1.40
N LEU G 37 39.55 0.03 -2.08
CA LEU G 37 40.20 -1.27 -2.17
C LEU G 37 41.04 -1.52 -0.92
N PRO G 38 40.94 -2.69 -0.30
CA PRO G 38 41.83 -3.01 0.82
C PRO G 38 43.27 -3.13 0.37
N ALA G 39 44.19 -2.79 1.27
CA ALA G 39 45.61 -2.84 0.99
C ALA G 39 46.33 -3.43 2.20
N ALA G 40 47.65 -3.57 2.09
CA ALA G 40 48.45 -4.09 3.19
C ALA G 40 48.36 -3.14 4.38
N SER G 41 48.03 -3.70 5.55
CA SER G 41 47.66 -2.89 6.69
C SER G 41 48.30 -3.43 7.96
N ASP G 42 49.09 -2.61 8.63
CA ASP G 42 49.53 -2.86 9.99
C ASP G 42 48.85 -1.89 10.97
N VAL G 43 47.67 -1.41 10.60
CA VAL G 43 47.00 -0.30 11.27
C VAL G 43 45.83 -0.84 12.05
N VAL G 44 45.79 -0.56 13.34
CA VAL G 44 44.65 -0.87 14.20
C VAL G 44 43.68 0.30 14.11
N PRO G 45 42.39 0.07 13.87
CA PRO G 45 41.45 1.19 13.78
C PRO G 45 41.42 2.08 15.00
N ALA G 46 41.62 1.53 16.20
CA ALA G 46 41.52 2.33 17.41
C ALA G 46 42.71 3.27 17.61
N THR G 47 43.83 3.03 16.92
CA THR G 47 45.02 3.87 17.05
C THR G 47 45.36 4.60 15.76
N ALA G 48 44.40 4.78 14.86
CA ALA G 48 44.62 5.53 13.63
C ALA G 48 44.52 7.02 13.91
N ASP G 49 45.42 7.79 13.30
CA ASP G 49 45.48 9.22 13.49
C ASP G 49 44.59 9.90 12.46
N THR G 50 43.47 10.46 12.92
CA THR G 50 42.50 11.07 12.03
C THR G 50 42.65 12.59 11.91
N SER G 51 43.74 13.15 12.41
CA SER G 51 43.93 14.59 12.33
C SER G 51 44.25 15.02 10.90
N SER G 52 43.82 16.23 10.55
CA SER G 52 43.97 16.71 9.19
C SER G 52 43.97 18.24 9.18
N GLN G 53 44.45 18.80 8.07
CA GLN G 53 44.57 20.24 7.91
C GLN G 53 43.28 20.84 7.40
N LEU G 54 42.76 21.83 8.12
CA LEU G 54 41.61 22.58 7.63
C LEU G 54 42.05 23.67 6.66
N THR G 55 43.02 24.47 7.06
CA THR G 55 43.66 25.44 6.17
C THR G 55 45.16 25.19 6.18
N LYS G 56 45.92 26.08 5.57
CA LYS G 56 47.37 25.95 5.58
C LYS G 56 47.96 26.07 6.99
N ARG G 57 47.23 26.70 7.91
CA ARG G 57 47.74 26.94 9.26
C ARG G 57 46.91 26.30 10.37
N ILE G 58 45.77 25.70 10.07
CA ILE G 58 44.89 25.13 11.08
C ILE G 58 44.79 23.63 10.85
N ARG G 59 45.02 22.86 11.91
CA ARG G 59 44.92 21.41 11.87
C ARG G 59 43.89 20.95 12.89
N LEU G 60 42.93 20.16 12.44
CA LEU G 60 41.87 19.64 13.31
C LEU G 60 42.21 18.21 13.74
N ARG G 61 41.71 17.83 14.91
CA ARG G 61 41.85 16.44 15.35
C ARG G 61 40.85 15.53 14.63
N VAL G 62 39.68 16.05 14.31
CA VAL G 62 38.64 15.33 13.58
C VAL G 62 38.34 16.12 12.32
N PRO G 63 38.49 15.56 11.12
CA PRO G 63 38.39 16.33 9.88
C PRO G 63 36.95 16.63 9.44
N LEU G 64 36.16 17.19 10.35
CA LEU G 64 34.76 17.46 10.11
C LEU G 64 34.42 18.90 10.48
N VAL G 65 33.59 19.54 9.66
CA VAL G 65 33.19 20.93 9.87
C VAL G 65 31.67 21.02 9.70
N SER G 66 31.09 22.04 10.32
CA SER G 66 29.67 22.32 10.17
C SER G 66 29.42 23.15 8.91
N SER G 67 28.15 23.23 8.52
CA SER G 67 27.77 23.56 7.16
C SER G 67 27.50 25.04 6.92
N ALA G 68 27.42 25.87 7.97
CA ALA G 68 27.07 27.29 7.83
C ALA G 68 25.70 27.46 7.20
N MET G 69 24.72 26.74 7.74
CA MET G 69 23.32 26.86 7.37
C MET G 69 22.53 27.27 8.61
N ASP G 70 21.46 28.02 8.40
CA ASP G 70 20.71 28.55 9.53
C ASP G 70 19.95 27.47 10.29
N THR G 71 19.87 26.26 9.75
CA THR G 71 19.31 25.12 10.46
C THR G 71 20.37 24.22 11.08
N VAL G 72 21.65 24.56 10.93
CA VAL G 72 22.73 23.67 11.37
C VAL G 72 23.57 24.32 12.46
N THR G 73 24.17 25.48 12.17
CA THR G 73 25.24 26.00 13.00
C THR G 73 24.85 27.34 13.63
N GLU G 74 24.86 27.38 14.95
CA GLU G 74 24.84 28.60 15.75
C GLU G 74 25.98 28.53 16.75
N SER G 75 25.99 29.40 17.74
CA SER G 75 27.07 29.39 18.72
C SER G 75 27.15 28.06 19.46
N ARG G 76 25.99 27.47 19.78
CA ARG G 76 25.98 26.19 20.50
C ARG G 76 26.58 25.07 19.67
N MET G 77 26.20 25.00 18.39
CA MET G 77 26.77 23.98 17.50
C MET G 77 28.25 24.23 17.25
N ALA G 78 28.67 25.48 17.15
CA ALA G 78 30.08 25.78 16.98
C ALA G 78 30.89 25.33 18.19
N ILE G 79 30.38 25.58 19.40
CA ILE G 79 31.08 25.15 20.61
C ILE G 79 31.15 23.63 20.67
N ALA G 80 30.04 22.96 20.36
CA ALA G 80 30.02 21.50 20.41
C ALA G 80 30.97 20.90 19.39
N MET G 81 31.01 21.45 18.17
CA MET G 81 31.91 20.94 17.14
C MET G 81 33.36 21.18 17.49
N ALA G 82 33.67 22.35 18.06
CA ALA G 82 35.04 22.61 18.50
C ALA G 82 35.47 21.66 19.61
N ARG G 83 34.56 21.37 20.55
CA ARG G 83 34.87 20.43 21.62
C ARG G 83 35.05 19.02 21.08
N ALA G 84 34.25 18.61 20.10
CA ALA G 84 34.35 17.28 19.52
C ALA G 84 35.64 17.07 18.74
N GLY G 85 36.37 18.13 18.42
CA GLY G 85 37.63 18.02 17.71
C GLY G 85 37.64 18.64 16.34
N GLY G 86 36.52 19.11 15.82
CA GLY G 86 36.48 19.75 14.52
C GLY G 86 36.32 21.25 14.62
N MET G 87 35.38 21.80 13.86
CA MET G 87 35.09 23.23 13.91
C MET G 87 33.70 23.46 13.35
N GLY G 88 33.16 24.62 13.66
CA GLY G 88 31.89 25.04 13.10
C GLY G 88 32.01 26.38 12.42
N VAL G 89 31.21 26.56 11.37
CA VAL G 89 31.17 27.79 10.60
C VAL G 89 29.80 28.42 10.80
N LEU G 90 29.78 29.64 11.32
CA LEU G 90 28.52 30.32 11.62
C LEU G 90 27.90 30.90 10.36
N HIS G 91 26.58 30.76 10.25
CA HIS G 91 25.87 31.21 9.05
C HIS G 91 25.70 32.72 9.06
N ARG G 92 25.35 33.26 7.89
CA ARG G 92 25.26 34.70 7.69
C ARG G 92 23.86 35.16 7.34
N ASN G 93 22.84 34.38 7.67
CA ASN G 93 21.45 34.77 7.41
C ASN G 93 20.87 35.46 8.64
N LEU G 94 21.54 36.53 9.04
CA LEU G 94 21.19 37.29 10.24
C LEU G 94 22.00 38.59 10.23
N PRO G 95 21.60 39.58 11.00
CA PRO G 95 22.33 40.85 11.01
C PRO G 95 23.77 40.69 11.47
N VAL G 96 24.60 41.67 11.09
CA VAL G 96 26.03 41.61 11.38
C VAL G 96 26.27 41.55 12.89
N ALA G 97 25.53 42.35 13.65
CA ALA G 97 25.73 42.39 15.10
C ALA G 97 25.45 41.05 15.75
N GLU G 98 24.39 40.37 15.32
CA GLU G 98 24.09 39.07 15.89
C GLU G 98 25.17 38.04 15.59
N GLN G 99 25.67 38.02 14.36
CA GLN G 99 26.72 37.06 14.01
C GLN G 99 28.00 37.34 14.79
N ALA G 100 28.36 38.62 14.92
CA ALA G 100 29.54 38.95 15.72
C ALA G 100 29.33 38.60 17.19
N GLY G 101 28.11 38.76 17.69
CA GLY G 101 27.83 38.37 19.05
C GLY G 101 27.95 36.87 19.27
N GLN G 102 27.53 36.08 18.28
CA GLN G 102 27.71 34.64 18.39
C GLN G 102 29.18 34.26 18.30
N VAL G 103 29.96 34.97 17.50
CA VAL G 103 31.41 34.77 17.50
C VAL G 103 31.98 35.01 18.89
N GLU G 104 31.55 36.10 19.52
CA GLU G 104 32.02 36.43 20.87
C GLU G 104 31.59 35.36 21.87
N THR G 105 30.36 34.87 21.74
CA THR G 105 29.88 33.83 22.65
C THR G 105 30.71 32.56 22.53
N VAL G 106 31.05 32.16 21.30
CA VAL G 106 31.90 30.99 21.13
C VAL G 106 33.30 31.26 21.69
N LYS G 107 33.83 32.45 21.45
CA LYS G 107 35.21 32.74 21.83
C LYS G 107 35.40 32.81 23.34
N ARG G 108 34.34 33.15 24.10
CA ARG G 108 34.43 33.28 25.54
C ARG G 108 33.82 32.10 26.29
N SER G 109 33.66 30.97 25.61
CA SER G 109 33.00 29.82 26.23
C SER G 109 33.91 29.05 27.17
N GLU G 110 35.18 28.86 26.78
CA GLU G 110 36.04 27.88 27.43
C GLU G 110 37.44 28.47 27.52
N ALA G 111 37.87 28.78 28.75
CA ALA G 111 39.17 29.39 29.02
C ALA G 111 39.34 30.69 28.23
N GLY G 112 38.26 31.44 28.11
CA GLY G 112 38.27 32.67 27.33
C GLY G 112 38.25 33.94 28.16
N MET G 113 38.13 33.80 29.48
CA MET G 113 38.12 34.95 30.38
C MET G 113 39.49 35.26 30.96
N VAL G 114 40.53 34.52 30.57
CA VAL G 114 41.82 34.63 31.23
C VAL G 114 42.64 35.82 30.78
N THR G 115 42.19 36.56 29.77
CA THR G 115 42.95 37.71 29.28
C THR G 115 42.17 39.01 29.32
N ASP G 116 40.90 39.00 28.94
CA ASP G 116 40.05 40.19 29.00
C ASP G 116 38.65 39.76 29.44
N PRO G 117 38.48 39.44 30.73
CA PRO G 117 37.22 38.88 31.19
C PRO G 117 36.08 39.88 31.15
N VAL G 118 34.87 39.36 30.99
CA VAL G 118 33.67 40.19 31.07
C VAL G 118 33.37 40.44 32.55
N THR G 119 33.06 41.69 32.88
CA THR G 119 32.88 42.11 34.26
C THR G 119 31.56 42.85 34.39
N CYS G 120 31.25 43.27 35.61
CA CYS G 120 30.06 44.06 35.89
C CYS G 120 30.42 45.18 36.84
N SER G 121 29.64 46.25 36.79
CA SER G 121 29.80 47.38 37.70
C SER G 121 28.93 47.19 38.93
N PRO G 122 29.28 47.84 40.05
CA PRO G 122 28.41 47.77 41.23
C PRO G 122 27.03 48.37 41.00
N ASP G 123 26.87 49.23 39.99
CA ASP G 123 25.58 49.84 39.69
C ASP G 123 24.68 48.95 38.85
N ASN G 124 25.20 47.85 38.29
CA ASN G 124 24.38 46.95 37.49
C ASN G 124 23.34 46.26 38.34
N THR G 125 22.22 45.93 37.73
CA THR G 125 21.19 45.16 38.41
C THR G 125 21.54 43.66 38.38
N LEU G 126 20.79 42.88 39.15
CA LEU G 126 21.00 41.43 39.14
C LEU G 126 20.52 40.81 37.84
N ALA G 127 19.51 41.40 37.20
CA ALA G 127 18.98 40.85 35.96
C ALA G 127 20.02 40.89 34.85
N GLU G 128 20.78 41.99 34.75
CA GLU G 128 21.81 42.09 33.72
C GLU G 128 22.92 41.07 33.94
N VAL G 129 23.33 40.88 35.20
CA VAL G 129 24.36 39.89 35.51
C VAL G 129 23.86 38.50 35.17
N ASP G 130 22.60 38.20 35.51
CA ASP G 130 22.04 36.90 35.20
C ASP G 130 21.97 36.69 33.68
N ALA G 131 21.62 37.73 32.93
CA ALA G 131 21.59 37.62 31.48
C ALA G 131 22.97 37.35 30.91
N MET G 132 23.99 38.04 31.42
CA MET G 132 25.36 37.77 30.99
C MET G 132 25.78 36.35 31.31
N CYS G 133 25.45 35.87 32.50
CA CYS G 133 25.81 34.51 32.91
C CYS G 133 25.09 33.48 32.05
N ALA G 134 23.83 33.74 31.68
CA ALA G 134 23.11 32.82 30.81
C ALA G 134 23.69 32.83 29.40
N ARG G 135 24.10 34.00 28.91
CA ARG G 135 24.67 34.07 27.57
C ARG G 135 26.00 33.34 27.48
N PHE G 136 26.90 33.61 28.43
CA PHE G 136 28.24 33.03 28.36
C PHE G 136 28.35 31.71 29.10
N ARG G 137 27.24 31.20 29.65
N ARG G 137 27.26 31.22 29.69
CA ARG G 137 27.23 29.92 30.36
CA ARG G 137 27.22 29.92 30.36
C ARG G 137 28.27 29.89 31.49
C ARG G 137 28.22 29.87 31.52
N ILE G 138 28.33 30.96 32.25
CA ILE G 138 29.19 31.04 33.43
C ILE G 138 28.30 31.28 34.65
N SER G 139 28.90 31.19 35.83
CA SER G 139 28.14 31.30 37.07
C SER G 139 28.75 32.36 37.98
N GLY G 140 29.14 33.50 37.42
CA GLY G 140 29.70 34.56 38.23
C GLY G 140 30.61 35.51 37.49
N LEU G 141 30.68 36.75 37.99
CA LEU G 141 31.44 37.81 37.37
C LEU G 141 32.23 38.58 38.44
N PRO G 142 33.47 38.96 38.14
CA PRO G 142 34.16 39.95 38.98
C PRO G 142 33.49 41.31 38.83
N VAL G 143 33.50 42.06 39.93
CA VAL G 143 32.87 43.37 40.00
C VAL G 143 33.98 44.41 40.13
N VAL G 144 34.03 45.32 39.16
CA VAL G 144 35.05 46.34 39.04
C VAL G 144 34.37 47.71 39.02
N ASP G 145 34.91 48.65 39.78
CA ASP G 145 34.34 49.99 39.88
C ASP G 145 34.72 50.82 38.64
N ASP G 146 34.20 52.05 38.58
CA ASP G 146 34.55 52.96 37.50
C ASP G 146 36.01 53.40 37.57
N THR G 147 36.66 53.24 38.72
CA THR G 147 38.07 53.55 38.86
C THR G 147 38.98 52.49 38.26
N GLY G 148 38.43 51.32 37.95
CA GLY G 148 39.23 50.23 37.42
C GLY G 148 39.78 49.27 38.44
N GLU G 149 39.27 49.29 39.67
CA GLU G 149 39.76 48.45 40.74
C GLU G 149 38.80 47.28 40.97
N LEU G 150 39.36 46.11 41.25
CA LEU G 150 38.57 44.90 41.51
C LEU G 150 37.92 45.02 42.88
N VAL G 151 36.64 45.36 42.90
CA VAL G 151 35.95 45.58 44.18
C VAL G 151 35.26 44.34 44.72
N GLY G 152 34.98 43.34 43.90
CA GLY G 152 34.37 42.13 44.42
C GLY G 152 34.15 41.07 43.38
N ILE G 153 33.29 40.11 43.71
CA ILE G 153 32.90 39.05 42.78
C ILE G 153 31.52 38.57 43.20
N ILE G 154 30.64 38.37 42.22
CA ILE G 154 29.27 37.95 42.48
C ILE G 154 28.98 36.68 41.68
N THR G 155 28.53 35.64 42.35
CA THR G 155 28.37 34.32 41.75
C THR G 155 26.93 33.83 41.94
N ASN G 156 26.72 32.55 41.62
CA ASN G 156 25.36 31.98 41.65
C ASN G 156 24.80 31.92 43.06
N ARG G 157 25.62 31.54 44.04
CA ARG G 157 25.13 31.45 45.42
C ARG G 157 24.68 32.80 45.94
N ASP G 158 25.34 33.88 45.53
CA ASP G 158 24.94 35.21 45.96
C ASP G 158 23.59 35.61 45.41
N MET G 159 23.26 35.18 44.19
CA MET G 159 22.05 35.62 43.50
C MET G 159 20.91 34.63 43.55
N ARG G 160 21.11 33.42 44.09
CA ARG G 160 20.16 32.35 43.85
C ARG G 160 18.86 32.51 44.62
N PHE G 161 18.81 33.35 45.64
CA PHE G 161 17.61 33.49 46.46
C PHE G 161 17.09 34.92 46.52
N GLU G 162 17.57 35.81 45.65
CA GLU G 162 17.05 37.18 45.61
C GLU G 162 15.73 37.20 44.85
N VAL G 163 14.67 37.59 45.55
CA VAL G 163 13.36 37.67 44.91
C VAL G 163 13.31 38.85 43.94
N ASP G 164 13.97 39.95 44.29
CA ASP G 164 14.03 41.14 43.44
C ASP G 164 15.36 41.15 42.69
N GLN G 165 15.28 41.13 41.37
CA GLN G 165 16.47 41.16 40.52
C GLN G 165 16.89 42.57 40.14
N SER G 166 16.19 43.59 40.64
CA SER G 166 16.52 44.98 40.37
C SER G 166 17.56 45.53 41.33
N LYS G 167 18.01 44.75 42.31
CA LYS G 167 19.01 45.23 43.24
C LYS G 167 20.33 45.47 42.52
N PRO G 168 21.12 46.44 42.98
CA PRO G 168 22.47 46.61 42.43
C PRO G 168 23.40 45.50 42.87
N VAL G 169 24.50 45.36 42.11
CA VAL G 169 25.46 44.30 42.38
C VAL G 169 26.13 44.51 43.74
N SER G 170 26.37 45.76 44.12
CA SER G 170 27.14 46.04 45.33
C SER G 170 26.47 45.50 46.58
N GLU G 171 25.14 45.49 46.62
CA GLU G 171 24.44 45.00 47.81
C GLU G 171 24.62 43.50 48.00
N VAL G 172 24.92 42.76 46.94
CA VAL G 172 24.88 41.31 46.98
C VAL G 172 26.24 40.66 46.74
N MET G 173 27.17 41.34 46.09
CA MET G 173 28.46 40.75 45.76
C MET G 173 29.27 40.44 47.02
N THR G 174 30.16 39.46 46.90
CA THR G 174 31.16 39.20 47.92
C THR G 174 32.29 40.20 47.76
N LYS G 175 32.56 40.97 48.81
CA LYS G 175 33.45 42.12 48.71
C LYS G 175 34.91 41.71 48.93
N ALA G 176 35.81 42.55 48.42
CA ALA G 176 37.23 42.32 48.56
C ALA G 176 37.66 42.51 50.01
N PRO G 177 38.76 41.87 50.43
CA PRO G 177 39.73 41.08 49.66
C PRO G 177 39.19 39.73 49.20
N LEU G 178 39.78 39.22 48.11
CA LEU G 178 39.35 37.97 47.49
C LEU G 178 40.56 37.06 47.35
N ILE G 179 40.29 35.76 47.19
CA ILE G 179 41.34 34.78 46.95
C ILE G 179 41.70 34.85 45.48
N THR G 180 42.78 35.54 45.17
CA THR G 180 43.23 35.76 43.79
C THR G 180 44.56 35.05 43.56
N ALA G 181 45.11 35.26 42.37
CA ALA G 181 46.39 34.71 41.99
C ALA G 181 47.09 35.68 41.05
N LYS G 182 48.40 35.55 40.95
CA LYS G 182 49.20 36.43 40.11
C LYS G 182 49.21 35.93 38.67
N GLU G 183 49.68 36.81 37.77
CA GLU G 183 49.73 36.47 36.36
C GLU G 183 50.73 35.35 36.10
N GLY G 184 50.46 34.59 35.05
CA GLY G 184 51.29 33.43 34.74
C GLY G 184 51.12 32.27 35.68
N VAL G 185 49.96 32.18 36.35
CA VAL G 185 49.70 31.07 37.25
C VAL G 185 49.42 29.82 36.42
N SER G 186 50.10 28.73 36.77
CA SER G 186 49.92 27.48 36.04
C SER G 186 48.55 26.88 36.37
N ALA G 187 48.18 25.87 35.59
CA ALA G 187 46.93 25.15 35.85
C ALA G 187 46.98 24.42 37.19
N GLU G 188 48.12 23.81 37.51
CA GLU G 188 48.25 23.06 38.75
C GLU G 188 48.11 23.97 39.96
N ALA G 189 48.74 25.15 39.91
CA ALA G 189 48.65 26.08 41.04
C ALA G 189 47.23 26.58 41.23
N ALA G 190 46.54 26.91 40.14
CA ALA G 190 45.16 27.37 40.23
C ALA G 190 44.26 26.27 40.79
N LEU G 191 44.43 25.03 40.32
CA LEU G 191 43.63 23.93 40.83
C LEU G 191 43.90 23.70 42.31
N GLY G 192 45.17 23.79 42.73
CA GLY G 192 45.48 23.65 44.14
C GLY G 192 44.84 24.73 45.00
N LEU G 193 44.87 25.98 44.52
CA LEU G 193 44.22 27.06 45.26
C LEU G 193 42.72 26.83 45.36
N LEU G 194 42.09 26.40 44.27
CA LEU G 194 40.65 26.14 44.29
C LEU G 194 40.31 25.02 45.26
N ARG G 195 41.10 23.95 45.26
CA ARG G 195 40.85 22.85 46.19
C ARG G 195 41.06 23.28 47.63
N ARG G 196 42.10 24.09 47.89
CA ARG G 196 42.42 24.49 49.25
C ARG G 196 41.32 25.40 49.81
N HIS G 197 40.95 26.43 49.08
CA HIS G 197 39.96 27.38 49.56
C HIS G 197 38.54 26.97 49.27
N LYS G 198 38.34 25.87 48.54
CA LYS G 198 37.02 25.30 48.27
C LYS G 198 36.09 26.33 47.64
N ILE G 199 36.62 27.01 46.62
CA ILE G 199 35.86 27.92 45.78
C ILE G 199 35.93 27.39 44.35
N GLU G 200 35.16 28.01 43.47
CA GLU G 200 35.13 27.63 42.07
C GLU G 200 35.67 28.71 41.14
N LYS G 201 36.15 29.83 41.68
CA LYS G 201 36.64 30.92 40.86
C LYS G 201 37.95 31.44 41.43
N LEU G 202 38.71 32.11 40.57
CA LEU G 202 40.04 32.60 40.90
C LEU G 202 40.35 33.79 40.00
N PRO G 203 40.13 35.01 40.48
CA PRO G 203 40.54 36.18 39.69
C PRO G 203 42.05 36.25 39.56
N ILE G 204 42.51 36.80 38.44
CA ILE G 204 43.94 36.94 38.17
C ILE G 204 44.23 38.42 38.03
N VAL G 205 45.16 38.91 38.85
CA VAL G 205 45.50 40.32 38.93
C VAL G 205 46.97 40.50 38.61
N ASP G 206 47.35 41.75 38.35
CA ASP G 206 48.73 42.10 38.05
C ASP G 206 49.47 42.44 39.34
N GLY G 207 50.67 43.00 39.22
CA GLY G 207 51.43 43.39 40.40
C GLY G 207 50.83 44.57 41.15
N HIS G 208 49.97 45.34 40.51
CA HIS G 208 49.31 46.47 41.13
C HIS G 208 47.94 46.13 41.68
N GLY G 209 47.52 44.87 41.59
CA GLY G 209 46.22 44.45 42.07
C GLY G 209 45.06 44.74 41.16
N LYS G 210 45.32 45.11 39.91
CA LYS G 210 44.25 45.37 38.95
C LYS G 210 43.89 44.09 38.21
N LEU G 211 42.61 43.92 37.93
CA LEU G 211 42.12 42.66 37.37
C LEU G 211 42.63 42.47 35.94
N THR G 212 43.14 41.26 35.67
CA THR G 212 43.60 40.90 34.34
C THR G 212 42.87 39.70 33.74
N GLY G 213 42.31 38.82 34.56
CA GLY G 213 41.64 37.65 34.01
C GLY G 213 40.85 36.91 35.08
N LEU G 214 40.28 35.79 34.68
CA LEU G 214 39.50 34.95 35.57
C LEU G 214 39.70 33.49 35.22
N ILE G 215 39.82 32.64 36.24
CA ILE G 215 39.90 31.20 36.06
C ILE G 215 38.75 30.57 36.83
N THR G 216 38.11 29.57 36.23
CA THR G 216 37.01 28.88 36.87
C THR G 216 37.27 27.39 36.86
N VAL G 217 36.40 26.64 37.54
CA VAL G 217 36.47 25.19 37.53
C VAL G 217 35.97 24.62 36.20
N LYS G 218 35.21 25.42 35.45
CA LYS G 218 34.74 25.00 34.13
C LYS G 218 35.91 24.69 33.20
N ASP G 219 37.01 25.42 33.32
CA ASP G 219 38.18 25.14 32.48
C ASP G 219 38.65 23.71 32.67
N PHE G 220 38.84 23.30 33.92
CA PHE G 220 39.35 21.96 34.20
C PHE G 220 38.30 20.90 33.84
N VAL G 221 37.03 21.17 34.13
CA VAL G 221 35.98 20.21 33.80
C VAL G 221 35.93 19.96 32.29
N LYS G 222 35.92 21.03 31.50
CA LYS G 222 35.85 20.90 30.06
C LYS G 222 37.11 20.28 29.49
N THR G 223 38.28 20.60 30.06
CA THR G 223 39.51 19.97 29.60
C THR G 223 39.49 18.48 29.85
N GLU G 224 38.95 18.05 30.99
CA GLU G 224 38.84 16.62 31.26
C GLU G 224 37.84 15.95 30.31
N GLN G 225 36.69 16.58 30.08
CA GLN G 225 35.67 15.96 29.25
C GLN G 225 36.03 15.97 27.77
N PHE G 226 36.73 17.01 27.30
CA PHE G 226 36.96 17.22 25.88
C PHE G 226 38.45 17.40 25.62
N PRO G 227 39.22 16.30 25.56
CA PRO G 227 40.65 16.40 25.27
C PRO G 227 40.98 16.68 23.82
N LEU G 228 40.01 16.66 22.92
CA LEU G 228 40.24 16.84 21.49
C LEU G 228 39.92 18.25 21.02
N SER G 229 39.61 19.17 21.94
CA SER G 229 39.07 20.47 21.55
C SER G 229 40.03 21.24 20.66
N THR G 230 39.47 21.96 19.70
CA THR G 230 40.23 22.77 18.76
C THR G 230 40.38 24.18 19.34
N LYS G 231 41.62 24.61 19.54
CA LYS G 231 41.91 25.85 20.24
C LYS G 231 42.96 26.64 19.48
N ASP G 232 42.95 27.96 19.69
CA ASP G 232 43.95 28.84 19.13
C ASP G 232 45.13 28.96 20.10
N SER G 233 46.03 29.90 19.83
CA SER G 233 47.19 30.10 20.69
C SER G 233 46.82 30.62 22.08
N ASP G 234 45.67 31.26 22.22
CA ASP G 234 45.22 31.79 23.49
C ASP G 234 44.42 30.79 24.32
N GLY G 235 44.21 29.57 23.81
CA GLY G 235 43.43 28.58 24.52
C GLY G 235 41.94 28.70 24.33
N ARG G 236 41.48 29.51 23.39
CA ARG G 236 40.06 29.68 23.12
C ARG G 236 39.65 28.80 21.94
N LEU G 237 38.38 28.41 21.94
CA LEU G 237 37.87 27.54 20.89
C LEU G 237 37.91 28.24 19.54
N LEU G 238 38.29 27.50 18.50
CA LEU G 238 38.28 28.04 17.15
C LEU G 238 36.86 28.12 16.60
N VAL G 239 36.62 29.14 15.79
CA VAL G 239 35.32 29.33 15.16
C VAL G 239 35.54 29.99 13.81
N GLY G 240 34.63 29.71 12.87
CA GLY G 240 34.66 30.34 11.57
C GLY G 240 33.31 30.95 11.27
N ALA G 241 33.32 31.87 10.30
CA ALA G 241 32.11 32.58 9.93
C ALA G 241 32.06 32.75 8.42
N ALA G 242 30.85 32.87 7.90
CA ALA G 242 30.61 32.98 6.47
C ALA G 242 30.27 34.42 6.09
N VAL G 243 30.85 34.88 4.98
CA VAL G 243 30.56 36.19 4.43
C VAL G 243 30.23 36.03 2.94
N GLY G 244 29.54 37.02 2.40
CA GLY G 244 29.17 37.06 1.00
C GLY G 244 30.11 37.93 0.19
N VAL G 245 29.54 38.61 -0.81
CA VAL G 245 30.30 39.50 -1.68
C VAL G 245 29.56 40.84 -1.76
N GLY G 246 30.31 41.93 -1.72
CA GLY G 246 29.77 43.27 -1.79
C GLY G 246 30.41 44.17 -0.76
N ASP G 247 29.71 45.25 -0.42
CA ASP G 247 30.15 46.18 0.61
C ASP G 247 29.62 45.81 1.99
N ASP G 248 28.36 45.38 2.07
CA ASP G 248 27.86 44.82 3.31
C ASP G 248 28.69 43.62 3.73
N ALA G 249 29.13 42.83 2.77
CA ALA G 249 30.00 41.69 3.08
C ALA G 249 31.32 42.17 3.67
N TRP G 250 31.88 43.26 3.15
CA TRP G 250 33.13 43.76 3.70
C TRP G 250 32.95 44.29 5.12
N THR G 251 31.86 45.03 5.37
CA THR G 251 31.60 45.49 6.73
C THR G 251 31.41 44.32 7.68
N ARG G 252 30.67 43.30 7.24
CA ARG G 252 30.46 42.11 8.06
C ARG G 252 31.78 41.41 8.35
N ALA G 253 32.64 41.28 7.34
CA ALA G 253 33.93 40.61 7.54
C ALA G 253 34.79 41.37 8.53
N MET G 254 34.82 42.70 8.42
CA MET G 254 35.62 43.49 9.36
C MET G 254 35.09 43.38 10.78
N THR G 255 33.76 43.41 10.95
CA THR G 255 33.18 43.24 12.28
C THR G 255 33.50 41.87 12.85
N LEU G 256 33.41 40.82 12.03
CA LEU G 256 33.71 39.47 12.50
C LEU G 256 35.17 39.34 12.89
N VAL G 257 36.09 39.93 12.11
CA VAL G 257 37.50 39.89 12.48
C VAL G 257 37.73 40.65 13.78
N ASP G 258 36.99 41.75 13.99
CA ASP G 258 37.08 42.47 15.25
C ASP G 258 36.61 41.61 16.42
N ALA G 259 35.55 40.82 16.21
CA ALA G 259 35.04 39.96 17.27
C ALA G 259 35.96 38.81 17.62
N GLY G 260 37.01 38.58 16.83
CA GLY G 260 37.96 37.54 17.13
C GLY G 260 37.84 36.26 16.31
N VAL G 261 37.24 36.32 15.13
CA VAL G 261 37.04 35.11 14.33
C VAL G 261 38.40 34.57 13.86
N ASP G 262 38.41 33.28 13.55
CA ASP G 262 39.62 32.58 13.11
C ASP G 262 39.62 32.26 11.63
N VAL G 263 38.46 31.92 11.06
CA VAL G 263 38.35 31.57 9.65
C VAL G 263 37.20 32.37 9.06
N LEU G 264 37.46 32.99 7.90
CA LEU G 264 36.42 33.61 7.09
C LEU G 264 36.20 32.76 5.86
N ILE G 265 34.96 32.36 5.61
CA ILE G 265 34.60 31.57 4.44
C ILE G 265 33.81 32.47 3.51
N VAL G 266 34.35 32.70 2.31
CA VAL G 266 33.63 33.43 1.28
C VAL G 266 32.65 32.44 0.65
N ASP G 267 31.41 32.46 1.16
CA ASP G 267 30.40 31.43 0.92
C ASP G 267 29.55 31.84 -0.27
N THR G 268 29.78 31.22 -1.42
CA THR G 268 29.02 31.48 -2.63
C THR G 268 28.68 30.17 -3.31
N ALA G 269 27.61 30.18 -4.10
CA ALA G 269 27.22 28.99 -4.84
C ALA G 269 28.12 28.74 -6.05
N HIS G 270 28.69 29.80 -6.63
CA HIS G 270 29.51 29.70 -7.82
C HIS G 270 30.70 30.63 -7.62
N ALA G 271 31.83 30.07 -7.20
CA ALA G 271 33.00 30.87 -6.86
C ALA G 271 33.84 31.24 -8.06
N HIS G 272 33.60 30.64 -9.22
CA HIS G 272 34.35 30.99 -10.44
C HIS G 272 33.80 32.29 -11.02
N ASN G 273 33.88 33.34 -10.20
CA ASN G 273 33.34 34.65 -10.50
C ASN G 273 34.39 35.69 -10.14
N ARG G 274 34.41 36.79 -10.88
CA ARG G 274 35.44 37.80 -10.64
C ARG G 274 35.22 38.51 -9.32
N GLY G 275 33.96 38.74 -8.93
CA GLY G 275 33.69 39.38 -7.66
C GLY G 275 34.17 38.57 -6.47
N VAL G 276 33.94 37.26 -6.50
CA VAL G 276 34.38 36.39 -5.41
C VAL G 276 35.89 36.38 -5.31
N LEU G 277 36.59 36.27 -6.45
CA LEU G 277 38.04 36.27 -6.44
C LEU G 277 38.59 37.59 -5.91
N ASP G 278 37.98 38.71 -6.33
CA ASP G 278 38.41 40.01 -5.82
C ASP G 278 38.18 40.12 -4.33
N MET G 279 37.04 39.61 -3.83
CA MET G 279 36.79 39.64 -2.40
C MET G 279 37.81 38.82 -1.63
N VAL G 280 38.15 37.64 -2.14
CA VAL G 280 39.16 36.80 -1.50
C VAL G 280 40.50 37.52 -1.46
N SER G 281 40.89 38.16 -2.57
CA SER G 281 42.16 38.87 -2.60
C SER G 281 42.16 40.05 -1.63
N ARG G 282 41.06 40.80 -1.58
CA ARG G 282 40.96 41.92 -0.65
C ARG G 282 41.09 41.45 0.79
N LEU G 283 40.37 40.39 1.15
CA LEU G 283 40.46 39.87 2.52
C LEU G 283 41.86 39.37 2.84
N LYS G 284 42.48 38.66 1.89
CA LYS G 284 43.82 38.13 2.13
C LYS G 284 44.83 39.25 2.31
N GLN G 285 44.66 40.35 1.59
CA GLN G 285 45.58 41.48 1.75
C GLN G 285 45.30 42.26 3.02
N ALA G 286 44.04 42.35 3.44
CA ALA G 286 43.69 43.17 4.59
C ALA G 286 43.99 42.44 5.91
N VAL G 287 43.38 41.28 6.13
CA VAL G 287 43.45 40.61 7.41
C VAL G 287 44.15 39.25 7.30
N GLY G 288 44.90 39.03 6.22
CA GLY G 288 45.44 37.71 5.93
C GLY G 288 46.49 37.23 6.93
N GLU G 289 47.12 38.15 7.66
CA GLU G 289 48.12 37.74 8.64
C GLU G 289 47.49 37.24 9.94
N ARG G 290 46.22 37.51 10.17
CA ARG G 290 45.52 37.08 11.37
C ARG G 290 44.48 35.99 11.12
N VAL G 291 43.79 36.05 10.00
CA VAL G 291 42.64 35.20 9.72
C VAL G 291 42.91 34.40 8.45
N ASP G 292 42.50 33.13 8.46
CA ASP G 292 42.54 32.30 7.28
C ASP G 292 41.29 32.51 6.44
N VAL G 293 41.46 32.60 5.12
CA VAL G 293 40.38 32.87 4.19
C VAL G 293 40.17 31.64 3.32
N VAL G 294 38.93 31.15 3.28
CA VAL G 294 38.56 29.96 2.52
C VAL G 294 37.63 30.38 1.40
N GLY G 295 37.92 29.94 0.18
CA GLY G 295 37.09 30.30 -0.95
C GLY G 295 35.88 29.37 -1.14
N GLY G 296 34.86 29.94 -1.78
CA GLY G 296 33.58 29.30 -1.96
C GLY G 296 33.63 28.05 -2.81
N ASN G 297 32.44 27.64 -3.24
CA ASN G 297 32.27 26.32 -3.84
C ASN G 297 32.65 26.33 -5.32
N VAL G 298 33.51 25.40 -5.71
CA VAL G 298 33.93 25.19 -7.08
C VAL G 298 33.72 23.73 -7.42
N ALA G 299 33.79 23.41 -8.71
CA ALA G 299 33.62 22.03 -9.15
C ALA G 299 34.60 21.60 -10.23
N THR G 300 35.47 22.48 -10.72
CA THR G 300 36.38 22.14 -11.80
C THR G 300 37.81 22.45 -11.39
N ARG G 301 38.75 22.12 -12.26
CA ARG G 301 40.16 22.40 -12.00
C ARG G 301 40.50 23.87 -12.24
N ALA G 302 39.87 24.49 -13.25
CA ALA G 302 40.13 25.89 -13.54
C ALA G 302 39.68 26.81 -12.40
N ALA G 303 38.51 26.54 -11.81
CA ALA G 303 38.02 27.35 -10.71
C ALA G 303 38.90 27.20 -9.48
N ALA G 304 39.33 25.97 -9.19
CA ALA G 304 40.24 25.76 -8.05
C ALA G 304 41.56 26.47 -8.27
N ALA G 305 42.09 26.42 -9.50
CA ALA G 305 43.32 27.13 -9.79
C ALA G 305 43.15 28.64 -9.65
N ALA G 306 42.00 29.16 -10.08
CA ALA G 306 41.72 30.59 -9.91
C ALA G 306 41.68 30.98 -8.44
N LEU G 307 41.03 30.16 -7.61
CA LEU G 307 40.99 30.45 -6.18
C LEU G 307 42.37 30.39 -5.55
N VAL G 308 43.18 29.40 -5.95
CA VAL G 308 44.53 29.30 -5.41
C VAL G 308 45.36 30.51 -5.83
N GLU G 309 45.18 30.98 -7.06
CA GLU G 309 45.87 32.18 -7.52
C GLU G 309 45.44 33.40 -6.73
N ALA G 310 44.15 33.51 -6.41
CA ALA G 310 43.65 34.64 -5.63
C ALA G 310 44.18 34.66 -4.20
N GLY G 311 44.74 33.55 -3.72
CA GLY G 311 45.33 33.50 -2.41
C GLY G 311 44.50 32.84 -1.33
N ALA G 312 43.57 31.96 -1.69
CA ALA G 312 42.75 31.29 -0.70
C ALA G 312 43.58 30.27 0.07
N ASP G 313 43.29 30.15 1.37
CA ASP G 313 43.99 29.20 2.22
C ASP G 313 43.38 27.81 2.17
N ALA G 314 42.10 27.70 1.79
CA ALA G 314 41.46 26.43 1.52
C ALA G 314 40.40 26.66 0.46
N VAL G 315 40.04 25.59 -0.24
CA VAL G 315 39.07 25.67 -1.33
C VAL G 315 37.92 24.74 -0.99
N LYS G 316 36.70 25.28 -0.97
CA LYS G 316 35.53 24.44 -0.72
C LYS G 316 34.95 23.98 -2.05
N VAL G 317 34.57 22.71 -2.11
CA VAL G 317 34.26 22.03 -3.36
C VAL G 317 32.85 21.47 -3.30
N GLY G 318 32.09 21.71 -4.37
CA GLY G 318 30.80 21.10 -4.61
C GLY G 318 29.79 22.06 -5.18
N VAL G 319 29.23 21.70 -6.35
CA VAL G 319 28.20 22.48 -7.04
C VAL G 319 27.15 21.49 -7.52
N GLY G 320 26.00 21.49 -6.87
CA GLY G 320 24.97 20.51 -7.11
C GLY G 320 25.48 19.09 -7.04
N PRO G 321 26.00 18.68 -5.87
CA PRO G 321 26.56 17.33 -5.76
C PRO G 321 25.53 16.25 -5.45
N GLY G 322 24.33 16.63 -5.01
CA GLY G 322 23.30 15.65 -4.74
C GLY G 322 22.60 15.18 -6.00
N SER G 323 22.15 13.93 -5.99
CA SER G 323 21.60 13.31 -7.18
C SER G 323 20.29 13.99 -7.62
N ILE G 324 19.43 14.32 -6.67
CA ILE G 324 18.14 14.93 -6.99
C ILE G 324 18.16 16.37 -6.51
N CYS G 325 19.33 16.98 -6.54
CA CYS G 325 19.51 18.36 -6.09
C CYS G 325 18.60 19.31 -6.86
N THR G 326 18.20 20.40 -6.20
CA THR G 326 17.38 21.42 -6.85
C THR G 326 18.16 22.13 -7.96
N THR G 327 19.46 22.31 -7.78
CA THR G 327 20.26 22.92 -8.84
C THR G 327 20.23 22.08 -10.11
N ARG G 328 20.36 20.76 -9.98
CA ARG G 328 20.32 19.88 -11.14
C ARG G 328 18.97 19.90 -11.83
N VAL G 329 17.89 19.84 -11.05
CA VAL G 329 16.55 19.75 -11.64
C VAL G 329 16.15 21.08 -12.28
N VAL G 330 16.44 22.19 -11.62
CA VAL G 330 15.96 23.49 -12.07
C VAL G 330 16.88 24.11 -13.11
N ALA G 331 18.19 24.10 -12.89
CA ALA G 331 19.11 24.73 -13.82
C ALA G 331 19.78 23.73 -14.76
N GLY G 332 19.74 22.44 -14.45
CA GLY G 332 20.47 21.47 -15.25
C GLY G 332 21.96 21.47 -15.02
N VAL G 333 22.42 22.07 -13.92
CA VAL G 333 23.83 22.27 -13.64
C VAL G 333 24.23 21.38 -12.48
N GLY G 334 25.41 20.78 -12.57
CA GLY G 334 25.92 20.01 -11.45
C GLY G 334 27.23 19.36 -11.82
N ALA G 335 27.83 18.72 -10.83
CA ALA G 335 29.06 17.97 -11.01
C ALA G 335 29.15 16.86 -9.98
N PRO G 336 29.32 15.61 -10.39
CA PRO G 336 29.48 14.52 -9.42
C PRO G 336 30.71 14.75 -8.54
N GLN G 337 30.58 14.37 -7.27
CA GLN G 337 31.48 14.88 -6.24
C GLN G 337 32.86 14.22 -6.26
N ILE G 338 32.96 12.94 -6.60
CA ILE G 338 34.28 12.29 -6.63
C ILE G 338 35.15 12.92 -7.72
N THR G 339 34.61 13.07 -8.92
CA THR G 339 35.37 13.67 -10.02
C THR G 339 35.68 15.13 -9.74
N ALA G 340 34.74 15.85 -9.14
CA ALA G 340 34.99 17.24 -8.78
C ALA G 340 36.13 17.36 -7.77
N ILE G 341 36.14 16.49 -6.77
CA ILE G 341 37.23 16.51 -5.79
C ILE G 341 38.55 16.17 -6.44
N LEU G 342 38.56 15.16 -7.31
CA LEU G 342 39.81 14.79 -7.98
C LEU G 342 40.36 15.95 -8.81
N GLU G 343 39.48 16.63 -9.55
CA GLU G 343 39.91 17.74 -10.39
C GLU G 343 40.39 18.93 -9.55
N ALA G 344 39.69 19.24 -8.45
CA ALA G 344 40.13 20.33 -7.59
C ALA G 344 41.46 20.02 -6.90
N VAL G 345 41.65 18.77 -6.47
CA VAL G 345 42.88 18.38 -5.80
C VAL G 345 44.05 18.43 -6.77
N ALA G 346 43.83 18.05 -8.03
CA ALA G 346 44.89 18.15 -9.02
C ALA G 346 45.42 19.57 -9.16
N ALA G 347 44.59 20.57 -8.86
CA ALA G 347 45.00 21.97 -8.94
C ALA G 347 45.53 22.51 -7.62
N CYS G 348 45.01 22.03 -6.49
CA CYS G 348 45.38 22.60 -5.20
C CYS G 348 46.58 21.93 -4.55
N LYS G 349 46.76 20.63 -4.75
CA LYS G 349 47.82 19.92 -4.03
C LYS G 349 49.23 20.43 -4.31
N PRO G 350 49.62 20.78 -5.54
CA PRO G 350 50.99 21.30 -5.75
C PRO G 350 51.31 22.56 -4.96
N TYR G 351 50.31 23.32 -4.55
CA TYR G 351 50.52 24.54 -3.79
C TYR G 351 50.24 24.38 -2.30
N GLY G 352 49.89 23.18 -1.85
CA GLY G 352 49.65 22.95 -0.44
C GLY G 352 48.35 23.49 0.09
N VAL G 353 47.37 23.74 -0.78
CA VAL G 353 46.10 24.33 -0.37
C VAL G 353 45.12 23.19 -0.10
N PRO G 354 44.57 23.08 1.11
CA PRO G 354 43.61 22.02 1.39
C PRO G 354 42.29 22.19 0.63
N VAL G 355 41.62 21.06 0.42
CA VAL G 355 40.34 20.99 -0.25
C VAL G 355 39.32 20.46 0.73
N ILE G 356 38.16 21.11 0.80
CA ILE G 356 37.06 20.75 1.68
C ILE G 356 35.94 20.21 0.83
N ALA G 357 35.47 19.00 1.12
CA ALA G 357 34.35 18.40 0.40
C ALA G 357 33.04 18.84 1.03
N ASP G 358 32.13 19.43 0.24
CA ASP G 358 30.92 20.01 0.78
C ASP G 358 29.71 19.50 0.00
N GLY G 359 28.94 18.63 0.61
CA GLY G 359 27.69 18.18 0.04
C GLY G 359 27.78 16.75 -0.49
N GLY G 360 26.64 16.07 -0.50
CA GLY G 360 26.54 14.72 -1.01
C GLY G 360 26.87 13.62 -0.04
N LEU G 361 27.16 13.94 1.22
CA LEU G 361 27.58 12.94 2.20
C LEU G 361 26.37 12.43 2.96
N GLN G 362 26.14 11.11 2.87
CA GLN G 362 25.04 10.47 3.57
C GLN G 362 25.48 9.46 4.62
N TYR G 363 26.65 8.86 4.47
CA TYR G 363 27.16 7.88 5.42
C TYR G 363 28.62 8.19 5.71
N SER G 364 29.18 7.45 6.66
CA SER G 364 30.60 7.63 7.00
C SER G 364 31.51 7.05 5.93
N GLY G 365 31.02 6.05 5.18
CA GLY G 365 31.76 5.57 4.03
C GLY G 365 31.94 6.63 2.98
N ASP G 366 30.94 7.51 2.82
CA ASP G 366 31.08 8.64 1.93
C ASP G 366 32.20 9.57 2.38
N ILE G 367 32.31 9.78 3.69
CA ILE G 367 33.39 10.62 4.22
C ILE G 367 34.76 9.99 3.94
N ALA G 368 34.87 8.67 4.14
CA ALA G 368 36.13 8.00 3.85
C ALA G 368 36.48 8.10 2.37
N LYS G 369 35.49 7.93 1.49
CA LYS G 369 35.73 8.06 0.06
C LYS G 369 36.14 9.48 -0.32
N ALA G 370 35.49 10.48 0.28
CA ALA G 370 35.82 11.86 -0.01
C ALA G 370 37.24 12.21 0.43
N LEU G 371 37.65 11.69 1.58
CA LEU G 371 39.03 11.94 2.03
C LEU G 371 40.03 11.16 1.20
N ALA G 372 39.66 9.98 0.70
CA ALA G 372 40.59 9.21 -0.12
C ALA G 372 40.76 9.82 -1.51
N ALA G 373 39.77 10.57 -2.00
CA ALA G 373 39.87 11.23 -3.29
C ALA G 373 40.82 12.43 -3.25
N GLY G 374 41.25 12.87 -2.07
CA GLY G 374 42.22 13.93 -1.98
C GLY G 374 41.84 15.06 -1.06
N ALA G 375 40.60 15.08 -0.60
CA ALA G 375 40.14 16.15 0.29
C ALA G 375 40.75 15.99 1.68
N SER G 376 40.84 17.11 2.39
CA SER G 376 41.39 17.11 3.75
C SER G 376 40.32 17.16 4.82
N THR G 377 39.19 17.82 4.55
CA THR G 377 38.10 17.91 5.51
C THR G 377 36.79 17.77 4.77
N ALA G 378 35.74 17.47 5.53
CA ALA G 378 34.40 17.28 4.97
C ALA G 378 33.40 18.16 5.72
N MET G 379 32.87 19.16 5.03
CA MET G 379 31.82 19.99 5.58
C MET G 379 30.56 19.13 5.74
N LEU G 380 29.91 19.21 6.89
CA LEU G 380 28.78 18.36 7.19
C LEU G 380 27.51 19.16 7.38
N GLY G 381 26.48 18.80 6.61
CA GLY G 381 25.18 19.42 6.74
C GLY G 381 24.12 18.37 6.53
N SER G 382 22.94 18.64 7.07
CA SER G 382 21.77 17.76 7.02
C SER G 382 21.98 16.60 7.99
N LEU G 383 23.19 16.03 8.02
CA LEU G 383 23.49 14.99 8.99
C LEU G 383 23.52 15.54 10.42
N LEU G 384 23.61 16.86 10.56
CA LEU G 384 23.65 17.52 11.85
C LEU G 384 22.45 18.43 12.08
N ALA G 385 21.56 18.58 11.09
CA ALA G 385 20.45 19.53 11.21
C ALA G 385 19.52 19.17 12.36
N GLY G 386 19.30 17.89 12.61
CA GLY G 386 18.38 17.47 13.64
C GLY G 386 18.99 17.10 14.97
N THR G 387 20.26 17.42 15.21
CA THR G 387 20.89 17.07 16.47
C THR G 387 20.46 18.05 17.56
N ALA G 388 20.87 17.74 18.80
CA ALA G 388 20.45 18.53 19.95
C ALA G 388 21.06 19.92 19.94
N GLU G 389 22.24 20.08 19.34
CA GLU G 389 22.96 21.35 19.37
C GLU G 389 22.61 22.26 18.20
N SER G 390 21.85 21.79 17.24
CA SER G 390 21.47 22.61 16.11
C SER G 390 20.35 23.58 16.50
N PRO G 391 20.22 24.71 15.80
CA PRO G 391 19.16 25.66 16.15
C PRO G 391 17.77 25.07 15.97
N GLY G 392 16.85 25.54 16.79
CA GLY G 392 15.49 25.05 16.80
C GLY G 392 15.07 24.58 18.17
N GLU G 393 13.77 24.32 18.29
CA GLU G 393 13.18 23.85 19.54
C GLU G 393 12.68 22.43 19.38
N LEU G 394 12.96 21.60 20.37
CA LEU G 394 12.54 20.19 20.34
C LEU G 394 11.07 20.10 20.71
N ILE G 395 10.24 19.59 19.79
CA ILE G 395 8.81 19.48 20.00
C ILE G 395 8.38 18.05 19.69
N PHE G 396 7.21 17.68 20.20
CA PHE G 396 6.58 16.40 19.94
C PHE G 396 5.38 16.59 19.04
N VAL G 397 5.34 15.87 17.92
CA VAL G 397 4.19 15.87 17.01
C VAL G 397 3.90 14.43 16.62
N ASN G 398 2.65 14.01 16.80
CA ASN G 398 2.19 12.69 16.38
C ASN G 398 3.05 11.57 16.96
N GLY G 399 3.54 11.76 18.18
CA GLY G 399 4.32 10.74 18.84
C GLY G 399 5.77 10.67 18.42
N LYS G 400 6.25 11.61 17.60
CA LYS G 400 7.65 11.64 17.19
C LYS G 400 8.22 13.04 17.40
N GLN G 401 9.52 13.10 17.64
CA GLN G 401 10.19 14.35 17.95
C GLN G 401 10.67 15.04 16.68
N PHE G 402 10.49 16.37 16.64
CA PHE G 402 10.97 17.20 15.55
C PHE G 402 11.63 18.43 16.12
N LYS G 403 12.36 19.14 15.25
CA LYS G 403 13.00 20.39 15.59
C LYS G 403 12.30 21.51 14.83
N SER G 404 11.77 22.48 15.57
CA SER G 404 10.89 23.50 15.04
C SER G 404 11.62 24.85 14.96
N TYR G 405 11.25 25.63 13.95
CA TYR G 405 11.82 26.94 13.73
C TYR G 405 10.71 27.99 13.68
N TYR G 428 16.38 38.98 3.20
CA TYR G 428 17.15 40.22 3.25
C TYR G 428 18.63 39.93 3.22
N PHE G 429 19.05 38.90 3.96
CA PHE G 429 20.45 38.54 4.09
C PHE G 429 20.87 37.44 3.13
N GLN G 430 19.94 36.95 2.30
CA GLN G 430 20.25 35.96 1.27
C GLN G 430 20.51 36.70 -0.03
N ASP G 431 21.73 37.18 -0.17
CA ASP G 431 22.14 37.99 -1.31
C ASP G 431 22.69 37.19 -2.47
N ASP G 432 22.84 35.87 -2.32
CA ASP G 432 23.43 35.05 -3.37
C ASP G 432 22.43 34.87 -4.50
N VAL G 433 22.84 35.25 -5.71
CA VAL G 433 21.91 35.21 -6.84
C VAL G 433 21.70 33.80 -7.35
N LEU G 434 22.69 32.91 -7.18
CA LEU G 434 22.59 31.54 -7.67
C LEU G 434 22.31 30.53 -6.57
N SER G 435 21.92 30.98 -5.37
CA SER G 435 21.58 30.05 -4.31
C SER G 435 20.28 29.33 -4.62
N GLU G 436 20.10 28.18 -3.98
CA GLU G 436 18.95 27.32 -4.30
C GLU G 436 17.63 27.92 -3.83
N ASP G 437 17.64 28.87 -2.90
CA ASP G 437 16.40 29.51 -2.49
C ASP G 437 15.85 30.41 -3.58
N LYS G 438 16.68 30.87 -4.51
CA LYS G 438 16.20 31.64 -5.65
C LYS G 438 15.56 30.76 -6.70
N LEU G 439 15.82 29.46 -6.67
CA LEU G 439 15.33 28.53 -7.68
C LEU G 439 14.02 27.86 -7.27
N VAL G 440 13.93 27.45 -6.00
CA VAL G 440 12.71 26.85 -5.49
C VAL G 440 11.61 27.90 -5.42
N PRO G 441 10.35 27.56 -5.73
CA PRO G 441 9.29 28.58 -5.70
C PRO G 441 9.05 29.17 -4.32
N GLU G 442 9.50 28.52 -3.25
CA GLU G 442 9.35 29.03 -1.89
C GLU G 442 7.88 29.29 -1.54
N ARG G 447 10.59 21.49 9.53
CA ARG G 447 10.67 20.38 10.46
C ARG G 447 11.69 19.34 10.03
N VAL G 448 12.66 19.09 10.91
CA VAL G 448 13.66 18.04 10.69
C VAL G 448 13.53 17.03 11.81
N PRO G 449 13.62 15.73 11.54
CA PRO G 449 13.53 14.74 12.62
C PRO G 449 14.68 14.87 13.60
N PHE G 450 14.38 14.59 14.87
CA PHE G 450 15.39 14.65 15.90
C PHE G 450 16.41 13.53 15.73
N ARG G 451 17.68 13.85 15.94
CA ARG G 451 18.76 12.90 15.72
C ARG G 451 19.56 12.57 16.97
N GLY G 452 19.36 13.28 18.07
CA GLY G 452 20.07 13.01 19.29
C GLY G 452 21.22 13.96 19.51
N PRO G 453 22.10 13.63 20.46
CA PRO G 453 23.27 14.48 20.70
C PRO G 453 24.26 14.42 19.54
N LEU G 454 25.04 15.49 19.42
CA LEU G 454 26.05 15.57 18.37
C LEU G 454 27.18 14.58 18.59
N GLY G 455 27.55 14.33 19.84
CA GLY G 455 28.71 13.50 20.13
C GLY G 455 28.58 12.09 19.59
N THR G 456 27.38 11.51 19.68
CA THR G 456 27.17 10.16 19.15
C THR G 456 27.34 10.13 17.63
N VAL G 457 26.81 11.14 16.94
CA VAL G 457 26.96 11.21 15.49
C VAL G 457 28.43 11.33 15.12
N ILE G 458 29.16 12.19 15.81
CA ILE G 458 30.58 12.37 15.51
C ILE G 458 31.34 11.08 15.77
N HIS G 459 31.02 10.39 16.87
CA HIS G 459 31.72 9.15 17.18
C HIS G 459 31.42 8.07 16.15
N GLN G 460 30.17 7.98 15.67
CA GLN G 460 29.86 7.00 14.63
C GLN G 460 30.62 7.29 13.35
N LEU G 461 30.65 8.57 12.94
CA LEU G 461 31.36 8.93 11.72
C LEU G 461 32.86 8.63 11.84
N THR G 462 33.44 8.97 13.00
CA THR G 462 34.86 8.73 13.20
C THR G 462 35.18 7.24 13.29
N GLY G 463 34.27 6.44 13.84
CA GLY G 463 34.46 5.00 13.84
C GLY G 463 34.48 4.42 12.44
N GLY G 464 33.56 4.88 11.58
CA GLY G 464 33.60 4.46 10.19
C GLY G 464 34.88 4.88 9.49
N LEU G 465 35.34 6.10 9.75
CA LEU G 465 36.59 6.57 9.15
C LEU G 465 37.77 5.74 9.62
N ARG G 466 37.82 5.39 10.91
CA ARG G 466 38.91 4.58 11.42
C ARG G 466 38.86 3.16 10.85
N ALA G 467 37.66 2.62 10.65
CA ALA G 467 37.55 1.32 10.00
C ALA G 467 38.09 1.37 8.58
N ALA G 468 37.78 2.44 7.84
CA ALA G 468 38.32 2.58 6.49
C ALA G 468 39.84 2.69 6.51
N MET G 469 40.39 3.45 7.47
CA MET G 469 41.84 3.59 7.55
C MET G 469 42.51 2.27 7.94
N GLY G 470 41.85 1.46 8.76
CA GLY G 470 42.38 0.13 9.03
C GLY G 470 42.34 -0.79 7.83
N TYR G 471 41.26 -0.71 7.04
CA TYR G 471 41.15 -1.56 5.85
C TYR G 471 42.16 -1.18 4.79
N THR G 472 42.37 0.12 4.56
CA THR G 472 43.27 0.54 3.50
C THR G 472 44.73 0.62 3.92
N GLY G 473 45.02 0.40 5.20
CA GLY G 473 46.40 0.47 5.66
C GLY G 473 46.93 1.86 5.83
N SER G 474 46.06 2.82 6.14
CA SER G 474 46.43 4.24 6.21
C SER G 474 46.64 4.61 7.67
N ALA G 475 47.88 4.92 8.03
CA ALA G 475 48.16 5.36 9.39
C ALA G 475 47.68 6.79 9.64
N THR G 476 47.66 7.62 8.59
CA THR G 476 47.27 9.01 8.68
C THR G 476 46.28 9.34 7.57
N ILE G 477 45.71 10.54 7.64
CA ILE G 477 44.82 11.00 6.58
C ILE G 477 45.61 11.26 5.30
N GLU G 478 46.85 11.71 5.42
CA GLU G 478 47.70 11.93 4.24
C GLU G 478 48.00 10.62 3.53
N GLN G 479 47.98 9.50 4.26
CA GLN G 479 48.12 8.20 3.61
C GLN G 479 46.78 7.69 3.07
N LEU G 480 45.67 8.04 3.72
CA LEU G 480 44.37 7.70 3.17
C LEU G 480 44.12 8.41 1.85
N GLN G 481 44.72 9.58 1.66
CA GLN G 481 44.57 10.30 0.40
C GLN G 481 45.29 9.64 -0.75
N GLN G 482 46.09 8.60 -0.49
CA GLN G 482 46.78 7.85 -1.53
C GLN G 482 46.13 6.50 -1.84
N ALA G 483 44.93 6.26 -1.31
CA ALA G 483 44.26 4.98 -1.49
C ALA G 483 43.61 4.89 -2.88
N GLN G 484 43.41 3.66 -3.33
CA GLN G 484 42.86 3.37 -4.65
C GLN G 484 41.38 3.01 -4.57
N PHE G 485 40.69 3.23 -5.69
CA PHE G 485 39.28 2.94 -5.82
C PHE G 485 39.06 1.77 -6.77
N VAL G 486 37.93 1.10 -6.58
CA VAL G 486 37.37 0.17 -7.56
C VAL G 486 36.02 0.72 -7.98
N GLN G 487 35.79 0.79 -9.28
CA GLN G 487 34.53 1.29 -9.80
C GLN G 487 33.54 0.13 -9.97
N ILE G 488 32.31 0.35 -9.52
CA ILE G 488 31.30 -0.68 -9.54
C ILE G 488 30.24 -0.33 -10.57
N THR G 489 29.49 -1.35 -10.99
CA THR G 489 28.43 -1.18 -11.97
C THR G 489 27.10 -0.92 -11.27
N ALA G 490 26.03 -0.82 -12.07
CA ALA G 490 24.70 -0.60 -11.51
C ALA G 490 24.25 -1.79 -10.68
N ALA G 491 24.62 -3.00 -11.09
CA ALA G 491 24.24 -4.20 -10.34
C ALA G 491 24.82 -4.20 -8.94
N GLY G 492 25.86 -3.42 -8.68
CA GLY G 492 26.41 -3.31 -7.35
C GLY G 492 25.61 -2.44 -6.40
N LEU G 493 24.59 -1.74 -6.91
CA LEU G 493 23.75 -0.89 -6.09
C LEU G 493 22.37 -1.49 -5.82
N LYS G 494 22.12 -2.71 -6.28
CA LYS G 494 20.81 -3.34 -6.09
C LYS G 494 20.64 -3.84 -4.67
N VAL H 12 45.74 14.23 -21.52
CA VAL H 12 46.55 14.23 -20.30
C VAL H 12 45.73 13.90 -19.04
N PRO H 13 44.56 14.52 -18.86
CA PRO H 13 43.73 14.15 -17.71
C PRO H 13 43.04 12.81 -17.92
N VAL H 14 42.74 12.15 -16.80
CA VAL H 14 41.93 10.93 -16.82
C VAL H 14 40.48 11.29 -17.09
N PRO H 15 39.74 10.50 -17.88
CA PRO H 15 38.34 10.86 -18.17
C PRO H 15 37.44 10.89 -16.94
N THR H 16 37.81 10.23 -15.85
CA THR H 16 37.03 10.26 -14.62
C THR H 16 37.58 11.23 -13.59
N GLY H 17 38.60 11.99 -13.91
CA GLY H 17 39.12 12.99 -12.99
C GLY H 17 40.56 12.78 -12.57
N GLY H 18 41.29 13.87 -12.40
CA GLY H 18 42.67 13.80 -11.94
C GLY H 18 43.65 13.48 -13.05
N ASP H 19 44.92 13.38 -12.66
CA ASP H 19 46.00 13.05 -13.58
C ASP H 19 46.57 11.66 -13.35
N ASP H 20 46.10 10.94 -12.33
CA ASP H 20 46.62 9.61 -12.02
C ASP H 20 45.70 8.57 -12.64
N PRO H 21 46.15 7.79 -13.62
CA PRO H 21 45.30 6.76 -14.22
C PRO H 21 45.13 5.51 -13.37
N THR H 22 45.80 5.42 -12.22
CA THR H 22 45.68 4.26 -11.34
C THR H 22 44.85 4.54 -10.10
N LYS H 23 44.29 5.75 -9.97
CA LYS H 23 43.46 6.05 -8.82
C LYS H 23 42.21 5.17 -8.79
N VAL H 24 41.56 5.00 -9.93
CA VAL H 24 40.48 4.03 -10.09
C VAL H 24 41.10 2.83 -10.80
N ALA H 25 41.45 1.81 -10.03
CA ALA H 25 42.30 0.73 -10.54
C ALA H 25 41.55 -0.17 -11.51
N MET H 26 40.34 -0.61 -11.15
CA MET H 26 39.62 -1.60 -11.92
C MET H 26 38.14 -1.27 -11.96
N LEU H 27 37.43 -1.95 -12.84
CA LEU H 27 35.98 -2.00 -12.84
C LEU H 27 35.56 -3.33 -12.25
N GLY H 28 34.82 -3.29 -11.14
CA GLY H 28 34.48 -4.50 -10.42
C GLY H 28 33.18 -5.11 -10.89
N LEU H 29 33.22 -6.40 -11.19
CA LEU H 29 32.05 -7.15 -11.62
C LEU H 29 31.52 -7.99 -10.47
N THR H 30 30.21 -7.95 -10.26
CA THR H 30 29.55 -8.80 -9.29
C THR H 30 28.90 -9.98 -10.02
N PHE H 31 28.17 -10.80 -9.27
CA PHE H 31 27.53 -11.97 -9.86
C PHE H 31 26.45 -11.59 -10.85
N ASP H 32 25.70 -10.53 -10.56
CA ASP H 32 24.61 -10.10 -11.44
C ASP H 32 25.10 -9.50 -12.74
N ASP H 33 26.40 -9.23 -12.88
CA ASP H 33 26.92 -8.61 -14.08
C ASP H 33 27.25 -9.59 -15.19
N VAL H 34 27.35 -10.89 -14.88
CA VAL H 34 27.82 -11.86 -15.85
C VAL H 34 26.84 -13.02 -15.95
N LEU H 35 26.93 -13.74 -17.07
CA LEU H 35 26.23 -14.99 -17.28
C LEU H 35 27.18 -15.96 -17.95
N LEU H 36 26.92 -17.25 -17.77
CA LEU H 36 27.72 -18.28 -18.41
C LEU H 36 27.24 -18.50 -19.85
N LEU H 37 28.17 -18.49 -20.79
CA LEU H 37 27.85 -18.77 -22.17
C LEU H 37 27.72 -20.27 -22.39
N PRO H 38 26.67 -20.73 -23.07
CA PRO H 38 26.61 -22.15 -23.45
C PRO H 38 27.73 -22.50 -24.41
N ALA H 39 28.23 -23.73 -24.29
CA ALA H 39 29.32 -24.20 -25.12
C ALA H 39 29.02 -25.62 -25.58
N ALA H 40 29.89 -26.14 -26.45
CA ALA H 40 29.71 -27.50 -26.96
C ALA H 40 29.74 -28.49 -25.80
N SER H 41 28.68 -29.28 -25.68
CA SER H 41 28.47 -30.11 -24.51
C SER H 41 28.15 -31.53 -24.94
N ASP H 42 28.81 -32.50 -24.28
CA ASP H 42 28.44 -33.90 -24.36
C ASP H 42 28.15 -34.42 -22.95
N VAL H 43 27.74 -33.53 -22.06
CA VAL H 43 27.65 -33.80 -20.63
C VAL H 43 26.19 -33.88 -20.24
N VAL H 44 25.80 -35.01 -19.67
CA VAL H 44 24.48 -35.15 -19.04
C VAL H 44 24.58 -34.64 -17.61
N PRO H 45 23.64 -33.81 -17.16
CA PRO H 45 23.75 -33.28 -15.78
C PRO H 45 23.85 -34.36 -14.72
N ALA H 46 23.20 -35.51 -14.91
CA ALA H 46 23.25 -36.56 -13.90
C ALA H 46 24.61 -37.23 -13.81
N THR H 47 25.42 -37.19 -14.87
CA THR H 47 26.74 -37.80 -14.88
C THR H 47 27.86 -36.82 -14.62
N ALA H 48 27.54 -35.55 -14.39
CA ALA H 48 28.58 -34.55 -14.15
C ALA H 48 29.24 -34.77 -12.79
N ASP H 49 30.56 -34.70 -12.77
CA ASP H 49 31.36 -34.92 -11.57
C ASP H 49 31.58 -33.58 -10.87
N THR H 50 30.99 -33.41 -9.70
CA THR H 50 31.03 -32.15 -8.97
C THR H 50 32.09 -32.12 -7.87
N SER H 51 33.00 -33.09 -7.84
CA SER H 51 34.03 -33.11 -6.82
C SER H 51 35.08 -32.04 -7.09
N SER H 52 35.59 -31.46 -6.02
CA SER H 52 36.53 -30.35 -6.14
C SER H 52 37.46 -30.35 -4.92
N GLN H 53 38.61 -29.70 -5.09
CA GLN H 53 39.61 -29.61 -4.03
C GLN H 53 39.23 -28.53 -3.03
N LEU H 54 39.19 -28.88 -1.75
CA LEU H 54 39.05 -27.88 -0.71
C LEU H 54 40.39 -27.27 -0.35
N THR H 55 41.38 -28.12 -0.06
CA THR H 55 42.75 -27.68 0.12
C THR H 55 43.63 -28.49 -0.82
N LYS H 56 44.96 -28.36 -0.67
CA LYS H 56 45.86 -29.13 -1.51
C LYS H 56 45.74 -30.63 -1.29
N ARG H 57 45.27 -31.05 -0.11
CA ARG H 57 45.23 -32.46 0.25
C ARG H 57 43.83 -32.97 0.59
N ILE H 58 42.80 -32.14 0.51
CA ILE H 58 41.44 -32.53 0.84
C ILE H 58 40.55 -32.27 -0.37
N ARG H 59 39.79 -33.29 -0.75
CA ARG H 59 38.87 -33.20 -1.88
C ARG H 59 37.47 -33.59 -1.42
N LEU H 60 36.49 -32.76 -1.77
CA LEU H 60 35.10 -32.99 -1.39
C LEU H 60 34.30 -33.48 -2.60
N ARG H 61 33.25 -34.25 -2.32
CA ARG H 61 32.35 -34.66 -3.40
C ARG H 61 31.42 -33.53 -3.82
N VAL H 62 31.12 -32.61 -2.91
CA VAL H 62 30.29 -31.45 -3.16
C VAL H 62 31.10 -30.22 -2.77
N PRO H 63 31.31 -29.25 -3.66
CA PRO H 63 32.21 -28.12 -3.39
C PRO H 63 31.60 -27.03 -2.52
N LEU H 64 31.03 -27.41 -1.39
CA LEU H 64 30.31 -26.49 -0.52
C LEU H 64 30.76 -26.64 0.92
N VAL H 65 30.91 -25.52 1.62
CA VAL H 65 31.36 -25.49 3.00
C VAL H 65 30.46 -24.53 3.78
N SER H 66 30.32 -24.81 5.08
CA SER H 66 29.61 -23.89 5.98
C SER H 66 30.55 -22.77 6.44
N SER H 67 29.94 -21.67 6.90
CA SER H 67 30.62 -20.38 6.92
C SER H 67 31.28 -20.02 8.25
N ALA H 68 31.19 -20.88 9.27
CA ALA H 68 31.78 -20.59 10.59
C ALA H 68 31.18 -19.32 11.21
N MET H 69 29.85 -19.29 11.25
CA MET H 69 29.10 -18.23 11.92
C MET H 69 28.28 -18.86 13.03
N ASP H 70 28.06 -18.10 14.11
CA ASP H 70 27.40 -18.66 15.27
C ASP H 70 25.94 -19.00 15.03
N THR H 71 25.36 -18.53 13.93
CA THR H 71 24.01 -18.89 13.53
C THR H 71 23.98 -19.98 12.47
N VAL H 72 25.13 -20.50 12.05
CA VAL H 72 25.16 -21.46 10.96
C VAL H 72 25.70 -22.80 11.41
N THR H 73 26.94 -22.83 11.89
CA THR H 73 27.68 -24.09 12.04
C THR H 73 27.96 -24.39 13.49
N GLU H 74 27.48 -25.55 13.94
CA GLU H 74 27.93 -26.19 15.18
C GLU H 74 28.06 -27.68 14.85
N SER H 75 28.15 -28.51 15.89
CA SER H 75 28.43 -29.93 15.67
C SER H 75 27.37 -30.58 14.78
N ARG H 76 26.10 -30.20 14.96
CA ARG H 76 25.03 -30.79 14.17
C ARG H 76 25.14 -30.40 12.69
N MET H 77 25.35 -29.11 12.43
CA MET H 77 25.53 -28.66 11.05
C MET H 77 26.80 -29.23 10.43
N ALA H 78 27.88 -29.34 11.21
CA ALA H 78 29.10 -29.92 10.69
C ALA H 78 28.90 -31.39 10.31
N ILE H 79 28.19 -32.15 11.15
CA ILE H 79 27.92 -33.55 10.84
C ILE H 79 27.06 -33.67 9.60
N ALA H 80 26.01 -32.85 9.49
CA ALA H 80 25.13 -32.90 8.33
C ALA H 80 25.86 -32.53 7.04
N MET H 81 26.71 -31.50 7.11
CA MET H 81 27.45 -31.07 5.93
C MET H 81 28.48 -32.10 5.51
N ALA H 82 29.14 -32.75 6.48
CA ALA H 82 30.08 -33.81 6.12
C ALA H 82 29.35 -35.00 5.51
N ARG H 83 28.18 -35.36 6.03
CA ARG H 83 27.41 -36.45 5.46
C ARG H 83 26.89 -36.11 4.07
N ALA H 84 26.67 -34.83 3.78
CA ALA H 84 26.11 -34.43 2.49
C ALA H 84 27.14 -34.38 1.38
N GLY H 85 28.43 -34.50 1.70
CA GLY H 85 29.48 -34.47 0.70
C GLY H 85 30.41 -33.27 0.80
N GLY H 86 30.09 -32.29 1.64
CA GLY H 86 30.93 -31.13 1.81
C GLY H 86 31.68 -31.13 3.13
N MET H 87 31.69 -29.98 3.80
CA MET H 87 32.32 -29.88 5.10
C MET H 87 31.73 -28.68 5.84
N GLY H 88 31.92 -28.66 7.15
CA GLY H 88 31.51 -27.53 7.97
C GLY H 88 32.69 -27.00 8.74
N VAL H 89 32.73 -25.68 8.93
CA VAL H 89 33.75 -25.02 9.72
C VAL H 89 33.07 -24.49 10.99
N LEU H 90 33.57 -24.94 12.14
CA LEU H 90 32.98 -24.55 13.41
C LEU H 90 33.39 -23.13 13.79
N HIS H 91 32.42 -22.35 14.26
CA HIS H 91 32.69 -20.97 14.63
C HIS H 91 33.51 -20.93 15.93
N ARG H 92 34.09 -19.75 16.20
CA ARG H 92 34.97 -19.57 17.35
C ARG H 92 34.42 -18.56 18.34
N ASN H 93 33.11 -18.31 18.34
CA ASN H 93 32.49 -17.36 19.25
C ASN H 93 32.00 -18.09 20.51
N LEU H 94 32.93 -18.75 21.17
CA LEU H 94 32.64 -19.59 22.31
C LEU H 94 33.97 -20.00 22.96
N PRO H 95 33.94 -20.47 24.20
CA PRO H 95 35.19 -20.86 24.87
C PRO H 95 35.92 -21.98 24.14
N VAL H 96 37.22 -22.04 24.37
CA VAL H 96 38.07 -23.02 23.69
C VAL H 96 37.61 -24.44 24.00
N ALA H 97 37.21 -24.68 25.26
CA ALA H 97 36.78 -26.01 25.66
C ALA H 97 35.53 -26.43 24.91
N GLU H 98 34.57 -25.52 24.73
CA GLU H 98 33.35 -25.86 24.00
C GLU H 98 33.65 -26.17 22.54
N GLN H 99 34.52 -25.40 21.90
CA GLN H 99 34.85 -25.65 20.51
C GLN H 99 35.56 -26.98 20.34
N ALA H 100 36.49 -27.29 21.25
CA ALA H 100 37.17 -28.59 21.20
C ALA H 100 36.18 -29.72 21.45
N GLY H 101 35.22 -29.50 22.35
CA GLY H 101 34.21 -30.52 22.60
C GLY H 101 33.33 -30.77 21.39
N GLN H 102 33.01 -29.71 20.65
CA GLN H 102 32.24 -29.89 19.42
C GLN H 102 33.06 -30.60 18.35
N VAL H 103 34.36 -30.31 18.28
CA VAL H 103 35.22 -31.09 17.38
C VAL H 103 35.18 -32.56 17.74
N GLU H 104 35.26 -32.87 19.04
CA GLU H 104 35.20 -34.26 19.48
C GLU H 104 33.85 -34.90 19.17
N THR H 105 32.77 -34.13 19.33
CA THR H 105 31.44 -34.64 19.01
C THR H 105 31.32 -34.99 17.53
N VAL H 106 31.85 -34.14 16.66
CA VAL H 106 31.81 -34.44 15.23
C VAL H 106 32.69 -35.65 14.92
N LYS H 107 33.85 -35.74 15.57
CA LYS H 107 34.82 -36.77 15.22
C LYS H 107 34.39 -38.15 15.66
N ARG H 108 33.64 -38.26 16.76
CA ARG H 108 33.19 -39.55 17.28
C ARG H 108 31.75 -39.84 16.91
N SER H 109 31.33 -39.46 15.71
CA SER H 109 29.94 -39.57 15.29
C SER H 109 29.67 -40.81 14.44
N GLU H 110 30.42 -41.00 13.35
CA GLU H 110 30.12 -42.00 12.35
C GLU H 110 31.37 -42.84 12.10
N ALA H 111 31.33 -44.09 12.56
CA ALA H 111 32.47 -45.01 12.51
C ALA H 111 33.70 -44.40 13.19
N GLY H 112 33.46 -43.73 14.31
CA GLY H 112 34.51 -43.06 15.06
C GLY H 112 34.97 -43.75 16.31
N MET H 113 34.34 -44.84 16.71
CA MET H 113 34.71 -45.59 17.90
C MET H 113 35.57 -46.81 17.58
N VAL H 114 35.89 -47.04 16.31
CA VAL H 114 36.55 -48.29 15.90
C VAL H 114 38.05 -48.28 16.12
N THR H 115 38.61 -47.22 16.70
CA THR H 115 40.05 -47.20 16.95
C THR H 115 40.37 -46.78 18.37
N ASP H 116 39.48 -46.00 18.98
CA ASP H 116 39.60 -45.66 20.39
C ASP H 116 38.24 -45.24 20.91
N PRO H 117 37.41 -46.18 21.34
CA PRO H 117 36.03 -45.85 21.72
C PRO H 117 35.96 -45.19 23.09
N VAL H 118 34.82 -44.58 23.35
CA VAL H 118 34.53 -44.00 24.66
C VAL H 118 33.85 -45.07 25.50
N THR H 119 34.20 -45.12 26.78
CA THR H 119 33.76 -46.17 27.68
C THR H 119 33.20 -45.56 28.95
N CYS H 120 32.64 -46.43 29.80
CA CYS H 120 32.14 -46.04 31.12
C CYS H 120 32.65 -47.02 32.15
N SER H 121 32.86 -46.52 33.36
CA SER H 121 33.29 -47.38 34.45
C SER H 121 32.11 -48.09 35.09
N PRO H 122 32.34 -49.25 35.71
CA PRO H 122 31.23 -49.94 36.38
C PRO H 122 30.64 -49.16 37.54
N ASP H 123 31.33 -48.13 38.02
CA ASP H 123 30.84 -47.30 39.11
C ASP H 123 30.05 -46.08 38.63
N ASN H 124 29.93 -45.87 37.32
CA ASN H 124 29.22 -44.72 36.81
C ASN H 124 27.72 -44.83 37.10
N THR H 125 27.08 -43.68 37.26
CA THR H 125 25.64 -43.64 37.37
C THR H 125 25.01 -43.71 35.98
N LEU H 126 23.73 -44.08 35.94
CA LEU H 126 23.03 -44.17 34.67
C LEU H 126 22.84 -42.80 34.04
N ALA H 127 22.80 -41.73 34.84
CA ALA H 127 22.65 -40.39 34.30
C ALA H 127 23.85 -40.00 33.45
N GLU H 128 25.06 -40.34 33.89
CA GLU H 128 26.25 -40.02 33.13
C GLU H 128 26.29 -40.76 31.80
N VAL H 129 25.96 -42.05 31.83
CA VAL H 129 25.96 -42.83 30.60
C VAL H 129 24.90 -42.32 29.64
N ASP H 130 23.72 -41.96 30.17
CA ASP H 130 22.68 -41.40 29.34
C ASP H 130 23.13 -40.08 28.71
N ALA H 131 23.81 -39.23 29.48
CA ALA H 131 24.31 -37.97 28.93
C ALA H 131 25.34 -38.21 27.84
N MET H 132 26.25 -39.16 28.04
CA MET H 132 27.25 -39.45 27.02
C MET H 132 26.59 -39.99 25.75
N CYS H 133 25.61 -40.87 25.89
CA CYS H 133 24.90 -41.41 24.74
C CYS H 133 24.13 -40.32 24.01
N ALA H 134 23.54 -39.38 24.76
CA ALA H 134 22.84 -38.26 24.14
C ALA H 134 23.79 -37.36 23.38
N ARG H 135 24.98 -37.12 23.94
CA ARG H 135 25.96 -36.28 23.26
C ARG H 135 26.46 -36.92 21.97
N PHE H 136 26.87 -38.18 22.04
CA PHE H 136 27.46 -38.82 20.88
C PHE H 136 26.44 -39.51 19.99
N ARG H 137 25.14 -39.41 20.32
N ARG H 137 25.15 -39.43 20.33
CA ARG H 137 24.07 -39.99 19.52
CA ARG H 137 24.06 -39.99 19.52
C ARG H 137 24.27 -41.49 19.31
C ARG H 137 24.25 -41.49 19.33
N ILE H 138 24.67 -42.19 20.38
CA ILE H 138 24.81 -43.63 20.37
C ILE H 138 23.86 -44.21 21.41
N SER H 139 23.71 -45.53 21.38
CA SER H 139 22.75 -46.20 22.26
C SER H 139 23.44 -47.29 23.07
N GLY H 140 24.68 -47.05 23.48
CA GLY H 140 25.38 -48.03 24.28
C GLY H 140 26.87 -47.80 24.41
N LEU H 141 27.45 -48.32 25.49
CA LEU H 141 28.86 -48.15 25.81
C LEU H 141 29.42 -49.44 26.40
N PRO H 142 30.61 -49.84 25.96
CA PRO H 142 31.34 -50.88 26.68
C PRO H 142 31.76 -50.40 28.06
N VAL H 143 31.78 -51.34 29.00
CA VAL H 143 32.08 -51.05 30.40
C VAL H 143 33.38 -51.76 30.75
N VAL H 144 34.37 -50.97 31.17
CA VAL H 144 35.73 -51.43 31.43
C VAL H 144 36.09 -51.04 32.86
N ASP H 145 36.67 -51.98 33.60
CA ASP H 145 36.95 -51.78 35.02
C ASP H 145 38.24 -50.97 35.21
N ASP H 146 38.53 -50.65 36.48
CA ASP H 146 39.74 -49.89 36.80
C ASP H 146 41.00 -50.63 36.38
N THR H 147 40.95 -51.96 36.34
CA THR H 147 42.09 -52.74 35.85
C THR H 147 42.36 -52.43 34.39
N GLY H 148 41.31 -52.25 33.60
CA GLY H 148 41.43 -52.05 32.17
C GLY H 148 40.90 -53.19 31.32
N GLU H 149 40.16 -54.13 31.91
CA GLU H 149 39.62 -55.26 31.18
C GLU H 149 38.15 -55.01 30.83
N LEU H 150 37.74 -55.50 29.66
CA LEU H 150 36.37 -55.35 29.20
C LEU H 150 35.46 -56.25 30.03
N VAL H 151 34.63 -55.65 30.88
CA VAL H 151 33.77 -56.43 31.76
C VAL H 151 32.30 -56.45 31.33
N GLY H 152 31.87 -55.52 30.50
CA GLY H 152 30.48 -55.59 30.08
C GLY H 152 30.15 -54.62 28.97
N ILE H 153 28.86 -54.48 28.70
CA ILE H 153 28.34 -53.49 27.77
C ILE H 153 26.92 -53.11 28.20
N ILE H 154 26.63 -51.82 28.23
CA ILE H 154 25.34 -51.32 28.66
C ILE H 154 24.72 -50.51 27.53
N THR H 155 23.51 -50.87 27.14
CA THR H 155 22.84 -50.29 25.98
C THR H 155 21.51 -49.65 26.38
N ASN H 156 20.72 -49.27 25.37
CA ASN H 156 19.46 -48.58 25.63
C ASN H 156 18.41 -49.51 26.23
N ARG H 157 18.38 -50.78 25.81
CA ARG H 157 17.41 -51.71 26.38
C ARG H 157 17.65 -51.96 27.86
N ASP H 158 18.91 -51.93 28.29
CA ASP H 158 19.21 -52.13 29.70
C ASP H 158 18.71 -50.96 30.55
N MET H 159 18.71 -49.75 30.01
CA MET H 159 18.41 -48.55 30.78
C MET H 159 17.01 -48.00 30.56
N ARG H 160 16.27 -48.48 29.55
CA ARG H 160 15.04 -47.80 29.16
C ARG H 160 13.93 -47.94 30.19
N PHE H 161 14.03 -48.91 31.10
CA PHE H 161 12.99 -49.13 32.09
C PHE H 161 13.51 -49.04 33.52
N GLU H 162 14.69 -48.47 33.72
CA GLU H 162 15.22 -48.23 35.06
C GLU H 162 14.74 -46.86 35.53
N VAL H 163 13.88 -46.85 36.55
CA VAL H 163 13.31 -45.60 37.03
C VAL H 163 14.38 -44.75 37.71
N ASP H 164 15.22 -45.39 38.54
CA ASP H 164 16.25 -44.67 39.29
C ASP H 164 17.51 -44.56 38.44
N GLN H 165 17.92 -43.32 38.16
CA GLN H 165 19.06 -43.06 37.30
C GLN H 165 20.38 -43.00 38.04
N SER H 166 20.38 -43.17 39.37
CA SER H 166 21.61 -43.17 40.14
C SER H 166 22.23 -44.55 40.28
N LYS H 167 21.59 -45.59 39.74
CA LYS H 167 22.11 -46.94 39.88
C LYS H 167 23.45 -47.08 39.16
N PRO H 168 24.34 -47.90 39.68
CA PRO H 168 25.62 -48.12 38.99
C PRO H 168 25.43 -48.89 37.70
N VAL H 169 26.42 -48.76 36.81
CA VAL H 169 26.36 -49.45 35.53
C VAL H 169 26.39 -50.95 35.73
N SER H 170 27.15 -51.42 36.74
CA SER H 170 27.33 -52.85 36.92
C SER H 170 26.02 -53.56 37.24
N GLU H 171 25.14 -52.90 37.99
CA GLU H 171 23.86 -53.52 38.33
C GLU H 171 22.89 -53.54 37.16
N VAL H 172 23.19 -52.83 36.07
CA VAL H 172 22.26 -52.70 34.94
C VAL H 172 22.84 -53.33 33.69
N MET H 173 24.18 -53.33 33.58
CA MET H 173 24.84 -53.73 32.36
C MET H 173 24.68 -55.23 32.09
N THR H 174 25.25 -55.66 30.97
CA THR H 174 25.28 -57.07 30.60
C THR H 174 26.69 -57.60 30.84
N LYS H 175 26.81 -58.61 31.70
CA LYS H 175 28.10 -59.12 32.11
C LYS H 175 28.80 -59.87 30.98
N ALA H 176 30.13 -59.91 31.07
CA ALA H 176 30.94 -60.68 30.14
C ALA H 176 30.77 -62.18 30.43
N PRO H 177 31.04 -63.05 29.43
CA PRO H 177 31.57 -62.79 28.09
C PRO H 177 30.57 -62.15 27.14
N LEU H 178 31.07 -61.52 26.09
CA LEU H 178 30.27 -60.83 25.09
C LEU H 178 30.54 -61.42 23.72
N ILE H 179 29.76 -61.00 22.74
CA ILE H 179 30.00 -61.36 21.35
C ILE H 179 30.93 -60.29 20.78
N THR H 180 32.18 -60.67 20.52
CA THR H 180 33.21 -59.75 20.07
C THR H 180 33.83 -60.26 18.78
N ALA H 181 34.69 -59.42 18.20
CA ALA H 181 35.46 -59.79 17.02
C ALA H 181 36.90 -59.35 17.23
N LYS H 182 37.81 -60.03 16.55
CA LYS H 182 39.22 -59.69 16.64
C LYS H 182 39.55 -58.50 15.73
N GLU H 183 40.71 -57.90 15.98
CA GLU H 183 41.13 -56.74 15.20
C GLU H 183 41.32 -57.12 13.74
N GLY H 184 41.04 -56.18 12.85
CA GLY H 184 41.10 -56.45 11.43
C GLY H 184 39.87 -57.12 10.86
N VAL H 185 38.72 -56.96 11.51
CA VAL H 185 37.48 -57.55 11.03
C VAL H 185 36.91 -56.69 9.91
N SER H 186 36.60 -57.32 8.79
CA SER H 186 36.00 -56.60 7.67
C SER H 186 34.58 -56.17 8.01
N ALA H 187 34.06 -55.24 7.21
CA ALA H 187 32.68 -54.78 7.43
C ALA H 187 31.69 -55.90 7.21
N GLU H 188 31.91 -56.73 6.19
CA GLU H 188 30.98 -57.81 5.88
C GLU H 188 30.95 -58.85 6.99
N ALA H 189 32.10 -59.16 7.58
CA ALA H 189 32.13 -60.12 8.69
C ALA H 189 31.38 -59.59 9.90
N ALA H 190 31.57 -58.30 10.23
CA ALA H 190 30.86 -57.71 11.35
C ALA H 190 29.36 -57.70 11.10
N LEU H 191 28.95 -57.37 9.88
CA LEU H 191 27.53 -57.38 9.55
C LEU H 191 26.96 -58.79 9.65
N GLY H 192 27.72 -59.79 9.20
CA GLY H 192 27.26 -61.17 9.33
C GLY H 192 27.11 -61.59 10.77
N LEU H 193 28.06 -61.20 11.63
CA LEU H 193 27.93 -61.51 13.06
C LEU H 193 26.71 -60.84 13.67
N LEU H 194 26.48 -59.57 13.32
CA LEU H 194 25.32 -58.86 13.86
C LEU H 194 24.02 -59.50 13.41
N ARG H 195 23.94 -59.90 12.13
CA ARG H 195 22.76 -60.61 11.66
C ARG H 195 22.60 -61.95 12.35
N ARG H 196 23.71 -62.63 12.63
CA ARG H 196 23.65 -63.97 13.22
C ARG H 196 23.14 -63.92 14.65
N HIS H 197 23.70 -63.04 15.47
CA HIS H 197 23.39 -63.01 16.90
C HIS H 197 22.31 -62.01 17.27
N LYS H 198 21.71 -61.34 16.28
CA LYS H 198 20.60 -60.41 16.52
C LYS H 198 20.96 -59.33 17.53
N ILE H 199 22.17 -58.77 17.39
CA ILE H 199 22.60 -57.65 18.20
C ILE H 199 22.86 -56.46 17.29
N GLU H 200 23.15 -55.32 17.90
CA GLU H 200 23.47 -54.10 17.18
C GLU H 200 24.83 -53.53 17.54
N LYS H 201 25.57 -54.18 18.44
CA LYS H 201 26.88 -53.70 18.85
C LYS H 201 27.86 -54.86 18.86
N LEU H 202 29.11 -54.54 18.58
CA LEU H 202 30.17 -55.56 18.43
C LEU H 202 31.47 -54.96 18.91
N PRO H 203 31.90 -55.28 20.13
CA PRO H 203 33.21 -54.84 20.58
C PRO H 203 34.31 -55.54 19.80
N ILE H 204 35.43 -54.84 19.63
CA ILE H 204 36.60 -55.36 18.93
C ILE H 204 37.74 -55.39 19.93
N VAL H 205 38.31 -56.56 20.15
CA VAL H 205 39.34 -56.79 21.14
C VAL H 205 40.62 -57.19 20.42
N ASP H 206 41.73 -57.05 21.13
CA ASP H 206 43.04 -57.44 20.61
C ASP H 206 43.23 -58.95 20.77
N GLY H 207 44.47 -59.42 20.59
CA GLY H 207 44.75 -60.83 20.81
C GLY H 207 44.71 -61.23 22.26
N HIS H 208 44.82 -60.28 23.19
CA HIS H 208 44.80 -60.55 24.61
C HIS H 208 43.45 -60.26 25.25
N GLY H 209 42.43 -59.95 24.46
CA GLY H 209 41.09 -59.79 24.98
C GLY H 209 40.77 -58.44 25.58
N LYS H 210 41.66 -57.46 25.46
CA LYS H 210 41.39 -56.11 25.95
C LYS H 210 40.67 -55.31 24.87
N LEU H 211 39.79 -54.40 25.32
CA LEU H 211 38.96 -53.64 24.41
C LEU H 211 39.80 -52.67 23.58
N THR H 212 39.59 -52.68 22.27
CA THR H 212 40.27 -51.75 21.37
C THR H 212 39.32 -50.91 20.54
N GLY H 213 38.13 -51.41 20.21
CA GLY H 213 37.22 -50.64 19.39
C GLY H 213 35.79 -51.11 19.54
N LEU H 214 34.90 -50.45 18.81
CA LEU H 214 33.47 -50.77 18.86
C LEU H 214 32.86 -50.56 17.48
N ILE H 215 31.93 -51.44 17.11
CA ILE H 215 31.18 -51.32 15.88
C ILE H 215 29.69 -51.33 16.22
N THR H 216 28.92 -50.50 15.52
CA THR H 216 27.50 -50.37 15.76
C THR H 216 26.77 -50.46 14.42
N VAL H 217 25.46 -50.73 14.49
CA VAL H 217 24.62 -50.74 13.30
C VAL H 217 24.54 -49.36 12.67
N LYS H 218 24.85 -48.32 13.43
CA LYS H 218 24.84 -46.95 12.89
C LYS H 218 25.82 -46.81 11.74
N ASP H 219 26.94 -47.53 11.78
CA ASP H 219 27.91 -47.47 10.70
C ASP H 219 27.29 -47.89 9.37
N PHE H 220 26.65 -49.06 9.36
CA PHE H 220 26.02 -49.54 8.13
C PHE H 220 24.84 -48.66 7.73
N VAL H 221 24.05 -48.19 8.69
CA VAL H 221 22.90 -47.35 8.37
C VAL H 221 23.35 -46.07 7.69
N LYS H 222 24.37 -45.40 8.26
CA LYS H 222 24.83 -44.14 7.71
C LYS H 222 25.59 -44.34 6.40
N THR H 223 26.31 -45.46 6.25
CA THR H 223 26.98 -45.74 4.99
C THR H 223 25.97 -45.95 3.88
N GLU H 224 24.83 -46.57 4.19
CA GLU H 224 23.78 -46.73 3.19
C GLU H 224 23.09 -45.40 2.90
N GLN H 225 22.82 -44.60 3.93
CA GLN H 225 22.07 -43.36 3.74
C GLN H 225 22.91 -42.28 3.09
N PHE H 226 24.19 -42.19 3.44
CA PHE H 226 25.05 -41.08 3.01
C PHE H 226 26.29 -41.65 2.34
N PRO H 227 26.19 -41.99 1.06
CA PRO H 227 27.36 -42.53 0.34
C PRO H 227 28.39 -41.49 -0.06
N LEU H 228 28.11 -40.20 0.15
CA LEU H 228 29.00 -39.12 -0.26
C LEU H 228 29.81 -38.57 0.89
N SER H 229 29.78 -39.21 2.06
CA SER H 229 30.33 -38.64 3.28
C SER H 229 31.81 -38.30 3.11
N THR H 230 32.21 -37.16 3.66
CA THR H 230 33.60 -36.71 3.65
C THR H 230 34.29 -37.29 4.88
N LYS H 231 35.33 -38.07 4.65
CA LYS H 231 35.99 -38.82 5.72
C LYS H 231 37.50 -38.69 5.59
N ASP H 232 38.19 -38.88 6.70
CA ASP H 232 39.65 -38.87 6.71
C ASP H 232 40.18 -40.29 6.49
N SER H 233 41.48 -40.49 6.70
CA SER H 233 42.10 -41.79 6.46
C SER H 233 41.66 -42.84 7.47
N ASP H 234 41.19 -42.42 8.65
CA ASP H 234 40.69 -43.35 9.65
C ASP H 234 39.20 -43.63 9.53
N GLY H 235 38.51 -42.98 8.59
CA GLY H 235 37.09 -43.21 8.39
C GLY H 235 36.16 -42.34 9.20
N ARG H 236 36.66 -41.29 9.85
CA ARG H 236 35.83 -40.38 10.61
C ARG H 236 35.47 -39.16 9.76
N LEU H 237 34.40 -38.50 10.14
CA LEU H 237 33.93 -37.32 9.40
C LEU H 237 34.92 -36.17 9.51
N LEU H 238 35.16 -35.49 8.40
CA LEU H 238 36.01 -34.30 8.40
C LEU H 238 35.30 -33.11 9.02
N VAL H 239 36.07 -32.24 9.65
CA VAL H 239 35.54 -31.02 10.25
C VAL H 239 36.64 -29.98 10.27
N GLY H 240 36.24 -28.71 10.15
CA GLY H 240 37.17 -27.61 10.25
C GLY H 240 36.82 -26.68 11.38
N ALA H 241 37.76 -25.85 11.81
CA ALA H 241 37.52 -24.91 12.90
C ALA H 241 38.20 -23.60 12.59
N ALA H 242 37.65 -22.52 13.15
CA ALA H 242 38.17 -21.17 12.94
C ALA H 242 38.95 -20.72 14.16
N VAL H 243 40.06 -20.01 13.91
CA VAL H 243 40.87 -19.40 14.95
C VAL H 243 41.19 -17.96 14.53
N GLY H 244 41.51 -17.14 15.52
CA GLY H 244 41.89 -15.76 15.32
C GLY H 244 43.40 -15.58 15.30
N VAL H 245 43.84 -14.41 15.75
CA VAL H 245 45.25 -14.09 15.86
C VAL H 245 45.55 -13.66 17.28
N GLY H 246 46.65 -14.16 17.84
CA GLY H 246 47.02 -13.85 19.21
C GLY H 246 47.50 -15.05 19.99
N ASP H 247 47.79 -14.85 21.28
CA ASP H 247 48.23 -15.97 22.12
C ASP H 247 47.07 -16.88 22.49
N ASP H 248 45.91 -16.29 22.81
CA ASP H 248 44.72 -17.10 23.02
C ASP H 248 44.33 -17.86 21.76
N ALA H 249 44.57 -17.26 20.59
CA ALA H 249 44.33 -17.96 19.33
C ALA H 249 45.27 -19.15 19.18
N TRP H 250 46.53 -19.01 19.59
CA TRP H 250 47.47 -20.12 19.52
C TRP H 250 47.06 -21.25 20.46
N THR H 251 46.63 -20.90 21.68
CA THR H 251 46.15 -21.92 22.60
C THR H 251 44.92 -22.63 22.05
N ARG H 252 43.99 -21.87 21.48
CA ARG H 252 42.80 -22.46 20.87
C ARG H 252 43.17 -23.39 19.73
N ALA H 253 44.12 -22.98 18.88
CA ALA H 253 44.53 -23.80 17.75
C ALA H 253 45.17 -25.10 18.21
N MET H 254 46.03 -25.03 19.22
CA MET H 254 46.66 -26.24 19.74
C MET H 254 45.63 -27.18 20.37
N THR H 255 44.68 -26.63 21.12
CA THR H 255 43.62 -27.45 21.69
C THR H 255 42.80 -28.13 20.61
N LEU H 256 42.47 -27.40 19.54
CA LEU H 256 41.70 -27.98 18.45
C LEU H 256 42.47 -29.07 17.73
N VAL H 257 43.77 -28.86 17.52
CA VAL H 257 44.58 -29.89 16.87
C VAL H 257 44.66 -31.14 17.74
N ASP H 258 44.75 -30.97 19.06
CA ASP H 258 44.71 -32.11 19.96
C ASP H 258 43.36 -32.83 19.87
N ALA H 259 42.26 -32.08 19.76
CA ALA H 259 40.94 -32.67 19.66
C ALA H 259 40.71 -33.42 18.35
N GLY H 260 41.59 -33.26 17.38
CA GLY H 260 41.50 -33.98 16.14
C GLY H 260 40.92 -33.23 14.97
N VAL H 261 41.10 -31.90 14.89
CA VAL H 261 40.59 -31.14 13.77
C VAL H 261 41.40 -31.45 12.53
N ASP H 262 40.77 -31.25 11.36
CA ASP H 262 41.39 -31.54 10.08
C ASP H 262 41.80 -30.30 9.30
N VAL H 263 41.05 -29.21 9.42
CA VAL H 263 41.36 -27.96 8.74
C VAL H 263 41.30 -26.84 9.76
N LEU H 264 42.31 -25.98 9.76
CA LEU H 264 42.32 -24.76 10.56
C LEU H 264 42.11 -23.57 9.63
N ILE H 265 41.15 -22.72 9.96
CA ILE H 265 40.87 -21.52 9.20
C ILE H 265 41.20 -20.32 10.09
N VAL H 266 42.14 -19.49 9.63
CA VAL H 266 42.46 -18.24 10.30
C VAL H 266 41.40 -17.23 9.87
N ASP H 267 40.42 -16.98 10.72
CA ASP H 267 39.18 -16.31 10.36
C ASP H 267 39.27 -14.83 10.74
N THR H 268 39.65 -14.00 9.77
CA THR H 268 39.77 -12.56 9.98
C THR H 268 39.11 -11.82 8.82
N ALA H 269 38.72 -10.57 9.09
CA ALA H 269 38.06 -9.76 8.08
C ALA H 269 39.03 -9.25 7.03
N HIS H 270 40.30 -9.02 7.40
CA HIS H 270 41.29 -8.44 6.49
C HIS H 270 42.60 -9.19 6.72
N ALA H 271 42.91 -10.12 5.83
CA ALA H 271 44.06 -11.00 6.00
C ALA H 271 45.35 -10.44 5.41
N HIS H 272 45.32 -9.26 4.79
CA HIS H 272 46.54 -8.62 4.30
C HIS H 272 47.19 -7.84 5.43
N ASN H 273 47.49 -8.55 6.50
CA ASN H 273 48.06 -8.00 7.72
C ASN H 273 49.24 -8.87 8.13
N ARG H 274 50.23 -8.24 8.78
CA ARG H 274 51.44 -8.97 9.15
C ARG H 274 51.14 -10.05 10.19
N GLY H 275 50.26 -9.74 11.14
CA GLY H 275 49.94 -10.72 12.17
C GLY H 275 49.26 -11.96 11.62
N VAL H 276 48.33 -11.79 10.68
CA VAL H 276 47.65 -12.94 10.09
C VAL H 276 48.64 -13.82 9.34
N LEU H 277 49.54 -13.21 8.56
CA LEU H 277 50.51 -13.99 7.82
C LEU H 277 51.47 -14.72 8.76
N ASP H 278 51.90 -14.05 9.84
CA ASP H 278 52.77 -14.71 10.81
C ASP H 278 52.05 -15.86 11.50
N MET H 279 50.77 -15.70 11.82
CA MET H 279 50.01 -16.80 12.41
C MET H 279 49.92 -17.97 11.44
N VAL H 280 49.67 -17.69 10.17
CA VAL H 280 49.59 -18.75 9.18
C VAL H 280 50.92 -19.49 9.07
N SER H 281 52.03 -18.75 9.05
CA SER H 281 53.35 -19.39 8.95
C SER H 281 53.64 -20.23 10.19
N ARG H 282 53.33 -19.70 11.37
CA ARG H 282 53.56 -20.46 12.61
C ARG H 282 52.76 -21.75 12.62
N LEU H 283 51.49 -21.68 12.25
CA LEU H 283 50.66 -22.88 12.22
C LEU H 283 51.16 -23.87 11.18
N LYS H 284 51.56 -23.39 10.01
CA LYS H 284 52.08 -24.28 8.98
C LYS H 284 53.36 -24.97 9.43
N GLN H 285 54.19 -24.28 10.22
CA GLN H 285 55.41 -24.91 10.72
C GLN H 285 55.13 -25.88 11.87
N ALA H 286 54.15 -25.57 12.72
CA ALA H 286 53.93 -26.39 13.91
C ALA H 286 53.12 -27.64 13.60
N VAL H 287 51.93 -27.47 13.02
CA VAL H 287 51.01 -28.57 12.82
C VAL H 287 50.76 -28.80 11.34
N GLY H 288 51.74 -28.44 10.50
CA GLY H 288 51.52 -28.47 9.07
C GLY H 288 51.49 -29.84 8.45
N GLU H 289 52.02 -30.85 9.13
CA GLU H 289 52.03 -32.20 8.59
C GLU H 289 50.75 -32.98 8.90
N ARG H 290 49.91 -32.46 9.80
CA ARG H 290 48.67 -33.12 10.17
C ARG H 290 47.42 -32.34 9.77
N VAL H 291 47.49 -31.02 9.75
CA VAL H 291 46.33 -30.16 9.57
C VAL H 291 46.60 -29.24 8.39
N ASP H 292 45.53 -28.78 7.75
CA ASP H 292 45.61 -27.81 6.67
C ASP H 292 45.23 -26.43 7.20
N VAL H 293 46.04 -25.44 6.84
CA VAL H 293 45.82 -24.05 7.27
C VAL H 293 45.27 -23.26 6.08
N VAL H 294 44.15 -22.60 6.30
CA VAL H 294 43.50 -21.78 5.29
C VAL H 294 43.61 -20.32 5.72
N GLY H 295 44.07 -19.46 4.81
CA GLY H 295 44.22 -18.06 5.13
C GLY H 295 42.90 -17.30 5.10
N GLY H 296 42.89 -16.17 5.79
CA GLY H 296 41.70 -15.35 5.94
C GLY H 296 41.23 -14.75 4.63
N ASN H 297 40.34 -13.78 4.77
CA ASN H 297 39.66 -13.22 3.61
C ASN H 297 40.54 -12.18 2.92
N VAL H 298 40.67 -12.31 1.60
CA VAL H 298 41.39 -11.36 0.77
C VAL H 298 40.46 -10.90 -0.34
N ALA H 299 40.88 -9.84 -1.04
CA ALA H 299 40.13 -9.36 -2.19
C ALA H 299 41.01 -8.92 -3.35
N THR H 300 42.33 -9.04 -3.27
CA THR H 300 43.22 -8.57 -4.31
C THR H 300 44.24 -9.64 -4.64
N ARG H 301 44.99 -9.39 -5.72
CA ARG H 301 46.02 -10.33 -6.14
C ARG H 301 47.22 -10.30 -5.20
N ALA H 302 47.56 -9.13 -4.67
CA ALA H 302 48.71 -9.01 -3.77
C ALA H 302 48.46 -9.73 -2.45
N ALA H 303 47.25 -9.62 -1.91
CA ALA H 303 46.93 -10.31 -0.68
C ALA H 303 46.95 -11.82 -0.87
N ALA H 304 46.43 -12.31 -2.00
CA ALA H 304 46.47 -13.73 -2.28
C ALA H 304 47.90 -14.22 -2.44
N ALA H 305 48.75 -13.42 -3.12
CA ALA H 305 50.15 -13.79 -3.25
C ALA H 305 50.85 -13.83 -1.90
N ALA H 306 50.54 -12.87 -1.02
CA ALA H 306 51.12 -12.87 0.31
C ALA H 306 50.70 -14.10 1.11
N LEU H 307 49.43 -14.49 1.01
CA LEU H 307 48.98 -15.68 1.72
C LEU H 307 49.62 -16.95 1.16
N VAL H 308 49.79 -17.02 -0.16
CA VAL H 308 50.47 -18.16 -0.76
C VAL H 308 51.91 -18.24 -0.29
N GLU H 309 52.59 -17.09 -0.21
CA GLU H 309 53.96 -17.06 0.26
C GLU H 309 54.06 -17.43 1.73
N ALA H 310 53.06 -17.06 2.54
CA ALA H 310 53.07 -17.41 3.95
C ALA H 310 52.93 -18.92 4.18
N GLY H 311 52.42 -19.66 3.20
CA GLY H 311 52.26 -21.08 3.32
C GLY H 311 50.85 -21.59 3.48
N ALA H 312 49.84 -20.81 3.06
CA ALA H 312 48.47 -21.25 3.18
C ALA H 312 48.16 -22.37 2.18
N ASP H 313 47.28 -23.28 2.59
CA ASP H 313 46.84 -24.37 1.73
C ASP H 313 45.61 -24.02 0.92
N ALA H 314 44.83 -23.04 1.36
CA ALA H 314 43.72 -22.50 0.58
C ALA H 314 43.58 -21.03 0.94
N VAL H 315 42.99 -20.27 0.03
CA VAL H 315 42.79 -18.84 0.20
C VAL H 315 41.30 -18.55 0.13
N LYS H 316 40.77 -17.91 1.16
CA LYS H 316 39.38 -17.52 1.21
C LYS H 316 39.24 -16.09 0.73
N VAL H 317 38.27 -15.84 -0.13
CA VAL H 317 38.15 -14.58 -0.86
C VAL H 317 36.85 -13.90 -0.47
N GLY H 318 36.93 -12.60 -0.21
CA GLY H 318 35.75 -11.75 -0.06
C GLY H 318 35.86 -10.73 1.04
N VAL H 319 35.70 -9.46 0.67
CA VAL H 319 35.75 -8.33 1.59
C VAL H 319 34.64 -7.39 1.17
N GLY H 320 33.56 -7.35 1.94
CA GLY H 320 32.38 -6.61 1.57
C GLY H 320 31.86 -6.97 0.20
N PRO H 321 31.49 -8.24 -0.02
CA PRO H 321 31.06 -8.66 -1.35
C PRO H 321 29.59 -8.39 -1.65
N GLY H 322 28.77 -8.20 -0.62
CA GLY H 322 27.38 -7.89 -0.83
C GLY H 322 27.15 -6.44 -1.22
N SER H 323 25.99 -6.18 -1.81
CA SER H 323 25.71 -4.86 -2.37
C SER H 323 25.51 -3.81 -1.28
N ILE H 324 24.70 -4.11 -0.27
CA ILE H 324 24.40 -3.16 0.79
C ILE H 324 25.11 -3.62 2.05
N CYS H 325 26.24 -4.31 1.87
CA CYS H 325 27.07 -4.78 2.97
C CYS H 325 27.36 -3.64 3.95
N THR H 326 27.44 -3.99 5.23
CA THR H 326 27.74 -2.98 6.25
C THR H 326 29.14 -2.41 6.06
N THR H 327 30.07 -3.20 5.56
CA THR H 327 31.42 -2.69 5.29
C THR H 327 31.39 -1.61 4.21
N ARG H 328 30.51 -1.76 3.21
CA ARG H 328 30.43 -0.77 2.15
C ARG H 328 29.77 0.51 2.63
N VAL H 329 28.80 0.41 3.52
CA VAL H 329 28.06 1.59 3.96
C VAL H 329 28.80 2.35 5.05
N VAL H 330 29.37 1.63 6.02
CA VAL H 330 29.98 2.27 7.17
C VAL H 330 31.44 2.64 6.91
N ALA H 331 32.18 1.80 6.20
CA ALA H 331 33.58 2.08 5.90
C ALA H 331 33.84 2.52 4.48
N GLY H 332 32.91 2.29 3.55
CA GLY H 332 33.17 2.61 2.16
C GLY H 332 34.12 1.65 1.47
N VAL H 333 34.30 0.46 2.02
CA VAL H 333 35.29 -0.50 1.55
C VAL H 333 34.56 -1.71 0.98
N GLY H 334 35.10 -2.26 -0.10
CA GLY H 334 34.55 -3.47 -0.66
C GLY H 334 35.25 -3.82 -1.93
N ALA H 335 34.90 -5.00 -2.45
CA ALA H 335 35.39 -5.46 -3.73
C ALA H 335 34.32 -6.38 -4.33
N PRO H 336 33.86 -6.11 -5.54
CA PRO H 336 32.91 -7.03 -6.18
C PRO H 336 33.52 -8.41 -6.37
N GLN H 337 32.68 -9.42 -6.20
CA GLN H 337 33.18 -10.77 -5.92
C GLN H 337 33.75 -11.47 -7.15
N ILE H 338 33.17 -11.26 -8.34
CA ILE H 338 33.68 -11.93 -9.54
C ILE H 338 35.08 -11.44 -9.86
N THR H 339 35.29 -10.12 -9.85
CA THR H 339 36.61 -9.57 -10.10
C THR H 339 37.60 -9.96 -9.02
N ALA H 340 37.15 -9.99 -7.77
CA ALA H 340 38.03 -10.40 -6.67
C ALA H 340 38.48 -11.85 -6.83
N ILE H 341 37.56 -12.74 -7.21
CA ILE H 341 37.91 -14.14 -7.43
C ILE H 341 38.87 -14.27 -8.60
N LEU H 342 38.63 -13.53 -9.69
CA LEU H 342 39.55 -13.58 -10.82
C LEU H 342 40.96 -13.15 -10.41
N GLU H 343 41.05 -12.05 -9.66
CA GLU H 343 42.34 -11.54 -9.23
C GLU H 343 43.05 -12.50 -8.30
N ALA H 344 42.31 -13.09 -7.35
CA ALA H 344 42.93 -14.05 -6.42
C ALA H 344 43.38 -15.32 -7.14
N VAL H 345 42.59 -15.79 -8.09
CA VAL H 345 42.96 -16.99 -8.83
C VAL H 345 44.19 -16.74 -9.68
N ALA H 346 44.32 -15.53 -10.22
CA ALA H 346 45.50 -15.19 -11.00
C ALA H 346 46.79 -15.31 -10.20
N ALA H 347 46.70 -15.27 -8.87
CA ALA H 347 47.87 -15.45 -8.00
C ALA H 347 47.97 -16.85 -7.43
N CYS H 348 46.85 -17.49 -7.12
CA CYS H 348 46.88 -18.80 -6.46
C CYS H 348 47.05 -19.96 -7.43
N LYS H 349 46.51 -19.86 -8.65
CA LYS H 349 46.54 -20.99 -9.57
C LYS H 349 47.93 -21.47 -9.95
N PRO H 350 48.92 -20.62 -10.22
CA PRO H 350 50.25 -21.13 -10.58
C PRO H 350 50.88 -22.02 -9.52
N TYR H 351 50.48 -21.89 -8.26
CA TYR H 351 51.03 -22.70 -7.18
C TYR H 351 50.10 -23.82 -6.75
N GLY H 352 48.97 -24.01 -7.43
CA GLY H 352 48.04 -25.06 -7.06
C GLY H 352 47.38 -24.86 -5.71
N VAL H 353 47.03 -23.62 -5.37
CA VAL H 353 46.38 -23.30 -4.11
C VAL H 353 44.90 -23.05 -4.39
N PRO H 354 43.98 -23.84 -3.82
CA PRO H 354 42.56 -23.62 -4.08
C PRO H 354 42.06 -22.29 -3.51
N VAL H 355 41.02 -21.77 -4.15
CA VAL H 355 40.40 -20.51 -3.76
C VAL H 355 38.98 -20.82 -3.31
N ILE H 356 38.60 -20.28 -2.16
CA ILE H 356 37.26 -20.43 -1.60
C ILE H 356 36.52 -19.11 -1.77
N ALA H 357 35.34 -19.17 -2.37
CA ALA H 357 34.49 -18.00 -2.54
C ALA H 357 33.59 -17.84 -1.32
N ASP H 358 33.71 -16.72 -0.62
CA ASP H 358 33.00 -16.49 0.63
C ASP H 358 32.18 -15.22 0.52
N GLY H 359 30.86 -15.36 0.51
CA GLY H 359 29.98 -14.22 0.55
C GLY H 359 29.43 -13.83 -0.81
N GLY H 360 28.24 -13.25 -0.80
CA GLY H 360 27.60 -12.76 -1.99
C GLY H 360 26.69 -13.75 -2.70
N LEU H 361 26.66 -15.01 -2.28
CA LEU H 361 25.91 -16.04 -2.98
C LEU H 361 24.46 -16.03 -2.53
N GLN H 362 23.55 -15.89 -3.48
CA GLN H 362 22.11 -15.90 -3.21
C GLN H 362 21.38 -17.06 -3.86
N TYR H 363 21.84 -17.53 -5.02
CA TYR H 363 21.22 -18.62 -5.75
C TYR H 363 22.30 -19.60 -6.19
N SER H 364 21.87 -20.71 -6.79
CA SER H 364 22.81 -21.69 -7.28
C SER H 364 23.53 -21.21 -8.54
N GLY H 365 22.91 -20.30 -9.29
CA GLY H 365 23.59 -19.69 -10.41
C GLY H 365 24.80 -18.90 -9.99
N ASP H 366 24.72 -18.26 -8.81
CA ASP H 366 25.88 -17.59 -8.24
C ASP H 366 26.99 -18.58 -7.93
N ILE H 367 26.65 -19.77 -7.44
CA ILE H 367 27.66 -20.78 -7.15
C ILE H 367 28.33 -21.24 -8.43
N ALA H 368 27.56 -21.46 -9.48
CA ALA H 368 28.14 -21.85 -10.76
C ALA H 368 29.05 -20.75 -11.31
N LYS H 369 28.63 -19.49 -11.18
CA LYS H 369 29.46 -18.38 -11.65
C LYS H 369 30.75 -18.28 -10.83
N ALA H 370 30.66 -18.47 -9.52
CA ALA H 370 31.84 -18.39 -8.67
C ALA H 370 32.83 -19.50 -8.98
N LEU H 371 32.34 -20.71 -9.27
CA LEU H 371 33.24 -21.79 -9.64
C LEU H 371 33.79 -21.61 -11.04
N ALA H 372 33.03 -21.00 -11.94
CA ALA H 372 33.53 -20.74 -13.29
C ALA H 372 34.54 -19.59 -13.33
N ALA H 373 34.52 -18.72 -12.33
CA ALA H 373 35.54 -17.66 -12.25
C ALA H 373 36.89 -18.20 -11.82
N GLY H 374 36.96 -19.40 -11.27
CA GLY H 374 38.22 -19.98 -10.88
C GLY H 374 38.27 -20.52 -9.47
N ALA H 375 37.21 -20.33 -8.69
CA ALA H 375 37.19 -20.86 -7.34
C ALA H 375 36.95 -22.36 -7.37
N SER H 376 37.40 -23.04 -6.31
CA SER H 376 37.21 -24.48 -6.19
C SER H 376 36.06 -24.86 -5.29
N THR H 377 35.80 -24.08 -4.25
CA THR H 377 34.67 -24.33 -3.35
C THR H 377 34.00 -23.00 -3.04
N ALA H 378 32.77 -23.09 -2.54
CA ALA H 378 32.00 -21.92 -2.15
C ALA H 378 31.54 -22.08 -0.71
N MET H 379 31.64 -21.00 0.06
CA MET H 379 31.22 -20.98 1.45
C MET H 379 29.87 -20.29 1.55
N LEU H 380 28.89 -20.98 2.14
CA LEU H 380 27.48 -20.63 1.92
C LEU H 380 26.96 -19.58 2.91
N GLY H 381 26.95 -19.90 4.20
CA GLY H 381 26.50 -18.93 5.17
C GLY H 381 25.00 -18.75 5.30
N SER H 382 24.50 -17.60 4.82
CA SER H 382 23.10 -17.23 5.05
C SER H 382 22.11 -18.16 4.36
N LEU H 383 22.53 -18.90 3.34
CA LEU H 383 21.64 -19.89 2.74
C LEU H 383 21.34 -21.04 3.70
N LEU H 384 22.14 -21.23 4.73
CA LEU H 384 21.99 -22.34 5.66
C LEU H 384 21.58 -21.89 7.05
N ALA H 385 21.32 -20.60 7.25
CA ALA H 385 21.07 -20.10 8.59
C ALA H 385 19.74 -20.60 9.16
N GLY H 386 18.72 -20.71 8.32
CA GLY H 386 17.43 -21.14 8.79
C GLY H 386 17.16 -22.62 8.75
N THR H 387 18.11 -23.44 8.30
CA THR H 387 17.86 -24.88 8.17
C THR H 387 17.78 -25.52 9.54
N ALA H 388 17.24 -26.75 9.56
CA ALA H 388 17.01 -27.45 10.83
C ALA H 388 18.30 -27.76 11.56
N GLU H 389 19.38 -28.02 10.84
CA GLU H 389 20.64 -28.41 11.46
C GLU H 389 21.43 -27.23 12.02
N SER H 390 21.09 -26.01 11.64
CA SER H 390 21.75 -24.84 12.21
C SER H 390 21.37 -24.68 13.67
N PRO H 391 22.22 -24.01 14.46
CA PRO H 391 21.89 -23.83 15.88
C PRO H 391 20.65 -22.96 16.06
N GLY H 392 19.97 -23.18 17.17
CA GLY H 392 18.72 -22.49 17.46
C GLY H 392 17.58 -23.44 17.71
N GLU H 393 16.50 -22.88 18.23
CA GLU H 393 15.29 -23.63 18.55
C GLU H 393 14.17 -23.17 17.62
N LEU H 394 13.41 -24.14 17.11
CA LEU H 394 12.32 -23.83 16.19
C LEU H 394 11.09 -23.41 16.98
N ILE H 395 10.57 -22.22 16.70
CA ILE H 395 9.39 -21.68 17.37
C ILE H 395 8.43 -21.14 16.33
N PHE H 396 7.18 -20.92 16.77
CA PHE H 396 6.15 -20.31 15.95
C PHE H 396 5.88 -18.91 16.48
N VAL H 397 5.90 -17.92 15.60
CA VAL H 397 5.56 -16.54 15.93
C VAL H 397 4.61 -16.02 14.86
N ASN H 398 3.38 -15.69 15.26
CA ASN H 398 2.38 -15.11 14.37
C ASN H 398 2.18 -15.98 13.13
N GLY H 399 2.15 -17.28 13.33
CA GLY H 399 1.93 -18.21 12.24
C GLY H 399 3.15 -18.44 11.38
N GLN H 401 7.48 -19.84 10.71
CA GLN H 401 8.38 -20.50 11.65
C GLN H 401 9.67 -19.70 11.77
N PHE H 402 10.28 -19.72 12.95
CA PHE H 402 11.51 -18.97 13.19
C PHE H 402 12.47 -19.80 14.02
N LYS H 403 13.75 -19.51 13.84
CA LYS H 403 14.83 -20.14 14.61
C LYS H 403 15.33 -19.11 15.63
N SER H 404 15.01 -19.33 16.90
CA SER H 404 15.29 -18.39 17.96
C SER H 404 16.42 -18.89 18.85
N TYR H 405 17.20 -17.96 19.37
CA TYR H 405 18.38 -18.29 20.17
C TYR H 405 18.23 -17.84 21.62
N TYR H 428 33.17 -11.08 24.00
CA TYR H 428 34.57 -11.20 24.38
C TYR H 428 35.36 -12.02 23.36
N PHE H 429 34.70 -13.02 22.78
CA PHE H 429 35.35 -13.89 21.80
C PHE H 429 35.34 -13.31 20.39
N GLN H 430 34.66 -12.18 20.19
CA GLN H 430 34.69 -11.47 18.90
C GLN H 430 35.77 -10.40 18.96
N ASP H 431 37.02 -10.85 18.88
CA ASP H 431 38.18 -10.00 19.06
C ASP H 431 38.71 -9.42 17.74
N ASP H 432 38.10 -9.76 16.61
CA ASP H 432 38.51 -9.16 15.35
C ASP H 432 38.10 -7.69 15.32
N VAL H 433 39.04 -6.81 15.00
CA VAL H 433 38.77 -5.38 15.08
C VAL H 433 38.06 -4.83 13.85
N LEU H 434 38.11 -5.53 12.72
CA LEU H 434 37.49 -5.06 11.49
C LEU H 434 36.21 -5.80 11.13
N SER H 435 35.68 -6.61 12.03
CA SER H 435 34.47 -7.35 11.73
C SER H 435 33.26 -6.42 11.69
N GLU H 436 32.18 -6.91 11.07
CA GLU H 436 31.00 -6.07 10.88
C GLU H 436 30.34 -5.67 12.19
N ASP H 437 30.42 -6.54 13.21
CA ASP H 437 29.77 -6.25 14.47
C ASP H 437 30.37 -5.05 15.19
N LYS H 438 31.61 -4.69 14.86
CA LYS H 438 32.18 -3.46 15.39
C LYS H 438 31.65 -2.23 14.66
N LEU H 439 31.34 -2.38 13.37
CA LEU H 439 30.84 -1.26 12.58
C LEU H 439 29.39 -0.95 12.91
N VAL H 440 28.57 -1.98 13.09
CA VAL H 440 27.14 -1.81 13.35
C VAL H 440 26.97 -1.37 14.80
N PRO H 441 26.00 -0.50 15.11
CA PRO H 441 25.73 -0.13 16.52
C PRO H 441 24.78 -1.09 17.23
N GLU H 442 25.32 -2.23 17.63
CA GLU H 442 24.52 -3.25 18.33
C GLU H 442 24.09 -2.76 19.70
N ARG H 447 16.69 -14.31 15.47
CA ARG H 447 15.53 -14.89 14.79
C ARG H 447 15.69 -14.85 13.27
N VAL H 448 15.70 -16.02 12.65
CA VAL H 448 15.78 -16.13 11.20
C VAL H 448 14.68 -17.06 10.71
N PRO H 449 14.12 -16.85 9.52
CA PRO H 449 13.04 -17.71 9.05
C PRO H 449 13.51 -19.13 8.79
N PHE H 450 12.60 -20.08 9.01
CA PHE H 450 12.90 -21.49 8.83
C PHE H 450 13.02 -21.83 7.35
N ARG H 451 14.00 -22.69 7.02
CA ARG H 451 14.25 -23.07 5.65
C ARG H 451 14.08 -24.56 5.37
N GLY H 452 13.91 -25.39 6.40
CA GLY H 452 13.72 -26.80 6.19
C GLY H 452 14.97 -27.60 6.44
N PRO H 453 14.96 -28.86 6.04
CA PRO H 453 16.17 -29.70 6.18
C PRO H 453 17.28 -29.23 5.26
N LEU H 454 18.52 -29.50 5.69
CA LEU H 454 19.69 -29.10 4.92
C LEU H 454 19.82 -29.90 3.62
N GLY H 455 19.37 -31.15 3.63
CA GLY H 455 19.54 -31.99 2.45
C GLY H 455 18.85 -31.45 1.22
N THR H 456 17.63 -30.93 1.38
CA THR H 456 16.91 -30.39 0.23
C THR H 456 17.63 -29.16 -0.33
N VAL H 457 18.15 -28.30 0.55
CA VAL H 457 18.88 -27.11 0.11
C VAL H 457 20.13 -27.52 -0.67
N ILE H 458 20.88 -28.48 -0.13
CA ILE H 458 22.10 -28.91 -0.80
C ILE H 458 21.79 -29.56 -2.14
N HIS H 459 20.70 -30.34 -2.19
CA HIS H 459 20.32 -30.98 -3.45
C HIS H 459 19.89 -29.97 -4.49
N GLN H 460 19.16 -28.93 -4.09
CA GLN H 460 18.79 -27.88 -5.04
C GLN H 460 20.01 -27.15 -5.58
N LEU H 461 20.95 -26.80 -4.70
CA LEU H 461 22.16 -26.13 -5.16
C LEU H 461 22.96 -27.02 -6.11
N THR H 462 23.09 -28.30 -5.78
CA THR H 462 23.85 -29.20 -6.63
C THR H 462 23.15 -29.44 -7.96
N GLY H 463 21.81 -29.46 -7.97
CA GLY H 463 21.09 -29.56 -9.23
C GLY H 463 21.34 -28.36 -10.13
N GLY H 464 21.32 -27.16 -9.56
CA GLY H 464 21.67 -25.99 -10.34
C GLY H 464 23.08 -26.04 -10.89
N LEU H 465 24.03 -26.48 -10.06
CA LEU H 465 25.41 -26.61 -10.51
C LEU H 465 25.55 -27.63 -11.65
N ARG H 466 24.85 -28.76 -11.53
CA ARG H 466 24.91 -29.77 -12.58
C ARG H 466 24.27 -29.27 -13.87
N ALA H 467 23.20 -28.48 -13.76
CA ALA H 467 22.62 -27.87 -14.94
C ALA H 467 23.60 -26.93 -15.62
N ALA H 468 24.33 -26.14 -14.83
CA ALA H 468 25.34 -25.25 -15.41
C ALA H 468 26.44 -26.04 -16.10
N MET H 469 26.90 -27.13 -15.47
CA MET H 469 27.94 -27.95 -16.08
C MET H 469 27.46 -28.62 -17.35
N GLY H 470 26.18 -29.01 -17.40
CA GLY H 470 25.63 -29.54 -18.63
C GLY H 470 25.57 -28.50 -19.74
N TYR H 471 25.16 -27.27 -19.40
CA TYR H 471 25.08 -26.21 -20.40
C TYR H 471 26.46 -25.84 -20.94
N THR H 472 27.46 -25.77 -20.08
CA THR H 472 28.79 -25.33 -20.53
C THR H 472 29.64 -26.46 -21.08
N GLY H 473 29.19 -27.71 -20.97
CA GLY H 473 30.00 -28.82 -21.44
C GLY H 473 31.15 -29.17 -20.54
N SER H 474 31.00 -29.00 -19.23
CA SER H 474 32.06 -29.22 -18.25
C SER H 474 31.83 -30.57 -17.59
N ALA H 475 32.72 -31.53 -17.87
CA ALA H 475 32.60 -32.83 -17.23
C ALA H 475 33.04 -32.78 -15.77
N THR H 476 33.93 -31.86 -15.43
CA THR H 476 34.48 -31.74 -14.08
C THR H 476 34.46 -30.27 -13.67
N ILE H 477 34.76 -30.03 -12.39
CA ILE H 477 34.87 -28.67 -11.89
C ILE H 477 36.07 -27.96 -12.51
N GLU H 478 37.16 -28.71 -12.74
CA GLU H 478 38.34 -28.12 -13.36
C GLU H 478 38.06 -27.66 -14.79
N GLN H 479 37.15 -28.34 -15.49
CA GLN H 479 36.70 -27.85 -16.79
C GLN H 479 35.73 -26.69 -16.67
N LEU H 480 34.90 -26.68 -15.62
CA LEU H 480 34.01 -25.55 -15.39
C LEU H 480 34.79 -24.27 -15.12
N GLN H 481 35.99 -24.40 -14.55
CA GLN H 481 36.82 -23.25 -14.27
C GLN H 481 37.39 -22.60 -15.53
N GLN H 482 37.19 -23.22 -16.69
CA GLN H 482 37.63 -22.68 -17.97
C GLN H 482 36.49 -22.10 -18.80
N ALA H 483 35.31 -21.94 -18.21
CA ALA H 483 34.15 -21.44 -18.94
C ALA H 483 34.24 -19.93 -19.14
N GLN H 484 33.57 -19.45 -20.18
CA GLN H 484 33.55 -18.04 -20.53
C GLN H 484 32.28 -17.36 -20.02
N PHE H 485 32.37 -16.05 -19.85
CA PHE H 485 31.27 -15.20 -19.41
C PHE H 485 30.82 -14.27 -20.53
N VAL H 486 29.58 -13.84 -20.43
CA VAL H 486 29.06 -12.70 -21.17
C VAL H 486 28.62 -11.66 -20.15
N GLN H 487 29.06 -10.42 -20.35
CA GLN H 487 28.68 -9.32 -19.47
C GLN H 487 27.37 -8.71 -19.96
N ILE H 488 26.45 -8.46 -19.04
CA ILE H 488 25.13 -7.94 -19.38
C ILE H 488 25.00 -6.53 -18.84
N THR H 489 24.14 -5.75 -19.48
CA THR H 489 23.93 -4.35 -19.13
C THR H 489 22.86 -4.23 -18.05
N ALA H 490 22.57 -2.98 -17.65
CA ALA H 490 21.54 -2.73 -16.64
C ALA H 490 20.15 -3.11 -17.11
N ALA H 491 19.91 -3.15 -18.43
CA ALA H 491 18.61 -3.55 -18.93
C ALA H 491 18.29 -5.02 -18.69
N GLY H 492 19.32 -5.85 -18.54
CA GLY H 492 19.15 -7.26 -18.25
C GLY H 492 18.80 -7.59 -16.82
N LEU H 493 18.83 -6.60 -15.93
CA LEU H 493 18.44 -6.80 -14.54
C LEU H 493 16.98 -6.49 -14.26
N LYS H 494 16.36 -5.64 -15.08
CA LYS H 494 14.96 -5.26 -14.86
C LYS H 494 14.02 -6.42 -15.19
#